data_5SCA
#
_entry.id   5SCA
#
_cell.length_a   208.323
_cell.length_b   112.521
_cell.length_c   188.732
_cell.angle_alpha   90.000
_cell.angle_beta   91.750
_cell.angle_gamma   90.000
#
_symmetry.space_group_name_H-M   'C 1 2 1'
#
loop_
_entity.id
_entity.type
_entity.pdbx_description
1 polymer 'Pyruvate kinase'
2 non-polymer 1,6-di-O-phosphono-beta-D-fructofuranose
3 non-polymer 'OXALATE ION'
4 non-polymer 'N-[(3R)-1-(3,4-dihydroxy-9,10-dioxo-9,10-dihydroanthracene-2-sulfonyl)piperidine-3-carbonyl]-L-aspartic acid'
5 non-polymer 'MAGNESIUM ION'
6 non-polymer 'POTASSIUM ION'
7 water water
#
_entity_poly.entity_id   1
_entity_poly.type   'polypeptide(L)'
_entity_poly.pdbx_seq_one_letter_code
;GSMEGPAGYLRRADVAQLTQELGTAFFQQQQLPAAMADTFLEHLCLLDIDSEPVAARSTSIIATIGPASRSVERLKEMIK
AGMNIARLNFSHGSHEYHAESIANVREAVESFAGSPLSYRPVAIALDTKGPGSGPGLSEQDVRDLRFGVEHGVDIVFASF
VRKASDVAAVRAALGPEGHGIKIISKIENHEGVKRFDEILEVSDGIMVARGDLGIEIPAEKVFLAQKMMIGRCNLAGKPV
VCATQMLESMITKPRPTRAETSDVANAVLDGADCIMLSGETAKGNFPVEAVKMQHAIAREAEAAVYHRQLFEELRRAAPL
SRDPTEVTAIGAVEAAFKCCAAAIIVLTTTGRSAQLLSRYRPRAAVIAVTRSAQAARQVHLCRGVFPLLYREPPEAIWAD
DVDRRVQFGIESGKLRGFLRVGDLVIVVTGWRPGSGYTNIMRVLSIS
;
_entity_poly.pdbx_strand_id   A,B,C,D,E,F,G,H
#
# COMPACT_ATOMS: atom_id res chain seq x y z
N GLN A 28 -24.91 19.86 2.10
CA GLN A 28 -26.17 20.51 2.45
C GLN A 28 -26.08 21.35 3.75
N GLN A 29 -26.91 22.39 3.78
CA GLN A 29 -27.16 23.38 4.82
C GLN A 29 -27.84 22.76 6.06
N GLN A 30 -28.01 23.58 7.12
CA GLN A 30 -28.66 23.29 8.39
C GLN A 30 -28.31 21.91 8.99
N GLN A 31 -27.03 21.52 8.85
CA GLN A 31 -26.51 20.25 9.36
C GLN A 31 -27.30 19.04 8.90
N LEU A 32 -27.89 19.09 7.68
CA LEU A 32 -28.67 17.97 7.16
C LEU A 32 -27.84 16.67 7.00
N PRO A 33 -26.55 16.68 6.60
CA PRO A 33 -25.78 15.42 6.63
C PRO A 33 -25.71 14.81 8.05
N ALA A 34 -25.52 15.63 9.10
CA ALA A 34 -25.51 15.14 10.49
C ALA A 34 -26.92 14.67 10.91
N ALA A 35 -27.97 15.31 10.39
CA ALA A 35 -29.34 14.97 10.72
C ALA A 35 -29.71 13.57 10.20
N MET A 36 -29.14 13.13 9.07
CA MET A 36 -29.45 11.82 8.52
C MET A 36 -28.64 10.67 9.13
N ALA A 37 -27.71 10.95 10.06
CA ALA A 37 -26.88 9.91 10.67
C ALA A 37 -27.68 8.86 11.42
N ASP A 38 -27.18 7.63 11.45
CA ASP A 38 -27.88 6.51 12.08
C ASP A 38 -27.63 6.37 13.58
N THR A 39 -26.60 7.03 14.12
CA THR A 39 -26.33 7.03 15.55
C THR A 39 -26.00 8.47 15.99
N PHE A 40 -26.13 8.75 17.28
CA PHE A 40 -25.76 10.05 17.84
C PHE A 40 -24.26 10.32 17.63
N LEU A 41 -23.42 9.30 17.79
CA LEU A 41 -21.98 9.43 17.58
C LEU A 41 -21.67 9.84 16.15
N GLU A 42 -22.27 9.17 15.14
CA GLU A 42 -22.09 9.52 13.72
CA GLU A 42 -22.04 9.54 13.75
C GLU A 42 -22.62 10.94 13.44
N HIS A 43 -23.69 11.33 14.11
CA HIS A 43 -24.28 12.66 13.98
C HIS A 43 -23.24 13.71 14.41
N LEU A 44 -22.55 13.49 15.56
CA LEU A 44 -21.53 14.42 16.02
C LEU A 44 -20.39 14.52 15.01
N CYS A 45 -19.92 13.36 14.49
CA CYS A 45 -18.86 13.28 13.50
C CYS A 45 -19.17 14.03 12.23
N LEU A 46 -20.45 14.15 11.86
CA LEU A 46 -20.85 14.82 10.63
C LEU A 46 -21.19 16.31 10.77
N LEU A 47 -21.10 16.87 12.00
CA LEU A 47 -21.36 18.30 12.21
C LEU A 47 -20.30 19.10 11.44
N ASP A 48 -20.74 20.15 10.76
CA ASP A 48 -19.86 20.91 9.86
C ASP A 48 -19.96 22.40 10.12
N ILE A 49 -18.80 23.03 10.39
CA ILE A 49 -18.76 24.48 10.60
C ILE A 49 -19.16 25.27 9.32
N ASP A 50 -19.08 24.66 8.15
CA ASP A 50 -19.47 25.31 6.89
C ASP A 50 -20.94 25.09 6.51
N SER A 51 -21.69 24.30 7.28
CA SER A 51 -23.10 24.05 7.00
C SER A 51 -23.89 25.18 7.66
N GLU A 52 -24.35 26.14 6.85
CA GLU A 52 -25.04 27.32 7.40
C GLU A 52 -26.47 27.10 7.86
N PRO A 53 -26.85 27.74 8.98
CA PRO A 53 -28.23 27.60 9.45
C PRO A 53 -29.18 28.32 8.48
N VAL A 54 -30.36 27.73 8.23
CA VAL A 54 -31.35 28.35 7.34
C VAL A 54 -32.61 28.68 8.11
N ALA A 55 -33.04 27.78 9.00
CA ALA A 55 -34.23 27.95 9.82
C ALA A 55 -34.13 29.17 10.71
N ALA A 56 -35.28 29.75 11.04
CA ALA A 56 -35.35 30.90 11.93
C ALA A 56 -34.98 30.43 13.33
N ARG A 57 -34.39 31.33 14.13
CA ARG A 57 -33.99 31.01 15.49
C ARG A 57 -35.22 30.70 16.34
N SER A 58 -35.27 29.46 16.85
CA SER A 58 -36.33 28.85 17.67
C SER A 58 -36.33 29.13 19.16
N THR A 59 -35.16 29.31 19.79
CA THR A 59 -35.08 29.51 21.24
C THR A 59 -35.27 30.98 21.56
N SER A 60 -36.24 31.36 22.43
CA SER A 60 -36.46 32.76 22.73
C SER A 60 -35.40 33.34 23.64
N ILE A 61 -35.16 34.64 23.49
CA ILE A 61 -34.19 35.34 24.30
C ILE A 61 -34.92 36.24 25.27
N ILE A 62 -34.62 36.08 26.54
CA ILE A 62 -35.19 36.93 27.58
C ILE A 62 -34.08 37.92 27.97
N ALA A 63 -34.34 39.23 27.88
CA ALA A 63 -33.35 40.22 28.25
C ALA A 63 -33.84 41.00 29.44
N THR A 64 -33.00 41.17 30.45
CA THR A 64 -33.35 41.94 31.63
C THR A 64 -33.23 43.43 31.28
N ILE A 65 -34.28 44.19 31.60
CA ILE A 65 -34.30 45.61 31.32
C ILE A 65 -33.82 46.35 32.54
N GLY A 66 -32.78 47.16 32.34
CA GLY A 66 -32.21 47.98 33.40
C GLY A 66 -31.60 49.25 32.84
N PRO A 67 -30.72 49.91 33.63
CA PRO A 67 -30.13 51.17 33.16
C PRO A 67 -29.48 51.15 31.79
N ALA A 68 -28.85 50.04 31.41
CA ALA A 68 -28.18 49.94 30.10
C ALA A 68 -29.11 49.66 28.93
N SER A 69 -30.37 49.29 29.20
CA SER A 69 -31.28 48.89 28.14
C SER A 69 -32.69 49.50 28.28
N ARG A 70 -32.82 50.65 28.96
CA ARG A 70 -34.13 51.27 29.19
C ARG A 70 -34.62 52.19 28.10
N SER A 71 -33.71 52.88 27.41
CA SER A 71 -34.11 53.88 26.42
C SER A 71 -34.84 53.26 25.26
N VAL A 72 -35.83 53.99 24.71
CA VAL A 72 -36.63 53.54 23.58
C VAL A 72 -35.73 53.20 22.38
N GLU A 73 -34.71 54.04 22.12
CA GLU A 73 -33.79 53.82 21.00
C GLU A 73 -33.01 52.51 21.18
N ARG A 74 -32.53 52.27 22.40
CA ARG A 74 -31.78 51.07 22.73
C ARG A 74 -32.69 49.83 22.64
N LEU A 75 -33.93 49.94 23.12
CA LEU A 75 -34.90 48.85 23.06
C LEU A 75 -35.28 48.48 21.64
N LYS A 76 -35.31 49.46 20.72
CA LYS A 76 -35.59 49.16 19.30
C LYS A 76 -34.46 48.30 18.73
N GLU A 77 -33.20 48.62 19.10
CA GLU A 77 -32.04 47.85 18.65
CA GLU A 77 -32.07 47.84 18.62
C GLU A 77 -32.08 46.43 19.23
N MET A 78 -32.52 46.28 20.49
CA MET A 78 -32.61 44.97 21.13
CA MET A 78 -32.61 44.98 21.13
C MET A 78 -33.70 44.11 20.52
N ILE A 79 -34.82 44.74 20.10
CA ILE A 79 -35.90 44.00 19.45
C ILE A 79 -35.40 43.50 18.09
N LYS A 80 -34.69 44.35 17.34
CA LYS A 80 -34.13 43.97 16.04
C LYS A 80 -33.03 42.91 16.18
N ALA A 81 -32.26 42.95 17.27
CA ALA A 81 -31.21 41.97 17.53
C ALA A 81 -31.78 40.58 17.92
N GLY A 82 -33.03 40.53 18.38
CA GLY A 82 -33.68 39.27 18.72
C GLY A 82 -34.37 39.12 20.06
N MET A 83 -34.42 40.16 20.90
CA MET A 83 -35.10 40.07 22.19
C MET A 83 -36.60 39.73 22.02
N ASN A 84 -37.07 38.68 22.69
CA ASN A 84 -38.47 38.24 22.59
C ASN A 84 -39.24 38.52 23.87
N ILE A 85 -38.56 38.51 25.03
CA ILE A 85 -39.18 38.73 26.33
C ILE A 85 -38.35 39.74 27.11
N ALA A 86 -38.99 40.77 27.65
CA ALA A 86 -38.34 41.79 28.47
C ALA A 86 -38.59 41.43 29.93
N ARG A 87 -37.55 41.23 30.71
CA ARG A 87 -37.68 40.86 32.11
C ARG A 87 -37.44 42.07 33.01
N LEU A 88 -38.30 42.26 34.00
CA LEU A 88 -38.14 43.33 34.97
C LEU A 88 -37.85 42.69 36.29
N ASN A 89 -36.66 42.94 36.81
CA ASN A 89 -36.28 42.32 38.07
C ASN A 89 -36.74 43.19 39.22
N PHE A 90 -37.78 42.75 39.92
CA PHE A 90 -38.32 43.50 41.06
C PHE A 90 -37.46 43.40 42.33
N SER A 91 -36.30 42.74 42.26
CA SER A 91 -35.35 42.77 43.38
C SER A 91 -34.69 44.18 43.42
N HIS A 92 -34.67 44.92 42.31
CA HIS A 92 -34.08 46.25 42.20
C HIS A 92 -35.09 47.26 41.68
N GLY A 93 -34.76 48.56 41.76
CA GLY A 93 -35.61 49.63 41.28
C GLY A 93 -36.89 49.80 42.10
N SER A 94 -37.79 50.62 41.60
CA SER A 94 -39.06 50.89 42.27
C SER A 94 -40.22 50.64 41.28
N HIS A 95 -41.48 50.74 41.76
CA HIS A 95 -42.63 50.60 40.88
C HIS A 95 -42.62 51.66 39.78
N GLU A 96 -42.23 52.90 40.12
CA GLU A 96 -42.17 53.98 39.14
C GLU A 96 -41.11 53.70 38.09
N TYR A 97 -39.96 53.18 38.53
CA TYR A 97 -38.87 52.85 37.63
C TYR A 97 -39.30 51.75 36.63
N HIS A 98 -39.88 50.66 37.14
CA HIS A 98 -40.34 49.56 36.29
C HIS A 98 -41.49 49.95 35.39
N ALA A 99 -42.39 50.84 35.84
CA ALA A 99 -43.49 51.31 34.99
C ALA A 99 -42.94 52.09 33.80
N GLU A 100 -41.86 52.87 34.01
CA GLU A 100 -41.25 53.62 32.92
C GLU A 100 -40.55 52.66 31.96
N SER A 101 -39.91 51.60 32.48
CA SER A 101 -39.27 50.57 31.65
C SER A 101 -40.32 49.90 30.74
N ILE A 102 -41.46 49.50 31.34
CA ILE A 102 -42.57 48.87 30.62
C ILE A 102 -43.07 49.80 29.50
N ALA A 103 -43.30 51.10 29.82
CA ALA A 103 -43.78 52.04 28.82
C ALA A 103 -42.78 52.18 27.67
N ASN A 104 -41.47 52.18 27.97
CA ASN A 104 -40.46 52.29 26.91
C ASN A 104 -40.42 51.05 26.05
N VAL A 105 -40.61 49.86 26.67
CA VAL A 105 -40.65 48.60 25.92
C VAL A 105 -41.83 48.63 24.96
N ARG A 106 -43.02 48.97 25.47
CA ARG A 106 -44.23 49.05 24.63
C ARG A 106 -44.10 50.10 23.52
N GLU A 107 -43.46 51.23 23.80
CA GLU A 107 -43.25 52.25 22.77
C GLU A 107 -42.32 51.72 21.68
N ALA A 108 -41.22 51.06 22.08
CA ALA A 108 -40.29 50.48 21.10
C ALA A 108 -40.96 49.37 20.28
N VAL A 109 -41.75 48.49 20.92
CA VAL A 109 -42.44 47.40 20.23
C VAL A 109 -43.47 47.94 19.22
N GLU A 110 -44.26 48.93 19.65
CA GLU A 110 -45.29 49.47 18.78
C GLU A 110 -44.75 50.33 17.65
N SER A 111 -43.48 50.75 17.69
CA SER A 111 -42.91 51.50 16.58
C SER A 111 -42.78 50.67 15.28
N PHE A 112 -42.91 49.32 15.38
CA PHE A 112 -42.85 48.42 14.23
C PHE A 112 -44.24 47.90 13.78
N ALA A 113 -45.33 48.33 14.46
CA ALA A 113 -46.70 47.90 14.15
C ALA A 113 -47.23 48.36 12.78
N GLY A 114 -46.58 49.35 12.18
CA GLY A 114 -46.96 49.86 10.86
C GLY A 114 -46.77 48.87 9.73
N SER A 115 -46.00 47.80 9.98
CA SER A 115 -45.81 46.74 8.98
C SER A 115 -46.32 45.46 9.64
N PRO A 116 -47.63 45.17 9.49
CA PRO A 116 -48.21 44.00 10.17
C PRO A 116 -47.62 42.64 9.81
N LEU A 117 -47.09 42.49 8.58
CA LEU A 117 -46.51 41.22 8.16
C LEU A 117 -45.14 40.94 8.79
N SER A 118 -44.49 41.95 9.42
CA SER A 118 -43.19 41.76 10.05
C SER A 118 -43.18 42.09 11.55
N TYR A 119 -44.29 42.63 12.10
CA TYR A 119 -44.39 43.02 13.51
C TYR A 119 -44.03 41.86 14.44
N ARG A 120 -43.14 42.14 15.41
CA ARG A 120 -42.74 41.13 16.38
C ARG A 120 -43.27 41.44 17.78
N PRO A 121 -44.17 40.61 18.29
CA PRO A 121 -44.63 40.79 19.67
C PRO A 121 -43.49 40.57 20.68
N VAL A 122 -43.49 41.28 21.80
CA VAL A 122 -42.48 41.12 22.85
C VAL A 122 -43.21 40.98 24.18
N ALA A 123 -42.98 39.90 24.92
CA ALA A 123 -43.63 39.69 26.21
C ALA A 123 -42.97 40.50 27.31
N ILE A 124 -43.73 40.79 28.38
CA ILE A 124 -43.21 41.49 29.53
C ILE A 124 -43.33 40.56 30.72
N ALA A 125 -42.21 40.25 31.36
CA ALA A 125 -42.17 39.32 32.45
C ALA A 125 -41.72 40.02 33.72
N LEU A 126 -42.38 39.72 34.84
CA LEU A 126 -42.05 40.32 36.12
C LEU A 126 -41.34 39.27 36.95
N ASP A 127 -40.12 39.55 37.41
CA ASP A 127 -39.37 38.61 38.23
C ASP A 127 -39.47 39.09 39.69
N THR A 128 -40.09 38.31 40.56
CA THR A 128 -40.29 38.72 41.96
C THR A 128 -39.04 38.73 42.81
N LYS A 129 -39.07 39.50 43.90
CA LYS A 129 -37.97 39.60 44.85
C LYS A 129 -37.79 38.28 45.60
N GLY A 130 -38.90 37.64 45.99
CA GLY A 130 -38.83 36.37 46.68
C GLY A 130 -39.27 36.45 48.13
N PRO A 131 -39.32 35.29 48.83
CA PRO A 131 -39.83 35.29 50.21
C PRO A 131 -38.84 35.56 51.33
N GLY A 132 -37.56 35.68 50.99
CA GLY A 132 -36.50 35.91 51.96
C GLY A 132 -36.45 34.83 53.03
N SER A 133 -36.30 35.24 54.29
CA SER A 133 -36.28 34.29 55.41
C SER A 133 -37.67 33.79 55.84
N GLY A 134 -38.73 34.42 55.34
CA GLY A 134 -40.10 34.05 55.68
C GLY A 134 -40.60 32.81 54.98
N GLY A 136 -44.35 32.76 54.34
CA GLY A 136 -44.90 32.48 53.02
C GLY A 136 -44.63 33.56 51.98
N LEU A 137 -45.68 33.97 51.24
CA LEU A 137 -45.54 35.00 50.21
C LEU A 137 -45.32 36.35 50.89
N SER A 138 -44.17 36.99 50.62
CA SER A 138 -43.83 38.25 51.25
C SER A 138 -44.81 39.38 50.90
N GLU A 139 -44.90 40.41 51.74
CA GLU A 139 -45.80 41.53 51.48
C GLU A 139 -45.33 42.35 50.28
N GLN A 140 -44.00 42.41 50.03
CA GLN A 140 -43.48 43.11 48.86
C GLN A 140 -43.90 42.36 47.59
N ASP A 141 -43.87 41.01 47.62
CA ASP A 141 -44.30 40.22 46.47
C ASP A 141 -45.78 40.44 46.20
N VAL A 142 -46.62 40.53 47.24
CA VAL A 142 -48.06 40.79 47.05
C VAL A 142 -48.27 42.14 46.32
N ARG A 143 -47.52 43.17 46.70
CA ARG A 143 -47.63 44.48 46.07
C ARG A 143 -47.08 44.47 44.63
N ASP A 144 -45.96 43.78 44.41
CA ASP A 144 -45.35 43.67 43.08
C ASP A 144 -46.21 42.87 42.12
N LEU A 145 -46.86 41.81 42.62
CA LEU A 145 -47.75 41.00 41.80
C LEU A 145 -48.98 41.81 41.41
N ARG A 146 -49.49 42.64 42.33
CA ARG A 146 -50.64 43.52 42.05
C ARG A 146 -50.23 44.53 40.98
N PHE A 147 -49.00 45.08 41.07
CA PHE A 147 -48.45 46.01 40.09
C PHE A 147 -48.43 45.34 38.70
N GLY A 148 -47.99 44.08 38.66
CA GLY A 148 -47.92 43.32 37.42
C GLY A 148 -49.25 43.17 36.73
N VAL A 149 -50.28 42.82 37.51
CA VAL A 149 -51.65 42.68 36.97
C VAL A 149 -52.14 44.03 36.45
N GLU A 150 -51.95 45.10 37.24
CA GLU A 150 -52.39 46.44 36.85
C GLU A 150 -51.67 46.97 35.60
N HIS A 151 -50.41 46.54 35.40
CA HIS A 151 -49.67 46.96 34.22
C HIS A 151 -49.71 45.96 33.05
N GLY A 152 -50.54 44.92 33.17
CA GLY A 152 -50.73 43.94 32.11
C GLY A 152 -49.52 43.10 31.73
N VAL A 153 -48.72 42.66 32.72
CA VAL A 153 -47.58 41.80 32.41
C VAL A 153 -48.09 40.44 31.91
N ASP A 154 -47.30 39.78 31.07
CA ASP A 154 -47.69 38.51 30.48
C ASP A 154 -47.26 37.31 31.31
N ILE A 155 -46.12 37.45 31.99
CA ILE A 155 -45.49 36.34 32.71
C ILE A 155 -44.97 36.79 34.06
N VAL A 156 -44.97 35.88 35.01
CA VAL A 156 -44.35 36.10 36.30
C VAL A 156 -43.28 35.02 36.49
N PHE A 157 -42.05 35.42 36.81
CA PHE A 157 -40.99 34.48 37.15
C PHE A 157 -41.01 34.51 38.67
N ALA A 158 -41.57 33.49 39.31
CA ALA A 158 -41.69 33.46 40.76
C ALA A 158 -40.43 32.96 41.42
N SER A 159 -39.74 33.82 42.18
CA SER A 159 -38.48 33.48 42.84
C SER A 159 -38.62 32.48 43.97
N PHE A 160 -37.59 31.64 44.16
CA PHE A 160 -37.48 30.65 45.23
C PHE A 160 -38.73 29.81 45.46
N VAL A 161 -39.25 29.15 44.40
CA VAL A 161 -40.39 28.28 44.55
C VAL A 161 -39.87 26.98 45.17
N ARG A 162 -40.39 26.56 46.33
CA ARG A 162 -39.92 25.31 46.94
C ARG A 162 -41.00 24.26 47.12
N LYS A 163 -42.25 24.53 46.75
CA LYS A 163 -43.33 23.57 46.88
C LYS A 163 -44.54 24.07 46.10
N ALA A 164 -45.51 23.18 45.83
CA ALA A 164 -46.71 23.52 45.08
C ALA A 164 -47.54 24.66 45.70
N SER A 165 -47.59 24.75 47.04
CA SER A 165 -48.34 25.82 47.71
C SER A 165 -47.74 27.20 47.49
N ASP A 166 -46.42 27.29 47.17
CA ASP A 166 -45.80 28.57 46.82
C ASP A 166 -46.41 29.10 45.51
N VAL A 167 -46.67 28.20 44.55
CA VAL A 167 -47.26 28.56 43.26
C VAL A 167 -48.72 28.98 43.46
N ALA A 168 -49.47 28.26 44.32
CA ALA A 168 -50.86 28.62 44.62
C ALA A 168 -50.93 30.01 45.25
N ALA A 169 -49.97 30.36 46.13
CA ALA A 169 -49.95 31.67 46.75
C ALA A 169 -49.69 32.78 45.72
N VAL A 170 -48.80 32.53 44.75
CA VAL A 170 -48.54 33.51 43.69
C VAL A 170 -49.80 33.69 42.83
N ARG A 171 -50.45 32.57 42.50
CA ARG A 171 -51.66 32.56 41.69
C ARG A 171 -52.79 33.34 42.42
N ALA A 172 -52.94 33.15 43.74
CA ALA A 172 -53.97 33.86 44.49
C ALA A 172 -53.67 35.36 44.55
N ALA A 173 -52.39 35.74 44.71
CA ALA A 173 -52.01 37.16 44.73
C ALA A 173 -52.22 37.87 43.39
N LEU A 174 -52.28 37.11 42.29
CA LEU A 174 -52.56 37.71 40.98
C LEU A 174 -54.07 38.08 40.83
N GLY A 175 -54.91 37.53 41.70
CA GLY A 175 -56.35 37.81 41.74
C GLY A 175 -57.13 37.26 40.57
N PRO A 176 -58.41 37.67 40.47
CA PRO A 176 -59.23 37.20 39.34
C PRO A 176 -58.83 37.80 38.00
N GLU A 177 -58.26 39.00 37.98
CA GLU A 177 -57.85 39.63 36.70
C GLU A 177 -56.49 39.12 36.16
N GLY A 178 -55.79 38.31 36.94
CA GLY A 178 -54.49 37.77 36.56
C GLY A 178 -54.49 36.31 36.14
N HIS A 179 -55.68 35.72 36.00
CA HIS A 179 -55.90 34.33 35.59
C HIS A 179 -55.09 33.90 34.33
N GLY A 180 -54.91 34.84 33.39
CA GLY A 180 -54.22 34.59 32.14
C GLY A 180 -52.72 34.72 32.18
N ILE A 181 -52.16 35.27 33.27
CA ILE A 181 -50.72 35.42 33.39
C ILE A 181 -50.02 34.06 33.60
N LYS A 182 -48.92 33.81 32.86
CA LYS A 182 -48.19 32.54 33.02
C LYS A 182 -47.30 32.61 34.22
N ILE A 183 -47.27 31.58 35.06
CA ILE A 183 -46.37 31.52 36.19
C ILE A 183 -45.24 30.54 35.89
N ILE A 184 -44.02 31.07 35.82
CA ILE A 184 -42.82 30.27 35.60
C ILE A 184 -42.13 30.20 36.94
N SER A 185 -42.04 29.01 37.52
CA SER A 185 -41.44 28.84 38.84
C SER A 185 -39.92 28.76 38.75
N LYS A 186 -39.22 29.60 39.52
CA LYS A 186 -37.77 29.57 39.55
C LYS A 186 -37.32 28.54 40.58
N ILE A 187 -36.53 27.54 40.15
CA ILE A 187 -35.98 26.52 41.05
C ILE A 187 -34.59 27.02 41.42
N GLU A 188 -34.41 27.39 42.68
CA GLU A 188 -33.19 28.04 43.14
C GLU A 188 -32.51 27.38 44.34
N ASN A 189 -33.05 26.28 44.85
CA ASN A 189 -32.44 25.62 46.02
C ASN A 189 -32.68 24.13 46.04
N HIS A 190 -32.13 23.42 47.03
CA HIS A 190 -32.25 21.98 47.14
C HIS A 190 -33.70 21.52 47.24
N GLU A 191 -34.53 22.23 48.02
CA GLU A 191 -35.93 21.83 48.19
C GLU A 191 -36.72 21.90 46.88
N GLY A 192 -36.53 22.96 46.11
CA GLY A 192 -37.19 23.10 44.82
C GLY A 192 -36.79 21.99 43.87
N VAL A 193 -35.50 21.58 43.90
CA VAL A 193 -35.04 20.48 43.06
C VAL A 193 -35.70 19.17 43.51
N LYS A 194 -35.75 18.91 44.82
CA LYS A 194 -36.37 17.69 45.34
C LYS A 194 -37.88 17.62 45.16
N ARG A 195 -38.56 18.76 45.25
CA ARG A 195 -40.01 18.81 45.04
C ARG A 195 -40.38 19.26 43.64
N PHE A 196 -39.45 19.13 42.67
CA PHE A 196 -39.63 19.53 41.29
C PHE A 196 -40.92 19.02 40.66
N ASP A 197 -41.22 17.71 40.78
CA ASP A 197 -42.41 17.15 40.15
C ASP A 197 -43.71 17.82 40.57
N GLU A 198 -43.88 18.10 41.87
CA GLU A 198 -45.08 18.75 42.37
C GLU A 198 -45.14 20.23 41.93
N ILE A 199 -43.98 20.88 41.82
CA ILE A 199 -43.92 22.27 41.40
C ILE A 199 -44.27 22.38 39.91
N LEU A 200 -43.67 21.51 39.09
CA LEU A 200 -43.92 21.51 37.65
C LEU A 200 -45.40 21.27 37.34
N GLU A 201 -46.00 20.33 38.07
CA GLU A 201 -47.41 19.95 37.93
CA GLU A 201 -47.41 19.96 37.91
C GLU A 201 -48.35 21.17 37.98
N VAL A 202 -48.09 22.12 38.89
CA VAL A 202 -48.95 23.29 39.04
C VAL A 202 -48.43 24.58 38.40
N SER A 203 -47.23 24.56 37.78
CA SER A 203 -46.67 25.75 37.14
C SER A 203 -46.93 25.70 35.66
N ASP A 204 -46.85 26.87 35.00
CA ASP A 204 -46.91 26.91 33.55
C ASP A 204 -45.53 26.51 32.91
N GLY A 205 -44.46 26.69 33.66
CA GLY A 205 -43.11 26.40 33.23
C GLY A 205 -42.11 26.56 34.36
N ILE A 206 -40.83 26.36 34.05
CA ILE A 206 -39.75 26.40 35.04
C ILE A 206 -38.59 27.28 34.59
N MET A 207 -37.92 27.90 35.54
CA MET A 207 -36.70 28.60 35.27
C MET A 207 -35.61 27.94 36.12
N VAL A 208 -34.53 27.48 35.48
CA VAL A 208 -33.38 26.93 36.18
C VAL A 208 -32.55 28.17 36.55
N ALA A 209 -32.72 28.64 37.78
CA ALA A 209 -32.07 29.86 38.25
C ALA A 209 -30.73 29.46 38.83
N ARG A 210 -29.73 29.35 37.95
CA ARG A 210 -28.41 28.84 38.31
C ARG A 210 -27.61 29.69 39.28
N GLY A 211 -27.91 30.99 39.36
CA GLY A 211 -27.22 31.89 40.29
C GLY A 211 -27.37 31.43 41.73
N ASP A 212 -28.61 31.45 42.23
CA ASP A 212 -28.88 30.97 43.59
C ASP A 212 -28.66 29.49 43.71
N LEU A 213 -29.04 28.69 42.70
CA LEU A 213 -28.84 27.24 42.75
C LEU A 213 -27.37 26.86 43.00
N GLY A 214 -26.44 27.58 42.36
CA GLY A 214 -25.01 27.36 42.49
C GLY A 214 -24.40 27.76 43.83
N ILE A 215 -25.18 28.45 44.67
CA ILE A 215 -24.80 28.85 46.03
C ILE A 215 -25.53 27.92 47.04
N GLU A 216 -26.75 27.48 46.73
CA GLU A 216 -27.56 26.60 47.57
C GLU A 216 -27.12 25.16 47.54
N ILE A 217 -26.63 24.69 46.38
CA ILE A 217 -26.12 23.32 46.23
C ILE A 217 -24.67 23.43 45.73
N PRO A 218 -23.83 22.37 45.85
CA PRO A 218 -22.45 22.47 45.31
C PRO A 218 -22.44 22.89 43.84
N ALA A 219 -21.57 23.85 43.49
CA ALA A 219 -21.49 24.39 42.14
C ALA A 219 -21.32 23.31 41.07
N GLU A 220 -20.56 22.26 41.38
CA GLU A 220 -20.33 21.16 40.43
C GLU A 220 -21.55 20.28 40.18
N LYS A 221 -22.66 20.50 40.88
CA LYS A 221 -23.88 19.71 40.70
C LYS A 221 -24.96 20.46 39.90
N VAL A 222 -24.79 21.78 39.66
CA VAL A 222 -25.79 22.57 38.95
C VAL A 222 -26.12 22.01 37.58
N PHE A 223 -25.12 21.55 36.81
CA PHE A 223 -25.39 20.98 35.50
C PHE A 223 -26.32 19.75 35.57
N LEU A 224 -26.25 18.96 36.65
CA LEU A 224 -27.14 17.79 36.81
C LEU A 224 -28.58 18.27 37.01
N ALA A 225 -28.77 19.28 37.87
CA ALA A 225 -30.10 19.84 38.12
C ALA A 225 -30.65 20.47 36.84
N GLN A 226 -29.80 21.19 36.08
CA GLN A 226 -30.23 21.81 34.83
C GLN A 226 -30.68 20.75 33.80
N LYS A 227 -29.87 19.71 33.58
CA LYS A 227 -30.19 18.68 32.62
C LYS A 227 -31.44 17.90 33.00
N MET A 228 -31.60 17.57 34.29
CA MET A 228 -32.77 16.87 34.79
C MET A 228 -34.04 17.72 34.60
N MET A 229 -34.00 19.00 34.98
CA MET A 229 -35.18 19.85 34.88
C MET A 229 -35.56 20.12 33.44
N ILE A 230 -34.59 20.27 32.55
CA ILE A 230 -34.87 20.46 31.15
C ILE A 230 -35.52 19.21 30.56
N GLY A 231 -34.94 18.03 30.86
CA GLY A 231 -35.50 16.77 30.41
C GLY A 231 -36.93 16.54 30.90
N ARG A 232 -37.21 16.82 32.19
CA ARG A 232 -38.56 16.66 32.73
C ARG A 232 -39.57 17.67 32.14
N CYS A 233 -39.13 18.91 31.85
CA CYS A 233 -40.01 19.89 31.23
C CYS A 233 -40.28 19.49 29.79
N ASN A 234 -39.28 18.96 29.07
CA ASN A 234 -39.49 18.50 27.70
C ASN A 234 -40.49 17.33 27.70
N LEU A 235 -40.38 16.44 28.67
CA LEU A 235 -41.29 15.30 28.81
CA LEU A 235 -41.29 15.31 28.81
C LEU A 235 -42.73 15.80 29.09
N ALA A 236 -42.87 16.79 29.98
CA ALA A 236 -44.17 17.35 30.32
C ALA A 236 -44.75 18.27 29.24
N GLY A 237 -43.94 18.71 28.27
CA GLY A 237 -44.36 19.65 27.25
C GLY A 237 -44.56 21.04 27.83
N LYS A 238 -43.77 21.42 28.84
CA LYS A 238 -43.87 22.74 29.47
C LYS A 238 -42.57 23.52 29.27
N PRO A 239 -42.67 24.86 29.08
CA PRO A 239 -41.46 25.65 28.86
C PRO A 239 -40.43 25.61 29.98
N VAL A 240 -39.15 25.62 29.62
CA VAL A 240 -38.05 25.67 30.58
C VAL A 240 -37.06 26.75 30.13
N VAL A 241 -36.66 27.60 31.06
CA VAL A 241 -35.75 28.70 30.79
C VAL A 241 -34.41 28.41 31.45
N CYS A 242 -33.31 28.56 30.70
CA CYS A 242 -31.99 28.45 31.30
C CYS A 242 -31.53 29.86 31.58
N ALA A 243 -31.11 30.13 32.81
CA ALA A 243 -30.76 31.49 33.21
C ALA A 243 -29.47 31.60 34.00
N THR A 244 -28.88 32.82 33.98
CA THR A 244 -27.79 33.35 34.79
C THR A 244 -26.40 32.99 34.34
N GLN A 245 -25.60 34.04 34.12
CA GLN A 245 -24.18 34.01 33.77
C GLN A 245 -23.88 33.28 32.47
N MET A 246 -24.84 33.27 31.54
CA MET A 246 -24.64 32.62 30.26
C MET A 246 -23.58 33.34 29.44
N LEU A 247 -23.58 34.69 29.45
CA LEU A 247 -22.58 35.48 28.72
C LEU A 247 -21.97 36.55 29.65
N GLU A 248 -21.75 36.18 30.91
CA GLU A 248 -21.29 37.07 31.98
C GLU A 248 -20.15 38.04 31.61
N SER A 249 -19.09 37.56 30.98
CA SER A 249 -17.94 38.42 30.61
C SER A 249 -18.35 39.57 29.65
N MET A 250 -19.46 39.41 28.91
CA MET A 250 -19.94 40.47 28.02
C MET A 250 -20.52 41.69 28.76
N ILE A 251 -20.55 41.68 30.10
CA ILE A 251 -20.93 42.86 30.87
C ILE A 251 -19.85 43.96 30.63
N THR A 252 -18.56 43.56 30.56
CA THR A 252 -17.47 44.50 30.32
C THR A 252 -16.71 44.31 29.00
N LYS A 253 -16.79 43.10 28.40
CA LYS A 253 -16.07 42.83 27.17
C LYS A 253 -16.96 42.68 25.96
N PRO A 254 -16.50 43.08 24.77
CA PRO A 254 -17.36 42.99 23.57
C PRO A 254 -17.59 41.57 23.03
N ARG A 255 -16.75 40.61 23.43
CA ARG A 255 -16.87 39.24 22.96
C ARG A 255 -16.87 38.31 24.17
N PRO A 256 -17.64 37.22 24.11
CA PRO A 256 -17.69 36.29 25.25
C PRO A 256 -16.51 35.31 25.30
N THR A 257 -16.37 34.59 26.41
CA THR A 257 -15.36 33.56 26.52
C THR A 257 -15.83 32.29 25.77
N ARG A 258 -14.90 31.35 25.54
CA ARG A 258 -15.22 30.08 24.90
C ARG A 258 -16.19 29.27 25.76
N ALA A 259 -16.09 29.37 27.09
CA ALA A 259 -17.00 28.64 27.97
C ALA A 259 -18.43 29.19 27.87
N GLU A 260 -18.58 30.50 27.67
CA GLU A 260 -19.88 31.13 27.58
C GLU A 260 -20.63 30.77 26.30
N THR A 261 -19.94 30.74 25.15
CA THR A 261 -20.62 30.34 23.90
C THR A 261 -21.03 28.87 24.00
N SER A 262 -20.16 28.04 24.57
CA SER A 262 -20.45 26.64 24.77
C SER A 262 -21.67 26.46 25.71
N ASP A 263 -21.76 27.24 26.78
CA ASP A 263 -22.88 27.16 27.72
C ASP A 263 -24.21 27.49 27.04
N VAL A 264 -24.24 28.53 26.19
CA VAL A 264 -25.46 28.87 25.48
C VAL A 264 -25.83 27.74 24.52
N ALA A 265 -24.87 27.24 23.76
CA ALA A 265 -25.12 26.17 22.80
C ALA A 265 -25.60 24.90 23.51
N ASN A 266 -25.01 24.57 24.66
CA ASN A 266 -25.41 23.38 25.39
C ASN A 266 -26.77 23.51 26.06
N ALA A 267 -27.20 24.72 26.44
CA ALA A 267 -28.55 24.91 27.00
C ALA A 267 -29.57 24.61 25.89
N VAL A 268 -29.31 25.08 24.66
CA VAL A 268 -30.18 24.82 23.52
C VAL A 268 -30.18 23.33 23.18
N LEU A 269 -29.00 22.70 23.13
CA LEU A 269 -28.91 21.27 22.85
C LEU A 269 -29.55 20.43 23.97
N ASP A 270 -29.54 20.91 25.23
CA ASP A 270 -30.18 20.21 26.35
C ASP A 270 -31.70 20.16 26.16
N GLY A 271 -32.28 21.17 25.49
CA GLY A 271 -33.70 21.26 25.21
C GLY A 271 -34.38 22.49 25.79
N ALA A 272 -33.62 23.50 26.21
CA ALA A 272 -34.21 24.72 26.81
C ALA A 272 -35.09 25.43 25.81
N ASP A 273 -36.25 25.91 26.26
CA ASP A 273 -37.14 26.68 25.40
C ASP A 273 -36.66 28.12 25.27
N CYS A 274 -36.09 28.69 26.36
CA CYS A 274 -35.62 30.07 26.40
C CYS A 274 -34.26 30.14 27.04
N ILE A 275 -33.51 31.17 26.67
CA ILE A 275 -32.24 31.49 27.28
C ILE A 275 -32.32 32.95 27.77
N MET A 276 -31.62 33.25 28.85
CA MET A 276 -31.76 34.55 29.49
C MET A 276 -30.46 35.32 29.65
N LEU A 277 -30.58 36.64 29.64
CA LEU A 277 -29.52 37.59 29.88
C LEU A 277 -29.93 38.41 31.09
N SER A 278 -29.03 38.55 32.06
CA SER A 278 -29.28 39.33 33.27
C SER A 278 -28.43 40.61 33.26
N GLY A 279 -27.29 40.65 33.94
CA GLY A 279 -26.42 41.82 33.98
C GLY A 279 -25.94 42.25 32.61
N GLU A 280 -25.81 41.29 31.69
CA GLU A 280 -25.35 41.54 30.32
C GLU A 280 -26.22 42.56 29.61
N THR A 281 -27.51 42.63 29.94
CA THR A 281 -28.43 43.58 29.32
C THR A 281 -28.89 44.65 30.30
N ALA A 282 -28.99 44.32 31.59
CA ALA A 282 -29.47 45.27 32.58
C ALA A 282 -28.46 46.37 32.86
N LYS A 283 -27.17 46.03 32.95
CA LYS A 283 -26.17 47.02 33.33
C LYS A 283 -24.88 47.02 32.52
N GLY A 284 -24.70 46.07 31.63
CA GLY A 284 -23.46 45.95 30.89
C GLY A 284 -23.25 46.97 29.81
N ASN A 285 -22.02 47.03 29.29
CA ASN A 285 -21.64 47.96 28.23
C ASN A 285 -22.00 47.49 26.84
N PHE A 286 -22.42 46.21 26.67
CA PHE A 286 -22.74 45.69 25.34
C PHE A 286 -24.11 44.96 25.32
N PRO A 287 -25.22 45.62 25.73
CA PRO A 287 -26.51 44.91 25.77
C PRO A 287 -26.98 44.36 24.44
N VAL A 288 -26.87 45.15 23.37
CA VAL A 288 -27.31 44.73 22.04
C VAL A 288 -26.43 43.59 21.51
N GLU A 289 -25.12 43.70 21.74
CA GLU A 289 -24.17 42.69 21.30
C GLU A 289 -24.41 41.35 22.01
N ALA A 290 -24.82 41.38 23.29
CA ALA A 290 -25.10 40.16 24.04
C ALA A 290 -26.33 39.46 23.46
N VAL A 291 -27.36 40.22 23.06
CA VAL A 291 -28.55 39.67 22.42
C VAL A 291 -28.19 39.04 21.10
N LYS A 292 -27.36 39.76 20.29
CA LYS A 292 -26.92 39.26 18.98
C LYS A 292 -26.12 37.98 19.12
N MET A 293 -25.28 37.88 20.17
CA MET A 293 -24.47 36.69 20.40
C MET A 293 -25.35 35.50 20.78
N GLN A 294 -26.35 35.69 21.68
CA GLN A 294 -27.28 34.60 22.01
C GLN A 294 -28.06 34.17 20.78
N HIS A 295 -28.47 35.14 19.94
CA HIS A 295 -29.19 34.82 18.71
C HIS A 295 -28.32 33.96 17.78
N ALA A 296 -27.07 34.37 17.54
CA ALA A 296 -26.15 33.67 16.64
C ALA A 296 -25.84 32.27 17.13
N ILE A 297 -25.63 32.09 18.44
CA ILE A 297 -25.34 30.75 18.97
C ILE A 297 -26.55 29.84 18.90
N ALA A 298 -27.72 30.33 19.33
CA ALA A 298 -28.94 29.52 19.32
C ALA A 298 -29.29 29.01 17.94
N ARG A 299 -29.12 29.83 16.92
CA ARG A 299 -29.38 29.43 15.53
C ARG A 299 -28.48 28.28 15.11
N GLU A 300 -27.19 28.35 15.44
CA GLU A 300 -26.24 27.29 15.10
C GLU A 300 -26.55 26.03 15.90
N ALA A 301 -26.88 26.17 17.20
CA ALA A 301 -27.16 25.01 18.06
C ALA A 301 -28.44 24.30 17.67
N GLU A 302 -29.47 25.04 17.26
CA GLU A 302 -30.73 24.41 16.86
C GLU A 302 -30.58 23.51 15.64
N ALA A 303 -29.75 23.89 14.68
CA ALA A 303 -29.49 23.05 13.51
C ALA A 303 -28.71 21.79 13.89
N ALA A 304 -27.92 21.84 14.99
CA ALA A 304 -27.11 20.70 15.48
C ALA A 304 -27.90 19.73 16.36
N VAL A 305 -29.20 19.96 16.59
CA VAL A 305 -30.01 19.04 17.37
C VAL A 305 -30.20 17.74 16.54
N TYR A 306 -30.04 16.57 17.17
CA TYR A 306 -30.20 15.30 16.47
C TYR A 306 -31.68 14.95 16.52
N HIS A 307 -32.48 15.53 15.61
CA HIS A 307 -33.94 15.33 15.60
C HIS A 307 -34.37 13.89 15.47
N ARG A 308 -33.63 13.06 14.76
CA ARG A 308 -33.99 11.65 14.58
C ARG A 308 -34.16 10.92 15.92
N GLN A 309 -33.23 11.15 16.87
CA GLN A 309 -33.36 10.54 18.18
C GLN A 309 -34.36 11.32 19.05
N LEU A 310 -34.27 12.65 19.04
CA LEU A 310 -35.13 13.48 19.87
C LEU A 310 -36.61 13.27 19.59
N PHE A 311 -36.99 13.30 18.31
CA PHE A 311 -38.37 13.12 17.92
C PHE A 311 -38.85 11.73 18.30
N GLU A 312 -38.04 10.70 18.02
CA GLU A 312 -38.37 9.32 18.37
CA GLU A 312 -38.42 9.34 18.38
C GLU A 312 -38.63 9.17 19.88
N GLU A 313 -37.74 9.75 20.69
CA GLU A 313 -37.90 9.67 22.15
C GLU A 313 -39.07 10.48 22.68
N LEU A 314 -39.31 11.68 22.14
CA LEU A 314 -40.45 12.52 22.56
C LEU A 314 -41.78 11.84 22.19
N ARG A 315 -41.83 11.25 21.01
CA ARG A 315 -42.99 10.53 20.53
C ARG A 315 -43.30 9.32 21.42
N ARG A 316 -42.28 8.49 21.75
CA ARG A 316 -42.46 7.30 22.59
C ARG A 316 -42.87 7.65 24.01
N ALA A 317 -42.28 8.72 24.57
CA ALA A 317 -42.57 9.12 25.93
C ALA A 317 -43.89 9.85 26.10
N ALA A 318 -44.40 10.50 25.05
CA ALA A 318 -45.67 11.22 25.14
C ALA A 318 -46.80 10.22 25.29
N PRO A 319 -47.67 10.40 26.29
CA PRO A 319 -48.71 9.39 26.53
C PRO A 319 -49.75 9.34 25.44
N LEU A 320 -50.43 8.18 25.33
CA LEU A 320 -51.56 8.04 24.41
C LEU A 320 -52.66 9.01 24.88
N SER A 321 -53.39 9.57 23.92
CA SER A 321 -54.36 10.58 24.26
C SER A 321 -55.56 10.52 23.41
N ARG A 322 -56.69 10.91 23.95
CA ARG A 322 -57.95 11.02 23.23
CA ARG A 322 -57.91 11.02 23.17
C ARG A 322 -58.34 12.49 23.00
N ASP A 323 -57.45 13.45 23.34
CA ASP A 323 -57.71 14.88 23.15
C ASP A 323 -57.40 15.14 21.68
N PRO A 324 -58.37 15.62 20.89
CA PRO A 324 -58.11 15.83 19.45
C PRO A 324 -56.99 16.83 19.15
N THR A 325 -56.73 17.83 20.00
CA THR A 325 -55.62 18.77 19.75
C THR A 325 -54.27 18.02 19.88
N GLU A 326 -54.17 17.12 20.90
CA GLU A 326 -53.00 16.28 21.16
C GLU A 326 -52.75 15.30 20.00
N VAL A 327 -53.82 14.72 19.45
CA VAL A 327 -53.74 13.77 18.36
C VAL A 327 -53.38 14.48 17.05
N THR A 328 -53.97 15.68 16.82
CA THR A 328 -53.68 16.42 15.60
C THR A 328 -52.23 16.88 15.61
N ALA A 329 -51.72 17.33 16.77
CA ALA A 329 -50.36 17.82 16.90
C ALA A 329 -49.30 16.79 16.51
N ILE A 330 -49.45 15.53 16.95
CA ILE A 330 -48.47 14.48 16.60
C ILE A 330 -48.59 14.12 15.13
N GLY A 331 -49.79 14.11 14.57
CA GLY A 331 -49.99 13.84 13.16
C GLY A 331 -49.36 14.94 12.30
N ALA A 332 -49.49 16.20 12.72
CA ALA A 332 -48.93 17.34 12.00
C ALA A 332 -47.41 17.33 12.04
N VAL A 333 -46.81 17.02 13.18
CA VAL A 333 -45.35 16.99 13.31
C VAL A 333 -44.79 15.81 12.50
N GLU A 334 -45.47 14.67 12.51
CA GLU A 334 -45.02 13.53 11.71
C GLU A 334 -45.12 13.87 10.22
N ALA A 335 -46.20 14.53 9.79
CA ALA A 335 -46.36 14.95 8.40
C ALA A 335 -45.29 15.98 7.99
N ALA A 336 -44.94 16.91 8.88
CA ALA A 336 -43.92 17.93 8.62
C ALA A 336 -42.54 17.28 8.39
N PHE A 337 -42.17 16.27 9.20
CA PHE A 337 -40.89 15.59 9.02
C PHE A 337 -40.88 14.79 7.70
N LYS A 338 -41.99 14.17 7.34
CA LYS A 338 -42.08 13.37 6.13
C LYS A 338 -41.80 14.16 4.86
N CYS A 339 -42.24 15.44 4.80
CA CYS A 339 -42.06 16.23 3.61
C CYS A 339 -41.05 17.34 3.75
N CYS A 340 -40.33 17.44 4.90
CA CYS A 340 -39.41 18.56 5.14
C CYS A 340 -40.15 19.87 5.05
N ALA A 341 -41.36 19.93 5.64
CA ALA A 341 -42.21 21.13 5.60
C ALA A 341 -41.46 22.35 6.09
N ALA A 342 -41.60 23.45 5.40
CA ALA A 342 -40.94 24.70 5.81
C ALA A 342 -41.57 25.24 7.09
N ALA A 343 -42.88 24.99 7.29
CA ALA A 343 -43.57 25.50 8.47
C ALA A 343 -44.85 24.72 8.77
N ILE A 344 -45.32 24.82 10.01
CA ILE A 344 -46.60 24.34 10.44
C ILE A 344 -47.34 25.65 10.83
N ILE A 345 -48.39 26.01 10.11
CA ILE A 345 -49.18 27.20 10.44
C ILE A 345 -50.34 26.77 11.31
N VAL A 346 -50.48 27.34 12.50
CA VAL A 346 -51.54 26.93 13.39
C VAL A 346 -52.36 28.13 13.87
N LEU A 347 -53.69 27.96 13.91
CA LEU A 347 -54.56 29.02 14.47
C LEU A 347 -54.75 28.70 15.92
N THR A 348 -54.58 29.70 16.76
CA THR A 348 -54.69 29.47 18.19
C THR A 348 -55.25 30.71 18.91
N THR A 349 -56.10 30.47 19.89
CA THR A 349 -56.68 31.56 20.67
C THR A 349 -55.83 31.80 21.90
N THR A 350 -55.49 30.72 22.63
CA THR A 350 -54.72 30.79 23.87
C THR A 350 -53.23 30.46 23.72
N GLY A 351 -52.85 29.87 22.61
CA GLY A 351 -51.48 29.40 22.40
C GLY A 351 -51.35 27.89 22.59
N ARG A 352 -52.36 27.23 23.19
CA ARG A 352 -52.29 25.80 23.48
C ARG A 352 -52.00 24.89 22.27
N SER A 353 -52.67 25.10 21.12
CA SER A 353 -52.43 24.27 19.95
C SER A 353 -50.98 24.40 19.44
N ALA A 354 -50.40 25.61 19.55
CA ALA A 354 -49.01 25.84 19.16
C ALA A 354 -48.07 25.13 20.15
N GLN A 355 -48.37 25.20 21.44
CA GLN A 355 -47.57 24.55 22.48
C GLN A 355 -47.54 23.02 22.29
N LEU A 356 -48.67 22.41 21.94
CA LEU A 356 -48.73 20.96 21.71
C LEU A 356 -47.94 20.54 20.48
N LEU A 357 -47.76 21.42 19.50
CA LEU A 357 -46.93 21.12 18.34
C LEU A 357 -45.44 21.24 18.77
N SER A 358 -45.13 22.32 19.49
CA SER A 358 -43.79 22.64 19.99
CA SER A 358 -43.77 22.61 19.95
C SER A 358 -43.17 21.53 20.84
N ARG A 359 -44.00 20.83 21.62
CA ARG A 359 -43.52 19.76 22.50
C ARG A 359 -42.85 18.62 21.74
N TYR A 360 -43.16 18.42 20.45
CA TYR A 360 -42.49 17.37 19.65
C TYR A 360 -41.22 17.84 18.96
N ARG A 361 -40.84 19.10 19.17
CA ARG A 361 -39.64 19.68 18.60
C ARG A 361 -39.54 19.49 17.09
N PRO A 362 -40.56 19.91 16.32
CA PRO A 362 -40.42 19.82 14.86
C PRO A 362 -39.25 20.69 14.36
N ARG A 363 -38.63 20.32 13.24
CA ARG A 363 -37.63 21.17 12.61
C ARG A 363 -38.38 22.34 11.91
N ALA A 364 -39.60 22.10 11.41
CA ALA A 364 -40.44 23.11 10.78
C ALA A 364 -40.84 24.16 11.80
N ALA A 365 -40.77 25.45 11.44
CA ALA A 365 -41.18 26.55 12.31
C ALA A 365 -42.69 26.43 12.58
N VAL A 366 -43.13 26.71 13.81
CA VAL A 366 -44.55 26.69 14.11
C VAL A 366 -45.01 28.15 14.07
N ILE A 367 -45.71 28.56 13.00
CA ILE A 367 -46.19 29.93 12.86
C ILE A 367 -47.59 30.00 13.48
N ALA A 368 -47.72 30.67 14.61
CA ALA A 368 -48.98 30.73 15.33
C ALA A 368 -49.73 32.02 15.01
N VAL A 369 -50.86 31.91 14.29
CA VAL A 369 -51.70 33.07 13.96
C VAL A 369 -52.76 33.23 15.04
N THR A 370 -52.74 34.37 15.73
CA THR A 370 -53.69 34.63 16.81
C THR A 370 -54.16 36.08 16.78
N ARG A 371 -55.35 36.31 17.29
CA ARG A 371 -55.89 37.66 17.48
C ARG A 371 -55.55 38.17 18.89
N SER A 372 -55.28 37.25 19.85
CA SER A 372 -54.95 37.64 21.19
C SER A 372 -53.52 38.22 21.29
N ALA A 373 -53.39 39.50 21.61
CA ALA A 373 -52.09 40.13 21.78
C ALA A 373 -51.31 39.47 22.94
N GLN A 374 -52.01 39.11 24.02
CA GLN A 374 -51.37 38.46 25.15
C GLN A 374 -50.87 37.05 24.79
N ALA A 375 -51.67 36.23 24.08
CA ALA A 375 -51.23 34.90 23.68
C ALA A 375 -50.03 35.00 22.75
N ALA A 376 -50.01 35.99 21.86
CA ALA A 376 -48.90 36.20 20.94
C ALA A 376 -47.60 36.47 21.71
N ARG A 377 -47.69 37.23 22.79
CA ARG A 377 -46.54 37.51 23.62
C ARG A 377 -46.12 36.28 24.41
N GLN A 378 -47.07 35.57 25.01
CA GLN A 378 -46.78 34.43 25.87
C GLN A 378 -46.24 33.21 25.15
N VAL A 379 -46.60 33.03 23.90
CA VAL A 379 -46.17 31.90 23.12
C VAL A 379 -44.65 31.91 22.81
N HIS A 380 -43.94 33.01 23.12
CA HIS A 380 -42.48 33.07 23.02
C HIS A 380 -41.85 32.08 24.04
N LEU A 381 -42.57 31.66 25.07
CA LEU A 381 -42.08 30.70 26.04
C LEU A 381 -41.86 29.31 25.41
N CYS A 382 -42.53 28.99 24.29
CA CYS A 382 -42.44 27.69 23.63
C CYS A 382 -41.47 27.72 22.51
N ARG A 383 -40.47 26.83 22.53
CA ARG A 383 -39.48 26.77 21.48
C ARG A 383 -40.08 26.54 20.11
N GLY A 384 -39.63 27.31 19.14
CA GLY A 384 -40.03 27.11 17.76
C GLY A 384 -41.39 27.66 17.39
N VAL A 385 -42.01 28.46 18.28
CA VAL A 385 -43.29 29.08 17.97
C VAL A 385 -43.04 30.54 17.64
N PHE A 386 -43.47 30.95 16.44
CA PHE A 386 -43.33 32.30 15.90
C PHE A 386 -44.74 32.92 15.87
N PRO A 387 -45.03 33.78 16.84
CA PRO A 387 -46.37 34.39 16.89
C PRO A 387 -46.58 35.51 15.89
N LEU A 388 -47.76 35.49 15.24
CA LEU A 388 -48.19 36.52 14.31
C LEU A 388 -49.49 37.07 14.85
N LEU A 389 -49.52 38.37 15.14
CA LEU A 389 -50.72 38.99 15.69
C LEU A 389 -51.60 39.46 14.52
N TYR A 390 -52.78 38.89 14.40
CA TYR A 390 -53.72 39.13 13.32
C TYR A 390 -54.56 40.39 13.57
N ARG A 391 -54.40 41.40 12.72
CA ARG A 391 -55.16 42.64 12.85
C ARG A 391 -55.88 43.03 11.55
N GLU A 392 -56.23 42.06 10.72
CA GLU A 392 -56.93 42.33 9.47
CA GLU A 392 -56.95 42.31 9.47
C GLU A 392 -58.45 42.29 9.70
N PRO A 393 -59.24 42.99 8.86
CA PRO A 393 -60.70 43.01 9.07
C PRO A 393 -61.31 41.62 9.05
N PRO A 394 -62.36 41.42 9.85
CA PRO A 394 -63.00 40.09 9.89
C PRO A 394 -63.80 39.71 8.65
N GLU A 395 -63.86 38.42 8.33
CA GLU A 395 -64.67 37.94 7.22
C GLU A 395 -66.06 37.57 7.79
N ALA A 396 -67.10 37.74 6.98
CA ALA A 396 -68.46 37.42 7.40
C ALA A 396 -68.63 35.90 7.62
N ILE A 397 -68.08 35.07 6.73
CA ILE A 397 -68.20 33.61 6.86
C ILE A 397 -66.97 33.07 7.59
N TRP A 398 -67.20 32.36 8.73
CA TRP A 398 -66.13 31.78 9.56
C TRP A 398 -65.13 30.93 8.77
N ALA A 399 -65.56 30.10 7.80
CA ALA A 399 -64.60 29.34 7.00
C ALA A 399 -63.67 30.29 6.18
N ASP A 400 -64.22 31.41 5.66
CA ASP A 400 -63.41 32.41 4.94
C ASP A 400 -62.46 33.15 5.85
N ASP A 401 -62.85 33.36 7.11
CA ASP A 401 -62.04 34.06 8.08
C ASP A 401 -60.81 33.19 8.47
N VAL A 402 -61.01 31.87 8.58
CA VAL A 402 -59.98 30.88 8.88
C VAL A 402 -59.02 30.87 7.73
N ASP A 403 -59.53 30.78 6.48
CA ASP A 403 -58.70 30.79 5.28
CA ASP A 403 -58.69 30.78 5.27
C ASP A 403 -57.85 32.05 5.16
N ARG A 404 -58.43 33.24 5.54
CA ARG A 404 -57.63 34.47 5.45
C ARG A 404 -56.56 34.54 6.55
N ARG A 405 -56.80 33.92 7.70
CA ARG A 405 -55.74 33.86 8.73
C ARG A 405 -54.61 32.91 8.27
N VAL A 406 -54.93 31.86 7.52
CA VAL A 406 -53.93 30.95 6.98
C VAL A 406 -53.12 31.67 5.89
N GLN A 407 -53.79 32.43 5.00
CA GLN A 407 -53.08 33.21 3.99
C GLN A 407 -52.21 34.29 4.63
N PHE A 408 -52.63 34.87 5.77
CA PHE A 408 -51.83 35.84 6.47
C PHE A 408 -50.54 35.19 7.02
N GLY A 409 -50.65 33.96 7.52
CA GLY A 409 -49.52 33.20 8.04
C GLY A 409 -48.53 32.94 6.92
N ILE A 410 -49.04 32.61 5.71
CA ILE A 410 -48.25 32.37 4.52
C ILE A 410 -47.55 33.62 3.99
N GLU A 411 -48.28 34.76 3.89
CA GLU A 411 -47.70 36.01 3.42
C GLU A 411 -46.66 36.56 4.40
N SER A 412 -46.92 36.47 5.71
CA SER A 412 -45.92 36.85 6.71
C SER A 412 -44.70 35.91 6.61
N GLY A 413 -44.94 34.63 6.37
CA GLY A 413 -43.89 33.63 6.23
C GLY A 413 -42.98 33.93 5.07
N LYS A 414 -43.58 34.33 3.94
CA LYS A 414 -42.83 34.70 2.74
C LYS A 414 -42.01 35.95 2.98
N LEU A 415 -42.62 36.99 3.56
CA LEU A 415 -41.90 38.24 3.80
C LEU A 415 -40.71 38.04 4.75
N ARG A 416 -40.89 37.20 5.79
CA ARG A 416 -39.85 36.98 6.78
C ARG A 416 -38.80 35.94 6.42
N GLY A 417 -38.95 35.30 5.26
CA GLY A 417 -37.97 34.31 4.82
C GLY A 417 -38.22 32.88 5.26
N PHE A 418 -39.30 32.63 5.99
CA PHE A 418 -39.65 31.26 6.40
C PHE A 418 -40.09 30.42 5.21
N LEU A 419 -40.80 31.03 4.25
CA LEU A 419 -41.42 30.32 3.15
C LEU A 419 -41.08 30.86 1.78
N ARG A 420 -41.08 29.98 0.81
CA ARG A 420 -40.87 30.29 -0.59
C ARG A 420 -41.89 29.50 -1.40
N VAL A 421 -42.14 29.93 -2.63
CA VAL A 421 -43.04 29.24 -3.55
C VAL A 421 -42.48 27.85 -3.81
N GLY A 422 -43.33 26.83 -3.73
CA GLY A 422 -42.87 25.46 -3.92
C GLY A 422 -42.71 24.71 -2.60
N ASP A 423 -42.59 25.43 -1.48
CA ASP A 423 -42.50 24.79 -0.17
C ASP A 423 -43.82 24.07 0.17
N LEU A 424 -43.74 23.07 1.04
CA LEU A 424 -44.93 22.42 1.57
C LEU A 424 -45.09 22.95 3.00
N VAL A 425 -46.31 23.21 3.41
CA VAL A 425 -46.60 23.61 4.77
C VAL A 425 -47.72 22.70 5.31
N ILE A 426 -47.77 22.57 6.62
CA ILE A 426 -48.81 21.84 7.29
C ILE A 426 -49.67 22.93 7.94
N VAL A 427 -50.99 22.87 7.78
CA VAL A 427 -51.89 23.86 8.36
C VAL A 427 -52.76 23.18 9.40
N VAL A 428 -52.77 23.70 10.62
CA VAL A 428 -53.51 23.13 11.72
C VAL A 428 -54.62 24.09 12.13
N THR A 429 -55.89 23.65 12.03
CA THR A 429 -57.07 24.45 12.38
C THR A 429 -58.09 23.55 13.16
N GLY A 430 -59.23 24.13 13.54
CA GLY A 430 -60.30 23.44 14.25
C GLY A 430 -61.60 23.42 13.46
N TRP A 431 -62.59 22.68 13.97
CA TRP A 431 -63.86 22.52 13.27
C TRP A 431 -64.92 23.57 13.64
N ARG A 432 -64.70 24.33 14.72
CA ARG A 432 -65.62 25.36 15.15
C ARG A 432 -64.90 26.49 15.89
N PRO A 433 -65.47 27.72 15.97
CA PRO A 433 -64.78 28.82 16.66
C PRO A 433 -64.55 28.55 18.14
N GLY A 434 -63.65 29.29 18.75
CA GLY A 434 -63.36 29.14 20.17
C GLY A 434 -62.21 28.19 20.42
N SER A 435 -61.60 28.33 21.59
CA SER A 435 -60.46 27.52 22.01
CA SER A 435 -60.45 27.50 22.00
C SER A 435 -60.87 26.07 22.31
N GLY A 436 -59.97 25.12 22.07
CA GLY A 436 -60.19 23.72 22.38
C GLY A 436 -60.72 22.80 21.30
N TYR A 437 -60.90 23.29 20.08
CA TYR A 437 -61.48 22.47 19.02
C TYR A 437 -60.54 22.15 17.86
N THR A 438 -59.21 22.31 18.04
CA THR A 438 -58.26 21.95 16.98
C THR A 438 -58.35 20.44 16.69
N ASN A 439 -58.59 20.06 15.46
CA ASN A 439 -58.76 18.65 15.08
C ASN A 439 -58.43 18.42 13.59
N ILE A 440 -57.90 19.43 12.87
CA ILE A 440 -57.65 19.30 11.45
C ILE A 440 -56.22 19.62 11.05
N MET A 441 -55.65 18.76 10.21
CA MET A 441 -54.32 19.00 9.66
CA MET A 441 -54.30 18.94 9.66
C MET A 441 -54.42 18.90 8.14
N ARG A 442 -53.82 19.86 7.43
CA ARG A 442 -53.88 19.93 5.97
C ARG A 442 -52.48 20.11 5.39
N VAL A 443 -52.20 19.50 4.25
CA VAL A 443 -50.92 19.66 3.57
C VAL A 443 -51.13 20.62 2.43
N LEU A 444 -50.44 21.75 2.44
CA LEU A 444 -50.62 22.80 1.45
C LEU A 444 -49.31 23.14 0.71
N SER A 445 -49.37 23.29 -0.62
CA SER A 445 -48.18 23.70 -1.40
CA SER A 445 -48.20 23.68 -1.41
C SER A 445 -48.22 25.21 -1.55
N ILE A 446 -47.12 25.88 -1.27
CA ILE A 446 -47.04 27.32 -1.35
C ILE A 446 -47.02 27.84 -2.77
N SER A 447 -47.98 28.73 -3.04
CA SER A 447 -48.21 29.48 -4.28
C SER A 447 -48.31 28.57 -5.47
N ARG B 12 -45.27 2.59 32.03
CA ARG B 12 -46.68 2.72 32.38
C ARG B 12 -47.22 4.15 32.20
N ALA B 13 -46.39 5.18 32.40
CA ALA B 13 -46.85 6.56 32.28
C ALA B 13 -47.35 6.94 30.87
N ASP B 14 -46.78 6.30 29.83
CA ASP B 14 -47.18 6.54 28.45
C ASP B 14 -48.57 5.95 28.11
N VAL B 15 -49.12 5.10 28.99
CA VAL B 15 -50.45 4.51 28.76
C VAL B 15 -51.38 4.69 29.97
N ALA B 16 -50.92 5.28 31.09
CA ALA B 16 -51.69 5.39 32.34
C ALA B 16 -53.02 6.15 32.24
N GLN B 17 -53.04 7.34 31.63
CA GLN B 17 -54.29 8.09 31.51
C GLN B 17 -55.24 7.38 30.57
N LEU B 18 -54.76 6.82 29.46
CA LEU B 18 -55.64 6.08 28.54
C LEU B 18 -56.14 4.76 29.15
N THR B 19 -55.35 4.16 30.04
CA THR B 19 -55.73 2.93 30.73
C THR B 19 -56.84 3.27 31.74
N GLN B 20 -56.76 4.42 32.42
CA GLN B 20 -57.82 4.85 33.30
C GLN B 20 -59.10 5.13 32.49
N GLU B 21 -58.96 5.78 31.32
CA GLU B 21 -60.12 6.11 30.50
C GLU B 21 -60.77 4.92 29.80
N LEU B 22 -59.99 4.07 29.15
CA LEU B 22 -60.54 2.93 28.41
C LEU B 22 -60.68 1.65 29.26
N GLY B 23 -59.98 1.58 30.38
CA GLY B 23 -60.05 0.43 31.27
C GLY B 23 -58.98 -0.59 31.05
N THR B 24 -58.66 -1.36 32.10
CA THR B 24 -57.65 -2.40 31.99
C THR B 24 -58.09 -3.52 31.07
N ALA B 25 -59.42 -3.77 30.92
CA ALA B 25 -59.87 -4.84 30.04
C ALA B 25 -59.50 -4.57 28.59
N PHE B 26 -59.66 -3.29 28.16
CA PHE B 26 -59.30 -2.87 26.80
C PHE B 26 -57.81 -3.19 26.50
N PHE B 27 -56.92 -2.86 27.45
CA PHE B 27 -55.50 -3.06 27.30
C PHE B 27 -55.04 -4.50 27.48
N GLN B 28 -55.94 -5.44 27.81
CA GLN B 28 -55.57 -6.85 27.90
C GLN B 28 -55.87 -7.57 26.58
N GLN B 29 -56.83 -7.07 25.79
CA GLN B 29 -57.21 -7.63 24.50
C GLN B 29 -56.25 -7.28 23.37
N GLN B 30 -56.41 -7.92 22.21
CA GLN B 30 -55.69 -7.74 20.96
C GLN B 30 -54.17 -7.65 21.13
N GLN B 31 -53.60 -8.44 22.04
CA GLN B 31 -52.17 -8.47 22.33
C GLN B 31 -51.59 -7.10 22.65
N LEU B 32 -52.40 -6.19 23.24
CA LEU B 32 -51.91 -4.86 23.58
C LEU B 32 -50.76 -4.88 24.61
N PRO B 33 -50.70 -5.78 25.62
CA PRO B 33 -49.50 -5.80 26.48
C PRO B 33 -48.24 -6.12 25.66
N ALA B 34 -48.32 -7.06 24.68
CA ALA B 34 -47.18 -7.37 23.81
C ALA B 34 -46.86 -6.19 22.87
N ALA B 35 -47.87 -5.44 22.46
CA ALA B 35 -47.71 -4.29 21.59
C ALA B 35 -46.92 -3.17 22.24
N MET B 36 -47.06 -3.00 23.56
CA MET B 36 -46.35 -1.93 24.27
C MET B 36 -44.91 -2.31 24.68
N ALA B 37 -44.44 -3.53 24.37
CA ALA B 37 -43.12 -3.96 24.76
C ALA B 37 -42.03 -3.12 24.11
N ASP B 38 -40.89 -2.97 24.81
CA ASP B 38 -39.77 -2.15 24.33
C ASP B 38 -38.81 -2.87 23.39
N THR B 39 -38.86 -4.20 23.35
CA THR B 39 -38.03 -4.98 22.43
C THR B 39 -38.90 -6.09 21.80
N PHE B 40 -38.45 -6.62 20.67
CA PHE B 40 -39.14 -7.71 20.01
C PHE B 40 -39.16 -8.96 20.90
N LEU B 41 -38.08 -9.23 21.62
CA LEU B 41 -37.99 -10.36 22.54
C LEU B 41 -39.04 -10.25 23.64
N GLU B 42 -39.17 -9.06 24.27
CA GLU B 42 -40.18 -8.82 25.31
CA GLU B 42 -40.18 -8.87 25.30
C GLU B 42 -41.60 -8.95 24.72
N HIS B 43 -41.78 -8.52 23.47
CA HIS B 43 -43.05 -8.59 22.77
C HIS B 43 -43.48 -10.06 22.65
N LEU B 44 -42.54 -10.95 22.27
CA LEU B 44 -42.84 -12.38 22.16
C LEU B 44 -43.22 -12.96 23.52
N CYS B 45 -42.44 -12.61 24.59
CA CYS B 45 -42.69 -13.06 25.95
C CYS B 45 -44.06 -12.65 26.47
N LEU B 46 -44.62 -11.54 25.99
CA LEU B 46 -45.92 -11.04 26.44
C LEU B 46 -47.11 -11.51 25.60
N LEU B 47 -46.89 -12.29 24.53
CA LEU B 47 -47.99 -12.82 23.71
C LEU B 47 -48.82 -13.77 24.60
N ASP B 48 -50.14 -13.65 24.52
CA ASP B 48 -51.02 -14.33 25.45
C ASP B 48 -52.14 -15.02 24.73
N ILE B 49 -52.29 -16.33 24.94
CA ILE B 49 -53.39 -17.08 24.31
C ILE B 49 -54.77 -16.60 24.81
N ASP B 50 -54.84 -15.94 25.98
CA ASP B 50 -56.10 -15.42 26.51
C ASP B 50 -56.41 -13.98 26.09
N SER B 51 -55.53 -13.35 25.32
CA SER B 51 -55.76 -12.01 24.82
C SER B 51 -56.52 -12.15 23.51
N GLU B 52 -57.82 -11.89 23.53
CA GLU B 52 -58.67 -12.09 22.37
C GLU B 52 -58.56 -11.01 21.30
N PRO B 53 -58.62 -11.41 20.03
CA PRO B 53 -58.60 -10.40 18.96
C PRO B 53 -59.93 -9.62 18.96
N VAL B 54 -59.88 -8.33 18.70
CA VAL B 54 -61.08 -7.48 18.69
C VAL B 54 -61.27 -6.90 17.28
N ALA B 55 -60.18 -6.45 16.65
CA ALA B 55 -60.21 -5.86 15.32
C ALA B 55 -60.75 -6.80 14.26
N ALA B 56 -61.36 -6.23 13.22
CA ALA B 56 -61.82 -6.99 12.06
C ALA B 56 -60.57 -7.57 11.33
N ARG B 57 -60.71 -8.75 10.74
CA ARG B 57 -59.62 -9.41 10.05
C ARG B 57 -59.19 -8.59 8.84
N SER B 58 -57.91 -8.23 8.81
CA SER B 58 -57.38 -7.36 7.79
C SER B 58 -56.68 -8.05 6.58
N THR B 59 -56.18 -9.30 6.73
CA THR B 59 -55.51 -9.99 5.62
C THR B 59 -56.59 -10.60 4.75
N SER B 60 -56.61 -10.33 3.45
CA SER B 60 -57.66 -10.88 2.58
C SER B 60 -57.44 -12.34 2.30
N ILE B 61 -58.53 -13.05 2.11
CA ILE B 61 -58.49 -14.45 1.77
C ILE B 61 -58.88 -14.59 0.33
N ILE B 62 -58.01 -15.23 -0.45
CA ILE B 62 -58.27 -15.54 -1.84
C ILE B 62 -58.64 -17.02 -1.88
N ALA B 63 -59.83 -17.35 -2.38
CA ALA B 63 -60.24 -18.75 -2.48
C ALA B 63 -60.37 -19.13 -3.95
N THR B 64 -59.73 -20.24 -4.35
CA THR B 64 -59.82 -20.70 -5.73
C THR B 64 -61.18 -21.37 -5.92
N ILE B 65 -61.92 -20.97 -6.95
CA ILE B 65 -63.24 -21.49 -7.21
C ILE B 65 -63.12 -22.70 -8.14
N GLY B 66 -63.73 -23.80 -7.73
CA GLY B 66 -63.72 -25.04 -8.50
C GLY B 66 -64.94 -25.89 -8.19
N PRO B 67 -64.87 -27.20 -8.50
CA PRO B 67 -66.04 -28.06 -8.27
C PRO B 67 -66.61 -28.06 -6.86
N ALA B 68 -65.75 -27.94 -5.83
CA ALA B 68 -66.22 -27.94 -4.45
C ALA B 68 -66.80 -26.61 -3.97
N SER B 69 -66.62 -25.54 -4.75
CA SER B 69 -67.02 -24.20 -4.30
C SER B 69 -67.74 -23.37 -5.37
N ARG B 70 -68.39 -24.04 -6.29
CA ARG B 70 -69.02 -23.37 -7.43
C ARG B 70 -70.47 -22.98 -7.28
N SER B 71 -71.22 -23.73 -6.48
CA SER B 71 -72.65 -23.45 -6.34
C SER B 71 -72.91 -22.13 -5.64
N VAL B 72 -74.00 -21.44 -6.01
CA VAL B 72 -74.38 -20.16 -5.43
C VAL B 72 -74.56 -20.28 -3.91
N GLU B 73 -75.20 -21.35 -3.45
CA GLU B 73 -75.44 -21.57 -2.02
C GLU B 73 -74.11 -21.73 -1.27
N ARG B 74 -73.16 -22.48 -1.84
CA ARG B 74 -71.84 -22.71 -1.27
C ARG B 74 -71.04 -21.40 -1.25
N LEU B 75 -71.11 -20.62 -2.34
CA LEU B 75 -70.45 -19.33 -2.44
C LEU B 75 -70.97 -18.32 -1.43
N LYS B 76 -72.26 -18.35 -1.10
CA LYS B 76 -72.81 -17.46 -0.08
C LYS B 76 -72.20 -17.80 1.27
N GLU B 77 -72.00 -19.10 1.57
CA GLU B 77 -71.38 -19.55 2.82
CA GLU B 77 -71.39 -19.51 2.83
C GLU B 77 -69.91 -19.13 2.86
N MET B 78 -69.21 -19.17 1.71
CA MET B 78 -67.81 -18.77 1.65
CA MET B 78 -67.81 -18.78 1.64
C MET B 78 -67.64 -17.27 1.82
N ILE B 79 -68.60 -16.47 1.31
CA ILE B 79 -68.56 -15.02 1.49
C ILE B 79 -68.77 -14.71 2.98
N LYS B 80 -69.72 -15.39 3.62
CA LYS B 80 -69.98 -15.19 5.05
C LYS B 80 -68.81 -15.67 5.93
N ALA B 81 -68.11 -16.72 5.49
CA ALA B 81 -66.93 -17.26 6.21
C ALA B 81 -65.70 -16.33 6.09
N GLY B 82 -65.67 -15.46 5.08
CA GLY B 82 -64.59 -14.49 4.91
C GLY B 82 -63.89 -14.36 3.58
N MET B 83 -64.33 -15.08 2.55
CA MET B 83 -63.71 -14.97 1.23
C MET B 83 -63.83 -13.53 0.67
N ASN B 84 -62.70 -12.93 0.25
CA ASN B 84 -62.69 -11.57 -0.29
C ASN B 84 -62.40 -11.54 -1.77
N ILE B 85 -61.62 -12.51 -2.27
CA ILE B 85 -61.23 -12.60 -3.67
C ILE B 85 -61.48 -14.02 -4.18
N ALA B 86 -62.16 -14.16 -5.30
CA ALA B 86 -62.42 -15.45 -5.93
C ALA B 86 -61.42 -15.63 -7.05
N ARG B 87 -60.63 -16.69 -7.00
CA ARG B 87 -59.61 -16.94 -8.00
C ARG B 87 -60.07 -18.00 -8.98
N LEU B 88 -59.89 -17.74 -10.27
CA LEU B 88 -60.23 -18.71 -11.31
C LEU B 88 -58.94 -19.17 -11.91
N ASN B 89 -58.61 -20.45 -11.78
CA ASN B 89 -57.37 -20.97 -12.29
C ASN B 89 -57.55 -21.43 -13.72
N PHE B 90 -57.01 -20.66 -14.67
CA PHE B 90 -57.13 -20.97 -16.10
C PHE B 90 -56.20 -22.10 -16.55
N SER B 91 -55.45 -22.74 -15.62
CA SER B 91 -54.70 -23.94 -15.95
C SER B 91 -55.68 -25.14 -16.12
N HIS B 92 -56.90 -25.04 -15.55
CA HIS B 92 -57.92 -26.09 -15.62
C HIS B 92 -59.24 -25.51 -16.15
N GLY B 93 -60.18 -26.38 -16.51
CA GLY B 93 -61.48 -25.98 -17.03
C GLY B 93 -61.44 -25.31 -18.39
N SER B 94 -62.57 -24.74 -18.78
CA SER B 94 -62.70 -24.06 -20.06
C SER B 94 -63.25 -22.64 -19.85
N HIS B 95 -63.34 -21.83 -20.92
CA HIS B 95 -63.92 -20.49 -20.82
C HIS B 95 -65.37 -20.57 -20.36
N GLU B 96 -66.13 -21.56 -20.86
CA GLU B 96 -67.54 -21.73 -20.46
C GLU B 96 -67.64 -22.08 -18.97
N TYR B 97 -66.74 -22.94 -18.50
CA TYR B 97 -66.72 -23.35 -17.10
C TYR B 97 -66.44 -22.15 -16.19
N HIS B 98 -65.39 -21.38 -16.51
CA HIS B 98 -65.03 -20.20 -15.72
C HIS B 98 -66.07 -19.09 -15.78
N ALA B 99 -66.75 -18.92 -16.95
CA ALA B 99 -67.81 -17.93 -17.06
C ALA B 99 -68.97 -18.28 -16.12
N GLU B 100 -69.27 -19.57 -15.96
CA GLU B 100 -70.33 -19.99 -15.07
C GLU B 100 -69.93 -19.76 -13.61
N SER B 101 -68.65 -19.99 -13.26
CA SER B 101 -68.17 -19.75 -11.90
C SER B 101 -68.28 -18.26 -11.58
N ILE B 102 -67.83 -17.39 -12.52
CA ILE B 102 -67.95 -15.95 -12.36
C ILE B 102 -69.40 -15.52 -12.12
N ALA B 103 -70.34 -16.04 -12.93
CA ALA B 103 -71.77 -15.70 -12.78
C ALA B 103 -72.30 -16.13 -11.43
N ASN B 104 -71.90 -17.30 -10.93
CA ASN B 104 -72.35 -17.77 -9.62
C ASN B 104 -71.77 -16.92 -8.50
N VAL B 105 -70.52 -16.48 -8.65
CA VAL B 105 -69.89 -15.60 -7.64
C VAL B 105 -70.65 -14.29 -7.59
N ARG B 106 -70.90 -13.67 -8.75
CA ARG B 106 -71.66 -12.42 -8.81
C ARG B 106 -73.08 -12.56 -8.28
N GLU B 107 -73.74 -13.69 -8.54
CA GLU B 107 -75.08 -13.92 -8.01
C GLU B 107 -75.05 -14.01 -6.48
N ALA B 108 -74.06 -14.76 -5.94
CA ALA B 108 -73.93 -14.90 -4.48
C ALA B 108 -73.59 -13.53 -3.84
N VAL B 109 -72.69 -12.74 -4.46
CA VAL B 109 -72.30 -11.44 -3.93
C VAL B 109 -73.48 -10.46 -3.95
N GLU B 110 -74.22 -10.43 -5.06
CA GLU B 110 -75.35 -9.51 -5.18
C GLU B 110 -76.55 -9.88 -4.32
N SER B 111 -76.61 -11.12 -3.78
CA SER B 111 -77.70 -11.49 -2.88
C SER B 111 -77.66 -10.70 -1.54
N PHE B 112 -76.54 -10.03 -1.23
CA PHE B 112 -76.39 -9.22 -0.03
C PHE B 112 -76.49 -7.68 -0.31
N ALA B 113 -76.66 -7.27 -1.59
CA ALA B 113 -76.73 -5.85 -2.02
C ALA B 113 -77.92 -5.06 -1.52
N GLY B 114 -78.94 -5.76 -1.05
CA GLY B 114 -80.15 -5.14 -0.52
C GLY B 114 -79.92 -4.29 0.71
N SER B 115 -78.81 -4.55 1.42
CA SER B 115 -78.46 -3.77 2.58
C SER B 115 -77.10 -3.15 2.31
N PRO B 116 -77.11 -1.92 1.74
CA PRO B 116 -75.84 -1.27 1.38
C PRO B 116 -74.85 -1.03 2.51
N LEU B 117 -75.36 -0.89 3.74
CA LEU B 117 -74.49 -0.67 4.90
C LEU B 117 -73.69 -1.93 5.26
N SER B 118 -74.14 -3.13 4.89
CA SER B 118 -73.43 -4.37 5.22
C SER B 118 -72.88 -5.14 4.00
N TYR B 119 -73.18 -4.68 2.76
CA TYR B 119 -72.73 -5.33 1.52
C TYR B 119 -71.22 -5.53 1.48
N ARG B 120 -70.80 -6.73 1.11
CA ARG B 120 -69.37 -7.03 1.00
C ARG B 120 -68.94 -7.26 -0.44
N PRO B 121 -68.14 -6.35 -1.01
CA PRO B 121 -67.63 -6.59 -2.37
C PRO B 121 -66.68 -7.81 -2.41
N VAL B 122 -66.65 -8.53 -3.53
CA VAL B 122 -65.75 -9.67 -3.72
C VAL B 122 -65.06 -9.51 -5.06
N ALA B 123 -63.72 -9.50 -5.09
CA ALA B 123 -62.99 -9.34 -6.34
C ALA B 123 -62.93 -10.65 -7.12
N ILE B 124 -62.76 -10.56 -8.44
CA ILE B 124 -62.62 -11.73 -9.28
C ILE B 124 -61.26 -11.67 -9.92
N ALA B 125 -60.44 -12.69 -9.68
CA ALA B 125 -59.08 -12.73 -10.18
C ALA B 125 -58.90 -13.88 -11.15
N LEU B 126 -58.18 -13.64 -12.23
CA LEU B 126 -57.92 -14.66 -13.23
C LEU B 126 -56.47 -15.08 -13.11
N ASP B 127 -56.22 -16.36 -12.91
CA ASP B 127 -54.86 -16.87 -12.80
C ASP B 127 -54.50 -17.55 -14.12
N THR B 128 -53.51 -17.03 -14.85
CA THR B 128 -53.15 -17.57 -16.16
C THR B 128 -52.45 -18.93 -16.12
N LYS B 129 -52.51 -19.66 -17.25
CA LYS B 129 -51.85 -20.96 -17.39
C LYS B 129 -50.34 -20.80 -17.38
N GLY B 130 -49.83 -19.77 -18.05
CA GLY B 130 -48.40 -19.53 -18.10
C GLY B 130 -47.78 -19.76 -19.46
N PRO B 131 -46.48 -19.48 -19.59
CA PRO B 131 -45.82 -19.65 -20.89
C PRO B 131 -45.41 -21.06 -21.28
N GLY B 132 -45.29 -21.96 -20.30
CA GLY B 132 -44.82 -23.31 -20.59
C GLY B 132 -43.35 -23.26 -20.98
N SER B 133 -42.95 -24.04 -21.99
CA SER B 133 -41.55 -24.03 -22.46
C SER B 133 -41.21 -22.82 -23.38
N GLY B 134 -42.23 -22.08 -23.81
CA GLY B 134 -42.07 -20.90 -24.67
C GLY B 134 -41.43 -19.72 -23.96
N PRO B 135 -40.80 -18.82 -24.73
CA PRO B 135 -40.13 -17.66 -24.10
C PRO B 135 -41.06 -16.51 -23.75
N GLY B 136 -42.11 -16.32 -24.54
CA GLY B 136 -43.02 -15.21 -24.34
C GLY B 136 -44.44 -15.56 -23.96
N LEU B 137 -45.35 -14.60 -24.18
CA LEU B 137 -46.76 -14.77 -23.84
C LEU B 137 -47.40 -15.80 -24.76
N SER B 138 -47.89 -16.90 -24.16
CA SER B 138 -48.52 -17.97 -24.93
C SER B 138 -49.82 -17.53 -25.60
N GLU B 139 -50.25 -18.26 -26.65
CA GLU B 139 -51.48 -17.95 -27.35
C GLU B 139 -52.71 -18.21 -26.48
N GLN B 140 -52.64 -19.22 -25.60
CA GLN B 140 -53.75 -19.49 -24.69
C GLN B 140 -53.88 -18.36 -23.67
N ASP B 141 -52.75 -17.80 -23.19
CA ASP B 141 -52.79 -16.67 -22.27
C ASP B 141 -53.40 -15.45 -22.93
N VAL B 142 -53.10 -15.19 -24.22
CA VAL B 142 -53.71 -14.07 -24.94
C VAL B 142 -55.24 -14.20 -24.98
N ARG B 143 -55.74 -15.41 -25.24
CA ARG B 143 -57.18 -15.65 -25.28
C ARG B 143 -57.82 -15.55 -23.89
N ASP B 144 -57.14 -16.09 -22.86
CA ASP B 144 -57.63 -16.05 -21.49
C ASP B 144 -57.66 -14.62 -20.94
N LEU B 145 -56.66 -13.81 -21.29
CA LEU B 145 -56.61 -12.41 -20.88
C LEU B 145 -57.73 -11.62 -21.55
N ARG B 146 -58.03 -11.92 -22.85
CA ARG B 146 -59.14 -11.28 -23.55
C ARG B 146 -60.47 -11.65 -22.88
N PHE B 147 -60.61 -12.94 -22.47
CA PHE B 147 -61.79 -13.42 -21.75
C PHE B 147 -61.97 -12.63 -20.45
N GLY B 148 -60.87 -12.41 -19.74
CA GLY B 148 -60.88 -11.66 -18.48
C GLY B 148 -61.40 -10.25 -18.63
N VAL B 149 -60.92 -9.54 -19.66
CA VAL B 149 -61.37 -8.17 -19.95
C VAL B 149 -62.86 -8.17 -20.30
N GLU B 150 -63.28 -9.11 -21.17
CA GLU B 150 -64.68 -9.20 -21.58
C GLU B 150 -65.61 -9.56 -20.44
N HIS B 151 -65.12 -10.32 -19.44
CA HIS B 151 -65.94 -10.66 -18.29
C HIS B 151 -65.76 -9.74 -17.07
N GLY B 152 -65.02 -8.64 -17.24
CA GLY B 152 -64.80 -7.65 -16.20
C GLY B 152 -64.08 -8.11 -14.95
N VAL B 153 -63.03 -8.93 -15.12
CA VAL B 153 -62.25 -9.37 -13.95
C VAL B 153 -61.50 -8.17 -13.36
N ASP B 154 -61.26 -8.21 -12.05
CA ASP B 154 -60.59 -7.12 -11.36
C ASP B 154 -59.08 -7.26 -11.33
N ILE B 155 -58.58 -8.50 -11.29
CA ILE B 155 -57.16 -8.80 -11.11
C ILE B 155 -56.71 -9.93 -12.00
N VAL B 156 -55.45 -9.89 -12.38
CA VAL B 156 -54.82 -10.98 -13.11
C VAL B 156 -53.61 -11.45 -12.29
N PHE B 157 -53.53 -12.75 -12.01
CA PHE B 157 -52.35 -13.33 -11.36
C PHE B 157 -51.57 -13.90 -12.55
N ALA B 158 -50.51 -13.22 -12.99
CA ALA B 158 -49.75 -13.67 -14.15
C ALA B 158 -48.72 -14.71 -13.78
N SER B 159 -48.88 -15.94 -14.29
CA SER B 159 -47.98 -17.06 -13.99
C SER B 159 -46.60 -16.93 -14.59
N PHE B 160 -45.59 -17.46 -13.89
CA PHE B 160 -44.19 -17.52 -14.30
C PHE B 160 -43.64 -16.19 -14.86
N VAL B 161 -43.76 -15.09 -14.09
CA VAL B 161 -43.18 -13.83 -14.52
C VAL B 161 -41.69 -13.91 -14.25
N ARG B 162 -40.86 -13.73 -15.28
CA ARG B 162 -39.41 -13.84 -15.17
C ARG B 162 -38.65 -12.55 -15.38
N LYS B 163 -39.30 -11.52 -15.94
CA LYS B 163 -38.67 -10.24 -16.24
C LYS B 163 -39.74 -9.18 -16.48
N ALA B 164 -39.35 -7.89 -16.49
CA ALA B 164 -40.29 -6.79 -16.69
C ALA B 164 -41.07 -6.87 -18.00
N SER B 165 -40.44 -7.35 -19.08
CA SER B 165 -41.12 -7.47 -20.37
C SER B 165 -42.26 -8.48 -20.37
N ASP B 166 -42.23 -9.46 -19.44
CA ASP B 166 -43.33 -10.41 -19.31
C ASP B 166 -44.59 -9.69 -18.84
N VAL B 167 -44.44 -8.72 -17.91
CA VAL B 167 -45.61 -8.00 -17.41
C VAL B 167 -46.07 -7.00 -18.48
N ALA B 168 -45.16 -6.38 -19.24
CA ALA B 168 -45.57 -5.48 -20.34
C ALA B 168 -46.39 -6.25 -21.38
N ALA B 169 -46.03 -7.53 -21.65
CA ALA B 169 -46.79 -8.36 -22.58
C ALA B 169 -48.18 -8.67 -22.04
N VAL B 170 -48.32 -8.92 -20.73
CA VAL B 170 -49.63 -9.17 -20.12
C VAL B 170 -50.48 -7.88 -20.21
N ARG B 171 -49.86 -6.74 -19.94
CA ARG B 171 -50.51 -5.43 -19.99
CA ARG B 171 -50.54 -5.45 -19.99
C ARG B 171 -51.02 -5.14 -21.40
N ALA B 172 -50.20 -5.43 -22.42
CA ALA B 172 -50.59 -5.21 -23.82
C ALA B 172 -51.74 -6.12 -24.21
N ALA B 173 -51.71 -7.40 -23.78
CA ALA B 173 -52.79 -8.35 -24.09
C ALA B 173 -54.12 -8.00 -23.43
N LEU B 174 -54.09 -7.19 -22.35
CA LEU B 174 -55.34 -6.74 -21.73
C LEU B 174 -56.05 -5.64 -22.58
N GLY B 175 -55.33 -5.04 -23.52
CA GLY B 175 -55.84 -4.02 -24.42
C GLY B 175 -56.18 -2.70 -23.76
N PRO B 176 -56.81 -1.79 -24.52
CA PRO B 176 -57.17 -0.49 -23.96
C PRO B 176 -58.29 -0.55 -22.94
N GLU B 177 -59.19 -1.56 -23.03
CA GLU B 177 -60.30 -1.67 -22.08
C GLU B 177 -59.94 -2.33 -20.74
N GLY B 178 -58.72 -2.87 -20.62
CA GLY B 178 -58.28 -3.52 -19.40
C GLY B 178 -57.21 -2.74 -18.65
N HIS B 179 -57.18 -1.41 -18.83
CA HIS B 179 -56.20 -0.54 -18.18
C HIS B 179 -56.35 -0.53 -16.65
N GLY B 180 -57.56 -0.69 -16.16
CA GLY B 180 -57.85 -0.67 -14.74
C GLY B 180 -57.60 -1.98 -14.00
N ILE B 181 -57.36 -3.08 -14.73
CA ILE B 181 -57.12 -4.39 -14.12
C ILE B 181 -55.76 -4.43 -13.42
N LYS B 182 -55.71 -4.92 -12.17
CA LYS B 182 -54.44 -5.03 -11.45
C LYS B 182 -53.67 -6.25 -11.90
N ILE B 183 -52.38 -6.12 -12.17
CA ILE B 183 -51.55 -7.26 -12.53
C ILE B 183 -50.67 -7.64 -11.34
N ILE B 184 -50.88 -8.84 -10.80
CA ILE B 184 -50.08 -9.40 -9.71
C ILE B 184 -49.17 -10.42 -10.33
N SER B 185 -47.85 -10.19 -10.33
CA SER B 185 -46.90 -11.10 -10.94
C SER B 185 -46.58 -12.26 -10.02
N LYS B 186 -46.70 -13.50 -10.52
CA LYS B 186 -46.35 -14.67 -9.74
C LYS B 186 -44.88 -14.98 -9.93
N ILE B 187 -44.11 -15.01 -8.81
CA ILE B 187 -42.68 -15.33 -8.86
C ILE B 187 -42.61 -16.83 -8.54
N GLU B 188 -42.21 -17.61 -9.55
CA GLU B 188 -42.23 -19.07 -9.46
C GLU B 188 -40.93 -19.76 -9.75
N ASN B 189 -39.85 -19.02 -10.07
CA ASN B 189 -38.57 -19.65 -10.38
C ASN B 189 -37.37 -18.78 -10.00
N HIS B 190 -36.16 -19.31 -10.20
CA HIS B 190 -34.95 -18.61 -9.85
C HIS B 190 -34.80 -17.25 -10.56
N GLU B 191 -35.12 -17.20 -11.86
CA GLU B 191 -35.00 -15.95 -12.60
C GLU B 191 -35.91 -14.85 -12.07
N GLY B 192 -37.16 -15.18 -11.75
CA GLY B 192 -38.10 -14.22 -11.18
C GLY B 192 -37.60 -13.68 -9.85
N VAL B 193 -36.97 -14.54 -9.03
CA VAL B 193 -36.42 -14.12 -7.75
C VAL B 193 -35.23 -13.17 -7.98
N LYS B 194 -34.34 -13.52 -8.89
CA LYS B 194 -33.18 -12.68 -9.21
C LYS B 194 -33.53 -11.34 -9.87
N ARG B 195 -34.56 -11.32 -10.69
CA ARG B 195 -35.01 -10.09 -11.35
C ARG B 195 -36.21 -9.45 -10.64
N PHE B 196 -36.41 -9.79 -9.35
CA PHE B 196 -37.53 -9.30 -8.56
C PHE B 196 -37.73 -7.79 -8.61
N ASP B 197 -36.67 -7.01 -8.39
CA ASP B 197 -36.79 -5.54 -8.36
C ASP B 197 -37.39 -4.95 -9.63
N GLU B 198 -36.95 -5.44 -10.81
CA GLU B 198 -37.48 -4.94 -12.07
C GLU B 198 -38.92 -5.38 -12.29
N ILE B 199 -39.28 -6.58 -11.81
CA ILE B 199 -40.64 -7.09 -11.95
C ILE B 199 -41.60 -6.29 -11.03
N LEU B 200 -41.19 -6.08 -9.78
CA LEU B 200 -42.02 -5.35 -8.82
C LEU B 200 -42.29 -3.92 -9.30
N GLU B 201 -41.27 -3.28 -9.88
CA GLU B 201 -41.38 -1.91 -10.39
C GLU B 201 -42.53 -1.73 -11.37
N VAL B 202 -42.77 -2.71 -12.25
CA VAL B 202 -43.83 -2.60 -13.25
C VAL B 202 -45.12 -3.35 -12.91
N SER B 203 -45.16 -4.09 -11.80
CA SER B 203 -46.37 -4.82 -11.41
C SER B 203 -47.16 -4.04 -10.39
N ASP B 204 -48.45 -4.36 -10.25
CA ASP B 204 -49.25 -3.78 -9.18
C ASP B 204 -48.98 -4.49 -7.82
N GLY B 205 -48.50 -5.74 -7.88
CA GLY B 205 -48.22 -6.55 -6.72
C GLY B 205 -47.55 -7.86 -7.09
N ILE B 206 -47.28 -8.70 -6.09
CA ILE B 206 -46.56 -9.95 -6.28
C ILE B 206 -47.27 -11.11 -5.62
N MET B 207 -47.13 -12.30 -6.20
CA MET B 207 -47.60 -13.51 -5.57
C MET B 207 -46.37 -14.42 -5.40
N VAL B 208 -46.13 -14.88 -4.17
CA VAL B 208 -45.05 -15.83 -3.88
C VAL B 208 -45.71 -17.19 -4.15
N ALA B 209 -45.48 -17.73 -5.34
CA ALA B 209 -46.11 -18.98 -5.77
C ALA B 209 -45.19 -20.10 -5.33
N ARG B 210 -45.37 -20.55 -4.08
CA ARG B 210 -44.47 -21.52 -3.47
C ARG B 210 -44.49 -22.91 -4.07
N GLY B 211 -45.56 -23.29 -4.74
CA GLY B 211 -45.66 -24.60 -5.37
C GLY B 211 -44.58 -24.81 -6.40
N ASP B 212 -44.56 -23.98 -7.46
CA ASP B 212 -43.51 -24.07 -8.48
C ASP B 212 -42.17 -23.63 -7.94
N LEU B 213 -42.14 -22.58 -7.09
CA LEU B 213 -40.88 -22.11 -6.51
C LEU B 213 -40.13 -23.24 -5.76
N GLY B 214 -40.87 -24.08 -5.02
CA GLY B 214 -40.32 -25.20 -4.27
C GLY B 214 -39.79 -26.36 -5.12
N ILE B 215 -40.08 -26.34 -6.43
CA ILE B 215 -39.59 -27.32 -7.41
C ILE B 215 -38.44 -26.69 -8.23
N GLU B 216 -38.50 -25.38 -8.49
CA GLU B 216 -37.51 -24.66 -9.27
C GLU B 216 -36.24 -24.37 -8.49
N ILE B 217 -36.38 -24.12 -7.18
CA ILE B 217 -35.24 -23.86 -6.29
C ILE B 217 -35.28 -24.89 -5.14
N PRO B 218 -34.18 -25.16 -4.42
CA PRO B 218 -34.24 -26.14 -3.31
C PRO B 218 -35.37 -25.80 -2.32
N ALA B 219 -36.15 -26.82 -1.93
CA ALA B 219 -37.30 -26.62 -1.05
C ALA B 219 -36.94 -25.89 0.25
N GLU B 220 -35.73 -26.14 0.78
CA GLU B 220 -35.30 -25.50 2.02
C GLU B 220 -34.98 -24.00 1.86
N LYS B 221 -35.02 -23.44 0.65
CA LYS B 221 -34.74 -22.04 0.39
C LYS B 221 -36.00 -21.22 0.13
N VAL B 222 -37.18 -21.86 -0.03
CA VAL B 222 -38.41 -21.13 -0.32
C VAL B 222 -38.74 -20.08 0.74
N PHE B 223 -38.56 -20.40 2.03
CA PHE B 223 -38.85 -19.43 3.09
C PHE B 223 -38.00 -18.15 2.94
N LEU B 224 -36.75 -18.26 2.42
CA LEU B 224 -35.90 -17.08 2.21
C LEU B 224 -36.50 -16.20 1.13
N ALA B 225 -36.93 -16.81 0.03
CA ALA B 225 -37.54 -16.08 -1.09
C ALA B 225 -38.83 -15.43 -0.63
N GLN B 226 -39.64 -16.14 0.16
CA GLN B 226 -40.90 -15.61 0.65
C GLN B 226 -40.67 -14.38 1.55
N LYS B 227 -39.77 -14.51 2.54
CA LYS B 227 -39.49 -13.41 3.45
C LYS B 227 -38.90 -12.20 2.76
N MET B 228 -37.98 -12.42 1.81
CA MET B 228 -37.38 -11.34 1.04
C MET B 228 -38.44 -10.59 0.19
N MET B 229 -39.29 -11.34 -0.53
CA MET B 229 -40.29 -10.71 -1.39
C MET B 229 -41.33 -9.98 -0.61
N ILE B 230 -41.75 -10.53 0.54
CA ILE B 230 -42.71 -9.85 1.39
C ILE B 230 -42.10 -8.54 1.94
N GLY B 231 -40.87 -8.59 2.41
CA GLY B 231 -40.17 -7.42 2.92
C GLY B 231 -40.03 -6.34 1.87
N ARG B 232 -39.65 -6.71 0.62
CA ARG B 232 -39.50 -5.73 -0.46
C ARG B 232 -40.83 -5.15 -0.90
N CYS B 233 -41.91 -5.94 -0.88
CA CYS B 233 -43.23 -5.42 -1.23
C CYS B 233 -43.73 -4.48 -0.15
N ASN B 234 -43.47 -4.81 1.13
CA ASN B 234 -43.87 -3.93 2.24
C ASN B 234 -43.10 -2.60 2.12
N LEU B 235 -41.81 -2.65 1.77
CA LEU B 235 -41.00 -1.48 1.58
C LEU B 235 -41.53 -0.61 0.42
N ALA B 236 -41.92 -1.26 -0.70
CA ALA B 236 -42.47 -0.57 -1.86
C ALA B 236 -43.92 -0.13 -1.68
N GLY B 237 -44.62 -0.62 -0.66
CA GLY B 237 -46.03 -0.30 -0.46
C GLY B 237 -46.92 -0.97 -1.51
N LYS B 238 -46.51 -2.15 -2.00
CA LYS B 238 -47.31 -2.89 -2.98
C LYS B 238 -47.81 -4.21 -2.40
N PRO B 239 -49.03 -4.65 -2.77
CA PRO B 239 -49.55 -5.90 -2.22
C PRO B 239 -48.72 -7.15 -2.51
N VAL B 240 -48.69 -8.07 -1.56
CA VAL B 240 -47.98 -9.32 -1.73
C VAL B 240 -48.89 -10.45 -1.23
N VAL B 241 -49.02 -11.50 -2.03
CA VAL B 241 -49.87 -12.64 -1.71
C VAL B 241 -48.99 -13.84 -1.37
N CYS B 242 -49.29 -14.53 -0.28
CA CYS B 242 -48.60 -15.78 0.03
C CYS B 242 -49.53 -16.90 -0.43
N ALA B 243 -49.02 -17.82 -1.23
CA ALA B 243 -49.85 -18.86 -1.81
C ALA B 243 -49.26 -20.27 -1.73
N THR B 244 -50.16 -21.29 -1.82
CA THR B 244 -49.92 -22.72 -2.04
C THR B 244 -49.55 -23.55 -0.83
N GLN B 245 -50.38 -24.59 -0.59
CA GLN B 245 -50.24 -25.58 0.45
C GLN B 245 -50.28 -25.01 1.85
N MET B 246 -50.96 -23.87 2.04
CA MET B 246 -51.07 -23.27 3.35
C MET B 246 -51.85 -24.14 4.31
N LEU B 247 -52.96 -24.75 3.85
CA LEU B 247 -53.78 -25.64 4.68
C LEU B 247 -54.05 -26.94 3.91
N GLU B 248 -53.04 -27.44 3.17
CA GLU B 248 -53.12 -28.61 2.30
C GLU B 248 -53.88 -29.81 2.86
N SER B 249 -53.61 -30.23 4.10
CA SER B 249 -54.28 -31.39 4.69
C SER B 249 -55.80 -31.20 4.81
N MET B 250 -56.29 -29.95 4.81
CA MET B 250 -57.73 -29.68 4.87
C MET B 250 -58.48 -30.03 3.57
N ILE B 251 -57.78 -30.48 2.52
CA ILE B 251 -58.41 -31.00 1.32
C ILE B 251 -59.20 -32.28 1.70
N THR B 252 -58.65 -33.12 2.61
CA THR B 252 -59.33 -34.34 3.05
C THR B 252 -59.73 -34.34 4.52
N LYS B 253 -59.07 -33.54 5.36
CA LYS B 253 -59.37 -33.54 6.79
C LYS B 253 -60.07 -32.28 7.28
N PRO B 254 -60.94 -32.39 8.30
CA PRO B 254 -61.65 -31.19 8.79
C PRO B 254 -60.80 -30.20 9.57
N ARG B 255 -59.63 -30.64 10.07
CA ARG B 255 -58.74 -29.81 10.87
C ARG B 255 -57.34 -29.83 10.25
N PRO B 256 -56.62 -28.70 10.26
CA PRO B 256 -55.28 -28.68 9.67
C PRO B 256 -54.19 -29.23 10.60
N THR B 257 -52.98 -29.42 10.07
CA THR B 257 -51.86 -29.87 10.91
C THR B 257 -51.31 -28.65 11.69
N ARG B 258 -50.43 -28.92 12.69
CA ARG B 258 -49.80 -27.85 13.44
C ARG B 258 -48.89 -27.01 12.54
N ALA B 259 -48.26 -27.63 11.52
CA ALA B 259 -47.39 -26.88 10.61
C ALA B 259 -48.19 -25.94 9.73
N GLU B 260 -49.39 -26.32 9.36
CA GLU B 260 -50.25 -25.50 8.51
C GLU B 260 -50.79 -24.27 9.19
N THR B 261 -51.22 -24.38 10.47
CA THR B 261 -51.69 -23.18 11.18
C THR B 261 -50.53 -22.23 11.39
N SER B 262 -49.34 -22.77 11.72
CA SER B 262 -48.14 -21.98 11.91
C SER B 262 -47.77 -21.26 10.60
N ASP B 263 -47.86 -21.94 9.46
CA ASP B 263 -47.53 -21.35 8.16
C ASP B 263 -48.44 -20.15 7.83
N VAL B 264 -49.74 -20.27 8.11
CA VAL B 264 -50.66 -19.17 7.86
C VAL B 264 -50.33 -17.99 8.79
N ALA B 265 -50.09 -18.28 10.08
CA ALA B 265 -49.79 -17.22 11.03
C ALA B 265 -48.49 -16.51 10.67
N ASN B 266 -47.48 -17.27 10.24
CA ASN B 266 -46.20 -16.71 9.89
C ASN B 266 -46.24 -15.91 8.59
N ALA B 267 -47.12 -16.25 7.64
CA ALA B 267 -47.24 -15.46 6.41
C ALA B 267 -47.79 -14.07 6.77
N VAL B 268 -48.80 -14.03 7.67
CA VAL B 268 -49.38 -12.77 8.15
C VAL B 268 -48.33 -11.97 8.94
N LEU B 269 -47.57 -12.65 9.85
CA LEU B 269 -46.54 -11.96 10.61
C LEU B 269 -45.39 -11.48 9.70
N ASP B 270 -45.09 -12.18 8.60
CA ASP B 270 -44.07 -11.76 7.65
C ASP B 270 -44.46 -10.43 6.99
N GLY B 271 -45.76 -10.18 6.81
CA GLY B 271 -46.27 -8.96 6.21
C GLY B 271 -47.12 -9.16 4.98
N ALA B 272 -47.59 -10.39 4.73
CA ALA B 272 -48.41 -10.66 3.54
C ALA B 272 -49.72 -9.87 3.57
N ASP B 273 -50.10 -9.27 2.44
CA ASP B 273 -51.38 -8.57 2.36
C ASP B 273 -52.54 -9.57 2.19
N CYS B 274 -52.31 -10.66 1.44
CA CYS B 274 -53.32 -11.70 1.19
C CYS B 274 -52.76 -13.09 1.42
N ILE B 275 -53.63 -14.01 1.77
CA ILE B 275 -53.29 -15.42 1.88
C ILE B 275 -54.26 -16.17 0.95
N MET B 276 -53.79 -17.29 0.38
CA MET B 276 -54.56 -17.99 -0.60
C MET B 276 -54.85 -19.45 -0.28
N LEU B 277 -55.97 -19.94 -0.81
CA LEU B 277 -56.41 -21.32 -0.73
C LEU B 277 -56.54 -21.79 -2.15
N SER B 278 -55.95 -22.95 -2.46
CA SER B 278 -56.00 -23.53 -3.79
CA SER B 278 -56.03 -23.51 -3.80
C SER B 278 -56.93 -24.78 -3.76
N GLY B 279 -56.36 -25.99 -3.67
CA GLY B 279 -57.12 -27.24 -3.58
C GLY B 279 -58.07 -27.29 -2.42
N GLU B 280 -57.71 -26.62 -1.31
CA GLU B 280 -58.54 -26.55 -0.11
C GLU B 280 -59.97 -26.05 -0.41
N THR B 281 -60.12 -25.16 -1.40
CA THR B 281 -61.45 -24.62 -1.74
C THR B 281 -61.92 -25.10 -3.09
N ALA B 282 -61.01 -25.33 -4.03
CA ALA B 282 -61.34 -25.76 -5.37
C ALA B 282 -61.88 -27.17 -5.43
N LYS B 283 -61.28 -28.11 -4.68
CA LYS B 283 -61.67 -29.51 -4.76
C LYS B 283 -61.82 -30.24 -3.44
N GLY B 284 -61.45 -29.61 -2.34
CA GLY B 284 -61.47 -30.29 -1.05
C GLY B 284 -62.84 -30.52 -0.46
N ASN B 285 -62.91 -31.40 0.52
CA ASN B 285 -64.16 -31.72 1.20
C ASN B 285 -64.59 -30.67 2.19
N PHE B 286 -63.72 -29.71 2.55
CA PHE B 286 -64.05 -28.71 3.55
C PHE B 286 -63.75 -27.28 3.07
N PRO B 287 -64.31 -26.81 1.93
CA PRO B 287 -64.00 -25.45 1.46
C PRO B 287 -64.34 -24.32 2.41
N VAL B 288 -65.53 -24.36 3.02
CA VAL B 288 -65.96 -23.31 3.93
C VAL B 288 -65.13 -23.34 5.21
N GLU B 289 -64.83 -24.55 5.71
CA GLU B 289 -64.01 -24.70 6.91
C GLU B 289 -62.58 -24.19 6.70
N ALA B 290 -62.03 -24.35 5.50
CA ALA B 290 -60.70 -23.87 5.18
C ALA B 290 -60.67 -22.33 5.22
N VAL B 291 -61.74 -21.68 4.70
CA VAL B 291 -61.86 -20.22 4.73
C VAL B 291 -61.97 -19.76 6.18
N LYS B 292 -62.80 -20.45 6.98
CA LYS B 292 -62.97 -20.10 8.38
C LYS B 292 -61.67 -20.26 9.17
N MET B 293 -60.86 -21.26 8.85
CA MET B 293 -59.59 -21.50 9.53
C MET B 293 -58.58 -20.41 9.17
N GLN B 294 -58.46 -20.03 7.88
CA GLN B 294 -57.60 -18.90 7.51
C GLN B 294 -58.08 -17.61 8.18
N HIS B 295 -59.40 -17.39 8.27
CA HIS B 295 -59.95 -16.21 8.91
C HIS B 295 -59.54 -16.17 10.38
N ALA B 296 -59.74 -17.30 11.11
CA ALA B 296 -59.42 -17.37 12.53
C ALA B 296 -57.93 -17.17 12.80
N ILE B 297 -57.06 -17.77 11.99
CA ILE B 297 -55.61 -17.62 12.19
C ILE B 297 -55.15 -16.21 11.88
N ALA B 298 -55.60 -15.64 10.76
CA ALA B 298 -55.22 -14.28 10.37
C ALA B 298 -55.60 -13.24 11.42
N ARG B 299 -56.79 -13.35 12.06
CA ARG B 299 -57.18 -12.42 13.13
C ARG B 299 -56.25 -12.53 14.34
N GLU B 300 -55.83 -13.75 14.71
CA GLU B 300 -54.93 -13.91 15.83
C GLU B 300 -53.56 -13.35 15.47
N ALA B 301 -53.07 -13.65 14.27
CA ALA B 301 -51.74 -13.22 13.84
C ALA B 301 -51.61 -11.73 13.64
N GLU B 302 -52.65 -11.07 13.14
CA GLU B 302 -52.62 -9.62 12.95
C GLU B 302 -52.44 -8.87 14.26
N ALA B 303 -53.10 -9.33 15.32
CA ALA B 303 -52.96 -8.71 16.63
C ALA B 303 -51.55 -8.92 17.20
N ALA B 304 -50.86 -10.02 16.79
CA ALA B 304 -49.51 -10.35 17.27
C ALA B 304 -48.40 -9.63 16.52
N VAL B 305 -48.72 -8.78 15.52
CA VAL B 305 -47.70 -8.03 14.79
C VAL B 305 -47.10 -6.99 15.77
N TYR B 306 -45.77 -6.84 15.78
CA TYR B 306 -45.12 -5.88 16.68
C TYR B 306 -45.10 -4.53 15.94
N HIS B 307 -46.23 -3.81 16.00
CA HIS B 307 -46.39 -2.53 15.30
C HIS B 307 -45.36 -1.49 15.64
N ARG B 308 -44.90 -1.46 16.89
CA ARG B 308 -43.93 -0.47 17.33
C ARG B 308 -42.66 -0.52 16.49
N GLN B 309 -42.13 -1.74 16.21
CA GLN B 309 -40.94 -1.84 15.39
C GLN B 309 -41.28 -1.67 13.93
N LEU B 310 -42.37 -2.29 13.48
CA LEU B 310 -42.77 -2.20 12.09
C LEU B 310 -42.98 -0.75 11.62
N PHE B 311 -43.72 0.06 12.37
CA PHE B 311 -43.99 1.45 12.01
C PHE B 311 -42.70 2.28 12.01
N GLU B 312 -41.85 2.09 13.02
CA GLU B 312 -40.55 2.75 13.11
C GLU B 312 -39.67 2.41 11.90
N GLU B 313 -39.62 1.12 11.51
CA GLU B 313 -38.81 0.69 10.37
C GLU B 313 -39.38 1.13 9.04
N LEU B 314 -40.70 1.18 8.89
CA LEU B 314 -41.33 1.66 7.64
C LEU B 314 -41.01 3.15 7.49
N ARG B 315 -40.97 3.94 8.59
CA ARG B 315 -40.62 5.38 8.56
C ARG B 315 -39.16 5.62 8.19
N ARG B 316 -38.25 4.86 8.81
CA ARG B 316 -36.83 5.00 8.55
C ARG B 316 -36.48 4.59 7.11
N ALA B 317 -37.08 3.51 6.61
CA ALA B 317 -36.75 3.00 5.28
C ALA B 317 -37.41 3.77 4.16
N ALA B 318 -38.57 4.37 4.42
CA ALA B 318 -39.29 5.08 3.39
C ALA B 318 -38.61 6.41 3.13
N PRO B 319 -38.42 6.75 1.85
CA PRO B 319 -37.81 8.05 1.55
C PRO B 319 -38.78 9.20 1.86
N LEU B 320 -38.24 10.41 2.05
CA LEU B 320 -39.06 11.60 2.26
C LEU B 320 -39.95 11.80 1.04
N SER B 321 -41.12 12.40 1.25
CA SER B 321 -42.05 12.56 0.15
C SER B 321 -42.65 13.90 0.09
N ARG B 322 -42.86 14.40 -1.11
CA ARG B 322 -43.54 15.68 -1.31
C ARG B 322 -44.96 15.45 -1.89
N ASP B 323 -45.43 14.20 -1.98
CA ASP B 323 -46.76 13.88 -2.44
C ASP B 323 -47.69 14.08 -1.25
N PRO B 324 -48.66 15.01 -1.34
CA PRO B 324 -49.55 15.25 -0.20
C PRO B 324 -50.37 14.03 0.26
N THR B 325 -50.71 13.09 -0.64
CA THR B 325 -51.45 11.89 -0.23
C THR B 325 -50.58 11.04 0.69
N GLU B 326 -49.29 10.92 0.37
CA GLU B 326 -48.36 10.15 1.17
C GLU B 326 -48.10 10.84 2.51
N VAL B 327 -47.94 12.18 2.51
CA VAL B 327 -47.71 12.95 3.73
C VAL B 327 -48.94 12.85 4.66
N THR B 328 -50.14 12.93 4.07
CA THR B 328 -51.36 12.83 4.86
C THR B 328 -51.51 11.43 5.45
N ALA B 329 -51.18 10.40 4.67
CA ALA B 329 -51.29 9.01 5.12
C ALA B 329 -50.44 8.71 6.35
N ILE B 330 -49.18 9.20 6.39
CA ILE B 330 -48.33 8.94 7.55
C ILE B 330 -48.81 9.74 8.75
N GLY B 331 -49.34 10.94 8.54
CA GLY B 331 -49.87 11.74 9.63
C GLY B 331 -51.12 11.10 10.20
N ALA B 332 -51.98 10.55 9.35
CA ALA B 332 -53.20 9.88 9.78
C ALA B 332 -52.91 8.61 10.57
N VAL B 333 -51.93 7.82 10.13
CA VAL B 333 -51.56 6.58 10.82
C VAL B 333 -50.93 6.91 12.16
N GLU B 334 -50.09 7.94 12.23
CA GLU B 334 -49.49 8.38 13.49
CA GLU B 334 -49.49 8.38 13.48
C GLU B 334 -50.59 8.83 14.45
N ALA B 335 -51.57 9.60 13.95
CA ALA B 335 -52.67 10.08 14.79
C ALA B 335 -53.53 8.90 15.30
N ALA B 336 -53.77 7.90 14.44
CA ALA B 336 -54.55 6.73 14.81
C ALA B 336 -53.88 5.93 15.95
N PHE B 337 -52.54 5.75 15.89
CA PHE B 337 -51.82 5.04 16.95
C PHE B 337 -51.87 5.84 18.26
N LYS B 338 -51.77 7.18 18.19
CA LYS B 338 -51.76 8.05 19.36
C LYS B 338 -53.03 7.94 20.20
N CYS B 339 -54.19 7.78 19.55
CA CYS B 339 -55.46 7.70 20.29
C CYS B 339 -56.10 6.34 20.29
N CYS B 340 -55.44 5.29 19.75
CA CYS B 340 -56.02 3.94 19.61
C CYS B 340 -57.31 4.04 18.80
N ALA B 341 -57.28 4.83 17.69
CA ALA B 341 -58.46 5.07 16.86
C ALA B 341 -59.06 3.76 16.39
N ALA B 342 -60.38 3.70 16.44
CA ALA B 342 -61.08 2.51 16.02
C ALA B 342 -60.95 2.31 14.50
N ALA B 343 -60.91 3.42 13.74
CA ALA B 343 -60.83 3.34 12.29
C ALA B 343 -60.27 4.63 11.68
N ILE B 344 -59.82 4.52 10.43
CA ILE B 344 -59.40 5.61 9.59
C ILE B 344 -60.39 5.54 8.42
N ILE B 345 -61.25 6.56 8.25
CA ILE B 345 -62.19 6.59 7.14
C ILE B 345 -61.58 7.41 6.03
N VAL B 346 -61.45 6.84 4.84
CA VAL B 346 -60.84 7.55 3.74
C VAL B 346 -61.75 7.53 2.51
N LEU B 347 -61.85 8.68 1.83
CA LEU B 347 -62.59 8.81 0.59
C LEU B 347 -61.58 8.53 -0.51
N THR B 348 -61.92 7.63 -1.46
CA THR B 348 -60.98 7.28 -2.52
C THR B 348 -61.71 6.94 -3.82
N THR B 349 -61.14 7.34 -4.95
CA THR B 349 -61.75 7.07 -6.25
C THR B 349 -61.15 5.80 -6.83
N THR B 350 -59.82 5.69 -6.81
CA THR B 350 -59.07 4.55 -7.37
C THR B 350 -58.60 3.55 -6.31
N GLY B 351 -58.65 3.90 -5.05
CA GLY B 351 -58.12 3.05 -3.97
C GLY B 351 -56.74 3.49 -3.50
N ARG B 352 -56.06 4.38 -4.25
CA ARG B 352 -54.70 4.82 -3.92
C ARG B 352 -54.54 5.44 -2.52
N SER B 353 -55.46 6.31 -2.06
CA SER B 353 -55.32 6.92 -0.75
C SER B 353 -55.42 5.84 0.35
N ALA B 354 -56.27 4.82 0.15
CA ALA B 354 -56.42 3.73 1.11
C ALA B 354 -55.13 2.87 1.11
N GLN B 355 -54.55 2.63 -0.07
CA GLN B 355 -53.31 1.87 -0.22
C GLN B 355 -52.14 2.55 0.51
N LEU B 356 -52.06 3.90 0.43
CA LEU B 356 -50.98 4.62 1.10
C LEU B 356 -51.13 4.61 2.63
N LEU B 357 -52.35 4.48 3.14
CA LEU B 357 -52.57 4.34 4.56
C LEU B 357 -52.15 2.91 4.98
N SER B 358 -52.59 1.91 4.20
CA SER B 358 -52.32 0.50 4.39
C SER B 358 -50.81 0.17 4.45
N ARG B 359 -49.97 0.87 3.67
CA ARG B 359 -48.53 0.62 3.65
C ARG B 359 -47.85 0.89 5.00
N TYR B 360 -48.46 1.73 5.85
CA TYR B 360 -47.91 2.01 7.19
C TYR B 360 -48.41 1.05 8.25
N ARG B 361 -49.22 0.06 7.85
CA ARG B 361 -49.74 -0.99 8.69
C ARG B 361 -50.41 -0.46 9.95
N PRO B 362 -51.43 0.41 9.85
CA PRO B 362 -52.12 0.85 11.06
C PRO B 362 -52.85 -0.32 11.70
N ARG B 363 -53.01 -0.25 13.01
CA ARG B 363 -53.80 -1.22 13.73
C ARG B 363 -55.32 -0.86 13.49
N ALA B 364 -55.65 0.45 13.32
CA ALA B 364 -57.00 0.90 13.03
C ALA B 364 -57.42 0.40 11.64
N ALA B 365 -58.68 -0.05 11.51
CA ALA B 365 -59.23 -0.48 10.21
C ALA B 365 -59.28 0.71 9.26
N VAL B 366 -58.96 0.51 7.99
CA VAL B 366 -59.04 1.57 7.00
C VAL B 366 -60.36 1.34 6.26
N ILE B 367 -61.37 2.15 6.55
CA ILE B 367 -62.67 2.06 5.91
C ILE B 367 -62.64 2.94 4.66
N ALA B 368 -62.61 2.34 3.48
CA ALA B 368 -62.51 3.10 2.25
C ALA B 368 -63.88 3.30 1.60
N VAL B 369 -64.34 4.57 1.53
CA VAL B 369 -65.63 4.89 0.93
C VAL B 369 -65.40 5.30 -0.51
N THR B 370 -65.97 4.56 -1.44
CA THR B 370 -65.79 4.80 -2.86
C THR B 370 -67.09 4.62 -3.63
N ARG B 371 -67.20 5.29 -4.78
CA ARG B 371 -68.31 5.11 -5.72
C ARG B 371 -67.92 4.05 -6.79
N SER B 372 -66.62 3.75 -6.94
CA SER B 372 -66.16 2.81 -7.93
C SER B 372 -66.33 1.37 -7.41
N ALA B 373 -67.21 0.58 -8.06
CA ALA B 373 -67.41 -0.82 -7.69
C ALA B 373 -66.10 -1.62 -7.91
N GLN B 374 -65.35 -1.30 -8.97
CA GLN B 374 -64.10 -1.97 -9.25
C GLN B 374 -63.03 -1.65 -8.20
N ALA B 375 -62.90 -0.37 -7.80
CA ALA B 375 -61.92 -0.01 -6.78
C ALA B 375 -62.28 -0.69 -5.46
N ALA B 376 -63.58 -0.81 -5.13
CA ALA B 376 -64.03 -1.46 -3.91
C ALA B 376 -63.59 -2.94 -3.90
N ARG B 377 -63.63 -3.61 -5.06
CA ARG B 377 -63.20 -4.99 -5.15
C ARG B 377 -61.68 -5.08 -5.09
N GLN B 378 -60.97 -4.22 -5.81
CA GLN B 378 -59.52 -4.26 -5.86
C GLN B 378 -58.80 -3.88 -4.58
N VAL B 379 -59.42 -3.04 -3.71
CA VAL B 379 -58.73 -2.66 -2.46
C VAL B 379 -58.56 -3.84 -1.50
N HIS B 380 -59.24 -4.98 -1.74
CA HIS B 380 -59.02 -6.18 -0.94
C HIS B 380 -57.55 -6.65 -1.05
N LEU B 381 -56.81 -6.23 -2.08
CA LEU B 381 -55.39 -6.57 -2.20
C LEU B 381 -54.53 -5.91 -1.10
N CYS B 382 -55.02 -4.82 -0.47
CA CYS B 382 -54.28 -4.07 0.53
C CYS B 382 -54.70 -4.44 1.91
N ARG B 383 -53.73 -4.85 2.74
CA ARG B 383 -54.04 -5.24 4.09
C ARG B 383 -54.77 -4.17 4.90
N GLY B 384 -55.85 -4.56 5.55
CA GLY B 384 -56.56 -3.68 6.46
C GLY B 384 -57.48 -2.67 5.83
N VAL B 385 -57.77 -2.83 4.52
CA VAL B 385 -58.71 -1.95 3.84
C VAL B 385 -60.08 -2.64 3.72
N PHE B 386 -61.13 -2.00 4.26
CA PHE B 386 -62.50 -2.46 4.27
C PHE B 386 -63.30 -1.56 3.33
N PRO B 387 -63.58 -2.05 2.12
CA PRO B 387 -64.30 -1.21 1.15
C PRO B 387 -65.80 -1.07 1.39
N LEU B 388 -66.30 0.16 1.27
CA LEU B 388 -67.73 0.47 1.36
C LEU B 388 -68.11 1.13 0.06
N LEU B 389 -69.06 0.52 -0.66
CA LEU B 389 -69.49 1.05 -1.93
C LEU B 389 -70.64 2.02 -1.70
N TYR B 390 -70.44 3.30 -2.02
CA TYR B 390 -71.41 4.37 -1.87
C TYR B 390 -72.24 4.43 -3.15
N ARG B 391 -73.57 4.25 -3.04
CA ARG B 391 -74.42 4.19 -4.23
C ARG B 391 -75.28 5.47 -4.46
N GLU B 392 -75.30 6.41 -3.52
CA GLU B 392 -76.10 7.62 -3.65
C GLU B 392 -75.63 8.57 -4.75
N PRO B 393 -76.59 9.28 -5.39
CA PRO B 393 -76.21 10.27 -6.40
C PRO B 393 -75.54 11.50 -5.77
N PRO B 394 -74.69 12.20 -6.53
CA PRO B 394 -73.98 13.36 -5.97
C PRO B 394 -74.85 14.53 -5.52
N GLU B 395 -74.46 15.16 -4.43
CA GLU B 395 -75.08 16.36 -3.89
C GLU B 395 -74.67 17.54 -4.79
N ALA B 396 -75.47 18.62 -4.81
CA ALA B 396 -75.17 19.79 -5.63
C ALA B 396 -73.89 20.47 -5.14
N ILE B 397 -73.73 20.58 -3.83
CA ILE B 397 -72.54 21.19 -3.25
C ILE B 397 -71.54 20.06 -2.94
N TRP B 398 -70.34 20.12 -3.54
CA TRP B 398 -69.30 19.11 -3.38
C TRP B 398 -68.92 18.86 -1.91
N ALA B 399 -68.78 19.91 -1.09
CA ALA B 399 -68.46 19.74 0.34
C ALA B 399 -69.53 18.95 1.08
N ASP B 400 -70.80 19.11 0.68
CA ASP B 400 -71.92 18.36 1.28
C ASP B 400 -71.85 16.91 0.85
N ASP B 401 -71.46 16.64 -0.39
CA ASP B 401 -71.33 15.30 -0.91
C ASP B 401 -70.18 14.54 -0.18
N VAL B 402 -69.08 15.26 0.11
CA VAL B 402 -67.93 14.72 0.85
C VAL B 402 -68.41 14.36 2.25
N ASP B 403 -69.08 15.30 2.92
CA ASP B 403 -69.62 15.07 4.26
C ASP B 403 -70.57 13.89 4.34
N ARG B 404 -71.45 13.72 3.34
CA ARG B 404 -72.37 12.58 3.33
C ARG B 404 -71.64 11.27 3.24
N ARG B 405 -70.57 11.21 2.44
CA ARG B 405 -69.78 10.00 2.29
C ARG B 405 -69.06 9.67 3.59
N VAL B 406 -68.58 10.68 4.32
CA VAL B 406 -67.91 10.47 5.60
C VAL B 406 -68.93 9.92 6.61
N GLN B 407 -70.14 10.52 6.63
CA GLN B 407 -71.21 10.07 7.53
C GLN B 407 -71.65 8.66 7.20
N PHE B 408 -71.67 8.27 5.91
CA PHE B 408 -71.98 6.91 5.47
C PHE B 408 -70.96 5.94 6.06
N GLY B 409 -69.69 6.33 6.07
CA GLY B 409 -68.60 5.54 6.63
C GLY B 409 -68.75 5.38 8.12
N ILE B 410 -69.18 6.44 8.82
CA ILE B 410 -69.38 6.41 10.27
C ILE B 410 -70.59 5.57 10.67
N GLU B 411 -71.72 5.77 9.97
CA GLU B 411 -72.94 5.02 10.22
C GLU B 411 -72.79 3.56 9.86
N SER B 412 -72.07 3.26 8.77
CA SER B 412 -71.82 1.87 8.42
C SER B 412 -70.84 1.27 9.44
N GLY B 413 -69.86 2.04 9.88
CA GLY B 413 -68.90 1.60 10.89
C GLY B 413 -69.57 1.21 12.19
N LYS B 414 -70.61 1.97 12.58
CA LYS B 414 -71.38 1.70 13.79
C LYS B 414 -72.23 0.46 13.60
N LEU B 415 -72.91 0.35 12.45
CA LEU B 415 -73.75 -0.80 12.14
C LEU B 415 -72.95 -2.09 12.10
N ARG B 416 -71.74 -2.08 11.50
CA ARG B 416 -70.92 -3.29 11.40
C ARG B 416 -70.10 -3.64 12.64
N GLY B 417 -70.12 -2.81 13.67
CA GLY B 417 -69.38 -3.09 14.88
C GLY B 417 -67.96 -2.53 14.93
N PHE B 418 -67.50 -1.86 13.85
CA PHE B 418 -66.16 -1.25 13.84
C PHE B 418 -66.11 -0.05 14.79
N LEU B 419 -67.21 0.69 14.92
CA LEU B 419 -67.25 1.91 15.72
C LEU B 419 -68.32 1.94 16.79
N ARG B 420 -67.99 2.56 17.90
CA ARG B 420 -68.88 2.76 19.05
C ARG B 420 -68.88 4.24 19.44
N VAL B 421 -69.94 4.70 20.12
CA VAL B 421 -70.01 6.06 20.62
C VAL B 421 -68.86 6.28 21.62
N GLY B 422 -68.14 7.38 21.48
CA GLY B 422 -66.98 7.65 22.30
C GLY B 422 -65.67 7.33 21.59
N ASP B 423 -65.72 6.52 20.51
CA ASP B 423 -64.52 6.21 19.74
C ASP B 423 -64.00 7.46 19.05
N LEU B 424 -62.70 7.45 18.76
CA LEU B 424 -62.10 8.48 17.93
C LEU B 424 -61.84 7.81 16.59
N VAL B 425 -62.10 8.55 15.52
CA VAL B 425 -61.85 8.10 14.17
C VAL B 425 -61.01 9.18 13.46
N ILE B 426 -60.18 8.75 12.51
CA ILE B 426 -59.39 9.67 11.71
C ILE B 426 -60.06 9.71 10.37
N VAL B 427 -60.32 10.89 9.82
CA VAL B 427 -60.99 11.02 8.52
C VAL B 427 -60.03 11.63 7.51
N VAL B 428 -59.84 10.97 6.38
CA VAL B 428 -58.92 11.39 5.35
C VAL B 428 -59.69 11.75 4.06
N THR B 429 -59.60 13.03 3.66
CA THR B 429 -60.28 13.58 2.47
C THR B 429 -59.27 14.48 1.68
N GLY B 430 -59.72 15.04 0.56
CA GLY B 430 -58.95 15.94 -0.27
C GLY B 430 -59.59 17.32 -0.39
N TRP B 431 -58.89 18.25 -1.02
CA TRP B 431 -59.34 19.63 -1.09
C TRP B 431 -60.19 19.96 -2.35
N ARG B 432 -60.19 19.06 -3.36
CA ARG B 432 -60.98 19.25 -4.58
C ARG B 432 -61.41 17.87 -5.16
N PRO B 433 -62.43 17.83 -6.05
CA PRO B 433 -62.85 16.55 -6.61
C PRO B 433 -61.80 15.90 -7.49
N GLY B 434 -61.95 14.61 -7.74
CA GLY B 434 -61.03 13.88 -8.59
C GLY B 434 -59.92 13.20 -7.80
N SER B 435 -59.32 12.18 -8.40
CA SER B 435 -58.23 11.39 -7.85
C SER B 435 -56.94 12.21 -7.71
N GLY B 436 -56.16 11.96 -6.66
CA GLY B 436 -54.86 12.58 -6.48
C GLY B 436 -54.75 13.80 -5.59
N TYR B 437 -55.86 14.24 -4.96
CA TYR B 437 -55.84 15.46 -4.16
C TYR B 437 -56.05 15.28 -2.67
N THR B 438 -55.83 14.06 -2.14
CA THR B 438 -55.97 13.81 -0.70
C THR B 438 -54.91 14.63 0.02
N ASN B 439 -55.30 15.46 0.97
CA ASN B 439 -54.34 16.30 1.72
C ASN B 439 -54.87 16.68 3.11
N ILE B 440 -55.98 16.10 3.56
CA ILE B 440 -56.60 16.48 4.81
C ILE B 440 -56.81 15.32 5.76
N MET B 441 -56.48 15.53 7.02
CA MET B 441 -56.72 14.56 8.05
CA MET B 441 -56.67 14.57 8.08
C MET B 441 -57.47 15.24 9.20
N ARG B 442 -58.55 14.63 9.66
CA ARG B 442 -59.35 15.18 10.74
C ARG B 442 -59.57 14.16 11.85
N VAL B 443 -59.61 14.62 13.09
CA VAL B 443 -59.87 13.74 14.22
C VAL B 443 -61.31 13.99 14.64
N LEU B 444 -62.14 12.95 14.55
CA LEU B 444 -63.55 13.07 14.92
CA LEU B 444 -63.56 13.07 14.90
C LEU B 444 -63.96 12.15 16.05
N SER B 445 -64.78 12.66 16.98
CA SER B 445 -65.27 11.87 18.10
C SER B 445 -66.64 11.34 17.72
N ILE B 446 -66.88 10.03 17.86
CA ILE B 446 -68.15 9.43 17.48
C ILE B 446 -69.25 9.71 18.51
N SER B 447 -70.35 10.30 18.06
CA SER B 447 -71.47 10.62 18.96
C SER B 447 -72.73 9.83 18.57
N GLU C 21 -24.87 -9.86 48.57
CA GLU C 21 -25.17 -9.08 47.37
C GLU C 21 -24.62 -7.63 47.46
N LEU C 22 -25.04 -6.70 46.56
CA LEU C 22 -24.51 -5.34 46.56
C LEU C 22 -25.31 -4.34 47.40
N GLY C 23 -26.61 -4.58 47.56
CA GLY C 23 -27.47 -3.69 48.34
C GLY C 23 -28.12 -2.58 47.55
N THR C 24 -29.23 -2.04 48.08
CA THR C 24 -29.95 -0.95 47.42
C THR C 24 -29.17 0.35 47.42
N ALA C 25 -28.29 0.56 48.42
CA ALA C 25 -27.48 1.77 48.50
C ALA C 25 -26.52 1.87 47.32
N PHE C 26 -25.94 0.73 46.89
CA PHE C 26 -25.04 0.67 45.75
C PHE C 26 -25.73 1.21 44.48
N PHE C 27 -26.97 0.78 44.26
CA PHE C 27 -27.74 1.16 43.08
C PHE C 27 -28.32 2.58 43.12
N GLN C 28 -28.14 3.32 44.22
CA GLN C 28 -28.60 4.69 44.29
C GLN C 28 -27.46 5.69 43.96
N GLN C 29 -26.19 5.28 44.20
CA GLN C 29 -25.01 6.09 43.94
C GLN C 29 -24.63 6.10 42.46
N GLN C 30 -23.63 6.95 42.10
CA GLN C 30 -23.02 7.12 40.79
C GLN C 30 -24.03 7.16 39.63
N GLN C 31 -25.17 7.82 39.84
CA GLN C 31 -26.23 7.96 38.86
C GLN C 31 -26.69 6.63 38.26
N LEU C 32 -26.62 5.52 39.05
CA LEU C 32 -27.05 4.22 38.55
C LEU C 32 -28.53 4.17 38.14
N PRO C 33 -29.50 4.84 38.82
CA PRO C 33 -30.87 4.89 38.28
C PRO C 33 -30.90 5.51 36.86
N ALA C 34 -30.14 6.61 36.60
CA ALA C 34 -30.08 7.21 35.27
C ALA C 34 -29.36 6.30 34.26
N ALA C 35 -28.38 5.52 34.74
CA ALA C 35 -27.64 4.58 33.90
C ALA C 35 -28.51 3.46 33.35
N MET C 36 -29.50 3.01 34.12
CA MET C 36 -30.38 1.92 33.68
C MET C 36 -31.53 2.37 32.77
N ALA C 37 -31.67 3.67 32.50
CA ALA C 37 -32.78 4.16 31.69
C ALA C 37 -32.76 3.60 30.28
N ASP C 38 -33.95 3.46 29.68
CA ASP C 38 -34.09 2.88 28.35
C ASP C 38 -33.93 3.88 27.21
N THR C 39 -34.00 5.18 27.51
CA THR C 39 -33.79 6.23 26.50
C THR C 39 -32.88 7.31 27.10
N PHE C 40 -32.27 8.13 26.24
CA PHE C 40 -31.44 9.24 26.68
C PHE C 40 -32.30 10.27 27.42
N LEU C 41 -33.52 10.51 26.95
CA LEU C 41 -34.43 11.44 27.61
C LEU C 41 -34.76 10.99 29.04
N GLU C 42 -35.10 9.70 29.23
CA GLU C 42 -35.37 9.14 30.56
CA GLU C 42 -35.38 9.19 30.57
C GLU C 42 -34.11 9.22 31.43
N HIS C 43 -32.92 9.02 30.83
CA HIS C 43 -31.64 9.09 31.53
C HIS C 43 -31.47 10.50 32.11
N LEU C 44 -31.75 11.55 31.31
CA LEU C 44 -31.65 12.94 31.81
C LEU C 44 -32.62 13.18 32.97
N CYS C 45 -33.87 12.70 32.83
CA CYS C 45 -34.93 12.86 33.84
C CYS C 45 -34.56 12.21 35.16
N LEU C 46 -33.74 11.15 35.14
CA LEU C 46 -33.35 10.42 36.33
C LEU C 46 -32.05 10.89 36.99
N LEU C 47 -31.37 11.92 36.42
CA LEU C 47 -30.14 12.45 37.02
C LEU C 47 -30.50 13.08 38.37
N ASP C 48 -29.68 12.80 39.38
CA ASP C 48 -30.01 13.19 40.75
C ASP C 48 -28.83 13.89 41.42
N ILE C 49 -29.04 15.11 41.91
CA ILE C 49 -28.00 15.85 42.62
C ILE C 49 -27.59 15.14 43.93
N ASP C 50 -28.42 14.26 44.48
CA ASP C 50 -28.08 13.51 45.71
C ASP C 50 -27.41 12.16 45.44
N SER C 51 -27.25 11.76 44.17
CA SER C 51 -26.59 10.50 43.83
C SER C 51 -25.08 10.80 43.78
N GLU C 52 -24.34 10.39 44.81
CA GLU C 52 -22.93 10.72 44.90
C GLU C 52 -22.01 9.91 44.02
N PRO C 53 -20.99 10.58 43.44
CA PRO C 53 -20.02 9.83 42.62
C PRO C 53 -19.16 8.92 43.50
N VAL C 54 -18.85 7.71 43.03
CA VAL C 54 -18.03 6.79 43.81
C VAL C 54 -16.74 6.49 43.08
N ALA C 55 -16.81 6.30 41.76
CA ALA C 55 -15.62 6.01 40.96
C ALA C 55 -14.59 7.12 41.03
N ALA C 56 -13.32 6.75 40.84
CA ALA C 56 -12.22 7.70 40.77
C ALA C 56 -12.42 8.55 39.49
N ARG C 57 -11.98 9.80 39.54
CA ARG C 57 -12.09 10.72 38.41
C ARG C 57 -11.24 10.21 37.25
N SER C 58 -11.89 9.99 36.12
CA SER C 58 -11.26 9.39 34.96
C SER C 58 -10.76 10.38 33.90
N THR C 59 -11.27 11.62 33.82
CA THR C 59 -10.80 12.61 32.82
C THR C 59 -9.54 13.29 33.38
N SER C 60 -8.43 13.28 32.65
CA SER C 60 -7.20 13.88 33.15
C SER C 60 -7.24 15.38 33.10
N ILE C 61 -6.53 16.01 34.05
CA ILE C 61 -6.46 17.44 34.12
C ILE C 61 -5.08 17.86 33.69
N ILE C 62 -5.02 18.75 32.70
CA ILE C 62 -3.75 19.29 32.23
C ILE C 62 -3.68 20.70 32.81
N ALA C 63 -2.62 21.01 33.55
CA ALA C 63 -2.47 22.35 34.11
C ALA C 63 -1.24 23.01 33.49
N THR C 64 -1.37 24.26 33.11
CA THR C 64 -0.26 25.01 32.51
C THR C 64 0.64 25.54 33.64
N ILE C 65 1.93 25.20 33.60
CA ILE C 65 2.87 25.66 34.62
C ILE C 65 3.47 27.00 34.22
N GLY C 66 3.29 27.99 35.09
CA GLY C 66 3.80 29.34 34.89
C GLY C 66 4.14 29.99 36.21
N PRO C 67 4.24 31.33 36.24
CA PRO C 67 4.62 32.02 37.49
C PRO C 67 3.77 31.69 38.71
N ALA C 68 2.47 31.46 38.53
CA ALA C 68 1.59 31.16 39.66
C ALA C 68 1.64 29.71 40.13
N SER C 69 2.30 28.81 39.39
CA SER C 69 2.27 27.39 39.71
C SER C 69 3.61 26.70 39.56
N ARG C 70 4.69 27.44 39.70
CA ARG C 70 6.03 26.93 39.45
C ARG C 70 6.78 26.37 40.63
N SER C 71 6.48 26.88 41.83
CA SER C 71 7.20 26.46 43.02
C SER C 71 6.89 25.02 43.37
N VAL C 72 7.88 24.32 43.95
CA VAL C 72 7.75 22.92 44.36
C VAL C 72 6.59 22.75 45.33
N GLU C 73 6.44 23.69 46.30
CA GLU C 73 5.34 23.60 47.26
C GLU C 73 3.97 23.75 46.60
N ARG C 74 3.85 24.67 45.68
CA ARG C 74 2.62 24.90 44.94
C ARG C 74 2.31 23.70 44.04
N LEU C 75 3.31 23.12 43.39
CA LEU C 75 3.16 21.94 42.55
C LEU C 75 2.71 20.71 43.33
N LYS C 76 3.16 20.58 44.59
CA LYS C 76 2.72 19.46 45.42
C LYS C 76 1.22 19.60 45.70
N GLU C 77 0.73 20.83 45.94
CA GLU C 77 -0.69 21.06 46.17
C GLU C 77 -1.49 20.79 44.91
N MET C 78 -0.93 21.11 43.71
CA MET C 78 -1.62 20.86 42.45
CA MET C 78 -1.62 20.86 42.45
C MET C 78 -1.69 19.38 42.13
N ILE C 79 -0.66 18.61 42.51
CA ILE C 79 -0.66 17.17 42.30
C ILE C 79 -1.73 16.56 43.22
N LYS C 80 -1.81 17.03 44.48
CA LYS C 80 -2.82 16.53 45.42
C LYS C 80 -4.24 16.93 45.01
N ALA C 81 -4.38 18.09 44.38
CA ALA C 81 -5.68 18.52 43.90
C ALA C 81 -6.15 17.73 42.65
N GLY C 82 -5.25 17.07 41.94
CA GLY C 82 -5.60 16.25 40.79
C GLY C 82 -4.90 16.48 39.47
N MET C 83 -3.90 17.37 39.41
CA MET C 83 -3.15 17.57 38.17
C MET C 83 -2.46 16.27 37.69
N ASN C 84 -2.71 15.87 36.42
CA ASN C 84 -2.11 14.64 35.87
C ASN C 84 -1.03 14.95 34.83
N ILE C 85 -1.17 16.09 34.11
CA ILE C 85 -0.26 16.51 33.07
C ILE C 85 0.13 17.94 33.28
N ALA C 86 1.42 18.22 33.23
CA ALA C 86 1.95 19.58 33.38
C ALA C 86 2.28 20.09 31.99
N ARG C 87 1.67 21.19 31.60
CA ARG C 87 1.89 21.77 30.28
C ARG C 87 2.87 22.95 30.36
N LEU C 88 3.89 22.95 29.49
CA LEU C 88 4.82 24.06 29.41
C LEU C 88 4.54 24.77 28.10
N ASN C 89 4.12 26.03 28.17
CA ASN C 89 3.79 26.79 26.98
C ASN C 89 5.01 27.48 26.46
N PHE C 90 5.55 26.99 25.34
CA PHE C 90 6.75 27.58 24.75
C PHE C 90 6.48 28.87 23.97
N SER C 91 5.23 29.39 23.97
CA SER C 91 4.97 30.71 23.44
C SER C 91 5.55 31.78 24.40
N HIS C 92 5.82 31.44 25.68
CA HIS C 92 6.34 32.34 26.69
C HIS C 92 7.58 31.73 27.36
N GLY C 93 8.31 32.53 28.13
CA GLY C 93 9.48 32.08 28.88
C GLY C 93 10.64 31.71 28.00
N SER C 94 11.65 31.09 28.56
CA SER C 94 12.84 30.66 27.81
C SER C 94 13.10 29.17 28.09
N HIS C 95 14.11 28.58 27.43
CA HIS C 95 14.50 27.19 27.69
C HIS C 95 14.91 27.02 29.15
N GLU C 96 15.67 27.98 29.69
CA GLU C 96 16.12 27.92 31.08
C GLU C 96 14.94 27.97 32.04
N TYR C 97 13.97 28.84 31.76
CA TYR C 97 12.80 28.99 32.59
C TYR C 97 11.98 27.67 32.60
N HIS C 98 11.70 27.10 31.43
CA HIS C 98 10.96 25.85 31.31
C HIS C 98 11.72 24.65 31.87
N ALA C 99 13.06 24.64 31.77
CA ALA C 99 13.85 23.54 32.37
C ALA C 99 13.69 23.58 33.88
N GLU C 100 13.64 24.79 34.49
CA GLU C 100 13.45 24.94 35.93
CA GLU C 100 13.46 24.91 35.93
C GLU C 100 12.05 24.46 36.32
N SER C 101 11.03 24.82 35.53
CA SER C 101 9.67 24.37 35.77
C SER C 101 9.58 22.82 35.72
N ILE C 102 10.19 22.18 34.72
CA ILE C 102 10.24 20.71 34.61
C ILE C 102 10.93 20.09 35.84
N ALA C 103 12.10 20.62 36.25
CA ALA C 103 12.79 20.11 37.43
C ALA C 103 11.91 20.22 38.70
N ASN C 104 11.16 21.33 38.86
CA ASN C 104 10.29 21.49 40.02
C ASN C 104 9.13 20.52 39.96
N VAL C 105 8.57 20.25 38.75
CA VAL C 105 7.50 19.27 38.62
C VAL C 105 8.01 17.90 39.04
N ARG C 106 9.16 17.48 38.51
CA ARG C 106 9.73 16.18 38.87
C ARG C 106 10.09 16.07 40.36
N GLU C 107 10.54 17.17 40.96
CA GLU C 107 10.85 17.18 42.40
C GLU C 107 9.54 17.04 43.19
N ALA C 108 8.48 17.77 42.81
CA ALA C 108 7.20 17.65 43.49
C ALA C 108 6.61 16.26 43.34
N VAL C 109 6.71 15.64 42.14
CA VAL C 109 6.18 14.29 41.88
C VAL C 109 6.93 13.26 42.73
N GLU C 110 8.27 13.36 42.74
CA GLU C 110 9.08 12.40 43.48
C GLU C 110 9.01 12.54 45.00
N SER C 111 8.49 13.65 45.51
CA SER C 111 8.31 13.81 46.95
C SER C 111 7.25 12.85 47.54
N PHE C 112 6.43 12.22 46.69
CA PHE C 112 5.41 11.26 47.10
C PHE C 112 5.82 9.81 46.83
N ALA C 113 7.07 9.55 46.44
CA ALA C 113 7.49 8.16 46.19
C ALA C 113 7.51 7.28 47.48
N GLY C 114 7.57 7.91 48.66
CA GLY C 114 7.57 7.21 49.94
C GLY C 114 6.23 6.61 50.36
N SER C 115 5.16 6.89 49.61
CA SER C 115 3.82 6.36 49.91
C SER C 115 3.06 5.96 48.65
N PRO C 116 2.77 4.65 48.51
CA PRO C 116 2.01 4.18 47.33
C PRO C 116 0.63 4.83 47.18
N LEU C 117 0.01 5.18 48.30
CA LEU C 117 -1.30 5.82 48.37
C LEU C 117 -1.29 7.27 47.81
N SER C 118 -0.12 7.94 47.77
CA SER C 118 -0.06 9.31 47.25
CA SER C 118 -0.01 9.32 47.29
C SER C 118 0.78 9.46 45.98
N TYR C 119 1.73 8.55 45.72
CA TYR C 119 2.56 8.65 44.50
C TYR C 119 1.70 8.53 43.25
N ARG C 120 1.87 9.48 42.32
CA ARG C 120 1.15 9.45 41.06
C ARG C 120 2.05 9.97 39.96
N PRO C 121 2.17 9.23 38.85
CA PRO C 121 2.95 9.75 37.73
C PRO C 121 2.30 11.02 37.17
N VAL C 122 3.12 11.96 36.75
CA VAL C 122 2.64 13.20 36.15
C VAL C 122 3.37 13.37 34.80
N ALA C 123 2.63 13.47 33.69
CA ALA C 123 3.24 13.64 32.39
C ALA C 123 3.70 15.08 32.17
N ILE C 124 4.72 15.27 31.33
CA ILE C 124 5.19 16.61 30.99
C ILE C 124 4.94 16.83 29.51
N ALA C 125 4.18 17.85 29.19
CA ALA C 125 3.80 18.15 27.84
C ALA C 125 4.39 19.50 27.39
N LEU C 126 4.93 19.57 26.18
CA LEU C 126 5.51 20.77 25.64
C LEU C 126 4.55 21.34 24.61
N ASP C 127 4.11 22.58 24.76
CA ASP C 127 3.19 23.21 23.82
C ASP C 127 4.01 24.18 22.94
N THR C 128 4.09 23.92 21.64
CA THR C 128 4.93 24.75 20.75
C THR C 128 4.36 26.15 20.46
N LYS C 129 5.25 27.07 20.06
CA LYS C 129 4.88 28.43 19.69
C LYS C 129 4.06 28.44 18.41
N GLY C 130 4.48 27.68 17.41
CA GLY C 130 3.73 27.61 16.17
C GLY C 130 4.47 28.12 14.95
N PRO C 131 3.87 27.99 13.76
CA PRO C 131 4.55 28.41 12.53
C PRO C 131 4.46 29.92 12.29
N PRO C 135 5.38 28.99 6.56
CA PRO C 135 5.57 28.10 5.40
C PRO C 135 5.75 26.64 5.81
N GLY C 136 6.46 26.41 6.93
CA GLY C 136 6.70 25.07 7.49
C GLY C 136 6.84 25.12 8.99
N LEU C 137 7.67 24.23 9.56
CA LEU C 137 7.92 24.25 11.00
C LEU C 137 8.92 25.42 11.24
N SER C 138 8.63 26.33 12.20
CA SER C 138 9.54 27.46 12.46
C SER C 138 10.85 26.99 13.06
N GLU C 139 11.89 27.85 12.97
CA GLU C 139 13.19 27.55 13.56
C GLU C 139 13.05 27.36 15.08
N GLN C 140 12.22 28.20 15.70
CA GLN C 140 12.00 28.14 17.13
C GLN C 140 11.34 26.82 17.52
N ASP C 141 10.34 26.35 16.75
CA ASP C 141 9.70 25.06 17.01
C ASP C 141 10.73 23.92 16.91
N VAL C 142 11.64 23.92 15.91
CA VAL C 142 12.68 22.89 15.80
C VAL C 142 13.55 22.84 17.08
N ARG C 143 13.94 24.03 17.60
CA ARG C 143 14.77 24.09 18.78
C ARG C 143 14.01 23.71 20.04
N ASP C 144 12.73 24.12 20.14
CA ASP C 144 11.89 23.77 21.29
C ASP C 144 11.57 22.27 21.34
N LEU C 145 11.35 21.66 20.17
CA LEU C 145 11.13 20.21 20.06
C LEU C 145 12.38 19.46 20.48
N ARG C 146 13.58 19.97 20.07
CA ARG C 146 14.85 19.36 20.46
C ARG C 146 15.01 19.47 21.97
N PHE C 147 14.66 20.61 22.58
CA PHE C 147 14.70 20.80 24.02
C PHE C 147 13.81 19.74 24.72
N GLY C 148 12.62 19.51 24.14
CA GLY C 148 11.69 18.50 24.66
C GLY C 148 12.28 17.10 24.71
N VAL C 149 12.93 16.69 23.62
CA VAL C 149 13.57 15.37 23.55
C VAL C 149 14.69 15.29 24.58
N GLU C 150 15.53 16.33 24.65
CA GLU C 150 16.65 16.36 25.59
C GLU C 150 16.19 16.33 27.05
N HIS C 151 15.03 16.91 27.35
CA HIS C 151 14.51 16.93 28.70
C HIS C 151 13.50 15.80 29.00
N GLY C 152 13.34 14.85 28.07
CA GLY C 152 12.49 13.69 28.23
C GLY C 152 11.01 13.97 28.39
N VAL C 153 10.45 14.94 27.62
CA VAL C 153 9.03 15.23 27.71
C VAL C 153 8.24 14.02 27.16
N ASP C 154 7.02 13.86 27.65
CA ASP C 154 6.20 12.73 27.25
C ASP C 154 5.32 13.05 26.03
N ILE C 155 4.89 14.31 25.91
CA ILE C 155 3.91 14.72 24.94
C ILE C 155 4.26 16.06 24.33
N VAL C 156 3.87 16.26 23.09
CA VAL C 156 4.01 17.53 22.41
C VAL C 156 2.62 17.97 21.98
N PHE C 157 2.21 19.18 22.32
CA PHE C 157 0.97 19.76 21.81
C PHE C 157 1.46 20.64 20.65
N ALA C 158 1.27 20.20 19.41
CA ALA C 158 1.79 20.95 18.25
C ALA C 158 0.78 22.04 17.82
N SER C 159 1.17 23.29 17.94
CA SER C 159 0.30 24.42 17.61
C SER C 159 0.04 24.59 16.13
N PHE C 160 -1.16 25.09 15.80
CA PHE C 160 -1.61 25.39 14.43
C PHE C 160 -1.33 24.28 13.43
N VAL C 161 -1.79 23.04 13.70
CA VAL C 161 -1.60 21.95 12.75
C VAL C 161 -2.69 22.14 11.69
N ARG C 162 -2.28 22.24 10.42
CA ARG C 162 -3.24 22.50 9.34
C ARG C 162 -3.39 21.40 8.34
N LYS C 163 -2.43 20.47 8.29
CA LYS C 163 -2.41 19.37 7.34
C LYS C 163 -1.52 18.25 7.85
N ALA C 164 -1.60 17.06 7.26
CA ALA C 164 -0.80 15.91 7.66
C ALA C 164 0.70 16.17 7.60
N SER C 165 1.17 16.96 6.61
CA SER C 165 2.62 17.23 6.50
C SER C 165 3.15 18.07 7.66
N ASP C 166 2.28 18.84 8.33
CA ASP C 166 2.70 19.59 9.53
C ASP C 166 3.05 18.58 10.64
N VAL C 167 2.30 17.48 10.76
CA VAL C 167 2.56 16.46 11.78
C VAL C 167 3.82 15.69 11.42
N ALA C 168 4.03 15.38 10.12
CA ALA C 168 5.26 14.70 9.69
C ALA C 168 6.49 15.55 10.01
N ALA C 169 6.38 16.88 9.85
CA ALA C 169 7.50 17.77 10.18
C ALA C 169 7.79 17.76 11.69
N VAL C 170 6.75 17.75 12.54
CA VAL C 170 6.94 17.69 14.00
C VAL C 170 7.58 16.34 14.37
N ARG C 171 7.09 15.26 13.77
CA ARG C 171 7.58 13.91 14.01
C ARG C 171 9.08 13.80 13.62
N ALA C 172 9.48 14.39 12.47
CA ALA C 172 10.89 14.39 12.04
C ALA C 172 11.75 15.20 13.02
N ALA C 173 11.26 16.38 13.48
CA ALA C 173 12.00 17.21 14.43
C ALA C 173 12.19 16.52 15.81
N LEU C 174 11.38 15.47 16.10
CA LEU C 174 11.51 14.71 17.34
CA LEU C 174 11.54 14.74 17.36
C LEU C 174 12.78 13.81 17.33
N GLY C 175 13.47 13.74 16.18
CA GLY C 175 14.78 13.13 16.00
C GLY C 175 14.92 11.70 16.30
N PRO C 176 16.17 11.23 16.43
CA PRO C 176 16.38 9.79 16.63
C PRO C 176 15.94 9.30 18.00
N GLU C 177 15.97 10.18 19.02
CA GLU C 177 15.62 9.76 20.39
C GLU C 177 14.17 9.96 20.82
N GLY C 178 13.36 10.75 20.10
CA GLY C 178 12.03 11.09 20.58
C GLY C 178 10.87 10.48 19.85
N HIS C 179 11.09 9.35 19.17
CA HIS C 179 10.00 8.68 18.46
C HIS C 179 8.87 8.15 19.37
N GLY C 180 9.12 7.97 20.66
CA GLY C 180 8.07 7.53 21.58
C GLY C 180 7.22 8.67 22.15
N ILE C 181 7.55 9.92 21.85
CA ILE C 181 6.79 11.07 22.34
C ILE C 181 5.44 11.14 21.61
N LYS C 182 4.34 11.40 22.34
CA LYS C 182 3.03 11.47 21.71
C LYS C 182 2.85 12.85 21.10
N ILE C 183 2.34 12.93 19.89
CA ILE C 183 2.05 14.21 19.25
C ILE C 183 0.56 14.44 19.26
N ILE C 184 0.12 15.45 19.97
CA ILE C 184 -1.26 15.86 20.02
C ILE C 184 -1.36 17.11 19.14
N SER C 185 -2.08 17.03 18.02
CA SER C 185 -2.20 18.15 17.10
C SER C 185 -3.24 19.12 17.56
N LYS C 186 -2.89 20.39 17.67
CA LYS C 186 -3.84 21.43 18.06
C LYS C 186 -4.55 21.94 16.82
N ILE C 187 -5.88 21.87 16.80
CA ILE C 187 -6.69 22.35 15.68
C ILE C 187 -7.14 23.72 16.09
N GLU C 188 -6.62 24.74 15.39
CA GLU C 188 -6.82 26.13 15.77
C GLU C 188 -7.39 27.03 14.69
N ASN C 189 -7.68 26.50 13.50
CA ASN C 189 -8.18 27.35 12.41
C ASN C 189 -9.07 26.57 11.44
N HIS C 190 -9.63 27.26 10.44
CA HIS C 190 -10.54 26.66 9.48
C HIS C 190 -9.90 25.51 8.72
N GLU C 191 -8.65 25.67 8.28
CA GLU C 191 -7.98 24.62 7.51
C GLU C 191 -7.77 23.33 8.33
N GLY C 192 -7.36 23.45 9.60
CA GLY C 192 -7.21 22.28 10.46
C GLY C 192 -8.54 21.56 10.64
N VAL C 193 -9.65 22.32 10.77
CA VAL C 193 -10.97 21.70 10.91
C VAL C 193 -11.34 20.96 9.61
N LYS C 194 -11.13 21.59 8.44
CA LYS C 194 -11.45 20.98 7.16
C LYS C 194 -10.57 19.79 6.80
N ARG C 195 -9.31 19.82 7.20
CA ARG C 195 -8.40 18.70 6.95
C ARG C 195 -8.23 17.78 8.20
N PHE C 196 -9.21 17.83 9.13
CA PHE C 196 -9.20 17.05 10.36
C PHE C 196 -8.90 15.57 10.16
N ASP C 197 -9.60 14.88 9.22
CA ASP C 197 -9.41 13.45 9.05
C ASP C 197 -7.98 13.05 8.73
N GLU C 198 -7.32 13.81 7.84
CA GLU C 198 -5.94 13.50 7.49
C GLU C 198 -4.98 13.81 8.65
N ILE C 199 -5.28 14.82 9.45
CA ILE C 199 -4.46 15.18 10.59
C ILE C 199 -4.59 14.11 11.68
N LEU C 200 -5.82 13.71 12.00
CA LEU C 200 -6.06 12.70 13.04
C LEU C 200 -5.39 11.37 12.69
N GLU C 201 -5.44 10.98 11.40
CA GLU C 201 -4.84 9.74 10.93
C GLU C 201 -3.35 9.62 11.30
N VAL C 202 -2.58 10.71 11.24
CA VAL C 202 -1.16 10.66 11.53
C VAL C 202 -0.79 11.18 12.94
N SER C 203 -1.76 11.69 13.72
CA SER C 203 -1.46 12.20 15.06
C SER C 203 -1.77 11.15 16.10
N ASP C 204 -1.20 11.28 17.31
CA ASP C 204 -1.57 10.39 18.41
C ASP C 204 -2.90 10.86 19.06
N GLY C 205 -3.23 12.13 18.91
CA GLY C 205 -4.44 12.70 19.45
C GLY C 205 -4.65 14.13 18.99
N ILE C 206 -5.69 14.77 19.51
CA ILE C 206 -6.08 16.11 19.10
C ILE C 206 -6.34 17.02 20.29
N MET C 207 -6.04 18.32 20.12
CA MET C 207 -6.43 19.29 21.09
C MET C 207 -7.37 20.29 20.37
N VAL C 208 -8.56 20.51 20.92
CA VAL C 208 -9.49 21.50 20.41
C VAL C 208 -9.04 22.80 21.07
N ALA C 209 -8.25 23.59 20.35
CA ALA C 209 -7.66 24.82 20.90
C ALA C 209 -8.63 25.94 20.63
N ARG C 210 -9.60 26.10 21.52
CA ARG C 210 -10.72 27.02 21.33
C ARG C 210 -10.36 28.50 21.31
N GLY C 211 -9.23 28.87 21.90
CA GLY C 211 -8.80 30.27 21.92
C GLY C 211 -8.60 30.81 20.51
N ASP C 212 -7.64 30.24 19.78
CA ASP C 212 -7.41 30.64 18.39
C ASP C 212 -8.58 30.25 17.49
N LEU C 213 -9.18 29.07 17.71
CA LEU C 213 -10.31 28.64 16.89
C LEU C 213 -11.46 29.67 16.89
N GLY C 214 -11.75 30.24 18.06
CA GLY C 214 -12.77 31.25 18.23
C GLY C 214 -12.48 32.61 17.61
N ILE C 215 -11.25 32.82 17.14
CA ILE C 215 -10.80 34.04 16.44
C ILE C 215 -10.71 33.75 14.93
N GLU C 216 -10.33 32.51 14.55
CA GLU C 216 -10.16 32.09 13.17
C GLU C 216 -11.49 31.78 12.49
N ILE C 217 -12.44 31.25 13.24
CA ILE C 217 -13.79 30.96 12.71
C ILE C 217 -14.80 31.73 13.58
N PRO C 218 -16.05 31.95 13.13
CA PRO C 218 -17.03 32.66 13.98
C PRO C 218 -17.16 32.00 15.36
N ALA C 219 -17.17 32.81 16.42
CA ALA C 219 -17.21 32.32 17.79
C ALA C 219 -18.41 31.38 18.04
N GLU C 220 -19.54 31.63 17.40
CA GLU C 220 -20.73 30.81 17.57
C GLU C 220 -20.63 29.43 16.91
N LYS C 221 -19.55 29.14 16.16
CA LYS C 221 -19.37 27.84 15.51
C LYS C 221 -18.36 26.95 16.25
N VAL C 222 -17.64 27.48 17.26
CA VAL C 222 -16.63 26.69 17.97
C VAL C 222 -17.20 25.43 18.59
N PHE C 223 -18.39 25.50 19.20
CA PHE C 223 -19.02 24.30 19.79
C PHE C 223 -19.24 23.19 18.74
N LEU C 224 -19.51 23.53 17.47
CA LEU C 224 -19.70 22.51 16.42
C LEU C 224 -18.39 21.82 16.13
N ALA C 225 -17.31 22.59 16.01
CA ALA C 225 -15.97 22.03 15.76
C ALA C 225 -15.56 21.16 16.96
N GLN C 226 -15.83 21.61 18.19
CA GLN C 226 -15.46 20.83 19.39
C GLN C 226 -16.22 19.49 19.42
N LYS C 227 -17.54 19.51 19.20
CA LYS C 227 -18.34 18.29 19.23
C LYS C 227 -17.96 17.33 18.13
N MET C 228 -17.69 17.86 16.92
CA MET C 228 -17.29 17.03 15.79
C MET C 228 -15.93 16.35 16.06
N MET C 229 -14.94 17.12 16.52
CA MET C 229 -13.61 16.56 16.74
C MET C 229 -13.60 15.56 17.87
N ILE C 230 -14.38 15.81 18.93
CA ILE C 230 -14.47 14.86 20.03
C ILE C 230 -15.12 13.56 19.55
N GLY C 231 -16.20 13.67 18.78
CA GLY C 231 -16.87 12.49 18.24
C GLY C 231 -15.97 11.67 17.35
N ARG C 232 -15.21 12.32 16.44
CA ARG C 232 -14.30 11.61 15.54
C ARG C 232 -13.11 10.98 16.28
N CYS C 233 -12.62 11.64 17.34
CA CYS C 233 -11.54 11.05 18.15
C CYS C 233 -12.04 9.87 18.92
N ASN C 234 -13.27 9.95 19.46
CA ASN C 234 -13.86 8.81 20.19
C ASN C 234 -14.03 7.63 19.24
N LEU C 235 -14.47 7.90 18.01
CA LEU C 235 -14.64 6.86 16.99
C LEU C 235 -13.31 6.23 16.62
N ALA C 236 -12.26 7.05 16.47
CA ALA C 236 -10.92 6.55 16.14
C ALA C 236 -10.17 5.91 17.34
N GLY C 237 -10.68 6.09 18.55
CA GLY C 237 -10.00 5.58 19.74
C GLY C 237 -8.74 6.35 20.05
N LYS C 238 -8.73 7.66 19.76
CA LYS C 238 -7.56 8.49 20.02
C LYS C 238 -7.90 9.60 21.00
N PRO C 239 -6.97 9.94 21.91
CA PRO C 239 -7.27 10.99 22.90
C PRO C 239 -7.60 12.36 22.33
N VAL C 240 -8.51 13.05 23.00
CA VAL C 240 -8.91 14.38 22.59
C VAL C 240 -8.93 15.26 23.83
N VAL C 241 -8.34 16.45 23.73
CA VAL C 241 -8.25 17.38 24.83
C VAL C 241 -9.13 18.57 24.55
N CYS C 242 -9.95 18.98 25.53
CA CYS C 242 -10.72 20.20 25.39
C CYS C 242 -9.94 21.28 26.14
N ALA C 243 -9.67 22.40 25.48
CA ALA C 243 -8.83 23.45 26.06
C ALA C 243 -9.37 24.86 25.89
N THR C 244 -8.89 25.78 26.78
CA THR C 244 -8.98 27.24 26.77
C THR C 244 -10.28 27.82 27.28
N GLN C 245 -10.12 28.68 28.30
CA GLN C 245 -11.16 29.46 28.95
C GLN C 245 -12.22 28.62 29.64
N MET C 246 -11.89 27.39 30.03
CA MET C 246 -12.85 26.52 30.71
C MET C 246 -13.30 27.10 32.05
N LEU C 247 -12.37 27.69 32.82
CA LEU C 247 -12.67 28.31 34.12
C LEU C 247 -12.04 29.71 34.17
N GLU C 248 -12.07 30.44 33.05
CA GLU C 248 -11.41 31.74 32.88
C GLU C 248 -11.57 32.74 34.03
N SER C 249 -12.79 32.93 34.53
CA SER C 249 -13.03 33.86 35.64
C SER C 249 -12.24 33.51 36.91
N MET C 250 -11.83 32.24 37.08
CA MET C 250 -11.03 31.83 38.22
C MET C 250 -9.58 32.36 38.20
N ILE C 251 -9.19 33.10 37.14
CA ILE C 251 -7.89 33.77 37.12
C ILE C 251 -7.91 34.87 38.24
N THR C 252 -9.06 35.55 38.44
CA THR C 252 -9.18 36.59 39.46
C THR C 252 -10.16 36.27 40.58
N LYS C 253 -11.13 35.37 40.34
CA LYS C 253 -12.15 35.04 41.33
C LYS C 253 -12.01 33.65 41.92
N PRO C 254 -12.36 33.47 43.22
CA PRO C 254 -12.19 32.14 43.84
C PRO C 254 -13.19 31.07 43.39
N ARG C 255 -14.31 31.48 42.77
CA ARG C 255 -15.34 30.56 42.32
C ARG C 255 -15.66 30.86 40.85
N PRO C 256 -15.95 29.82 40.05
CA PRO C 256 -16.24 30.06 38.64
C PRO C 256 -17.68 30.49 38.36
N THR C 257 -17.96 30.94 37.13
CA THR C 257 -19.32 31.31 36.75
C THR C 257 -20.12 30.02 36.46
N ARG C 258 -21.44 30.15 36.33
CA ARG C 258 -22.31 29.04 36.01
C ARG C 258 -21.99 28.49 34.62
N ALA C 259 -21.58 29.35 33.68
CA ALA C 259 -21.26 28.92 32.33
C ALA C 259 -19.98 28.10 32.30
N GLU C 260 -19.03 28.43 33.16
CA GLU C 260 -17.77 27.72 33.25
C GLU C 260 -17.89 26.32 33.82
N THR C 261 -18.68 26.12 34.87
CA THR C 261 -18.88 24.76 35.41
C THR C 261 -19.61 23.90 34.39
N SER C 262 -20.59 24.51 33.69
CA SER C 262 -21.34 23.81 32.65
C SER C 262 -20.41 23.42 31.48
N ASP C 263 -19.49 24.30 31.10
CA ASP C 263 -18.55 24.03 30.01
C ASP C 263 -17.63 22.85 30.33
N VAL C 264 -17.14 22.76 31.59
CA VAL C 264 -16.30 21.63 31.98
C VAL C 264 -17.12 20.34 31.95
N ALA C 265 -18.33 20.35 32.52
CA ALA C 265 -19.19 19.17 32.55
C ALA C 265 -19.57 18.73 31.14
N ASN C 266 -19.87 19.68 30.25
CA ASN C 266 -20.24 19.34 28.88
C ASN C 266 -19.08 18.82 28.05
N ALA C 267 -17.81 19.25 28.34
CA ALA C 267 -16.67 18.70 27.60
C ALA C 267 -16.52 17.21 27.98
N VAL C 268 -16.68 16.88 29.26
CA VAL C 268 -16.63 15.49 29.74
C VAL C 268 -17.77 14.67 29.13
N LEU C 269 -19.01 15.23 29.16
CA LEU C 269 -20.15 14.53 28.54
C LEU C 269 -20.01 14.40 27.01
N ASP C 270 -19.33 15.34 26.34
CA ASP C 270 -19.08 15.25 24.90
C ASP C 270 -18.18 14.05 24.57
N GLY C 271 -17.30 13.67 25.49
CA GLY C 271 -16.38 12.55 25.30
C GLY C 271 -14.90 12.91 25.40
N ALA C 272 -14.57 14.10 25.94
CA ALA C 272 -13.16 14.50 26.02
C ALA C 272 -12.37 13.58 26.95
N ASP C 273 -11.16 13.21 26.55
CA ASP C 273 -10.30 12.40 27.40
C ASP C 273 -9.63 13.27 28.46
N CYS C 274 -9.29 14.53 28.12
CA CYS C 274 -8.60 15.46 29.02
C CYS C 274 -9.26 16.81 28.96
N ILE C 275 -9.12 17.56 30.05
CA ILE C 275 -9.57 18.95 30.13
C ILE C 275 -8.36 19.77 30.58
N MET C 276 -8.28 21.03 30.15
CA MET C 276 -7.10 21.83 30.37
C MET C 276 -7.36 23.15 31.07
N LEU C 277 -6.36 23.61 31.80
CA LEU C 277 -6.33 24.90 32.45
C LEU C 277 -5.13 25.66 31.88
N SER C 278 -5.31 26.94 31.52
CA SER C 278 -4.22 27.75 30.97
C SER C 278 -3.86 28.89 31.92
N GLY C 279 -4.37 30.10 31.70
CA GLY C 279 -4.13 31.26 32.57
C GLY C 279 -4.57 30.99 34.00
N GLU C 280 -5.59 30.13 34.18
CA GLU C 280 -6.09 29.70 35.50
C GLU C 280 -4.98 29.18 36.38
N THR C 281 -4.05 28.40 35.81
CA THR C 281 -2.94 27.86 36.60
C THR C 281 -1.62 28.56 36.34
N ALA C 282 -1.41 29.06 35.10
CA ALA C 282 -0.16 29.72 34.75
C ALA C 282 0.05 31.05 35.43
N LYS C 283 -0.99 31.89 35.53
CA LYS C 283 -0.83 33.23 36.07
C LYS C 283 -1.91 33.69 37.06
N GLY C 284 -2.96 32.92 37.26
CA GLY C 284 -4.06 33.35 38.12
C GLY C 284 -3.79 33.30 39.61
N ASN C 285 -4.70 33.87 40.38
CA ASN C 285 -4.59 33.93 41.84
C ASN C 285 -5.07 32.67 42.56
N PHE C 286 -5.76 31.76 41.85
CA PHE C 286 -6.30 30.54 42.46
C PHE C 286 -5.96 29.27 41.66
N PRO C 287 -4.67 28.99 41.41
CA PRO C 287 -4.32 27.80 40.60
C PRO C 287 -4.78 26.47 41.18
N VAL C 288 -4.61 26.26 42.48
CA VAL C 288 -4.99 25.01 43.13
C VAL C 288 -6.50 24.86 43.15
N GLU C 289 -7.23 25.94 43.42
CA GLU C 289 -8.68 25.92 43.45
C GLU C 289 -9.26 25.60 42.06
N ALA C 290 -8.61 26.07 40.99
CA ALA C 290 -9.08 25.78 39.63
C ALA C 290 -8.92 24.28 39.33
N VAL C 291 -7.83 23.66 39.79
CA VAL C 291 -7.63 22.22 39.61
C VAL C 291 -8.69 21.45 40.39
N LYS C 292 -8.95 21.87 41.63
CA LYS C 292 -9.96 21.21 42.49
C LYS C 292 -11.34 21.31 41.90
N MET C 293 -11.66 22.45 41.26
CA MET C 293 -12.95 22.65 40.62
C MET C 293 -13.10 21.75 39.41
N GLN C 294 -12.06 21.64 38.55
CA GLN C 294 -12.13 20.71 37.41
C GLN C 294 -12.27 19.28 37.89
N HIS C 295 -11.56 18.92 38.97
CA HIS C 295 -11.65 17.56 39.51
C HIS C 295 -13.08 17.27 39.98
N ALA C 296 -13.68 18.19 40.75
CA ALA C 296 -15.02 18.02 41.28
C ALA C 296 -16.09 17.92 40.19
N ILE C 297 -15.98 18.75 39.15
CA ILE C 297 -16.96 18.71 38.05
C ILE C 297 -16.81 17.43 37.22
N ALA C 298 -15.57 17.05 36.86
CA ALA C 298 -15.34 15.86 36.03
C ALA C 298 -15.88 14.61 36.69
N ARG C 299 -15.71 14.48 38.03
CA ARG C 299 -16.21 13.33 38.73
C ARG C 299 -17.75 13.24 38.64
N GLU C 300 -18.46 14.38 38.80
CA GLU C 300 -19.90 14.39 38.68
C GLU C 300 -20.34 14.07 37.26
N ALA C 301 -19.64 14.66 36.27
CA ALA C 301 -20.01 14.48 34.86
C ALA C 301 -19.76 13.07 34.36
N GLU C 302 -18.70 12.42 34.84
CA GLU C 302 -18.42 11.05 34.41
C GLU C 302 -19.50 10.06 34.84
N ALA C 303 -20.05 10.24 36.04
CA ALA C 303 -21.14 9.38 36.49
C ALA C 303 -22.41 9.61 35.66
N ALA C 304 -22.59 10.81 35.08
CA ALA C 304 -23.75 11.17 34.27
C ALA C 304 -23.66 10.74 32.83
N VAL C 305 -22.58 10.09 32.39
CA VAL C 305 -22.46 9.62 31.02
C VAL C 305 -23.47 8.46 30.81
N TYR C 306 -24.20 8.47 29.69
CA TYR C 306 -25.18 7.44 29.39
C TYR C 306 -24.46 6.29 28.70
N HIS C 307 -23.78 5.45 29.47
CA HIS C 307 -22.99 4.33 28.97
C HIS C 307 -23.75 3.37 28.09
N ARG C 308 -25.03 3.14 28.37
CA ARG C 308 -25.82 2.19 27.59
C ARG C 308 -25.85 2.55 26.11
N GLN C 309 -26.05 3.83 25.79
CA GLN C 309 -26.06 4.26 24.39
C GLN C 309 -24.64 4.37 23.86
N LEU C 310 -23.74 4.97 24.65
CA LEU C 310 -22.35 5.15 24.22
C LEU C 310 -21.68 3.83 23.82
N PHE C 311 -21.77 2.80 24.66
CA PHE C 311 -21.15 1.52 24.37
C PHE C 311 -21.77 0.87 23.15
N GLU C 312 -23.09 0.93 23.04
CA GLU C 312 -23.82 0.39 21.88
C GLU C 312 -23.37 1.06 20.57
N GLU C 313 -23.23 2.39 20.59
CA GLU C 313 -22.82 3.13 19.40
C GLU C 313 -21.35 2.94 19.06
N LEU C 314 -20.47 2.88 20.07
CA LEU C 314 -19.03 2.64 19.82
C LEU C 314 -18.86 1.26 19.21
N ARG C 315 -19.62 0.28 19.67
CA ARG C 315 -19.60 -1.08 19.17
C ARG C 315 -20.06 -1.13 17.70
N ARG C 316 -21.21 -0.55 17.38
CA ARG C 316 -21.76 -0.51 16.02
C ARG C 316 -20.85 0.22 15.02
N ALA C 317 -20.26 1.34 15.44
CA ALA C 317 -19.42 2.13 14.56
C ALA C 317 -18.03 1.56 14.36
N ALA C 318 -17.53 0.80 15.34
CA ALA C 318 -16.19 0.24 15.24
C ALA C 318 -16.20 -0.91 14.26
N PRO C 319 -15.23 -0.93 13.33
CA PRO C 319 -15.19 -2.04 12.38
C PRO C 319 -14.74 -3.33 13.05
N LEU C 320 -15.06 -4.47 12.43
CA LEU C 320 -14.64 -5.78 12.91
C LEU C 320 -13.12 -5.82 12.90
N SER C 321 -12.54 -6.63 13.77
CA SER C 321 -11.09 -6.65 13.89
C SER C 321 -10.58 -8.03 14.12
N ARG C 322 -9.43 -8.31 13.56
CA ARG C 322 -8.73 -9.57 13.79
C ARG C 322 -7.48 -9.35 14.70
N ASP C 323 -7.32 -8.18 15.30
CA ASP C 323 -6.23 -7.90 16.22
C ASP C 323 -6.70 -8.43 17.59
N PRO C 324 -5.99 -9.41 18.13
CA PRO C 324 -6.41 -9.96 19.43
C PRO C 324 -6.51 -8.96 20.56
N THR C 325 -5.70 -7.87 20.57
CA THR C 325 -5.78 -6.88 21.66
C THR C 325 -7.12 -6.14 21.61
N GLU C 326 -7.58 -5.83 20.40
CA GLU C 326 -8.85 -5.14 20.20
CA GLU C 326 -8.84 -5.14 20.19
C GLU C 326 -10.02 -6.07 20.52
N VAL C 327 -9.92 -7.34 20.14
CA VAL C 327 -10.98 -8.32 20.41
C VAL C 327 -11.07 -8.56 21.93
N THR C 328 -9.93 -8.69 22.60
CA THR C 328 -9.90 -8.90 24.05
C THR C 328 -10.45 -7.68 24.77
N ALA C 329 -10.11 -6.47 24.28
CA ALA C 329 -10.58 -5.24 24.92
C ALA C 329 -12.10 -5.12 24.93
N ILE C 330 -12.77 -5.43 23.83
CA ILE C 330 -14.24 -5.34 23.79
C ILE C 330 -14.87 -6.43 24.65
N GLY C 331 -14.28 -7.62 24.70
CA GLY C 331 -14.78 -8.69 25.55
C GLY C 331 -14.64 -8.32 27.01
N ALA C 332 -13.50 -7.70 27.39
CA ALA C 332 -13.26 -7.30 28.77
C ALA C 332 -14.20 -6.20 29.21
N VAL C 333 -14.46 -5.22 28.36
CA VAL C 333 -15.37 -4.11 28.69
C VAL C 333 -16.81 -4.64 28.82
N GLU C 334 -17.21 -5.56 27.94
CA GLU C 334 -18.53 -6.18 28.03
CA GLU C 334 -18.53 -6.18 28.03
C GLU C 334 -18.65 -6.96 29.34
N ALA C 335 -17.62 -7.74 29.70
CA ALA C 335 -17.61 -8.50 30.96
C ALA C 335 -17.67 -7.57 32.17
N ALA C 336 -16.94 -6.45 32.15
CA ALA C 336 -16.95 -5.49 33.25
C ALA C 336 -18.36 -4.90 33.48
N PHE C 337 -19.08 -4.56 32.39
CA PHE C 337 -20.42 -4.01 32.52
C PHE C 337 -21.39 -5.07 33.09
N LYS C 338 -21.23 -6.32 32.68
CA LYS C 338 -22.08 -7.43 33.11
C LYS C 338 -22.04 -7.66 34.62
N CYS C 339 -20.87 -7.49 35.25
CA CYS C 339 -20.74 -7.74 36.68
C CYS C 339 -20.54 -6.50 37.50
N CYS C 340 -20.61 -5.28 36.92
CA CYS C 340 -20.33 -4.02 37.63
C CYS C 340 -18.92 -4.10 38.25
N ALA C 341 -17.94 -4.58 37.45
CA ALA C 341 -16.58 -4.78 37.92
C ALA C 341 -16.01 -3.49 38.48
N ALA C 342 -15.36 -3.60 39.61
CA ALA C 342 -14.73 -2.45 40.25
C ALA C 342 -13.56 -1.92 39.37
N ALA C 343 -12.87 -2.80 38.62
CA ALA C 343 -11.75 -2.38 37.78
C ALA C 343 -11.44 -3.43 36.72
N ILE C 344 -10.71 -3.01 35.69
CA ILE C 344 -10.12 -3.84 34.69
C ILE C 344 -8.61 -3.64 34.90
N ILE C 345 -7.88 -4.68 35.27
CA ILE C 345 -6.45 -4.59 35.46
C ILE C 345 -5.80 -5.07 34.20
N VAL C 346 -4.94 -4.24 33.60
CA VAL C 346 -4.29 -4.60 32.35
C VAL C 346 -2.78 -4.45 32.43
N LEU C 347 -2.07 -5.45 31.92
CA LEU C 347 -0.62 -5.40 31.87
C LEU C 347 -0.30 -4.80 30.51
N THR C 348 0.51 -3.74 30.50
CA THR C 348 0.88 -3.07 29.26
C THR C 348 2.29 -2.49 29.38
N THR C 349 3.02 -2.55 28.29
CA THR C 349 4.36 -2.00 28.25
C THR C 349 4.32 -0.65 27.54
N THR C 350 3.62 -0.56 26.42
CA THR C 350 3.51 0.69 25.67
C THR C 350 2.30 1.52 26.05
N GLY C 351 1.31 0.94 26.72
CA GLY C 351 0.06 1.63 27.01
C GLY C 351 -1.04 1.27 26.01
N ARG C 352 -0.71 0.60 24.90
CA ARG C 352 -1.69 0.27 23.85
C ARG C 352 -2.89 -0.57 24.33
N SER C 353 -2.66 -1.62 25.12
CA SER C 353 -3.76 -2.46 25.60
C SER C 353 -4.72 -1.63 26.51
N ALA C 354 -4.19 -0.70 27.32
CA ALA C 354 -5.02 0.16 28.15
C ALA C 354 -5.81 1.13 27.27
N GLN C 355 -5.18 1.70 26.25
CA GLN C 355 -5.85 2.61 25.32
C GLN C 355 -7.02 1.95 24.57
N LEU C 356 -6.85 0.69 24.16
CA LEU C 356 -7.92 -0.05 23.47
C LEU C 356 -9.09 -0.40 24.41
N LEU C 357 -8.84 -0.50 25.74
CA LEU C 357 -9.92 -0.71 26.69
C LEU C 357 -10.67 0.65 26.86
N SER C 358 -9.89 1.72 27.02
CA SER C 358 -10.38 3.08 27.22
C SER C 358 -11.32 3.54 26.09
N ARG C 359 -11.04 3.15 24.85
CA ARG C 359 -11.86 3.54 23.70
C ARG C 359 -13.33 3.06 23.80
N TYR C 360 -13.59 2.00 24.58
CA TYR C 360 -14.96 1.51 24.78
C TYR C 360 -15.65 2.13 25.95
N ARG C 361 -15.02 3.10 26.62
CA ARG C 361 -15.55 3.86 27.71
C ARG C 361 -16.17 3.00 28.82
N PRO C 362 -15.39 2.07 29.41
CA PRO C 362 -15.95 1.31 30.55
C PRO C 362 -16.24 2.22 31.71
N ARG C 363 -17.21 1.84 32.54
CA ARG C 363 -17.44 2.54 33.80
C ARG C 363 -16.34 2.07 34.80
N ALA C 364 -15.88 0.80 34.70
CA ALA C 364 -14.82 0.32 35.59
C ALA C 364 -13.52 1.07 35.30
N ALA C 365 -12.75 1.37 36.34
CA ALA C 365 -11.44 1.97 36.22
C ALA C 365 -10.50 1.00 35.47
N VAL C 366 -9.65 1.52 34.59
CA VAL C 366 -8.70 0.69 33.88
C VAL C 366 -7.37 0.91 34.64
N ILE C 367 -6.93 -0.08 35.43
CA ILE C 367 -5.70 0.00 36.18
C ILE C 367 -4.60 -0.58 35.30
N ALA C 368 -3.69 0.25 34.81
CA ALA C 368 -2.65 -0.20 33.91
C ALA C 368 -1.32 -0.42 34.64
N VAL C 369 -0.86 -1.67 34.70
CA VAL C 369 0.38 -2.02 35.37
C VAL C 369 1.47 -2.08 34.30
N THR C 370 2.49 -1.23 34.46
CA THR C 370 3.55 -1.15 33.48
C THR C 370 4.90 -0.97 34.14
N ARG C 371 5.97 -1.51 33.51
CA ARG C 371 7.34 -1.25 33.95
C ARG C 371 7.89 0.04 33.28
N SER C 372 7.22 0.58 32.25
CA SER C 372 7.67 1.77 31.56
C SER C 372 7.20 3.05 32.22
N ALA C 373 8.12 3.85 32.79
CA ALA C 373 7.72 5.12 33.41
C ALA C 373 7.09 6.07 32.36
N GLN C 374 7.60 6.05 31.13
CA GLN C 374 7.06 6.92 30.08
C GLN C 374 5.63 6.48 29.75
N ALA C 375 5.38 5.16 29.61
CA ALA C 375 4.01 4.71 29.29
C ALA C 375 3.04 5.07 30.39
N ALA C 376 3.51 5.04 31.67
CA ALA C 376 2.71 5.39 32.82
C ALA C 376 2.30 6.86 32.77
N ARG C 377 3.21 7.74 32.35
CA ARG C 377 2.89 9.17 32.28
C ARG C 377 1.96 9.40 31.07
N GLN C 378 2.24 8.75 29.92
CA GLN C 378 1.48 8.98 28.70
C GLN C 378 0.06 8.46 28.72
N VAL C 379 -0.23 7.38 29.50
CA VAL C 379 -1.59 6.86 29.54
C VAL C 379 -2.58 7.79 30.21
N HIS C 380 -2.13 8.88 30.85
CA HIS C 380 -3.02 9.90 31.37
C HIS C 380 -3.81 10.56 30.21
N LEU C 381 -3.33 10.45 28.96
CA LEU C 381 -4.09 10.98 27.82
C LEU C 381 -5.39 10.19 27.58
N CYS C 382 -5.50 8.95 28.08
CA CYS C 382 -6.66 8.10 27.84
C CYS C 382 -7.60 8.12 29.01
N ARG C 383 -8.87 8.47 28.74
CA ARG C 383 -9.87 8.53 29.80
C ARG C 383 -10.01 7.20 30.56
N GLY C 384 -9.97 7.31 31.87
CA GLY C 384 -10.22 6.19 32.75
C GLY C 384 -9.07 5.24 32.96
N VAL C 385 -7.86 5.63 32.52
CA VAL C 385 -6.68 4.80 32.73
C VAL C 385 -5.88 5.31 33.95
N PHE C 386 -5.67 4.44 34.95
CA PHE C 386 -4.94 4.74 36.19
C PHE C 386 -3.63 3.97 36.15
N PRO C 387 -2.53 4.66 35.79
CA PRO C 387 -1.24 3.95 35.64
C PRO C 387 -0.59 3.61 36.98
N LEU C 388 -0.01 2.41 37.10
CA LEU C 388 0.73 1.95 38.27
C LEU C 388 2.09 1.58 37.74
N LEU C 389 3.12 2.31 38.16
CA LEU C 389 4.48 2.00 37.70
C LEU C 389 5.05 0.87 38.61
N TYR C 390 5.48 -0.23 37.99
CA TYR C 390 5.96 -1.41 38.67
C TYR C 390 7.48 -1.48 38.49
N ARG C 391 8.22 -1.65 39.56
CA ARG C 391 9.69 -1.60 39.51
C ARG C 391 10.39 -2.83 40.05
N GLU C 392 9.67 -3.89 40.35
CA GLU C 392 10.27 -5.10 40.89
C GLU C 392 11.11 -5.76 39.85
N PRO C 393 12.21 -6.42 40.26
CA PRO C 393 13.04 -7.13 39.27
C PRO C 393 12.24 -8.29 38.64
N PRO C 394 12.48 -8.57 37.35
CA PRO C 394 11.71 -9.64 36.68
C PRO C 394 11.94 -11.02 37.24
N GLU C 395 10.85 -11.79 37.39
CA GLU C 395 10.91 -13.16 37.86
C GLU C 395 11.47 -14.03 36.74
N ALA C 396 12.15 -15.13 37.09
CA ALA C 396 12.71 -16.07 36.11
C ALA C 396 11.58 -16.80 35.39
N ILE C 397 10.48 -17.14 36.09
CA ILE C 397 9.36 -17.79 35.45
C ILE C 397 8.35 -16.69 35.05
N TRP C 398 8.09 -16.56 33.75
CA TRP C 398 7.26 -15.49 33.24
C TRP C 398 5.86 -15.48 33.82
N ALA C 399 5.21 -16.64 33.98
CA ALA C 399 3.88 -16.70 34.59
C ALA C 399 3.89 -16.17 36.02
N ASP C 400 4.99 -16.35 36.77
CA ASP C 400 5.11 -15.80 38.12
C ASP C 400 5.26 -14.27 38.07
N ASP C 401 5.97 -13.74 37.07
CA ASP C 401 6.16 -12.29 36.93
C ASP C 401 4.80 -11.63 36.61
N VAL C 402 4.00 -12.29 35.75
CA VAL C 402 2.68 -11.84 35.42
C VAL C 402 1.78 -11.85 36.65
N ASP C 403 1.79 -12.96 37.42
CA ASP C 403 0.99 -13.05 38.66
C ASP C 403 1.36 -11.99 39.68
N ARG C 404 2.64 -11.70 39.83
CA ARG C 404 3.07 -10.67 40.77
C ARG C 404 2.54 -9.28 40.35
N ARG C 405 2.48 -9.00 39.04
CA ARG C 405 1.97 -7.71 38.55
C ARG C 405 0.49 -7.62 38.67
N VAL C 406 -0.23 -8.72 38.44
CA VAL C 406 -1.70 -8.72 38.63
C VAL C 406 -2.00 -8.44 40.13
N GLN C 407 -1.32 -9.15 41.04
CA GLN C 407 -1.52 -8.92 42.47
C GLN C 407 -1.08 -7.52 42.90
N PHE C 408 -0.06 -6.94 42.22
CA PHE C 408 0.33 -5.55 42.52
C PHE C 408 -0.83 -4.59 42.16
N GLY C 409 -1.49 -4.83 41.05
CA GLY C 409 -2.65 -4.03 40.63
C GLY C 409 -3.79 -4.17 41.63
N ILE C 410 -4.06 -5.37 42.09
CA ILE C 410 -5.11 -5.62 43.10
C ILE C 410 -4.78 -4.95 44.45
N GLU C 411 -3.54 -5.13 44.97
CA GLU C 411 -3.18 -4.51 46.26
C GLU C 411 -3.16 -3.00 46.17
N SER C 412 -2.73 -2.43 45.01
CA SER C 412 -2.77 -0.96 44.88
C SER C 412 -4.22 -0.50 44.84
N GLY C 413 -5.08 -1.24 44.15
CA GLY C 413 -6.51 -0.95 44.06
C GLY C 413 -7.19 -1.02 45.42
N LYS C 414 -6.79 -1.99 46.26
CA LYS C 414 -7.33 -2.10 47.63
C LYS C 414 -6.86 -0.89 48.46
N LEU C 415 -5.57 -0.55 48.35
CA LEU C 415 -5.01 0.56 49.09
C LEU C 415 -5.64 1.90 48.69
N ARG C 416 -5.96 2.06 47.41
CA ARG C 416 -6.53 3.30 46.90
C ARG C 416 -8.04 3.42 47.02
N GLY C 417 -8.73 2.37 47.46
CA GLY C 417 -10.18 2.41 47.58
C GLY C 417 -10.97 1.94 46.36
N PHE C 418 -10.28 1.57 45.27
CA PHE C 418 -10.95 1.05 44.07
C PHE C 418 -11.59 -0.34 44.35
N LEU C 419 -10.93 -1.16 45.19
CA LEU C 419 -11.27 -2.55 45.40
C LEU C 419 -11.41 -3.00 46.83
N ARG C 420 -12.24 -4.00 47.05
CA ARG C 420 -12.41 -4.65 48.36
C ARG C 420 -12.52 -6.15 48.13
N VAL C 421 -12.25 -6.94 49.16
CA VAL C 421 -12.41 -8.39 49.12
C VAL C 421 -13.87 -8.74 48.79
N GLY C 422 -14.07 -9.66 47.85
CA GLY C 422 -15.41 -9.99 47.40
C GLY C 422 -15.77 -9.32 46.07
N ASP C 423 -15.06 -8.25 45.68
CA ASP C 423 -15.32 -7.61 44.38
C ASP C 423 -14.89 -8.52 43.23
N LEU C 424 -15.41 -8.28 42.03
CA LEU C 424 -14.96 -8.98 40.83
C LEU C 424 -14.11 -7.98 40.02
N VAL C 425 -13.00 -8.43 39.45
CA VAL C 425 -12.18 -7.58 38.58
C VAL C 425 -11.98 -8.34 37.27
N ILE C 426 -11.75 -7.61 36.20
CA ILE C 426 -11.43 -8.22 34.92
C ILE C 426 -9.93 -8.04 34.76
N VAL C 427 -9.21 -9.07 34.38
CA VAL C 427 -7.78 -8.99 34.23
C VAL C 427 -7.45 -9.27 32.78
N VAL C 428 -6.71 -8.37 32.15
CA VAL C 428 -6.29 -8.46 30.77
C VAL C 428 -4.78 -8.61 30.66
N THR C 429 -4.37 -9.73 30.06
CA THR C 429 -2.97 -10.07 29.85
C THR C 429 -2.80 -10.66 28.42
N GLY C 430 -1.57 -11.07 28.07
CA GLY C 430 -1.24 -11.73 26.82
C GLY C 430 -0.67 -13.09 27.11
N TRP C 431 -0.44 -13.88 26.08
CA TRP C 431 0.00 -15.27 26.23
C TRP C 431 1.52 -15.45 26.30
N ARG C 432 2.28 -14.40 25.93
CA ARG C 432 3.72 -14.45 25.91
C ARG C 432 4.27 -13.04 26.22
N PRO C 433 5.54 -12.94 26.61
CA PRO C 433 6.11 -11.62 26.91
C PRO C 433 6.30 -10.77 25.69
N GLY C 434 6.39 -9.48 25.91
CA GLY C 434 6.58 -8.52 24.86
C GLY C 434 5.26 -7.84 24.56
N SER C 435 5.37 -6.65 24.08
CA SER C 435 4.25 -5.85 23.70
C SER C 435 3.61 -6.45 22.41
N GLY C 436 2.32 -6.21 22.23
CA GLY C 436 1.59 -6.65 21.04
C GLY C 436 0.91 -8.02 21.07
N TYR C 437 0.92 -8.74 22.20
CA TYR C 437 0.32 -10.08 22.27
C TYR C 437 -0.87 -10.21 23.20
N THR C 438 -1.53 -9.12 23.63
CA THR C 438 -2.67 -9.23 24.57
C THR C 438 -3.77 -10.07 23.92
N ASN C 439 -4.20 -11.14 24.58
CA ASN C 439 -5.26 -11.99 24.02
C ASN C 439 -6.04 -12.72 25.10
N ILE C 440 -5.89 -12.35 26.38
CA ILE C 440 -6.55 -13.03 27.47
C ILE C 440 -7.35 -12.11 28.35
N MET C 441 -8.53 -12.57 28.72
CA MET C 441 -9.37 -11.85 29.66
C MET C 441 -9.79 -12.88 30.73
N ARG C 442 -9.63 -12.52 32.00
CA ARG C 442 -10.02 -13.39 33.11
C ARG C 442 -10.88 -12.64 34.07
N VAL C 443 -11.77 -13.36 34.73
CA VAL C 443 -12.62 -12.78 35.76
C VAL C 443 -12.08 -13.32 37.07
N LEU C 444 -11.64 -12.43 37.95
CA LEU C 444 -11.09 -12.81 39.24
C LEU C 444 -11.94 -12.25 40.36
N SER C 445 -12.08 -13.03 41.41
CA SER C 445 -12.77 -12.59 42.61
CA SER C 445 -12.78 -12.59 42.60
C SER C 445 -11.68 -12.13 43.57
N ILE C 446 -11.78 -10.92 44.11
CA ILE C 446 -10.77 -10.38 44.98
C ILE C 446 -10.75 -11.09 46.34
N SER C 447 -9.57 -11.61 46.73
CA SER C 447 -9.36 -12.28 47.99
C SER C 447 -8.27 -11.56 48.82
N GLY D 23 -11.67 -11.84 2.48
CA GLY D 23 -12.10 -11.88 1.09
C GLY D 23 -13.54 -11.45 0.88
N THR D 24 -13.86 -11.03 -0.35
CA THR D 24 -15.22 -10.61 -0.69
C THR D 24 -16.20 -11.80 -0.70
N ALA D 25 -15.70 -13.00 -1.04
CA ALA D 25 -16.52 -14.21 -1.07
C ALA D 25 -17.07 -14.53 0.30
N PHE D 26 -16.26 -14.35 1.35
CA PHE D 26 -16.66 -14.59 2.74
C PHE D 26 -17.89 -13.76 3.10
N PHE D 27 -17.89 -12.49 2.72
CA PHE D 27 -18.98 -11.56 3.04
C PHE D 27 -20.24 -11.73 2.18
N GLN D 28 -20.22 -12.62 1.18
CA GLN D 28 -21.41 -12.89 0.37
C GLN D 28 -22.19 -14.12 0.91
N GLN D 29 -21.48 -15.06 1.58
CA GLN D 29 -22.05 -16.28 2.14
C GLN D 29 -22.77 -16.01 3.47
N GLN D 30 -23.47 -17.04 3.98
CA GLN D 30 -24.19 -17.10 5.25
C GLN D 30 -25.02 -15.85 5.55
N GLN D 31 -25.68 -15.31 4.52
CA GLN D 31 -26.54 -14.13 4.62
C GLN D 31 -25.85 -12.95 5.30
N LEU D 32 -24.51 -12.80 5.13
CA LEU D 32 -23.79 -11.69 5.75
C LEU D 32 -24.26 -10.31 5.25
N PRO D 33 -24.64 -10.09 3.97
CA PRO D 33 -25.25 -8.78 3.60
C PRO D 33 -26.52 -8.48 4.43
N ALA D 34 -27.40 -9.50 4.66
CA ALA D 34 -28.61 -9.30 5.48
C ALA D 34 -28.24 -9.10 6.96
N ALA D 35 -27.14 -9.71 7.41
CA ALA D 35 -26.69 -9.59 8.79
C ALA D 35 -26.22 -8.18 9.13
N MET D 36 -25.67 -7.46 8.17
CA MET D 36 -25.19 -6.10 8.39
C MET D 36 -26.28 -5.02 8.27
N ALA D 37 -27.52 -5.39 7.93
CA ALA D 37 -28.59 -4.41 7.78
C ALA D 37 -28.89 -3.64 9.06
N ASP D 38 -29.34 -2.40 8.90
CA ASP D 38 -29.60 -1.52 10.03
C ASP D 38 -30.99 -1.67 10.64
N THR D 39 -31.92 -2.32 9.93
CA THR D 39 -33.25 -2.59 10.46
C THR D 39 -33.61 -4.05 10.12
N PHE D 40 -34.57 -4.61 10.84
CA PHE D 40 -35.08 -5.95 10.58
C PHE D 40 -35.72 -6.00 9.19
N LEU D 41 -36.44 -4.94 8.80
CA LEU D 41 -37.08 -4.88 7.49
C LEU D 41 -36.05 -4.94 6.36
N GLU D 42 -34.96 -4.16 6.45
CA GLU D 42 -33.92 -4.20 5.43
C GLU D 42 -33.15 -5.53 5.48
N HIS D 43 -33.07 -6.18 6.66
CA HIS D 43 -32.45 -7.49 6.81
C HIS D 43 -33.26 -8.50 5.95
N LEU D 44 -34.61 -8.45 6.03
CA LEU D 44 -35.44 -9.35 5.25
C LEU D 44 -35.26 -9.10 3.75
N CYS D 45 -35.24 -7.82 3.34
CA CYS D 45 -35.05 -7.42 1.95
C CYS D 45 -33.72 -7.90 1.37
N LEU D 46 -32.70 -8.11 2.20
CA LEU D 46 -31.37 -8.53 1.75
C LEU D 46 -31.12 -10.04 1.81
N LEU D 47 -32.13 -10.84 2.25
CA LEU D 47 -31.98 -12.29 2.29
C LEU D 47 -31.83 -12.79 0.85
N ASP D 48 -30.87 -13.67 0.62
CA ASP D 48 -30.53 -14.12 -0.74
C ASP D 48 -30.54 -15.65 -0.82
N ILE D 49 -31.34 -16.20 -1.74
CA ILE D 49 -31.38 -17.64 -1.95
C ILE D 49 -30.03 -18.20 -2.47
N ASP D 50 -29.17 -17.35 -3.04
CA ASP D 50 -27.85 -17.78 -3.52
C ASP D 50 -26.75 -17.64 -2.47
N SER D 51 -27.06 -17.12 -1.27
CA SER D 51 -26.05 -16.96 -0.22
C SER D 51 -26.04 -18.27 0.54
N GLU D 52 -24.99 -19.08 0.31
CA GLU D 52 -24.93 -20.41 0.91
C GLU D 52 -24.51 -20.45 2.37
N PRO D 53 -25.16 -21.34 3.14
CA PRO D 53 -24.77 -21.47 4.56
C PRO D 53 -23.37 -22.08 4.67
N VAL D 54 -22.58 -21.60 5.63
CA VAL D 54 -21.23 -22.10 5.83
C VAL D 54 -21.13 -22.76 7.20
N ALA D 55 -21.71 -22.12 8.21
CA ALA D 55 -21.70 -22.62 9.57
C ALA D 55 -22.33 -24.01 9.69
N ALA D 56 -21.89 -24.76 10.70
CA ALA D 56 -22.49 -26.05 10.98
C ALA D 56 -23.90 -25.80 11.53
N ARG D 57 -24.81 -26.75 11.29
CA ARG D 57 -26.18 -26.66 11.76
C ARG D 57 -26.21 -26.68 13.28
N SER D 58 -26.79 -25.67 13.88
CA SER D 58 -26.78 -25.49 15.31
C SER D 58 -28.05 -25.96 16.06
N THR D 59 -29.21 -26.07 15.39
CA THR D 59 -30.43 -26.54 16.07
C THR D 59 -30.39 -28.09 16.11
N SER D 60 -30.53 -28.70 17.30
CA SER D 60 -30.49 -30.16 17.41
CA SER D 60 -30.48 -30.16 17.42
C SER D 60 -31.74 -30.81 16.86
N ILE D 61 -31.59 -32.01 16.35
CA ILE D 61 -32.73 -32.77 15.82
C ILE D 61 -33.00 -33.92 16.79
N ILE D 62 -34.24 -34.03 17.25
CA ILE D 62 -34.67 -35.12 18.10
C ILE D 62 -35.48 -36.05 17.18
N ALA D 63 -35.07 -37.32 17.04
CA ALA D 63 -35.82 -38.26 16.21
C ALA D 63 -36.47 -39.31 17.14
N THR D 64 -37.76 -39.57 17.00
CA THR D 64 -38.44 -40.58 17.82
C THR D 64 -38.13 -41.97 17.24
N ILE D 65 -37.77 -42.93 18.10
CA ILE D 65 -37.41 -44.29 17.72
C ILE D 65 -38.68 -45.14 17.67
N GLY D 66 -38.76 -45.96 16.65
CA GLY D 66 -39.89 -46.86 16.48
C GLY D 66 -39.56 -47.92 15.47
N PRO D 67 -40.58 -48.63 14.99
CA PRO D 67 -40.32 -49.67 13.98
C PRO D 67 -39.57 -49.24 12.71
N ALA D 68 -39.73 -48.00 12.29
CA ALA D 68 -39.06 -47.47 11.09
C ALA D 68 -37.59 -47.10 11.33
N SER D 69 -37.16 -46.96 12.59
CA SER D 69 -35.82 -46.46 12.86
C SER D 69 -35.09 -47.23 13.93
N ARG D 70 -35.49 -48.44 14.22
CA ARG D 70 -34.93 -49.19 15.33
C ARG D 70 -33.77 -50.08 14.97
N SER D 71 -33.65 -50.49 13.71
CA SER D 71 -32.53 -51.34 13.29
C SER D 71 -31.19 -50.61 13.50
N VAL D 72 -30.15 -51.33 13.92
CA VAL D 72 -28.83 -50.74 14.17
C VAL D 72 -28.26 -50.06 12.92
N GLU D 73 -28.44 -50.68 11.75
CA GLU D 73 -27.94 -50.12 10.50
CA GLU D 73 -27.95 -50.14 10.47
C GLU D 73 -28.71 -48.87 10.06
N ARG D 74 -30.01 -48.83 10.32
CA ARG D 74 -30.81 -47.65 9.98
C ARG D 74 -30.40 -46.50 10.96
N LEU D 75 -30.15 -46.83 12.23
CA LEU D 75 -29.73 -45.85 13.23
C LEU D 75 -28.38 -45.21 12.86
N LYS D 76 -27.46 -45.97 12.26
CA LYS D 76 -26.18 -45.42 11.82
C LYS D 76 -26.41 -44.38 10.73
N GLU D 77 -27.35 -44.64 9.81
CA GLU D 77 -27.67 -43.68 8.75
C GLU D 77 -28.32 -42.40 9.35
N MET D 78 -29.14 -42.56 10.38
CA MET D 78 -29.79 -41.40 11.01
CA MET D 78 -29.79 -41.41 11.02
C MET D 78 -28.78 -40.55 11.78
N ILE D 79 -27.78 -41.17 12.39
CA ILE D 79 -26.73 -40.43 13.09
C ILE D 79 -25.92 -39.63 12.06
N LYS D 80 -25.58 -40.26 10.93
CA LYS D 80 -24.86 -39.56 9.86
C LYS D 80 -25.69 -38.45 9.21
N ALA D 81 -27.03 -38.62 9.12
CA ALA D 81 -27.92 -37.58 8.57
C ALA D 81 -28.09 -36.36 9.51
N GLY D 82 -27.81 -36.53 10.79
CA GLY D 82 -27.88 -35.43 11.74
C GLY D 82 -28.67 -35.61 13.02
N MET D 83 -29.19 -36.85 13.30
CA MET D 83 -29.93 -37.06 14.54
C MET D 83 -29.02 -36.86 15.75
N ASN D 84 -29.45 -36.02 16.69
CA ASN D 84 -28.65 -35.75 17.89
C ASN D 84 -29.24 -36.39 19.15
N ILE D 85 -30.55 -36.51 19.20
CA ILE D 85 -31.25 -37.05 20.37
C ILE D 85 -32.24 -38.10 19.89
N ALA D 86 -32.25 -39.26 20.52
CA ALA D 86 -33.19 -40.35 20.21
C ALA D 86 -34.25 -40.31 21.30
N ARG D 87 -35.51 -40.14 20.89
CA ARG D 87 -36.60 -40.09 21.82
C ARG D 87 -37.33 -41.44 21.89
N LEU D 88 -37.50 -41.94 23.10
CA LEU D 88 -38.22 -43.20 23.34
C LEU D 88 -39.58 -42.79 23.83
N ASN D 89 -40.63 -43.10 23.08
CA ASN D 89 -41.97 -42.71 23.47
C ASN D 89 -42.59 -43.81 24.29
N PHE D 90 -42.65 -43.60 25.60
CA PHE D 90 -43.18 -44.59 26.54
C PHE D 90 -44.70 -44.73 26.53
N SER D 91 -45.40 -43.96 25.67
CA SER D 91 -46.81 -44.18 25.45
C SER D 91 -47.00 -45.50 24.65
N HIS D 92 -45.95 -46.03 23.96
CA HIS D 92 -46.03 -47.26 23.15
C HIS D 92 -44.93 -48.25 23.50
N GLY D 93 -45.29 -49.50 23.69
CA GLY D 93 -44.31 -50.55 23.93
C GLY D 93 -43.98 -50.78 25.38
N SER D 94 -43.56 -51.97 25.69
CA SER D 94 -43.19 -52.41 27.03
C SER D 94 -41.78 -51.95 27.41
N HIS D 95 -41.36 -52.22 28.65
CA HIS D 95 -40.00 -51.93 29.09
C HIS D 95 -38.98 -52.73 28.24
N GLU D 96 -39.33 -53.96 27.84
CA GLU D 96 -38.45 -54.81 27.04
C GLU D 96 -38.21 -54.20 25.66
N TYR D 97 -39.26 -53.60 25.07
CA TYR D 97 -39.14 -52.93 23.78
C TYR D 97 -38.13 -51.75 23.91
N HIS D 98 -38.31 -50.89 24.92
CA HIS D 98 -37.46 -49.73 25.12
C HIS D 98 -36.05 -50.08 25.50
N ALA D 99 -35.83 -51.17 26.28
CA ALA D 99 -34.45 -51.60 26.59
C ALA D 99 -33.74 -52.03 25.31
N GLU D 100 -34.43 -52.70 24.36
CA GLU D 100 -33.81 -53.07 23.08
C GLU D 100 -33.53 -51.82 22.27
N SER D 101 -34.43 -50.81 22.30
CA SER D 101 -34.23 -49.55 21.57
C SER D 101 -32.97 -48.87 22.06
N ILE D 102 -32.79 -48.84 23.40
CA ILE D 102 -31.60 -48.23 24.03
C ILE D 102 -30.33 -48.96 23.58
N ALA D 103 -30.36 -50.29 23.63
CA ALA D 103 -29.21 -51.09 23.20
C ALA D 103 -28.83 -50.88 21.74
N ASN D 104 -29.83 -50.78 20.86
CA ASN D 104 -29.57 -50.56 19.43
C ASN D 104 -29.01 -49.17 19.18
N VAL D 105 -29.53 -48.17 19.89
CA VAL D 105 -29.05 -46.81 19.74
C VAL D 105 -27.59 -46.76 20.17
N ARG D 106 -27.29 -47.31 21.35
CA ARG D 106 -25.91 -47.33 21.86
C ARG D 106 -24.98 -48.09 20.95
N GLU D 107 -25.45 -49.22 20.35
CA GLU D 107 -24.59 -49.97 19.43
C GLU D 107 -24.29 -49.13 18.19
N ALA D 108 -25.30 -48.47 17.61
CA ALA D 108 -25.07 -47.62 16.43
C ALA D 108 -24.13 -46.44 16.76
N VAL D 109 -24.34 -45.78 17.90
CA VAL D 109 -23.49 -44.66 18.31
C VAL D 109 -22.04 -45.09 18.55
N GLU D 110 -21.85 -46.20 19.26
CA GLU D 110 -20.51 -46.68 19.57
C GLU D 110 -19.78 -47.27 18.39
N SER D 111 -20.47 -47.56 17.26
CA SER D 111 -19.78 -48.05 16.07
C SER D 111 -18.88 -47.00 15.44
N PHE D 112 -19.02 -45.73 15.81
CA PHE D 112 -18.18 -44.65 15.31
C PHE D 112 -17.10 -44.22 16.33
N ALA D 113 -17.04 -44.84 17.52
CA ALA D 113 -16.08 -44.47 18.54
C ALA D 113 -14.61 -44.74 18.17
N GLY D 114 -14.36 -45.58 17.17
CA GLY D 114 -13.01 -45.88 16.68
C GLY D 114 -12.30 -44.69 16.04
N SER D 115 -13.06 -43.64 15.69
CA SER D 115 -12.48 -42.41 15.13
C SER D 115 -12.93 -41.28 16.07
N PRO D 116 -12.13 -41.05 17.13
CA PRO D 116 -12.53 -40.06 18.15
C PRO D 116 -12.70 -38.63 17.64
N LEU D 117 -12.02 -38.25 16.55
CA LEU D 117 -12.14 -36.89 16.02
C LEU D 117 -13.44 -36.63 15.29
N SER D 118 -14.19 -37.69 14.96
CA SER D 118 -15.44 -37.57 14.22
CA SER D 118 -15.45 -37.53 14.25
C SER D 118 -16.65 -38.11 15.00
N TYR D 119 -16.42 -38.81 16.13
CA TYR D 119 -17.47 -39.43 16.96
C TYR D 119 -18.54 -38.40 17.38
N ARG D 120 -19.81 -38.77 17.18
CA ARG D 120 -20.91 -37.90 17.55
C ARG D 120 -21.71 -38.52 18.66
N PRO D 121 -21.71 -37.87 19.83
CA PRO D 121 -22.57 -38.35 20.93
C PRO D 121 -24.05 -38.21 20.57
N VAL D 122 -24.90 -39.12 21.05
CA VAL D 122 -26.33 -39.05 20.79
C VAL D 122 -27.02 -39.27 22.13
N ALA D 123 -27.89 -38.33 22.53
CA ALA D 123 -28.59 -38.44 23.79
C ALA D 123 -29.78 -39.39 23.66
N ILE D 124 -30.19 -39.98 24.75
CA ILE D 124 -31.39 -40.81 24.80
C ILE D 124 -32.32 -40.17 25.77
N ALA D 125 -33.50 -39.80 25.28
CA ALA D 125 -34.54 -39.13 26.03
C ALA D 125 -35.73 -40.06 26.19
N LEU D 126 -36.30 -40.10 27.36
CA LEU D 126 -37.47 -40.92 27.66
C LEU D 126 -38.63 -39.96 27.70
N ASP D 127 -39.70 -40.22 26.92
CA ASP D 127 -40.88 -39.37 26.90
C ASP D 127 -41.98 -40.15 27.63
N THR D 128 -42.45 -39.64 28.77
CA THR D 128 -43.43 -40.35 29.59
C THR D 128 -44.83 -40.42 29.00
N LYS D 129 -45.60 -41.41 29.46
CA LYS D 129 -46.98 -41.62 29.03
C LYS D 129 -47.86 -40.47 29.52
N GLY D 130 -47.61 -39.96 30.72
CA GLY D 130 -48.35 -38.84 31.26
C GLY D 130 -49.29 -39.20 32.39
N PRO D 131 -50.02 -38.20 32.90
CA PRO D 131 -50.89 -38.44 34.05
C PRO D 131 -52.27 -39.04 33.77
N GLY D 132 -52.77 -38.89 32.55
CA GLY D 132 -54.11 -39.36 32.20
C GLY D 132 -55.16 -38.55 32.96
N SER D 133 -56.18 -39.22 33.49
CA SER D 133 -57.25 -38.52 34.24
C SER D 133 -56.79 -38.21 35.66
N GLY D 134 -55.59 -38.65 36.02
CA GLY D 134 -55.10 -38.46 37.40
C GLY D 134 -54.58 -37.07 37.66
N PRO D 135 -54.33 -36.70 38.93
CA PRO D 135 -53.87 -35.36 39.29
C PRO D 135 -52.41 -35.09 38.89
N GLY D 136 -51.53 -36.08 39.05
CA GLY D 136 -50.10 -35.87 38.79
C GLY D 136 -49.40 -37.14 38.39
N LEU D 137 -48.31 -37.50 39.08
CA LEU D 137 -47.50 -38.66 38.63
C LEU D 137 -48.23 -39.99 38.78
N SER D 138 -48.61 -40.57 37.66
CA SER D 138 -49.21 -41.90 37.58
C SER D 138 -48.25 -43.00 38.05
N GLU D 139 -48.78 -44.18 38.42
CA GLU D 139 -47.95 -45.28 38.86
C GLU D 139 -47.13 -45.88 37.70
N GLN D 140 -47.66 -45.85 36.46
CA GLN D 140 -46.90 -46.31 35.31
C GLN D 140 -45.71 -45.36 35.07
N ASP D 141 -45.90 -44.04 35.24
CA ASP D 141 -44.79 -43.09 35.08
C ASP D 141 -43.72 -43.34 36.13
N VAL D 142 -44.10 -43.67 37.37
CA VAL D 142 -43.11 -43.99 38.42
C VAL D 142 -42.24 -45.18 37.99
N ARG D 143 -42.85 -46.22 37.44
CA ARG D 143 -42.10 -47.40 36.98
C ARG D 143 -41.22 -47.08 35.77
N ASP D 144 -41.74 -46.29 34.81
CA ASP D 144 -40.99 -45.88 33.61
C ASP D 144 -39.80 -45.01 33.97
N LEU D 145 -39.99 -44.10 34.92
CA LEU D 145 -38.91 -43.22 35.37
C LEU D 145 -37.82 -44.04 36.06
N ARG D 146 -38.21 -45.05 36.86
CA ARG D 146 -37.20 -45.89 37.50
CA ARG D 146 -37.22 -45.92 37.51
C ARG D 146 -36.45 -46.69 36.44
N PHE D 147 -37.17 -47.16 35.38
CA PHE D 147 -36.52 -47.87 34.27
C PHE D 147 -35.48 -46.93 33.59
N GLY D 148 -35.86 -45.67 33.40
CA GLY D 148 -34.98 -44.68 32.77
C GLY D 148 -33.68 -44.49 33.50
N VAL D 149 -33.74 -44.36 34.84
CA VAL D 149 -32.56 -44.23 35.68
C VAL D 149 -31.72 -45.50 35.59
N GLU D 150 -32.36 -46.69 35.70
CA GLU D 150 -31.65 -47.96 35.61
C GLU D 150 -30.96 -48.18 34.30
N HIS D 151 -31.51 -47.63 33.21
CA HIS D 151 -30.88 -47.77 31.88
C HIS D 151 -30.04 -46.59 31.46
N GLY D 152 -29.84 -45.62 32.34
CA GLY D 152 -28.99 -44.46 32.08
C GLY D 152 -29.47 -43.47 31.03
N VAL D 153 -30.78 -43.19 30.96
CA VAL D 153 -31.26 -42.15 30.01
C VAL D 153 -30.71 -40.78 30.42
N ASP D 154 -30.53 -39.89 29.46
CA ASP D 154 -29.96 -38.58 29.69
C ASP D 154 -31.00 -37.52 30.01
N ILE D 155 -32.20 -37.68 29.44
CA ILE D 155 -33.23 -36.65 29.50
C ILE D 155 -34.59 -37.29 29.69
N VAL D 156 -35.48 -36.59 30.37
CA VAL D 156 -36.85 -37.01 30.50
C VAL D 156 -37.73 -35.89 29.90
N PHE D 157 -38.63 -36.23 28.98
CA PHE D 157 -39.60 -35.29 28.46
C PHE D 157 -40.85 -35.63 29.27
N ALA D 158 -41.18 -34.83 30.29
CA ALA D 158 -42.31 -35.12 31.16
C ALA D 158 -43.61 -34.64 30.55
N SER D 159 -44.52 -35.57 30.22
CA SER D 159 -45.78 -35.24 29.57
C SER D 159 -46.76 -34.51 30.50
N PHE D 160 -47.58 -33.63 29.91
CA PHE D 160 -48.64 -32.86 30.58
C PHE D 160 -48.22 -32.22 31.91
N VAL D 161 -47.15 -31.43 31.90
CA VAL D 161 -46.72 -30.73 33.11
C VAL D 161 -47.66 -29.54 33.25
N ARG D 162 -48.37 -29.47 34.39
CA ARG D 162 -49.36 -28.41 34.65
C ARG D 162 -48.98 -27.43 35.75
N LYS D 163 -47.98 -27.76 36.56
CA LYS D 163 -47.56 -26.93 37.68
C LYS D 163 -46.19 -27.37 38.18
N ALA D 164 -45.53 -26.54 39.00
CA ALA D 164 -44.20 -26.84 39.50
C ALA D 164 -44.13 -28.16 40.29
N SER D 165 -45.19 -28.51 41.04
CA SER D 165 -45.18 -29.75 41.83
C SER D 165 -45.16 -31.01 40.94
N ASP D 166 -45.62 -30.90 39.68
CA ASP D 166 -45.53 -32.02 38.73
C ASP D 166 -44.05 -32.30 38.43
N VAL D 167 -43.23 -31.25 38.31
CA VAL D 167 -41.80 -31.40 38.04
C VAL D 167 -41.09 -31.97 39.27
N ALA D 168 -41.47 -31.50 40.48
CA ALA D 168 -40.87 -32.03 41.72
C ALA D 168 -41.19 -33.52 41.88
N ALA D 169 -42.38 -33.95 41.45
CA ALA D 169 -42.77 -35.36 41.52
C ALA D 169 -41.95 -36.20 40.57
N VAL D 170 -41.64 -35.68 39.35
CA VAL D 170 -40.81 -36.39 38.39
C VAL D 170 -39.40 -36.51 38.96
N ARG D 171 -38.89 -35.41 39.54
CA ARG D 171 -37.56 -35.39 40.12
C ARG D 171 -37.44 -36.38 41.29
N ALA D 172 -38.47 -36.48 42.14
CA ALA D 172 -38.47 -37.42 43.27
C ALA D 172 -38.49 -38.86 42.75
N ALA D 173 -39.28 -39.15 41.69
CA ALA D 173 -39.35 -40.49 41.12
C ALA D 173 -38.04 -40.91 40.45
N LEU D 174 -37.19 -39.96 40.05
CA LEU D 174 -35.88 -40.31 39.48
C LEU D 174 -34.89 -40.76 40.58
N GLY D 175 -35.18 -40.48 41.84
CA GLY D 175 -34.38 -40.88 42.99
C GLY D 175 -33.03 -40.22 43.10
N PRO D 176 -32.21 -40.70 44.04
CA PRO D 176 -30.87 -40.11 44.22
C PRO D 176 -29.90 -40.41 43.09
N GLU D 177 -30.08 -41.53 42.36
CA GLU D 177 -29.18 -41.86 41.24
C GLU D 177 -29.52 -41.13 39.92
N GLY D 178 -30.64 -40.44 39.86
CA GLY D 178 -31.04 -39.74 38.65
C GLY D 178 -30.97 -38.23 38.77
N HIS D 179 -30.11 -37.70 39.68
CA HIS D 179 -29.97 -36.25 39.88
CA HIS D 179 -29.97 -36.26 39.88
C HIS D 179 -29.42 -35.54 38.65
N GLY D 180 -28.60 -36.23 37.87
CA GLY D 180 -28.00 -35.65 36.68
C GLY D 180 -28.88 -35.67 35.44
N ILE D 181 -30.04 -36.33 35.48
CA ILE D 181 -30.94 -36.40 34.32
C ILE D 181 -31.64 -35.05 34.11
N LYS D 182 -31.69 -34.54 32.87
CA LYS D 182 -32.37 -33.27 32.60
C LYS D 182 -33.86 -33.49 32.49
N ILE D 183 -34.67 -32.64 33.11
CA ILE D 183 -36.12 -32.75 32.98
C ILE D 183 -36.64 -31.62 32.07
N ILE D 184 -37.19 -31.99 30.93
CA ILE D 184 -37.78 -31.07 29.99
C ILE D 184 -39.28 -31.21 30.17
N SER D 185 -39.95 -30.15 30.60
CA SER D 185 -41.39 -30.20 30.81
C SER D 185 -42.15 -29.97 29.55
N LYS D 186 -43.08 -30.87 29.21
CA LYS D 186 -43.91 -30.70 28.04
C LYS D 186 -45.14 -29.87 28.40
N ILE D 187 -45.35 -28.76 27.69
CA ILE D 187 -46.51 -27.89 27.91
C ILE D 187 -47.51 -28.31 26.87
N GLU D 188 -48.60 -28.92 27.33
CA GLU D 188 -49.59 -29.52 26.43
C GLU D 188 -51.01 -29.05 26.65
N ASN D 189 -51.26 -28.14 27.60
CA ASN D 189 -52.63 -27.68 27.84
C ASN D 189 -52.69 -26.25 28.35
N HIS D 190 -53.90 -25.71 28.55
CA HIS D 190 -54.09 -24.36 29.01
C HIS D 190 -53.42 -24.07 30.35
N GLU D 191 -53.56 -24.97 31.33
CA GLU D 191 -52.95 -24.77 32.63
C GLU D 191 -51.43 -24.66 32.58
N GLY D 192 -50.77 -25.52 31.82
CA GLY D 192 -49.33 -25.45 31.65
C GLY D 192 -48.90 -24.14 31.03
N VAL D 193 -49.68 -23.61 30.07
CA VAL D 193 -49.38 -22.31 29.46
C VAL D 193 -49.54 -21.19 30.51
N LYS D 194 -50.61 -21.22 31.30
CA LYS D 194 -50.86 -20.21 32.33
C LYS D 194 -49.88 -20.26 33.50
N ARG D 195 -49.43 -21.46 33.86
CA ARG D 195 -48.43 -21.61 34.93
C ARG D 195 -47.02 -21.79 34.38
N PHE D 196 -46.77 -21.35 33.13
CA PHE D 196 -45.48 -21.47 32.46
C PHE D 196 -44.30 -20.98 33.28
N ASP D 197 -44.39 -19.78 33.86
CA ASP D 197 -43.27 -19.22 34.61
C ASP D 197 -42.79 -20.09 35.77
N GLU D 198 -43.74 -20.63 36.55
CA GLU D 198 -43.38 -21.47 37.68
C GLU D 198 -42.82 -22.83 37.20
N ILE D 199 -43.32 -23.34 36.05
CA ILE D 199 -42.85 -24.61 35.51
C ILE D 199 -41.43 -24.42 34.98
N LEU D 200 -41.18 -23.35 34.21
CA LEU D 200 -39.85 -23.08 33.67
C LEU D 200 -38.80 -22.93 34.76
N GLU D 201 -39.15 -22.23 35.84
CA GLU D 201 -38.25 -22.01 36.98
C GLU D 201 -37.66 -23.30 37.54
N VAL D 202 -38.47 -24.38 37.62
CA VAL D 202 -37.96 -25.65 38.19
C VAL D 202 -37.55 -26.71 37.13
N SER D 203 -37.77 -26.43 35.85
CA SER D 203 -37.41 -27.38 34.81
C SER D 203 -36.06 -27.03 34.22
N ASP D 204 -35.39 -28.03 33.61
CA ASP D 204 -34.17 -27.76 32.87
C ASP D 204 -34.48 -27.15 31.48
N GLY D 205 -35.69 -27.37 30.98
CA GLY D 205 -36.12 -26.86 29.68
C GLY D 205 -37.59 -27.15 29.43
N ILE D 206 -38.07 -26.79 28.23
CA ILE D 206 -39.48 -26.91 27.89
C ILE D 206 -39.65 -27.54 26.51
N MET D 207 -40.72 -28.29 26.34
CA MET D 207 -41.11 -28.77 25.05
C MET D 207 -42.49 -28.19 24.75
N VAL D 208 -42.62 -27.53 23.59
CA VAL D 208 -43.91 -27.02 23.13
C VAL D 208 -44.53 -28.22 22.40
N ALA D 209 -45.39 -28.98 23.09
CA ALA D 209 -45.99 -30.21 22.55
C ALA D 209 -47.25 -29.81 21.82
N ARG D 210 -47.12 -29.42 20.55
CA ARG D 210 -48.19 -28.84 19.76
C ARG D 210 -49.33 -29.79 19.45
N GLY D 211 -49.08 -31.10 19.48
CA GLY D 211 -50.12 -32.10 19.22
C GLY D 211 -51.27 -31.96 20.20
N ASP D 212 -50.99 -32.21 21.47
CA ASP D 212 -52.01 -32.05 22.52
C ASP D 212 -52.41 -30.60 22.71
N LEU D 213 -51.47 -29.66 22.63
CA LEU D 213 -51.77 -28.24 22.78
C LEU D 213 -52.84 -27.76 21.79
N GLY D 214 -52.74 -28.22 20.54
CA GLY D 214 -53.70 -27.89 19.48
C GLY D 214 -55.08 -28.49 19.63
N ILE D 215 -55.26 -29.41 20.58
CA ILE D 215 -56.54 -30.05 20.93
C ILE D 215 -57.07 -29.42 22.25
N GLU D 216 -56.17 -29.03 23.17
CA GLU D 216 -56.51 -28.46 24.47
C GLU D 216 -56.90 -26.99 24.37
N ILE D 217 -56.27 -26.25 23.46
CA ILE D 217 -56.58 -24.84 23.22
C ILE D 217 -56.97 -24.69 21.74
N PRO D 218 -57.68 -23.62 21.32
CA PRO D 218 -57.99 -23.46 19.88
C PRO D 218 -56.74 -23.57 19.00
N ALA D 219 -56.82 -24.31 17.91
CA ALA D 219 -55.70 -24.54 17.01
C ALA D 219 -55.05 -23.25 16.51
N GLU D 220 -55.85 -22.22 16.26
CA GLU D 220 -55.34 -20.94 15.77
C GLU D 220 -54.54 -20.15 16.82
N LYS D 221 -54.49 -20.60 18.07
CA LYS D 221 -53.74 -19.93 19.12
C LYS D 221 -52.40 -20.62 19.43
N VAL D 222 -52.14 -21.82 18.89
CA VAL D 222 -50.91 -22.55 19.18
C VAL D 222 -49.67 -21.75 18.84
N PHE D 223 -49.64 -21.04 17.68
CA PHE D 223 -48.48 -20.23 17.32
C PHE D 223 -48.16 -19.17 18.39
N LEU D 224 -49.18 -18.58 19.08
CA LEU D 224 -48.95 -17.60 20.12
C LEU D 224 -48.26 -18.26 21.32
N ALA D 225 -48.74 -19.44 21.75
CA ALA D 225 -48.14 -20.18 22.85
C ALA D 225 -46.72 -20.59 22.49
N GLN D 226 -46.49 -21.06 21.26
CA GLN D 226 -45.14 -21.46 20.82
C GLN D 226 -44.18 -20.27 20.87
N LYS D 227 -44.56 -19.13 20.26
CA LYS D 227 -43.71 -17.96 20.24
C LYS D 227 -43.43 -17.42 21.62
N MET D 228 -44.45 -17.41 22.50
CA MET D 228 -44.28 -16.92 23.86
C MET D 228 -43.29 -17.81 24.64
N MET D 229 -43.48 -19.13 24.57
CA MET D 229 -42.63 -20.05 25.32
C MET D 229 -41.21 -20.05 24.82
N ILE D 230 -41.02 -19.93 23.51
CA ILE D 230 -39.67 -19.86 22.96
C ILE D 230 -38.99 -18.57 23.43
N GLY D 231 -39.69 -17.43 23.35
CA GLY D 231 -39.14 -16.16 23.83
C GLY D 231 -38.78 -16.20 25.30
N ARG D 232 -39.66 -16.77 26.16
CA ARG D 232 -39.36 -16.86 27.59
C ARG D 232 -38.21 -17.82 27.92
N CYS D 233 -38.09 -18.91 27.15
CA CYS D 233 -36.95 -19.83 27.35
C CYS D 233 -35.66 -19.19 26.90
N ASN D 234 -35.69 -18.42 25.80
CA ASN D 234 -34.50 -17.71 25.33
C ASN D 234 -34.08 -16.67 26.38
N LEU D 235 -35.05 -15.96 26.97
CA LEU D 235 -34.79 -14.97 28.02
C LEU D 235 -34.15 -15.66 29.23
N ALA D 236 -34.68 -16.82 29.63
CA ALA D 236 -34.17 -17.57 30.78
C ALA D 236 -32.88 -18.32 30.50
N GLY D 237 -32.46 -18.45 29.25
CA GLY D 237 -31.29 -19.23 28.88
C GLY D 237 -31.49 -20.73 29.10
N LYS D 238 -32.71 -21.21 28.90
CA LYS D 238 -33.02 -22.63 29.05
C LYS D 238 -33.51 -23.22 27.72
N PRO D 239 -33.14 -24.48 27.43
CA PRO D 239 -33.54 -25.08 26.14
C PRO D 239 -35.04 -25.18 25.91
N VAL D 240 -35.44 -25.01 24.65
CA VAL D 240 -36.84 -25.12 24.26
C VAL D 240 -36.90 -25.97 22.99
N VAL D 241 -37.80 -26.94 22.99
CA VAL D 241 -37.97 -27.86 21.87
C VAL D 241 -39.28 -27.56 21.17
N CYS D 242 -39.26 -27.43 19.84
CA CYS D 242 -40.51 -27.30 19.09
C CYS D 242 -40.83 -28.70 18.58
N ALA D 243 -42.05 -29.19 18.83
CA ALA D 243 -42.40 -30.55 18.49
C ALA D 243 -43.74 -30.69 17.80
N THR D 244 -43.91 -31.82 17.03
CA THR D 244 -45.13 -32.40 16.46
C THR D 244 -45.60 -31.79 15.17
N GLN D 245 -45.74 -32.69 14.18
CA GLN D 245 -46.25 -32.45 12.82
C GLN D 245 -45.42 -31.45 12.04
N MET D 246 -44.13 -31.30 12.37
CA MET D 246 -43.27 -30.38 11.64
C MET D 246 -43.10 -30.80 10.19
N LEU D 247 -42.95 -32.12 9.91
CA LEU D 247 -42.81 -32.63 8.54
C LEU D 247 -43.78 -33.82 8.37
N GLU D 248 -44.98 -33.71 8.91
CA GLU D 248 -46.00 -34.76 8.92
C GLU D 248 -46.22 -35.53 7.59
N SER D 249 -46.30 -34.81 6.48
CA SER D 249 -46.53 -35.44 5.18
C SER D 249 -45.39 -36.38 4.81
N MET D 250 -44.15 -36.20 5.38
CA MET D 250 -43.06 -37.10 5.10
C MET D 250 -43.16 -38.46 5.79
N ILE D 251 -44.24 -38.73 6.52
CA ILE D 251 -44.50 -40.06 7.02
C ILE D 251 -44.76 -41.00 5.78
N THR D 252 -45.44 -40.49 4.74
CA THR D 252 -45.78 -41.25 3.52
C THR D 252 -45.20 -40.69 2.22
N LYS D 253 -44.83 -39.39 2.19
CA LYS D 253 -44.31 -38.78 0.96
C LYS D 253 -42.83 -38.44 1.03
N PRO D 254 -42.14 -38.54 -0.12
CA PRO D 254 -40.69 -38.29 -0.12
C PRO D 254 -40.27 -36.82 0.11
N ARG D 255 -41.18 -35.87 -0.12
CA ARG D 255 -40.87 -34.45 0.01
C ARG D 255 -41.97 -33.79 0.84
N PRO D 256 -41.61 -32.81 1.68
CA PRO D 256 -42.61 -32.17 2.52
C PRO D 256 -43.42 -31.08 1.78
N THR D 257 -44.50 -30.62 2.39
CA THR D 257 -45.29 -29.55 1.83
C THR D 257 -44.60 -28.19 2.06
N ARG D 258 -45.07 -27.13 1.40
CA ARG D 258 -44.53 -25.79 1.58
C ARG D 258 -44.75 -25.29 2.99
N ALA D 259 -45.86 -25.67 3.62
CA ALA D 259 -46.17 -25.24 4.97
C ALA D 259 -45.23 -25.91 5.98
N GLU D 260 -44.83 -27.16 5.72
CA GLU D 260 -43.94 -27.88 6.61
C GLU D 260 -42.51 -27.34 6.61
N THR D 261 -41.97 -27.01 5.44
CA THR D 261 -40.60 -26.44 5.41
C THR D 261 -40.61 -25.06 6.08
N SER D 262 -41.67 -24.28 5.86
CA SER D 262 -41.81 -22.99 6.47
C SER D 262 -41.95 -23.12 8.01
N ASP D 263 -42.67 -24.12 8.50
CA ASP D 263 -42.84 -24.34 9.94
C ASP D 263 -41.50 -24.67 10.61
N VAL D 264 -40.66 -25.50 10.00
CA VAL D 264 -39.35 -25.82 10.53
C VAL D 264 -38.48 -24.56 10.55
N ALA D 265 -38.47 -23.80 9.44
CA ALA D 265 -37.64 -22.60 9.36
C ALA D 265 -38.09 -21.57 10.39
N ASN D 266 -39.40 -21.41 10.57
CA ASN D 266 -39.92 -20.44 11.53
C ASN D 266 -39.69 -20.86 12.99
N ALA D 267 -39.65 -22.15 13.31
CA ALA D 267 -39.33 -22.59 14.68
C ALA D 267 -37.88 -22.20 15.00
N VAL D 268 -36.96 -22.39 14.03
CA VAL D 268 -35.57 -21.99 14.19
C VAL D 268 -35.44 -20.45 14.31
N LEU D 269 -36.14 -19.71 13.45
CA LEU D 269 -36.12 -18.24 13.51
C LEU D 269 -36.76 -17.73 14.79
N ASP D 270 -37.76 -18.44 15.35
CA ASP D 270 -38.38 -18.07 16.63
C ASP D 270 -37.36 -18.14 17.79
N GLY D 271 -36.38 -19.04 17.70
CA GLY D 271 -35.38 -19.23 18.73
C GLY D 271 -35.34 -20.63 19.34
N ALA D 272 -36.01 -21.62 18.71
CA ALA D 272 -36.01 -22.98 19.28
C ALA D 272 -34.61 -23.55 19.34
N ASP D 273 -34.27 -24.23 20.44
CA ASP D 273 -32.98 -24.90 20.54
C ASP D 273 -32.98 -26.22 19.79
N CYS D 274 -34.11 -26.95 19.83
CA CYS D 274 -34.26 -28.26 19.18
C CYS D 274 -35.54 -28.30 18.37
N ILE D 275 -35.54 -29.16 17.36
CA ILE D 275 -36.73 -29.46 16.58
C ILE D 275 -36.90 -30.98 16.64
N MET D 276 -38.13 -31.44 16.58
CA MET D 276 -38.43 -32.84 16.76
C MET D 276 -39.19 -33.49 15.61
N LEU D 277 -38.96 -34.80 15.46
CA LEU D 277 -39.63 -35.67 14.52
C LEU D 277 -40.26 -36.78 15.38
N SER D 278 -41.52 -37.12 15.11
CA SER D 278 -42.27 -38.13 15.83
C SER D 278 -42.59 -39.28 14.86
N GLY D 279 -43.78 -39.29 14.24
CA GLY D 279 -44.18 -40.32 13.29
C GLY D 279 -43.25 -40.35 12.09
N GLU D 280 -42.69 -39.18 11.68
CA GLU D 280 -41.74 -39.07 10.55
C GLU D 280 -40.56 -40.00 10.73
N THR D 281 -40.08 -40.23 11.99
CA THR D 281 -38.96 -41.17 12.16
C THR D 281 -39.37 -42.46 12.83
N ALA D 282 -40.47 -42.46 13.60
CA ALA D 282 -40.87 -43.66 14.34
C ALA D 282 -41.57 -44.65 13.50
N LYS D 283 -42.46 -44.21 12.61
CA LYS D 283 -43.27 -45.16 11.84
C LYS D 283 -43.30 -44.93 10.34
N GLY D 284 -42.81 -43.80 9.87
CA GLY D 284 -42.87 -43.49 8.45
C GLY D 284 -41.92 -44.24 7.53
N ASN D 285 -42.08 -44.00 6.24
CA ASN D 285 -41.27 -44.61 5.22
C ASN D 285 -40.00 -43.78 4.84
N PHE D 286 -39.88 -42.54 5.37
CA PHE D 286 -38.71 -41.70 5.06
C PHE D 286 -37.98 -41.20 6.33
N PRO D 287 -37.62 -42.08 7.27
CA PRO D 287 -36.98 -41.59 8.49
C PRO D 287 -35.68 -40.84 8.27
N VAL D 288 -34.77 -41.36 7.45
CA VAL D 288 -33.49 -40.72 7.22
C VAL D 288 -33.68 -39.44 6.41
N GLU D 289 -34.57 -39.45 5.42
CA GLU D 289 -34.84 -38.28 4.61
C GLU D 289 -35.48 -37.17 5.44
N ALA D 290 -36.28 -37.52 6.46
CA ALA D 290 -36.91 -36.50 7.32
C ALA D 290 -35.85 -35.79 8.16
N VAL D 291 -34.84 -36.54 8.64
CA VAL D 291 -33.73 -36.00 9.40
C VAL D 291 -32.91 -35.08 8.50
N LYS D 292 -32.63 -35.53 7.25
CA LYS D 292 -31.88 -34.73 6.28
C LYS D 292 -32.60 -33.44 5.93
N MET D 293 -33.92 -33.47 5.83
CA MET D 293 -34.73 -32.29 5.50
C MET D 293 -34.71 -31.28 6.65
N GLN D 294 -34.88 -31.75 7.91
CA GLN D 294 -34.77 -30.84 9.06
C GLN D 294 -33.37 -30.24 9.12
N HIS D 295 -32.33 -31.06 8.83
CA HIS D 295 -30.95 -30.57 8.82
C HIS D 295 -30.77 -29.45 7.78
N ALA D 296 -31.23 -29.67 6.54
CA ALA D 296 -31.08 -28.70 5.47
C ALA D 296 -31.84 -27.41 5.76
N ILE D 297 -33.06 -27.50 6.31
CA ILE D 297 -33.84 -26.29 6.60
C ILE D 297 -33.21 -25.50 7.73
N ALA D 298 -32.85 -26.17 8.83
CA ALA D 298 -32.27 -25.52 10.00
C ALA D 298 -31.00 -24.76 9.64
N ARG D 299 -30.16 -25.33 8.80
CA ARG D 299 -28.92 -24.67 8.37
C ARG D 299 -29.22 -23.35 7.62
N GLU D 300 -30.21 -23.35 6.73
CA GLU D 300 -30.59 -22.13 6.00
C GLU D 300 -31.21 -21.10 6.94
N ALA D 301 -32.06 -21.57 7.87
CA ALA D 301 -32.74 -20.66 8.79
C ALA D 301 -31.81 -20.02 9.79
N GLU D 302 -30.80 -20.75 10.26
CA GLU D 302 -29.84 -20.21 11.22
C GLU D 302 -29.02 -19.05 10.65
N ALA D 303 -28.66 -19.13 9.37
CA ALA D 303 -27.94 -18.02 8.71
C ALA D 303 -28.84 -16.79 8.56
N ALA D 304 -30.16 -16.97 8.49
CA ALA D 304 -31.14 -15.90 8.34
C ALA D 304 -31.54 -15.23 9.65
N VAL D 305 -30.99 -15.66 10.79
CA VAL D 305 -31.29 -15.02 12.09
C VAL D 305 -30.63 -13.61 12.09
N TYR D 306 -31.37 -12.57 12.50
CA TYR D 306 -30.85 -11.21 12.54
C TYR D 306 -30.11 -11.04 13.86
N HIS D 307 -28.84 -11.52 13.94
CA HIS D 307 -28.06 -11.49 15.18
C HIS D 307 -27.87 -10.11 15.77
N ARG D 308 -27.81 -9.06 14.93
CA ARG D 308 -27.61 -7.69 15.42
C ARG D 308 -28.68 -7.31 16.43
N GLN D 309 -29.95 -7.59 16.11
CA GLN D 309 -31.04 -7.29 17.05
C GLN D 309 -31.09 -8.32 18.18
N LEU D 310 -30.98 -9.62 17.84
CA LEU D 310 -31.06 -10.69 18.83
C LEU D 310 -30.03 -10.53 19.96
N PHE D 311 -28.75 -10.32 19.62
CA PHE D 311 -27.70 -10.19 20.65
C PHE D 311 -27.93 -8.97 21.50
N GLU D 312 -28.33 -7.84 20.87
CA GLU D 312 -28.62 -6.60 21.58
C GLU D 312 -29.75 -6.80 22.59
N GLU D 313 -30.84 -7.47 22.17
CA GLU D 313 -31.97 -7.71 23.06
C GLU D 313 -31.69 -8.74 24.16
N LEU D 314 -30.90 -9.79 23.87
CA LEU D 314 -30.54 -10.78 24.89
C LEU D 314 -29.67 -10.13 25.95
N ARG D 315 -28.73 -9.28 25.55
CA ARG D 315 -27.87 -8.57 26.48
C ARG D 315 -28.70 -7.64 27.37
N ARG D 316 -29.53 -6.76 26.77
CA ARG D 316 -30.34 -5.82 27.52
C ARG D 316 -31.25 -6.50 28.53
N ALA D 317 -31.87 -7.62 28.14
CA ALA D 317 -32.79 -8.34 29.02
C ALA D 317 -32.10 -9.15 30.09
N ALA D 318 -30.86 -9.60 29.84
CA ALA D 318 -30.15 -10.42 30.80
C ALA D 318 -29.73 -9.59 32.00
N PRO D 319 -30.03 -10.08 33.21
CA PRO D 319 -29.66 -9.31 34.41
C PRO D 319 -28.14 -9.28 34.64
N LEU D 320 -27.70 -8.35 35.47
CA LEU D 320 -26.29 -8.30 35.88
C LEU D 320 -25.94 -9.59 36.62
N SER D 321 -24.68 -10.02 36.54
CA SER D 321 -24.31 -11.25 37.21
C SER D 321 -22.97 -11.15 37.87
N ARG D 322 -22.81 -11.80 39.01
CA ARG D 322 -21.52 -11.92 39.69
C ARG D 322 -20.94 -13.35 39.57
N ASP D 323 -21.51 -14.20 38.71
CA ASP D 323 -21.04 -15.55 38.50
C ASP D 323 -19.97 -15.44 37.43
N PRO D 324 -18.72 -15.86 37.74
CA PRO D 324 -17.65 -15.71 36.75
C PRO D 324 -17.88 -16.47 35.44
N THR D 325 -18.59 -17.62 35.47
CA THR D 325 -18.87 -18.37 34.26
C THR D 325 -19.75 -17.54 33.31
N GLU D 326 -20.76 -16.88 33.88
CA GLU D 326 -21.68 -16.06 33.11
C GLU D 326 -20.97 -14.81 32.57
N VAL D 327 -20.12 -14.19 33.39
CA VAL D 327 -19.39 -12.98 32.98
C VAL D 327 -18.39 -13.33 31.85
N THR D 328 -17.71 -14.49 31.97
CA THR D 328 -16.78 -14.93 30.94
C THR D 328 -17.56 -15.23 29.65
N ALA D 329 -18.72 -15.88 29.75
CA ALA D 329 -19.51 -16.24 28.58
C ALA D 329 -19.91 -15.03 27.75
N ILE D 330 -20.39 -13.94 28.38
CA ILE D 330 -20.80 -12.76 27.59
C ILE D 330 -19.59 -12.07 26.99
N GLY D 331 -18.46 -12.06 27.68
CA GLY D 331 -17.22 -11.50 27.13
C GLY D 331 -16.75 -12.30 25.93
N ALA D 332 -16.85 -13.65 26.01
CA ALA D 332 -16.40 -14.52 24.92
C ALA D 332 -17.29 -14.37 23.70
N VAL D 333 -18.61 -14.24 23.90
CA VAL D 333 -19.55 -14.08 22.78
C VAL D 333 -19.33 -12.73 22.09
N GLU D 334 -19.11 -11.68 22.88
CA GLU D 334 -18.83 -10.36 22.34
CA GLU D 334 -18.83 -10.35 22.35
C GLU D 334 -17.52 -10.39 21.54
N ALA D 335 -16.47 -11.05 22.08
CA ALA D 335 -15.20 -11.19 21.37
C ALA D 335 -15.38 -11.98 20.06
N ALA D 336 -16.16 -13.07 20.09
CA ALA D 336 -16.40 -13.88 18.89
C ALA D 336 -17.05 -13.05 17.76
N PHE D 337 -18.03 -12.20 18.09
CA PHE D 337 -18.70 -11.37 17.09
C PHE D 337 -17.71 -10.31 16.53
N LYS D 338 -16.84 -9.76 17.37
CA LYS D 338 -15.88 -8.75 16.97
C LYS D 338 -14.91 -9.21 15.90
N CYS D 339 -14.47 -10.49 15.99
CA CYS D 339 -13.49 -11.00 15.05
C CYS D 339 -14.05 -11.99 14.06
N CYS D 340 -15.38 -12.25 14.04
CA CYS D 340 -15.99 -13.27 13.18
C CYS D 340 -15.35 -14.61 13.47
N ALA D 341 -15.19 -14.93 14.78
CA ALA D 341 -14.53 -16.18 15.18
C ALA D 341 -15.25 -17.39 14.56
N ALA D 342 -14.50 -18.36 14.04
CA ALA D 342 -15.09 -19.57 13.46
C ALA D 342 -15.71 -20.42 14.59
N ALA D 343 -15.17 -20.36 15.81
CA ALA D 343 -15.69 -21.16 16.92
C ALA D 343 -15.27 -20.61 18.29
N ILE D 344 -16.01 -20.99 19.33
CA ILE D 344 -15.71 -20.78 20.71
C ILE D 344 -15.47 -22.21 21.24
N ILE D 345 -14.24 -22.56 21.64
CA ILE D 345 -13.95 -23.88 22.19
C ILE D 345 -14.02 -23.76 23.71
N VAL D 346 -14.87 -24.55 24.35
CA VAL D 346 -15.05 -24.50 25.78
C VAL D 346 -14.82 -25.87 26.45
N LEU D 347 -14.09 -25.89 27.58
CA LEU D 347 -13.93 -27.10 28.37
C LEU D 347 -15.09 -27.09 29.39
N THR D 348 -15.78 -28.23 29.52
CA THR D 348 -16.91 -28.29 30.42
C THR D 348 -17.08 -29.69 31.03
N THR D 349 -17.45 -29.75 32.31
CA THR D 349 -17.62 -31.03 32.99
C THR D 349 -19.08 -31.42 32.95
N THR D 350 -19.98 -30.48 33.23
CA THR D 350 -21.41 -30.70 33.30
C THR D 350 -22.17 -30.16 32.07
N GLY D 351 -21.53 -29.36 31.23
CA GLY D 351 -22.19 -28.69 30.12
C GLY D 351 -22.57 -27.25 30.42
N ARG D 352 -22.53 -26.84 31.71
CA ARG D 352 -22.98 -25.50 32.10
C ARG D 352 -22.26 -24.34 31.41
N SER D 353 -20.92 -24.40 31.26
CA SER D 353 -20.19 -23.30 30.60
C SER D 353 -20.60 -23.19 29.13
N ALA D 354 -20.88 -24.32 28.45
CA ALA D 354 -21.33 -24.29 27.06
C ALA D 354 -22.74 -23.70 26.98
N GLN D 355 -23.62 -24.06 27.93
CA GLN D 355 -24.97 -23.55 27.97
C GLN D 355 -25.00 -22.03 28.15
N LEU D 356 -24.11 -21.49 29.00
CA LEU D 356 -24.07 -20.05 29.23
C LEU D 356 -23.54 -19.28 28.02
N LEU D 357 -22.72 -19.92 27.17
CA LEU D 357 -22.29 -19.30 25.91
C LEU D 357 -23.47 -19.32 24.92
N SER D 358 -24.14 -20.47 24.82
CA SER D 358 -25.28 -20.72 23.93
C SER D 358 -26.45 -19.72 24.16
N ARG D 359 -26.69 -19.34 25.42
CA ARG D 359 -27.79 -18.41 25.71
C ARG D 359 -27.64 -17.02 25.04
N TYR D 360 -26.41 -16.64 24.66
CA TYR D 360 -26.17 -15.39 23.96
C TYR D 360 -26.23 -15.53 22.44
N ARG D 361 -26.59 -16.71 21.94
CA ARG D 361 -26.75 -17.00 20.54
C ARG D 361 -25.59 -16.51 19.66
N PRO D 362 -24.35 -16.95 19.94
CA PRO D 362 -23.25 -16.57 19.05
C PRO D 362 -23.45 -17.18 17.66
N ARG D 363 -22.93 -16.51 16.62
CA ARG D 363 -22.90 -17.07 15.28
C ARG D 363 -21.78 -18.14 15.26
N ALA D 364 -20.68 -17.95 16.02
CA ALA D 364 -19.60 -18.93 16.10
C ALA D 364 -20.10 -20.22 16.75
N ALA D 365 -19.68 -21.38 16.24
CA ALA D 365 -20.05 -22.67 16.82
C ALA D 365 -19.43 -22.79 18.21
N VAL D 366 -20.14 -23.34 19.17
CA VAL D 366 -19.59 -23.58 20.50
C VAL D 366 -19.16 -25.06 20.53
N ILE D 367 -17.87 -25.30 20.44
CA ILE D 367 -17.33 -26.66 20.48
C ILE D 367 -17.05 -27.00 21.94
N ALA D 368 -17.84 -27.90 22.53
CA ALA D 368 -17.67 -28.23 23.93
C ALA D 368 -16.89 -29.52 24.11
N VAL D 369 -15.73 -29.43 24.75
CA VAL D 369 -14.88 -30.61 24.96
C VAL D 369 -15.10 -31.08 26.38
N THR D 370 -15.50 -32.34 26.53
CA THR D 370 -15.79 -32.90 27.83
C THR D 370 -15.34 -34.35 27.93
N ARG D 371 -15.07 -34.80 29.16
CA ARG D 371 -14.81 -36.22 29.43
C ARG D 371 -16.08 -36.95 29.86
N SER D 372 -17.13 -36.22 30.24
CA SER D 372 -18.37 -36.79 30.69
C SER D 372 -19.20 -37.20 29.49
N ALA D 373 -19.41 -38.50 29.31
CA ALA D 373 -20.22 -39.00 28.20
C ALA D 373 -21.68 -38.47 28.35
N GLN D 374 -22.19 -38.41 29.59
CA GLN D 374 -23.52 -37.88 29.83
C GLN D 374 -23.68 -36.40 29.49
N ALA D 375 -22.71 -35.56 29.91
CA ALA D 375 -22.76 -34.14 29.58
C ALA D 375 -22.69 -33.92 28.08
N ALA D 376 -21.85 -34.70 27.39
CA ALA D 376 -21.69 -34.61 25.94
C ALA D 376 -23.02 -34.87 25.24
N ARG D 377 -23.80 -35.84 25.75
CA ARG D 377 -25.09 -36.14 25.19
C ARG D 377 -26.10 -35.03 25.52
N GLN D 378 -26.13 -34.57 26.77
CA GLN D 378 -27.10 -33.57 27.20
C GLN D 378 -26.91 -32.18 26.59
N VAL D 379 -25.68 -31.78 26.20
CA VAL D 379 -25.50 -30.43 25.64
C VAL D 379 -26.14 -30.25 24.28
N HIS D 380 -26.59 -31.34 23.63
CA HIS D 380 -27.35 -31.22 22.40
C HIS D 380 -28.65 -30.42 22.63
N LEU D 381 -29.14 -30.31 23.88
CA LEU D 381 -30.33 -29.51 24.15
C LEU D 381 -30.08 -28.00 23.90
N CYS D 382 -28.82 -27.54 23.88
CA CYS D 382 -28.48 -26.12 23.72
C CYS D 382 -28.09 -25.80 22.34
N ARG D 383 -28.73 -24.79 21.74
CA ARG D 383 -28.44 -24.43 20.37
C ARG D 383 -27.01 -24.01 20.15
N GLY D 384 -26.41 -24.54 19.10
CA GLY D 384 -25.07 -24.15 18.70
C GLY D 384 -23.96 -24.79 19.49
N VAL D 385 -24.27 -25.82 20.30
CA VAL D 385 -23.24 -26.53 21.04
C VAL D 385 -22.96 -27.86 20.33
N PHE D 386 -21.69 -28.07 19.96
CA PHE D 386 -21.18 -29.25 19.29
C PHE D 386 -20.30 -30.00 20.29
N PRO D 387 -20.85 -31.04 20.92
CA PRO D 387 -20.08 -31.78 21.92
C PRO D 387 -19.04 -32.72 21.35
N LEU D 388 -17.85 -32.71 21.97
CA LEU D 388 -16.76 -33.62 21.61
C LEU D 388 -16.41 -34.38 22.87
N LEU D 389 -16.43 -35.70 22.79
CA LEU D 389 -16.11 -36.53 23.95
C LEU D 389 -14.63 -36.88 23.93
N TYR D 390 -13.90 -36.40 24.92
CA TYR D 390 -12.46 -36.64 25.06
C TYR D 390 -12.25 -37.92 25.85
N ARG D 391 -11.51 -38.87 25.30
CA ARG D 391 -11.33 -40.18 25.95
C ARG D 391 -9.99 -40.44 26.55
N GLU D 392 -8.99 -39.61 26.26
CA GLU D 392 -7.65 -39.82 26.78
C GLU D 392 -7.58 -39.67 28.30
N PRO D 393 -6.75 -40.48 28.96
CA PRO D 393 -6.56 -40.32 30.41
C PRO D 393 -5.88 -38.98 30.72
N PRO D 394 -6.11 -38.44 31.93
CA PRO D 394 -5.50 -37.15 32.28
C PRO D 394 -3.99 -37.08 32.25
N GLU D 395 -3.44 -35.95 31.81
CA GLU D 395 -2.01 -35.70 31.87
C GLU D 395 -1.67 -35.40 33.33
N ALA D 396 -0.42 -35.66 33.75
CA ALA D 396 0.00 -35.38 35.13
C ALA D 396 -0.03 -33.86 35.41
N ILE D 397 0.34 -33.04 34.41
CA ILE D 397 0.31 -31.60 34.58
C ILE D 397 -1.04 -31.09 34.06
N TRP D 398 -1.84 -30.48 34.95
CA TRP D 398 -3.20 -30.03 34.62
C TRP D 398 -3.24 -29.07 33.45
N ALA D 399 -2.32 -28.09 33.37
CA ALA D 399 -2.28 -27.17 32.23
C ALA D 399 -2.04 -27.90 30.90
N ASP D 400 -1.25 -28.99 30.91
CA ASP D 400 -1.01 -29.78 29.71
C ASP D 400 -2.28 -30.55 29.34
N ASP D 401 -3.04 -31.02 30.32
CA ASP D 401 -4.33 -31.74 30.07
C ASP D 401 -5.34 -30.78 29.43
N VAL D 402 -5.42 -29.56 29.94
CA VAL D 402 -6.33 -28.53 29.38
C VAL D 402 -5.92 -28.27 27.93
N ASP D 403 -4.64 -28.08 27.67
CA ASP D 403 -4.14 -27.76 26.31
C ASP D 403 -4.41 -28.90 25.32
N ARG D 404 -4.21 -30.15 25.74
CA ARG D 404 -4.47 -31.32 24.87
C ARG D 404 -5.97 -31.36 24.51
N ARG D 405 -6.81 -31.01 25.47
CA ARG D 405 -8.26 -30.98 25.19
C ARG D 405 -8.58 -29.85 24.20
N VAL D 406 -7.94 -28.69 24.36
CA VAL D 406 -8.16 -27.59 23.43
C VAL D 406 -7.68 -28.02 22.03
N GLN D 407 -6.51 -28.68 21.95
CA GLN D 407 -6.00 -29.18 20.67
C GLN D 407 -6.92 -30.22 20.06
N PHE D 408 -7.51 -31.08 20.86
CA PHE D 408 -8.48 -32.06 20.41
C PHE D 408 -9.72 -31.35 19.80
N GLY D 409 -10.18 -30.27 20.44
CA GLY D 409 -11.26 -29.45 19.92
C GLY D 409 -10.90 -28.87 18.55
N ILE D 410 -9.68 -28.33 18.42
CA ILE D 410 -9.17 -27.79 17.17
C ILE D 410 -9.04 -28.84 16.05
N GLU D 411 -8.44 -30.01 16.36
CA GLU D 411 -8.26 -31.07 15.38
C GLU D 411 -9.58 -31.67 14.95
N SER D 412 -10.56 -31.78 15.89
CA SER D 412 -11.91 -32.25 15.53
C SER D 412 -12.55 -31.23 14.61
N GLY D 413 -12.44 -29.95 15.00
CA GLY D 413 -12.98 -28.83 14.24
C GLY D 413 -12.44 -28.77 12.83
N LYS D 414 -11.12 -29.03 12.63
CA LYS D 414 -10.51 -29.04 11.29
C LYS D 414 -11.02 -30.23 10.48
N LEU D 415 -11.04 -31.43 11.07
CA LEU D 415 -11.54 -32.62 10.37
C LEU D 415 -13.00 -32.47 9.96
N ARG D 416 -13.83 -31.88 10.83
CA ARG D 416 -15.26 -31.72 10.54
C ARG D 416 -15.64 -30.50 9.70
N GLY D 417 -14.68 -29.66 9.33
CA GLY D 417 -14.96 -28.50 8.51
C GLY D 417 -15.29 -27.22 9.24
N PHE D 418 -15.30 -27.24 10.59
CA PHE D 418 -15.59 -26.02 11.36
C PHE D 418 -14.44 -25.01 11.25
N LEU D 419 -13.21 -25.49 11.18
CA LEU D 419 -12.03 -24.65 11.24
C LEU D 419 -11.06 -24.89 10.14
N ARG D 420 -10.31 -23.83 9.83
CA ARG D 420 -9.20 -23.85 8.88
C ARG D 420 -8.06 -23.04 9.48
N VAL D 421 -6.84 -23.25 8.99
CA VAL D 421 -5.66 -22.47 9.37
C VAL D 421 -5.91 -21.00 9.04
N GLY D 422 -5.62 -20.11 9.99
CA GLY D 422 -5.89 -18.69 9.79
C GLY D 422 -7.16 -18.21 10.49
N ASP D 423 -8.05 -19.13 10.85
CA ASP D 423 -9.27 -18.75 11.56
C ASP D 423 -8.90 -18.26 12.99
N LEU D 424 -9.73 -17.41 13.57
CA LEU D 424 -9.60 -17.00 14.94
C LEU D 424 -10.64 -17.79 15.70
N VAL D 425 -10.30 -18.18 16.90
CA VAL D 425 -11.15 -18.95 17.76
C VAL D 425 -11.05 -18.34 19.19
N ILE D 426 -12.12 -18.41 19.96
CA ILE D 426 -12.15 -17.96 21.36
C ILE D 426 -12.10 -19.26 22.21
N VAL D 427 -11.18 -19.35 23.15
CA VAL D 427 -11.03 -20.53 24.00
C VAL D 427 -11.44 -20.16 25.43
N VAL D 428 -12.40 -20.92 25.98
CA VAL D 428 -12.96 -20.68 27.29
C VAL D 428 -12.59 -21.84 28.22
N THR D 429 -11.84 -21.52 29.26
CA THR D 429 -11.38 -22.50 30.26
C THR D 429 -11.55 -21.88 31.69
N GLY D 430 -11.16 -22.63 32.72
CA GLY D 430 -11.24 -22.20 34.12
C GLY D 430 -9.88 -22.23 34.81
N TRP D 431 -9.80 -21.75 36.04
CA TRP D 431 -8.53 -21.62 36.76
C TRP D 431 -8.11 -22.84 37.60
N ARG D 432 -9.01 -23.80 37.78
CA ARG D 432 -8.71 -25.00 38.54
C ARG D 432 -9.57 -26.15 38.05
N PRO D 433 -9.17 -27.41 38.32
CA PRO D 433 -10.01 -28.55 37.91
C PRO D 433 -11.38 -28.56 38.63
N GLY D 434 -12.31 -29.30 38.04
CA GLY D 434 -13.63 -29.44 38.60
C GLY D 434 -14.58 -28.42 37.99
N SER D 435 -15.89 -28.71 38.14
CA SER D 435 -16.98 -27.89 37.61
CA SER D 435 -16.97 -27.86 37.59
C SER D 435 -17.16 -26.59 38.38
N GLY D 436 -17.57 -25.52 37.68
CA GLY D 436 -17.89 -24.26 38.33
C GLY D 436 -16.85 -23.18 38.34
N TYR D 437 -15.69 -23.42 37.77
CA TYR D 437 -14.57 -22.48 37.85
C TYR D 437 -14.15 -21.85 36.53
N THR D 438 -15.03 -21.85 35.50
CA THR D 438 -14.73 -21.17 34.25
C THR D 438 -14.59 -19.65 34.53
N ASN D 439 -13.53 -19.05 34.05
CA ASN D 439 -13.26 -17.64 34.27
C ASN D 439 -12.28 -17.05 33.25
N ILE D 440 -11.87 -17.81 32.23
CA ILE D 440 -10.86 -17.33 31.30
C ILE D 440 -11.35 -17.42 29.87
N MET D 441 -11.09 -16.38 29.10
CA MET D 441 -11.36 -16.31 27.68
C MET D 441 -10.05 -15.90 26.96
N ARG D 442 -9.69 -16.61 25.89
CA ARG D 442 -8.46 -16.33 25.14
C ARG D 442 -8.67 -16.36 23.60
N VAL D 443 -8.07 -15.40 22.89
CA VAL D 443 -8.20 -15.29 21.44
C VAL D 443 -7.03 -16.04 20.82
N LEU D 444 -7.33 -17.09 20.06
CA LEU D 444 -6.35 -18.00 19.48
C LEU D 444 -6.41 -18.05 17.96
N SER D 445 -5.27 -17.96 17.30
CA SER D 445 -5.20 -18.06 15.83
C SER D 445 -4.91 -19.53 15.48
N ILE D 446 -5.69 -20.12 14.58
CA ILE D 446 -5.51 -21.51 14.20
C ILE D 446 -4.28 -21.69 13.32
N SER D 447 -3.36 -22.58 13.72
CA SER D 447 -2.15 -22.89 12.97
C SER D 447 -2.13 -24.35 12.50
N ALA E 25 17.81 -26.97 -14.46
CA ALA E 25 18.64 -27.43 -13.35
C ALA E 25 20.12 -27.14 -13.61
N PHE E 26 20.56 -27.29 -14.87
CA PHE E 26 21.94 -26.99 -15.28
C PHE E 26 22.31 -25.53 -14.94
N PHE E 27 21.40 -24.61 -15.24
CA PHE E 27 21.63 -23.19 -15.03
C PHE E 27 21.49 -22.73 -13.57
N GLN E 28 21.11 -23.63 -12.65
CA GLN E 28 21.04 -23.29 -11.23
C GLN E 28 22.34 -23.69 -10.49
N GLN E 29 23.05 -24.71 -10.99
CA GLN E 29 24.30 -25.21 -10.43
C GLN E 29 25.50 -24.32 -10.77
N GLN E 30 26.67 -24.61 -10.13
CA GLN E 30 27.97 -23.97 -10.29
C GLN E 30 27.90 -22.44 -10.37
N GLN E 31 27.04 -21.82 -9.54
CA GLN E 31 26.84 -20.37 -9.47
C GLN E 31 26.58 -19.73 -10.84
N LEU E 32 25.91 -20.46 -11.76
CA LEU E 32 25.62 -19.91 -13.09
C LEU E 32 24.72 -18.65 -13.03
N PRO E 33 23.71 -18.51 -12.15
CA PRO E 33 23.01 -17.21 -12.07
C PRO E 33 23.97 -16.06 -11.72
N ALA E 34 24.93 -16.26 -10.79
CA ALA E 34 25.92 -15.21 -10.47
C ALA E 34 26.89 -14.97 -11.63
N ALA E 35 27.19 -16.02 -12.41
CA ALA E 35 28.09 -15.94 -13.55
C ALA E 35 27.53 -15.05 -14.67
N MET E 36 26.20 -15.04 -14.84
CA MET E 36 25.56 -14.23 -15.88
C MET E 36 25.31 -12.77 -15.50
N ALA E 37 25.66 -12.36 -14.25
CA ALA E 37 25.42 -10.99 -13.82
C ALA E 37 26.17 -9.95 -14.64
N ASP E 38 25.61 -8.75 -14.76
CA ASP E 38 26.20 -7.69 -15.57
C ASP E 38 27.25 -6.85 -14.86
N THR E 39 27.29 -6.91 -13.51
CA THR E 39 28.31 -6.19 -12.73
C THR E 39 28.86 -7.15 -11.65
N PHE E 40 30.02 -6.85 -11.12
CA PHE E 40 30.62 -7.60 -10.05
C PHE E 40 29.75 -7.55 -8.80
N LEU E 41 29.16 -6.38 -8.51
CA LEU E 41 28.26 -6.22 -7.37
C LEU E 41 27.04 -7.13 -7.49
N GLU E 42 26.40 -7.17 -8.65
CA GLU E 42 25.24 -8.04 -8.91
CA GLU E 42 25.24 -8.04 -8.86
C GLU E 42 25.66 -9.53 -8.82
N HIS E 43 26.89 -9.83 -9.26
CA HIS E 43 27.43 -11.19 -9.20
C HIS E 43 27.51 -11.64 -7.74
N LEU E 44 28.01 -10.75 -6.82
CA LEU E 44 28.08 -11.10 -5.40
C LEU E 44 26.69 -11.33 -4.83
N CYS E 45 25.73 -10.46 -5.19
CA CYS E 45 24.35 -10.55 -4.73
C CYS E 45 23.67 -11.85 -5.14
N LEU E 46 24.10 -12.45 -6.27
CA LEU E 46 23.49 -13.68 -6.77
C LEU E 46 24.18 -14.96 -6.33
N LEU E 47 25.26 -14.88 -5.54
CA LEU E 47 25.95 -16.08 -5.04
C LEU E 47 24.99 -16.84 -4.13
N ASP E 48 24.90 -18.16 -4.32
CA ASP E 48 23.91 -18.98 -3.65
C ASP E 48 24.56 -20.17 -2.96
N ILE E 49 24.34 -20.29 -1.64
CA ILE E 49 24.88 -21.44 -0.89
C ILE E 49 24.25 -22.80 -1.35
N ASP E 50 23.11 -22.76 -2.00
CA ASP E 50 22.45 -23.98 -2.51
C ASP E 50 22.85 -24.34 -3.95
N SER E 51 23.67 -23.52 -4.60
CA SER E 51 24.11 -23.79 -5.97
C SER E 51 25.35 -24.68 -5.86
N GLU E 52 25.19 -25.97 -6.15
CA GLU E 52 26.27 -26.93 -5.97
C GLU E 52 27.35 -26.92 -7.06
N PRO E 53 28.61 -27.07 -6.65
CA PRO E 53 29.69 -27.11 -7.66
C PRO E 53 29.60 -28.40 -8.48
N VAL E 54 29.85 -28.32 -9.78
CA VAL E 54 29.80 -29.50 -10.64
C VAL E 54 31.18 -29.76 -11.24
N ALA E 55 31.89 -28.71 -11.64
CA ALA E 55 33.22 -28.81 -12.21
C ALA E 55 34.20 -29.46 -11.24
N ALA E 56 35.21 -30.11 -11.80
CA ALA E 56 36.26 -30.70 -10.99
C ALA E 56 37.09 -29.57 -10.38
N ARG E 57 37.65 -29.83 -9.19
CA ARG E 57 38.45 -28.85 -8.49
C ARG E 57 39.72 -28.53 -9.30
N SER E 58 39.91 -27.27 -9.64
CA SER E 58 41.00 -26.85 -10.50
C SER E 58 42.26 -26.30 -9.79
N THR E 59 42.15 -25.82 -8.54
CA THR E 59 43.32 -25.30 -7.82
C THR E 59 44.08 -26.49 -7.23
N SER E 60 45.37 -26.66 -7.52
CA SER E 60 46.13 -27.80 -6.97
C SER E 60 46.44 -27.65 -5.51
N ILE E 61 46.52 -28.78 -4.82
CA ILE E 61 46.86 -28.79 -3.40
C ILE E 61 48.26 -29.32 -3.24
N ILE E 62 49.10 -28.56 -2.56
CA ILE E 62 50.46 -28.98 -2.26
C ILE E 62 50.45 -29.38 -0.79
N ALA E 63 50.86 -30.63 -0.47
CA ALA E 63 50.90 -31.06 0.93
C ALA E 63 52.35 -31.34 1.32
N THR E 64 52.80 -30.82 2.46
CA THR E 64 54.16 -31.03 2.94
C THR E 64 54.24 -32.37 3.63
N ILE E 65 55.17 -33.23 3.19
CA ILE E 65 55.33 -34.58 3.70
C ILE E 65 56.26 -34.57 4.91
N GLY E 66 55.78 -35.10 6.02
CA GLY E 66 56.54 -35.18 7.25
C GLY E 66 56.08 -36.34 8.11
N PRO E 67 56.41 -36.32 9.41
CA PRO E 67 56.04 -37.46 10.27
C PRO E 67 54.57 -37.88 10.26
N ALA E 68 53.65 -36.90 10.13
CA ALA E 68 52.22 -37.20 10.12
C ALA E 68 51.69 -37.69 8.79
N SER E 69 52.47 -37.62 7.71
CA SER E 69 51.98 -37.97 6.38
C SER E 69 52.97 -38.80 5.58
N ARG E 70 53.83 -39.55 6.23
CA ARG E 70 54.89 -40.30 5.57
C ARG E 70 54.59 -41.71 5.17
N SER E 71 53.70 -42.39 5.90
CA SER E 71 53.41 -43.78 5.60
C SER E 71 52.70 -43.96 4.28
N VAL E 72 52.95 -45.07 3.59
CA VAL E 72 52.33 -45.40 2.31
C VAL E 72 50.80 -45.41 2.42
N GLU E 73 50.27 -46.00 3.49
CA GLU E 73 48.82 -46.06 3.72
C GLU E 73 48.21 -44.65 3.87
N ARG E 74 48.89 -43.78 4.62
CA ARG E 74 48.45 -42.41 4.85
C ARG E 74 48.52 -41.61 3.53
N LEU E 75 49.60 -41.81 2.76
CA LEU E 75 49.77 -41.14 1.47
C LEU E 75 48.72 -41.55 0.46
N LYS E 76 48.24 -42.79 0.48
CA LYS E 76 47.19 -43.23 -0.42
C LYS E 76 45.89 -42.47 -0.11
N GLU E 77 45.60 -42.26 1.19
CA GLU E 77 44.42 -41.51 1.60
C GLU E 77 44.56 -40.04 1.20
N MET E 78 45.77 -39.46 1.27
CA MET E 78 45.99 -38.08 0.88
CA MET E 78 45.99 -38.08 0.88
C MET E 78 45.85 -37.89 -0.61
N ILE E 79 46.27 -38.88 -1.42
CA ILE E 79 46.12 -38.81 -2.88
C ILE E 79 44.62 -38.85 -3.20
N LYS E 80 43.87 -39.74 -2.56
CA LYS E 80 42.42 -39.83 -2.77
C LYS E 80 41.67 -38.58 -2.26
N ALA E 81 42.16 -37.94 -1.22
CA ALA E 81 41.56 -36.72 -0.69
C ALA E 81 41.81 -35.50 -1.62
N GLY E 82 42.82 -35.56 -2.48
CA GLY E 82 43.08 -34.50 -3.44
C GLY E 82 44.50 -33.95 -3.56
N MET E 83 45.48 -34.51 -2.82
CA MET E 83 46.86 -34.02 -2.89
C MET E 83 47.41 -34.18 -4.33
N ASN E 84 47.94 -33.09 -4.91
CA ASN E 84 48.49 -33.13 -6.27
C ASN E 84 50.02 -33.01 -6.28
N ILE E 85 50.58 -32.33 -5.30
CA ILE E 85 52.01 -32.09 -5.20
C ILE E 85 52.46 -32.41 -3.79
N ALA E 86 53.52 -33.22 -3.64
CA ALA E 86 54.10 -33.56 -2.36
C ALA E 86 55.33 -32.68 -2.17
N ARG E 87 55.37 -31.90 -1.10
CA ARG E 87 56.47 -31.00 -0.83
C ARG E 87 57.40 -31.59 0.23
N LEU E 88 58.71 -31.55 -0.02
CA LEU E 88 59.71 -32.01 0.94
C LEU E 88 60.46 -30.79 1.42
N ASN E 89 60.35 -30.47 2.70
CA ASN E 89 61.00 -29.29 3.24
C ASN E 89 62.42 -29.63 3.68
N PHE E 90 63.42 -29.19 2.90
CA PHE E 90 64.81 -29.47 3.23
C PHE E 90 65.38 -28.60 4.35
N SER E 91 64.55 -27.74 4.99
CA SER E 91 64.97 -27.04 6.19
C SER E 91 65.04 -28.06 7.37
N HIS E 92 64.33 -29.20 7.28
CA HIS E 92 64.29 -30.23 8.31
C HIS E 92 64.68 -31.59 7.73
N GLY E 93 64.94 -32.56 8.59
CA GLY E 93 65.29 -33.90 8.18
C GLY E 93 66.64 -34.02 7.52
N SER E 94 66.91 -35.16 6.95
CA SER E 94 68.17 -35.45 6.28
C SER E 94 67.89 -35.96 4.86
N HIS E 95 68.94 -36.18 4.06
CA HIS E 95 68.78 -36.73 2.72
C HIS E 95 68.17 -38.12 2.78
N GLU E 96 68.57 -38.93 3.77
CA GLU E 96 68.03 -40.27 3.94
C GLU E 96 66.54 -40.21 4.29
N TYR E 97 66.18 -39.29 5.17
CA TYR E 97 64.79 -39.12 5.58
C TYR E 97 63.91 -38.73 4.38
N HIS E 98 64.34 -37.73 3.60
CA HIS E 98 63.59 -37.27 2.43
C HIS E 98 63.55 -38.30 1.32
N ALA E 99 64.63 -39.10 1.14
CA ALA E 99 64.63 -40.16 0.13
C ALA E 99 63.58 -41.22 0.48
N GLU E 100 63.41 -41.53 1.77
CA GLU E 100 62.39 -42.48 2.21
C GLU E 100 61.00 -41.90 1.98
N SER E 101 60.82 -40.60 2.23
CA SER E 101 59.52 -39.95 1.99
C SER E 101 59.17 -40.01 0.50
N ILE E 102 60.13 -39.67 -0.39
CA ILE E 102 59.95 -39.75 -1.84
C ILE E 102 59.55 -41.17 -2.26
N ALA E 103 60.27 -42.20 -1.76
CA ALA E 103 59.96 -43.58 -2.11
C ALA E 103 58.55 -43.96 -1.67
N ASN E 104 58.10 -43.51 -0.48
CA ASN E 104 56.75 -43.81 -0.02
C ASN E 104 55.71 -43.11 -0.86
N VAL E 105 55.99 -41.86 -1.28
CA VAL E 105 55.07 -41.11 -2.15
C VAL E 105 54.93 -41.85 -3.47
N ARG E 106 56.05 -42.21 -4.09
CA ARG E 106 56.04 -42.95 -5.35
C ARG E 106 55.35 -44.29 -5.24
N GLU E 107 55.53 -45.00 -4.12
CA GLU E 107 54.85 -46.28 -3.93
C GLU E 107 53.34 -46.07 -3.83
N ALA E 108 52.91 -45.05 -3.06
CA ALA E 108 51.48 -44.75 -2.95
C ALA E 108 50.89 -44.33 -4.29
N VAL E 109 51.59 -43.50 -5.06
CA VAL E 109 51.12 -43.03 -6.37
C VAL E 109 51.02 -44.17 -7.35
N GLU E 110 52.06 -45.01 -7.41
CA GLU E 110 52.06 -46.12 -8.36
C GLU E 110 51.12 -47.25 -8.00
N SER E 111 50.56 -47.28 -6.77
CA SER E 111 49.56 -48.29 -6.42
C SER E 111 48.26 -48.11 -7.23
N PHE E 112 48.05 -46.94 -7.86
CA PHE E 112 46.87 -46.67 -8.68
C PHE E 112 47.17 -46.77 -10.20
N ALA E 113 48.42 -47.06 -10.62
CA ALA E 113 48.81 -47.14 -12.05
C ALA E 113 48.19 -48.28 -12.84
N GLY E 114 47.66 -49.28 -12.15
CA GLY E 114 47.01 -50.41 -12.81
C GLY E 114 45.70 -50.05 -13.50
N SER E 115 45.15 -48.86 -13.21
CA SER E 115 43.94 -48.38 -13.87
C SER E 115 44.33 -47.05 -14.53
N PRO E 116 44.85 -47.12 -15.76
CA PRO E 116 45.33 -45.89 -16.43
C PRO E 116 44.32 -44.76 -16.64
N LEU E 117 43.04 -45.10 -16.74
CA LEU E 117 41.97 -44.13 -16.95
C LEU E 117 41.68 -43.28 -15.70
N SER E 118 42.11 -43.74 -14.51
CA SER E 118 41.88 -43.02 -13.26
C SER E 118 43.19 -42.63 -12.53
N TYR E 119 44.36 -43.07 -13.02
CA TYR E 119 45.66 -42.76 -12.42
C TYR E 119 45.88 -41.26 -12.27
N ARG E 120 46.28 -40.84 -11.08
CA ARG E 120 46.55 -39.43 -10.84
C ARG E 120 48.01 -39.20 -10.62
N PRO E 121 48.67 -38.46 -11.53
CA PRO E 121 50.08 -38.12 -11.30
C PRO E 121 50.23 -37.21 -10.08
N VAL E 122 51.33 -37.34 -9.34
CA VAL E 122 51.59 -36.50 -8.18
C VAL E 122 53.01 -35.97 -8.33
N ALA E 123 53.18 -34.65 -8.34
CA ALA E 123 54.50 -34.06 -8.48
C ALA E 123 55.28 -34.12 -7.15
N ILE E 124 56.60 -34.09 -7.22
CA ILE E 124 57.45 -34.06 -6.06
C ILE E 124 58.24 -32.77 -6.11
N ALA E 125 58.08 -31.95 -5.08
CA ALA E 125 58.73 -30.66 -5.02
C ALA E 125 59.71 -30.60 -3.87
N LEU E 126 60.87 -30.01 -4.09
CA LEU E 126 61.90 -29.88 -3.10
C LEU E 126 61.92 -28.44 -2.65
N ASP E 127 61.75 -28.18 -1.36
CA ASP E 127 61.78 -26.82 -0.83
C ASP E 127 63.14 -26.61 -0.16
N THR E 128 63.97 -25.70 -0.67
CA THR E 128 65.31 -25.49 -0.14
C THR E 128 65.36 -24.80 1.22
N LYS E 129 66.48 -24.99 1.94
CA LYS E 129 66.70 -24.36 3.23
C LYS E 129 66.87 -22.86 3.08
N GLY E 130 67.58 -22.43 2.04
CA GLY E 130 67.79 -21.01 1.80
C GLY E 130 69.20 -20.54 2.05
N PRO E 131 69.47 -19.24 1.79
CA PRO E 131 70.83 -18.73 2.00
C PRO E 131 71.22 -18.48 3.46
N GLY E 136 75.46 -15.74 -1.09
CA GLY E 136 74.71 -16.27 -2.23
C GLY E 136 74.11 -17.65 -1.98
N LEU E 137 74.23 -18.57 -2.97
CA LEU E 137 73.70 -19.92 -2.85
C LEU E 137 74.51 -20.71 -1.83
N SER E 138 73.88 -21.12 -0.73
CA SER E 138 74.56 -21.84 0.34
C SER E 138 75.08 -23.22 -0.11
N GLU E 139 76.07 -23.76 0.63
CA GLU E 139 76.64 -25.06 0.31
C GLU E 139 75.63 -26.18 0.55
N GLN E 140 74.76 -26.04 1.56
CA GLN E 140 73.73 -27.03 1.82
C GLN E 140 72.72 -27.04 0.68
N ASP E 141 72.37 -25.86 0.13
CA ASP E 141 71.46 -25.79 -1.01
C ASP E 141 72.06 -26.47 -2.23
N VAL E 142 73.36 -26.30 -2.47
CA VAL E 142 74.03 -26.97 -3.60
C VAL E 142 73.88 -28.50 -3.49
N ARG E 143 74.08 -29.04 -2.28
CA ARG E 143 73.97 -30.47 -2.05
C ARG E 143 72.53 -30.96 -2.15
N ASP E 144 71.57 -30.18 -1.61
CA ASP E 144 70.14 -30.51 -1.66
C ASP E 144 69.60 -30.47 -3.09
N LEU E 145 70.06 -29.49 -3.88
CA LEU E 145 69.66 -29.39 -5.28
C LEU E 145 70.20 -30.56 -6.09
N ARG E 146 71.43 -31.00 -5.78
CA ARG E 146 72.02 -32.16 -6.43
C ARG E 146 71.21 -33.42 -6.08
N PHE E 147 70.79 -33.53 -4.79
CA PHE E 147 69.96 -34.64 -4.33
C PHE E 147 68.63 -34.66 -5.12
N GLY E 148 68.04 -33.49 -5.34
CA GLY E 148 66.80 -33.37 -6.08
C GLY E 148 66.90 -33.88 -7.50
N VAL E 149 67.97 -33.50 -8.20
CA VAL E 149 68.21 -33.97 -9.56
C VAL E 149 68.40 -35.48 -9.58
N GLU E 150 69.22 -36.00 -8.65
CA GLU E 150 69.48 -37.44 -8.57
C GLU E 150 68.23 -38.25 -8.24
N HIS E 151 67.30 -37.66 -7.47
CA HIS E 151 66.06 -38.36 -7.14
C HIS E 151 64.87 -38.01 -8.06
N GLY E 152 65.12 -37.29 -9.14
CA GLY E 152 64.11 -36.97 -10.12
C GLY E 152 62.96 -36.09 -9.67
N VAL E 153 63.24 -35.08 -8.84
CA VAL E 153 62.16 -34.18 -8.39
C VAL E 153 61.66 -33.36 -9.59
N ASP E 154 60.40 -32.97 -9.55
CA ASP E 154 59.77 -32.22 -10.65
C ASP E 154 59.91 -30.71 -10.49
N ILE E 155 59.94 -30.24 -9.24
CA ILE E 155 59.88 -28.82 -8.93
C ILE E 155 60.81 -28.47 -7.80
N VAL E 156 61.34 -27.26 -7.83
CA VAL E 156 62.12 -26.73 -6.75
C VAL E 156 61.44 -25.45 -6.26
N PHE E 157 61.16 -25.36 -4.95
CA PHE E 157 60.65 -24.13 -4.36
C PHE E 157 61.90 -23.50 -3.78
N ALA E 158 62.44 -22.47 -4.44
CA ALA E 158 63.68 -21.84 -4.00
C ALA E 158 63.42 -20.79 -2.92
N SER E 159 63.92 -21.03 -1.70
CA SER E 159 63.69 -20.13 -0.57
C SER E 159 64.42 -18.81 -0.67
N PHE E 160 63.81 -17.75 -0.13
CA PHE E 160 64.38 -16.41 -0.04
C PHE E 160 64.99 -15.88 -1.34
N VAL E 161 64.23 -15.92 -2.46
CA VAL E 161 64.73 -15.38 -3.71
C VAL E 161 64.62 -13.87 -3.63
N ARG E 162 65.74 -13.16 -3.78
CA ARG E 162 65.79 -11.71 -3.66
C ARG E 162 66.08 -10.95 -4.95
N LYS E 163 66.55 -11.66 -5.98
CA LYS E 163 66.94 -11.04 -7.25
C LYS E 163 67.07 -12.13 -8.32
N ALA E 164 67.11 -11.72 -9.60
CA ALA E 164 67.21 -12.65 -10.71
C ALA E 164 68.45 -13.57 -10.64
N SER E 165 69.59 -13.07 -10.14
CA SER E 165 70.81 -13.89 -10.04
C SER E 165 70.67 -15.05 -9.04
N ASP E 166 69.75 -14.92 -8.05
CA ASP E 166 69.47 -16.01 -7.12
C ASP E 166 68.85 -17.20 -7.89
N VAL E 167 67.99 -16.91 -8.86
CA VAL E 167 67.32 -17.94 -9.67
C VAL E 167 68.34 -18.58 -10.60
N ALA E 168 69.23 -17.77 -11.22
CA ALA E 168 70.27 -18.29 -12.11
C ALA E 168 71.21 -19.22 -11.33
N ALA E 169 71.51 -18.90 -10.06
CA ALA E 169 72.38 -19.76 -9.22
C ALA E 169 71.70 -21.09 -8.93
N VAL E 170 70.38 -21.10 -8.67
CA VAL E 170 69.65 -22.34 -8.44
C VAL E 170 69.66 -23.18 -9.72
N ARG E 171 69.42 -22.53 -10.86
CA ARG E 171 69.40 -23.19 -12.15
C ARG E 171 70.78 -23.83 -12.48
N ALA E 172 71.87 -23.11 -12.18
CA ALA E 172 73.22 -23.63 -12.40
C ALA E 172 73.49 -24.83 -11.51
N ALA E 173 73.08 -24.78 -10.23
CA ALA E 173 73.27 -25.89 -9.29
C ALA E 173 72.48 -27.14 -9.66
N LEU E 174 71.41 -26.99 -10.46
CA LEU E 174 70.65 -28.15 -10.92
C LEU E 174 71.42 -28.94 -12.04
N GLY E 175 72.44 -28.30 -12.62
CA GLY E 175 73.28 -28.91 -13.64
C GLY E 175 72.60 -29.16 -14.96
N PRO E 176 73.31 -29.86 -15.86
CA PRO E 176 72.72 -30.15 -17.18
C PRO E 176 71.58 -31.17 -17.13
N GLU E 177 71.56 -32.06 -16.12
CA GLU E 177 70.50 -33.07 -16.01
C GLU E 177 69.21 -32.54 -15.36
N GLY E 178 69.22 -31.33 -14.81
CA GLY E 178 68.03 -30.76 -14.18
C GLY E 178 67.42 -29.60 -14.93
N HIS E 179 67.63 -29.53 -16.27
CA HIS E 179 67.08 -28.44 -17.08
CA HIS E 179 67.08 -28.44 -17.08
C HIS E 179 65.55 -28.45 -17.13
N GLY E 180 64.94 -29.63 -16.99
CA GLY E 180 63.50 -29.79 -17.04
C GLY E 180 62.77 -29.48 -15.74
N ILE E 181 63.51 -29.32 -14.63
CA ILE E 181 62.90 -29.04 -13.34
C ILE E 181 62.34 -27.60 -13.28
N LYS E 182 61.11 -27.42 -12.80
CA LYS E 182 60.53 -26.09 -12.68
C LYS E 182 61.06 -25.39 -11.44
N ILE E 183 61.45 -24.12 -11.57
CA ILE E 183 61.91 -23.36 -10.41
C ILE E 183 60.82 -22.36 -10.01
N ILE E 184 60.26 -22.55 -8.82
CA ILE E 184 59.26 -21.66 -8.26
C ILE E 184 59.97 -20.82 -7.23
N SER E 185 60.09 -19.51 -7.45
CA SER E 185 60.79 -18.65 -6.52
C SER E 185 59.89 -18.25 -5.34
N LYS E 186 60.37 -18.44 -4.12
CA LYS E 186 59.63 -18.05 -2.94
C LYS E 186 59.97 -16.58 -2.62
N ILE E 187 58.94 -15.72 -2.58
CA ILE E 187 59.12 -14.31 -2.22
C ILE E 187 58.82 -14.24 -0.75
N GLU E 188 59.85 -13.95 0.05
CA GLU E 188 59.75 -14.00 1.50
C GLU E 188 60.17 -12.75 2.21
N ASN E 189 60.60 -11.70 1.49
CA ASN E 189 61.06 -10.47 2.16
C ASN E 189 60.82 -9.23 1.31
N HIS E 190 61.13 -8.04 1.85
CA HIS E 190 60.92 -6.77 1.15
C HIS E 190 61.63 -6.69 -0.18
N GLU E 191 62.90 -7.15 -0.25
CA GLU E 191 63.66 -7.10 -1.50
C GLU E 191 63.05 -7.93 -2.59
N GLY E 192 62.60 -9.15 -2.28
CA GLY E 192 61.94 -10.00 -3.25
C GLY E 192 60.67 -9.37 -3.78
N VAL E 193 59.91 -8.67 -2.91
CA VAL E 193 58.70 -7.99 -3.35
C VAL E 193 59.06 -6.83 -4.28
N LYS E 194 60.07 -6.01 -3.92
CA LYS E 194 60.49 -4.89 -4.74
C LYS E 194 61.12 -5.29 -6.08
N ARG E 195 61.85 -6.40 -6.10
CA ARG E 195 62.45 -6.91 -7.33
C ARG E 195 61.62 -8.03 -7.98
N PHE E 196 60.32 -8.09 -7.66
CA PHE E 196 59.39 -9.09 -8.16
C PHE E 196 59.43 -9.27 -9.68
N ASP E 197 59.35 -8.17 -10.45
CA ASP E 197 59.31 -8.27 -11.90
C ASP E 197 60.51 -9.00 -12.50
N GLU E 198 61.71 -8.68 -12.02
CA GLU E 198 62.92 -9.33 -12.53
C GLU E 198 62.99 -10.80 -12.10
N ILE E 199 62.47 -11.12 -10.91
CA ILE E 199 62.45 -12.51 -10.41
C ILE E 199 61.46 -13.33 -11.22
N LEU E 200 60.26 -12.80 -11.44
CA LEU E 200 59.22 -13.51 -12.18
C LEU E 200 59.67 -13.80 -13.62
N GLU E 201 60.34 -12.83 -14.24
CA GLU E 201 60.86 -12.94 -15.61
CA GLU E 201 60.85 -12.96 -15.61
C GLU E 201 61.70 -14.21 -15.82
N VAL E 202 62.56 -14.56 -14.85
CA VAL E 202 63.43 -15.73 -14.98
C VAL E 202 62.96 -16.98 -14.25
N SER E 203 61.84 -16.91 -13.52
CA SER E 203 61.33 -18.08 -12.78
C SER E 203 60.21 -18.76 -13.56
N ASP E 204 59.96 -20.02 -13.26
CA ASP E 204 58.81 -20.71 -13.85
C ASP E 204 57.48 -20.32 -13.13
N GLY E 205 57.59 -19.85 -11.90
CA GLY E 205 56.46 -19.44 -11.08
C GLY E 205 56.90 -18.83 -9.77
N ILE E 206 55.93 -18.49 -8.93
CA ILE E 206 56.19 -17.81 -7.67
C ILE E 206 55.43 -18.46 -6.52
N MET E 207 56.01 -18.42 -5.34
CA MET E 207 55.33 -18.82 -4.13
C MET E 207 55.28 -17.60 -3.22
N VAL E 208 54.09 -17.23 -2.76
CA VAL E 208 53.91 -16.14 -1.81
C VAL E 208 54.10 -16.83 -0.45
N ALA E 209 55.31 -16.75 0.10
CA ALA E 209 55.66 -17.44 1.35
C ALA E 209 55.31 -16.53 2.48
N ARG E 210 54.06 -16.54 2.91
CA ARG E 210 53.52 -15.61 3.89
C ARG E 210 54.11 -15.71 5.28
N GLY E 211 54.66 -16.88 5.65
CA GLY E 211 55.30 -17.08 6.95
C GLY E 211 56.42 -16.09 7.19
N ASP E 212 57.49 -16.17 6.38
CA ASP E 212 58.60 -15.24 6.48
C ASP E 212 58.20 -13.84 6.05
N LEU E 213 57.38 -13.71 5.00
CA LEU E 213 56.93 -12.39 4.54
C LEU E 213 56.25 -11.58 5.65
N GLY E 214 55.44 -12.24 6.48
CA GLY E 214 54.75 -11.62 7.60
C GLY E 214 55.63 -11.22 8.78
N ILE E 215 56.90 -11.65 8.77
CA ILE E 215 57.92 -11.30 9.78
C ILE E 215 58.87 -10.23 9.17
N GLU E 216 59.13 -10.29 7.86
CA GLU E 216 60.03 -9.38 7.17
C GLU E 216 59.39 -8.04 6.88
N ILE E 217 58.08 -8.03 6.59
CA ILE E 217 57.34 -6.79 6.35
C ILE E 217 56.18 -6.73 7.38
N PRO E 218 55.58 -5.55 7.65
CA PRO E 218 54.45 -5.52 8.61
C PRO E 218 53.35 -6.53 8.25
N ALA E 219 52.87 -7.28 9.24
CA ALA E 219 51.88 -8.33 9.04
C ALA E 219 50.63 -7.82 8.29
N GLU E 220 50.22 -6.58 8.56
CA GLU E 220 49.04 -6.00 7.92
C GLU E 220 49.24 -5.67 6.43
N LYS E 221 50.46 -5.82 5.90
CA LYS E 221 50.73 -5.54 4.50
C LYS E 221 50.82 -6.80 3.64
N VAL E 222 50.88 -8.00 4.25
CA VAL E 222 51.04 -9.25 3.51
C VAL E 222 49.96 -9.46 2.46
N PHE E 223 48.69 -9.15 2.78
CA PHE E 223 47.62 -9.31 1.80
C PHE E 223 47.86 -8.44 0.54
N LEU E 224 48.50 -7.26 0.67
CA LEU E 224 48.78 -6.41 -0.51
C LEU E 224 49.84 -7.08 -1.37
N ALA E 225 50.90 -7.63 -0.76
CA ALA E 225 51.94 -8.35 -1.48
C ALA E 225 51.35 -9.59 -2.15
N GLN E 226 50.47 -10.33 -1.46
CA GLN E 226 49.85 -11.52 -2.02
C GLN E 226 49.00 -11.17 -3.23
N LYS E 227 48.11 -10.17 -3.12
CA LYS E 227 47.22 -9.79 -4.21
C LYS E 227 47.98 -9.23 -5.41
N MET E 228 49.04 -8.44 -5.16
CA MET E 228 49.88 -7.91 -6.22
C MET E 228 50.60 -9.05 -6.97
N MET E 229 51.23 -9.98 -6.23
CA MET E 229 51.97 -11.08 -6.87
C MET E 229 51.09 -12.01 -7.61
N ILE E 230 49.88 -12.27 -7.08
CA ILE E 230 48.95 -13.15 -7.78
C ILE E 230 48.48 -12.48 -9.08
N GLY E 231 48.15 -11.20 -9.01
CA GLY E 231 47.72 -10.46 -10.18
C GLY E 231 48.79 -10.40 -11.25
N ARG E 232 50.05 -10.16 -10.87
CA ARG E 232 51.16 -10.12 -11.84
C ARG E 232 51.47 -11.48 -12.45
N CYS E 233 51.33 -12.57 -11.67
CA CYS E 233 51.53 -13.91 -12.20
C CYS E 233 50.40 -14.26 -13.14
N ASN E 234 49.17 -13.86 -12.83
CA ASN E 234 48.03 -14.12 -13.72
C ASN E 234 48.25 -13.36 -15.05
N LEU E 235 48.74 -12.12 -14.98
CA LEU E 235 49.03 -11.30 -16.16
C LEU E 235 50.14 -12.00 -17.00
N ALA E 236 51.19 -12.51 -16.36
CA ALA E 236 52.29 -13.19 -17.05
C ALA E 236 51.94 -14.61 -17.51
N GLY E 237 50.83 -15.19 -17.03
CA GLY E 237 50.48 -16.56 -17.38
C GLY E 237 51.41 -17.55 -16.69
N LYS E 238 51.94 -17.23 -15.50
CA LYS E 238 52.85 -18.12 -14.78
C LYS E 238 52.23 -18.55 -13.44
N PRO E 239 52.45 -19.81 -13.03
CA PRO E 239 51.84 -20.28 -11.77
C PRO E 239 52.22 -19.51 -10.53
N VAL E 240 51.26 -19.38 -9.62
CA VAL E 240 51.50 -18.71 -8.36
C VAL E 240 50.88 -19.58 -7.24
N VAL E 241 51.65 -19.80 -6.18
CA VAL E 241 51.23 -20.61 -5.06
C VAL E 241 50.99 -19.74 -3.86
N CYS E 242 49.85 -19.93 -3.18
CA CYS E 242 49.60 -19.23 -1.93
C CYS E 242 49.97 -20.21 -0.82
N ALA E 243 50.81 -19.77 0.12
CA ALA E 243 51.29 -20.69 1.15
C ALA E 243 51.28 -20.13 2.56
N THR E 244 51.25 -21.03 3.57
CA THR E 244 51.48 -20.85 4.99
C THR E 244 50.30 -20.35 5.81
N GLN E 245 49.96 -21.18 6.83
CA GLN E 245 48.93 -20.95 7.83
C GLN E 245 47.54 -20.83 7.25
N MET E 246 47.29 -21.45 6.10
CA MET E 246 45.97 -21.40 5.47
C MET E 246 44.93 -22.10 6.33
N LEU E 247 45.28 -23.26 6.95
CA LEU E 247 44.36 -24.01 7.81
C LEU E 247 45.08 -24.38 9.12
N GLU E 248 45.90 -23.45 9.65
CA GLU E 248 46.74 -23.64 10.81
C GLU E 248 46.10 -24.35 12.01
N SER E 249 44.90 -23.93 12.42
CA SER E 249 44.22 -24.54 13.57
C SER E 249 43.95 -26.04 13.38
N MET E 250 43.90 -26.52 12.13
CA MET E 250 43.70 -27.95 11.87
C MET E 250 44.90 -28.83 12.26
N ILE E 251 45.99 -28.26 12.76
CA ILE E 251 47.11 -29.03 13.29
C ILE E 251 46.61 -29.77 14.56
N THR E 252 45.77 -29.11 15.39
CA THR E 252 45.23 -29.73 16.58
C THR E 252 43.72 -29.96 16.54
N LYS E 253 42.99 -29.22 15.71
CA LYS E 253 41.53 -29.33 15.68
C LYS E 253 40.98 -29.95 14.42
N PRO E 254 39.88 -30.71 14.51
CA PRO E 254 39.33 -31.38 13.31
C PRO E 254 38.65 -30.46 12.28
N ARG E 255 38.28 -29.25 12.70
CA ARG E 255 37.61 -28.29 11.83
C ARG E 255 38.36 -26.96 11.88
N PRO E 256 38.46 -26.25 10.77
CA PRO E 256 39.19 -24.98 10.76
C PRO E 256 38.34 -23.80 11.28
N THR E 257 39.00 -22.66 11.54
CA THR E 257 38.29 -21.47 11.96
C THR E 257 37.60 -20.81 10.76
N ARG E 258 36.69 -19.86 11.02
CA ARG E 258 36.01 -19.11 9.96
C ARG E 258 37.01 -18.29 9.14
N ALA E 259 38.06 -17.79 9.78
CA ALA E 259 39.08 -17.01 9.05
C ALA E 259 39.88 -17.89 8.10
N GLU E 260 40.14 -19.13 8.48
CA GLU E 260 40.92 -20.05 7.66
C GLU E 260 40.18 -20.51 6.42
N THR E 261 38.88 -20.82 6.51
CA THR E 261 38.12 -21.20 5.31
C THR E 261 38.03 -20.01 4.36
N SER E 262 37.82 -18.82 4.90
CA SER E 262 37.75 -17.59 4.14
C SER E 262 39.11 -17.33 3.44
N ASP E 263 40.22 -17.55 4.12
CA ASP E 263 41.57 -17.37 3.55
C ASP E 263 41.81 -18.30 2.35
N VAL E 264 41.40 -19.55 2.45
CA VAL E 264 41.56 -20.49 1.33
C VAL E 264 40.67 -20.02 0.15
N ALA E 265 39.41 -19.67 0.42
CA ALA E 265 38.49 -19.24 -0.61
C ALA E 265 38.98 -17.97 -1.28
N ASN E 266 39.53 -17.02 -0.50
CA ASN E 266 40.02 -15.78 -1.06
C ASN E 266 41.31 -15.95 -1.85
N ALA E 267 42.16 -16.94 -1.51
CA ALA E 267 43.37 -17.18 -2.31
C ALA E 267 42.94 -17.67 -3.71
N VAL E 268 41.93 -18.56 -3.77
CA VAL E 268 41.39 -19.06 -5.04
C VAL E 268 40.73 -17.91 -5.81
N LEU E 269 39.91 -17.08 -5.15
CA LEU E 269 39.27 -15.94 -5.80
C LEU E 269 40.29 -14.89 -6.26
N ASP E 270 41.42 -14.74 -5.55
CA ASP E 270 42.50 -13.81 -5.95
C ASP E 270 43.13 -14.25 -7.29
N GLY E 271 43.16 -15.55 -7.56
CA GLY E 271 43.72 -16.09 -8.79
C GLY E 271 44.86 -17.08 -8.57
N ALA E 272 45.05 -17.60 -7.33
CA ALA E 272 46.15 -18.52 -7.07
C ALA E 272 45.99 -19.79 -7.88
N ASP E 273 47.09 -20.31 -8.45
CA ASP E 273 47.04 -21.58 -9.16
C ASP E 273 47.07 -22.75 -8.19
N CYS E 274 47.82 -22.63 -7.08
CA CYS E 274 47.96 -23.67 -6.06
C CYS E 274 47.77 -23.11 -4.67
N ILE E 275 47.34 -23.97 -3.74
CA ILE E 275 47.25 -23.66 -2.33
C ILE E 275 48.07 -24.72 -1.59
N MET E 276 48.69 -24.35 -0.48
CA MET E 276 49.59 -25.24 0.23
C MET E 276 49.23 -25.49 1.67
N LEU E 277 49.63 -26.67 2.16
CA LEU E 277 49.51 -27.11 3.54
C LEU E 277 50.93 -27.41 4.02
N SER E 278 51.30 -26.88 5.18
CA SER E 278 52.62 -27.04 5.77
C SER E 278 52.54 -27.95 7.00
N GLY E 279 52.48 -27.38 8.21
CA GLY E 279 52.36 -28.13 9.45
C GLY E 279 51.09 -28.96 9.50
N GLU E 280 50.02 -28.48 8.80
CA GLU E 280 48.73 -29.17 8.75
C GLU E 280 48.91 -30.60 8.26
N THR E 281 49.88 -30.86 7.37
CA THR E 281 50.12 -32.22 6.87
C THR E 281 51.43 -32.82 7.38
N ALA E 282 52.45 -31.99 7.57
CA ALA E 282 53.76 -32.46 7.99
C ALA E 282 53.74 -33.00 9.41
N LYS E 283 53.03 -32.34 10.34
CA LYS E 283 53.03 -32.76 11.73
C LYS E 283 51.67 -32.80 12.44
N GLY E 284 50.62 -32.38 11.75
CA GLY E 284 49.30 -32.29 12.35
C GLY E 284 48.60 -33.59 12.68
N ASN E 285 47.54 -33.48 13.46
CA ASN E 285 46.72 -34.62 13.85
C ASN E 285 45.63 -34.96 12.86
N PHE E 286 45.37 -34.07 11.86
CA PHE E 286 44.34 -34.31 10.86
C PHE E 286 44.86 -34.02 9.42
N PRO E 287 45.98 -34.65 8.97
CA PRO E 287 46.49 -34.35 7.61
C PRO E 287 45.52 -34.61 6.47
N VAL E 288 44.82 -35.76 6.49
CA VAL E 288 43.88 -36.08 5.41
C VAL E 288 42.67 -35.15 5.43
N GLU E 289 42.19 -34.80 6.63
CA GLU E 289 41.06 -33.89 6.78
C GLU E 289 41.42 -32.49 6.28
N ALA E 290 42.68 -32.04 6.46
CA ALA E 290 43.11 -30.73 5.98
C ALA E 290 43.11 -30.70 4.44
N VAL E 291 43.53 -31.80 3.80
CA VAL E 291 43.50 -31.90 2.33
C VAL E 291 42.03 -31.87 1.85
N LYS E 292 41.16 -32.63 2.53
CA LYS E 292 39.73 -32.66 2.17
C LYS E 292 39.07 -31.30 2.33
N MET E 293 39.48 -30.54 3.34
CA MET E 293 38.93 -29.22 3.58
C MET E 293 39.38 -28.26 2.48
N GLN E 294 40.68 -28.27 2.09
CA GLN E 294 41.15 -27.42 0.99
C GLN E 294 40.44 -27.80 -0.29
N HIS E 295 40.23 -29.11 -0.53
CA HIS E 295 39.53 -29.56 -1.72
C HIS E 295 38.09 -29.00 -1.76
N ALA E 296 37.34 -29.16 -0.65
CA ALA E 296 35.95 -28.70 -0.56
C ALA E 296 35.83 -27.20 -0.73
N ILE E 297 36.74 -26.42 -0.13
CA ILE E 297 36.68 -24.96 -0.26
C ILE E 297 37.03 -24.50 -1.68
N ALA E 298 38.10 -25.05 -2.26
CA ALA E 298 38.54 -24.65 -3.60
C ALA E 298 37.47 -24.88 -4.63
N ARG E 299 36.74 -25.99 -4.53
CA ARG E 299 35.68 -26.30 -5.45
C ARG E 299 34.56 -25.26 -5.38
N GLU E 300 34.18 -24.83 -4.16
CA GLU E 300 33.14 -23.83 -3.99
C GLU E 300 33.62 -22.48 -4.51
N ALA E 301 34.87 -22.11 -4.21
CA ALA E 301 35.41 -20.82 -4.60
C ALA E 301 35.60 -20.70 -6.10
N GLU E 302 36.00 -21.78 -6.79
CA GLU E 302 36.19 -21.74 -8.24
C GLU E 302 34.89 -21.46 -8.99
N ALA E 303 33.77 -22.00 -8.52
CA ALA E 303 32.47 -21.70 -9.12
C ALA E 303 32.05 -20.23 -8.88
N ALA E 304 32.55 -19.59 -7.80
CA ALA E 304 32.24 -18.20 -7.44
C ALA E 304 33.11 -17.17 -8.15
N VAL E 305 34.06 -17.59 -9.00
CA VAL E 305 34.89 -16.64 -9.75
C VAL E 305 33.96 -15.95 -10.79
N TYR E 306 34.06 -14.62 -10.94
CA TYR E 306 33.25 -13.86 -11.89
C TYR E 306 33.97 -13.91 -13.25
N HIS E 307 33.82 -15.02 -13.98
CA HIS E 307 34.52 -15.23 -15.25
C HIS E 307 34.27 -14.17 -16.30
N ARG E 308 33.10 -13.56 -16.33
CA ARG E 308 32.79 -12.53 -17.32
C ARG E 308 33.78 -11.37 -17.25
N GLN E 309 34.10 -10.90 -16.04
CA GLN E 309 35.07 -9.83 -15.91
C GLN E 309 36.49 -10.36 -16.06
N LEU E 310 36.79 -11.49 -15.41
CA LEU E 310 38.12 -12.07 -15.45
C LEU E 310 38.60 -12.37 -16.87
N PHE E 311 37.77 -13.04 -17.69
CA PHE E 311 38.16 -13.35 -19.07
C PHE E 311 38.35 -12.10 -19.87
N GLU E 312 37.43 -11.10 -19.72
CA GLU E 312 37.56 -9.84 -20.44
CA GLU E 312 37.59 -9.85 -20.45
C GLU E 312 38.87 -9.14 -20.10
N GLU E 313 39.21 -9.07 -18.81
CA GLU E 313 40.45 -8.41 -18.40
C GLU E 313 41.72 -9.20 -18.81
N LEU E 314 41.69 -10.53 -18.74
CA LEU E 314 42.86 -11.34 -19.14
C LEU E 314 43.06 -11.25 -20.65
N ARG E 315 41.99 -11.34 -21.41
CA ARG E 315 42.04 -11.25 -22.85
C ARG E 315 42.58 -9.86 -23.29
N ARG E 316 42.10 -8.77 -22.67
CA ARG E 316 42.49 -7.41 -22.98
C ARG E 316 43.97 -7.13 -22.64
N ALA E 317 44.45 -7.69 -21.53
CA ALA E 317 45.82 -7.47 -21.09
C ALA E 317 46.83 -8.41 -21.78
N ALA E 318 46.40 -9.57 -22.29
CA ALA E 318 47.33 -10.49 -22.95
C ALA E 318 47.73 -9.88 -24.27
N PRO E 319 49.03 -9.84 -24.55
CA PRO E 319 49.48 -9.15 -25.76
C PRO E 319 49.06 -9.83 -27.03
N LEU E 320 48.98 -9.08 -28.12
CA LEU E 320 48.73 -9.64 -29.45
C LEU E 320 49.91 -10.58 -29.79
N SER E 321 49.64 -11.64 -30.54
CA SER E 321 50.64 -12.64 -30.77
C SER E 321 50.48 -13.27 -32.09
N ARG E 322 51.60 -13.66 -32.69
CA ARG E 322 51.62 -14.41 -33.93
CA ARG E 322 51.56 -14.42 -33.92
C ARG E 322 52.04 -15.88 -33.70
N ASP E 323 52.11 -16.33 -32.43
CA ASP E 323 52.45 -17.70 -32.08
C ASP E 323 51.15 -18.50 -32.24
N PRO E 324 51.10 -19.49 -33.13
CA PRO E 324 49.86 -20.24 -33.33
C PRO E 324 49.31 -20.94 -32.09
N THR E 325 50.15 -21.37 -31.14
CA THR E 325 49.65 -22.00 -29.91
C THR E 325 48.89 -20.97 -29.09
N GLU E 326 49.41 -19.76 -28.98
CA GLU E 326 48.77 -18.69 -28.22
C GLU E 326 47.43 -18.27 -28.89
N VAL E 327 47.43 -18.19 -30.23
CA VAL E 327 46.24 -17.82 -31.00
C VAL E 327 45.17 -18.89 -30.86
N THR E 328 45.56 -20.17 -30.96
CA THR E 328 44.63 -21.28 -30.81
C THR E 328 44.07 -21.31 -29.39
N ALA E 329 44.92 -21.06 -28.36
CA ALA E 329 44.48 -21.10 -26.97
C ALA E 329 43.35 -20.10 -26.67
N ILE E 330 43.47 -18.86 -27.15
CA ILE E 330 42.41 -17.89 -26.89
C ILE E 330 41.13 -18.22 -27.69
N GLY E 331 41.29 -18.77 -28.89
CA GLY E 331 40.15 -19.19 -29.69
C GLY E 331 39.42 -20.35 -29.04
N ALA E 332 40.17 -21.31 -28.45
CA ALA E 332 39.60 -22.47 -27.78
C ALA E 332 38.86 -22.06 -26.51
N VAL E 333 39.43 -21.14 -25.72
CA VAL E 333 38.79 -20.69 -24.48
C VAL E 333 37.52 -19.89 -24.80
N GLU E 334 37.56 -19.05 -25.84
CA GLU E 334 36.37 -18.32 -26.27
C GLU E 334 35.29 -19.30 -26.73
N ALA E 335 35.66 -20.33 -27.51
CA ALA E 335 34.71 -21.33 -27.97
C ALA E 335 34.11 -22.11 -26.78
N ALA E 336 34.92 -22.45 -25.77
CA ALA E 336 34.47 -23.18 -24.58
C ALA E 336 33.41 -22.39 -23.81
N PHE E 337 33.61 -21.08 -23.63
CA PHE E 337 32.65 -20.22 -22.94
C PHE E 337 31.34 -20.11 -23.72
N LYS E 338 31.41 -20.02 -25.05
CA LYS E 338 30.27 -19.89 -25.93
C LYS E 338 29.31 -21.07 -25.84
N CYS E 339 29.83 -22.30 -25.68
CA CYS E 339 28.97 -23.47 -25.61
C CYS E 339 28.89 -24.10 -24.25
N CYS E 340 29.49 -23.51 -23.19
CA CYS E 340 29.54 -24.12 -21.86
C CYS E 340 30.20 -25.49 -21.95
N ALA E 341 31.30 -25.59 -22.72
CA ALA E 341 31.99 -26.87 -22.93
C ALA E 341 32.35 -27.54 -21.60
N ALA E 342 32.14 -28.85 -21.51
CA ALA E 342 32.49 -29.58 -20.29
C ALA E 342 34.01 -29.61 -20.10
N ALA E 343 34.78 -29.65 -21.21
CA ALA E 343 36.23 -29.71 -21.14
C ALA E 343 36.90 -29.22 -22.43
N ILE E 344 38.18 -28.88 -22.32
CA ILE E 344 39.06 -28.60 -23.44
C ILE E 344 40.10 -29.73 -23.35
N ILE E 345 40.16 -30.62 -24.34
CA ILE E 345 41.13 -31.71 -24.33
C ILE E 345 42.31 -31.26 -25.17
N VAL E 346 43.51 -31.24 -24.59
CA VAL E 346 44.69 -30.78 -25.30
C VAL E 346 45.81 -31.83 -25.28
N LEU E 347 46.49 -32.01 -26.40
CA LEU E 347 47.64 -32.91 -26.48
C LEU E 347 48.87 -32.06 -26.27
N THR E 348 49.74 -32.43 -25.34
CA THR E 348 50.91 -31.63 -25.01
C THR E 348 52.11 -32.48 -24.67
N THR E 349 53.29 -32.05 -25.11
CA THR E 349 54.53 -32.79 -24.85
C THR E 349 55.19 -32.24 -23.60
N THR E 350 55.29 -30.91 -23.50
CA THR E 350 55.93 -30.22 -22.38
C THR E 350 54.96 -29.64 -21.36
N GLY E 351 53.68 -29.53 -21.70
CA GLY E 351 52.70 -28.86 -20.87
C GLY E 351 52.37 -27.45 -21.34
N ARG E 352 53.19 -26.86 -22.25
CA ARG E 352 53.02 -25.48 -22.70
C ARG E 352 51.62 -25.17 -23.32
N SER E 353 51.07 -26.07 -24.19
CA SER E 353 49.76 -25.79 -24.78
C SER E 353 48.67 -25.77 -23.69
N ALA E 354 48.78 -26.60 -22.67
CA ALA E 354 47.83 -26.62 -21.56
C ALA E 354 47.97 -25.33 -20.72
N GLN E 355 49.20 -24.89 -20.47
CA GLN E 355 49.48 -23.68 -19.73
C GLN E 355 48.90 -22.44 -20.43
N LEU E 356 48.99 -22.37 -21.76
CA LEU E 356 48.45 -21.25 -22.52
C LEU E 356 46.93 -21.21 -22.50
N LEU E 357 46.28 -22.37 -22.35
CA LEU E 357 44.81 -22.41 -22.22
C LEU E 357 44.45 -21.95 -20.80
N SER E 358 45.18 -22.47 -19.79
CA SER E 358 44.98 -22.20 -18.37
CA SER E 358 44.95 -22.17 -18.38
C SER E 358 45.08 -20.70 -18.05
N ARG E 359 45.98 -19.96 -18.72
CA ARG E 359 46.16 -18.54 -18.46
C ARG E 359 44.89 -17.71 -18.72
N TYR E 360 43.97 -18.20 -19.56
CA TYR E 360 42.71 -17.51 -19.83
C TYR E 360 41.59 -17.90 -18.86
N ARG E 361 41.91 -18.73 -17.85
CA ARG E 361 41.00 -19.17 -16.81
C ARG E 361 39.66 -19.66 -17.34
N PRO E 362 39.66 -20.67 -18.23
CA PRO E 362 38.38 -21.21 -18.70
C PRO E 362 37.62 -21.86 -17.54
N ARG E 363 36.30 -21.86 -17.63
CA ARG E 363 35.48 -22.59 -16.67
C ARG E 363 35.58 -24.10 -17.03
N ALA E 364 35.74 -24.44 -18.33
CA ALA E 364 35.89 -25.82 -18.77
C ALA E 364 37.22 -26.37 -18.27
N ALA E 365 37.22 -27.63 -17.80
CA ALA E 365 38.44 -28.30 -17.35
C ALA E 365 39.39 -28.47 -18.53
N VAL E 366 40.69 -28.26 -18.34
CA VAL E 366 41.68 -28.49 -19.40
C VAL E 366 42.26 -29.88 -19.16
N ILE E 367 41.83 -30.87 -19.95
CA ILE E 367 42.33 -32.23 -19.82
C ILE E 367 43.57 -32.38 -20.70
N ALA E 368 44.75 -32.48 -20.09
CA ALA E 368 46.00 -32.53 -20.85
C ALA E 368 46.52 -33.95 -21.01
N VAL E 369 46.54 -34.46 -22.23
CA VAL E 369 47.00 -35.81 -22.52
C VAL E 369 48.45 -35.73 -22.94
N THR E 370 49.31 -36.40 -22.18
CA THR E 370 50.73 -36.38 -22.47
C THR E 370 51.37 -37.76 -22.28
N ARG E 371 52.47 -38.01 -22.99
CA ARG E 371 53.29 -39.22 -22.81
C ARG E 371 54.42 -38.96 -21.78
N SER E 372 54.73 -37.69 -21.49
CA SER E 372 55.77 -37.31 -20.57
C SER E 372 55.27 -37.41 -19.13
N ALA E 373 55.83 -38.34 -18.36
CA ALA E 373 55.48 -38.50 -16.96
C ALA E 373 55.82 -37.24 -16.16
N GLN E 374 56.94 -36.61 -16.48
CA GLN E 374 57.35 -35.40 -15.80
C GLN E 374 56.43 -34.22 -16.12
N ALA E 375 56.05 -34.02 -17.40
CA ALA E 375 55.14 -32.94 -17.78
C ALA E 375 53.79 -33.13 -17.10
N ALA E 376 53.32 -34.39 -17.00
CA ALA E 376 52.05 -34.69 -16.34
C ALA E 376 52.08 -34.28 -14.88
N ARG E 377 53.20 -34.48 -14.20
CA ARG E 377 53.34 -34.07 -12.81
C ARG E 377 53.44 -32.55 -12.71
N GLN E 378 54.25 -31.92 -13.55
CA GLN E 378 54.46 -30.48 -13.50
C GLN E 378 53.26 -29.61 -13.87
N VAL E 379 52.32 -30.11 -14.72
CA VAL E 379 51.17 -29.28 -15.09
C VAL E 379 50.20 -29.05 -13.94
N HIS E 380 50.37 -29.75 -12.81
CA HIS E 380 49.59 -29.47 -11.61
C HIS E 380 49.83 -28.02 -11.13
N LEU E 381 50.94 -27.39 -11.53
CA LEU E 381 51.20 -26.01 -11.17
C LEU E 381 50.19 -25.03 -11.86
N CYS E 382 49.54 -25.44 -12.97
CA CYS E 382 48.62 -24.59 -13.70
C CYS E 382 47.20 -24.84 -13.35
N ARG E 383 46.47 -23.80 -12.94
CA ARG E 383 45.08 -23.95 -12.55
C ARG E 383 44.22 -24.54 -13.65
N GLY E 384 43.41 -25.50 -13.29
CA GLY E 384 42.46 -26.07 -14.21
C GLY E 384 43.01 -27.08 -15.17
N VAL E 385 44.27 -27.52 -15.00
CA VAL E 385 44.84 -28.52 -15.91
C VAL E 385 44.81 -29.88 -15.20
N PHE E 386 44.16 -30.86 -15.82
CA PHE E 386 44.02 -32.21 -15.31
C PHE E 386 44.88 -33.12 -16.20
N PRO E 387 46.05 -33.50 -15.70
CA PRO E 387 46.95 -34.32 -16.53
C PRO E 387 46.56 -35.78 -16.61
N LEU E 388 46.65 -36.34 -17.81
CA LEU E 388 46.42 -37.75 -18.06
C LEU E 388 47.68 -38.28 -18.70
N LEU E 389 48.30 -39.28 -18.08
CA LEU E 389 49.51 -39.87 -18.62
C LEU E 389 49.14 -41.01 -19.56
N TYR E 390 49.46 -40.87 -20.86
CA TYR E 390 49.17 -41.85 -21.89
C TYR E 390 50.37 -42.82 -21.95
N ARG E 391 50.12 -44.12 -21.78
CA ARG E 391 51.21 -45.10 -21.73
C ARG E 391 51.35 -45.99 -22.96
N GLU E 392 50.39 -45.95 -23.89
CA GLU E 392 50.45 -46.80 -25.08
CA GLU E 392 50.42 -46.79 -25.09
C GLU E 392 51.51 -46.39 -26.09
N PRO E 393 52.14 -47.37 -26.76
CA PRO E 393 53.16 -47.03 -27.76
C PRO E 393 52.52 -46.40 -29.01
N PRO E 394 53.29 -45.60 -29.76
CA PRO E 394 52.73 -44.93 -30.94
C PRO E 394 52.14 -45.81 -32.02
N GLU E 395 51.06 -45.35 -32.63
CA GLU E 395 50.41 -45.96 -33.78
C GLU E 395 51.29 -45.71 -35.01
N ALA E 396 51.14 -46.53 -36.07
CA ALA E 396 51.94 -46.37 -37.29
C ALA E 396 51.62 -45.05 -37.98
N ILE E 397 50.34 -44.70 -38.05
CA ILE E 397 49.92 -43.44 -38.66
C ILE E 397 49.77 -42.40 -37.52
N TRP E 398 50.55 -41.31 -37.58
CA TRP E 398 50.53 -40.25 -36.57
C TRP E 398 49.13 -39.67 -36.32
N ALA E 399 48.31 -39.43 -37.36
CA ALA E 399 46.95 -38.93 -37.18
C ALA E 399 46.09 -39.88 -36.34
N ASP E 400 46.34 -41.21 -36.47
CA ASP E 400 45.62 -42.22 -35.69
C ASP E 400 46.10 -42.17 -34.24
N ASP E 401 47.41 -41.94 -34.02
CA ASP E 401 47.97 -41.84 -32.68
C ASP E 401 47.35 -40.64 -31.96
N VAL E 402 47.21 -39.49 -32.66
CA VAL E 402 46.60 -38.26 -32.15
C VAL E 402 45.15 -38.57 -31.76
N ASP E 403 44.38 -39.20 -32.67
CA ASP E 403 43.00 -39.57 -32.41
CA ASP E 403 43.00 -39.57 -32.41
C ASP E 403 42.84 -40.49 -31.20
N ARG E 404 43.76 -41.45 -31.02
CA ARG E 404 43.70 -42.36 -29.87
C ARG E 404 43.94 -41.62 -28.57
N ARG E 405 44.83 -40.63 -28.58
CA ARG E 405 45.12 -39.85 -27.41
C ARG E 405 43.95 -38.94 -27.03
N VAL E 406 43.16 -38.46 -28.03
CA VAL E 406 41.95 -37.67 -27.82
C VAL E 406 40.90 -38.59 -27.20
N GLN E 407 40.75 -39.82 -27.75
CA GLN E 407 39.81 -40.79 -27.20
C GLN E 407 40.16 -41.18 -25.78
N PHE E 408 41.44 -41.29 -25.47
CA PHE E 408 41.87 -41.61 -24.10
C PHE E 408 41.47 -40.48 -23.13
N GLY E 409 41.56 -39.23 -23.59
CA GLY E 409 41.14 -38.05 -22.84
C GLY E 409 39.65 -38.04 -22.60
N ILE E 410 38.87 -38.46 -23.60
CA ILE E 410 37.40 -38.55 -23.50
C ILE E 410 36.98 -39.68 -22.56
N GLU E 411 37.55 -40.88 -22.74
CA GLU E 411 37.19 -42.02 -21.89
CA GLU E 411 37.23 -42.04 -21.90
C GLU E 411 37.64 -41.80 -20.45
N SER E 412 38.81 -41.15 -20.24
CA SER E 412 39.23 -40.85 -18.86
C SER E 412 38.26 -39.84 -18.24
N GLY E 413 37.82 -38.86 -19.03
CA GLY E 413 36.87 -37.85 -18.59
C GLY E 413 35.55 -38.47 -18.17
N LYS E 414 35.03 -39.38 -19.00
CA LYS E 414 33.76 -40.08 -18.72
C LYS E 414 33.88 -40.89 -17.44
N LEU E 415 34.97 -41.66 -17.27
CA LEU E 415 35.18 -42.47 -16.08
C LEU E 415 35.27 -41.61 -14.83
N ARG E 416 35.95 -40.45 -14.91
CA ARG E 416 36.13 -39.57 -13.77
C ARG E 416 34.98 -38.60 -13.48
N GLY E 417 33.97 -38.58 -14.34
CA GLY E 417 32.82 -37.70 -14.13
C GLY E 417 32.90 -36.32 -14.76
N PHE E 418 33.97 -36.01 -15.49
CA PHE E 418 34.10 -34.73 -16.18
C PHE E 418 33.13 -34.63 -17.36
N LEU E 419 32.88 -35.76 -18.04
CA LEU E 419 32.11 -35.78 -19.27
C LEU E 419 31.00 -36.81 -19.28
N ARG E 420 29.96 -36.51 -20.02
CA ARG E 420 28.82 -37.38 -20.26
C ARG E 420 28.49 -37.32 -21.76
N VAL E 421 27.71 -38.28 -22.26
CA VAL E 421 27.26 -38.28 -23.65
C VAL E 421 26.36 -37.05 -23.86
N GLY E 422 26.59 -36.33 -24.96
CA GLY E 422 25.82 -35.11 -25.23
C GLY E 422 26.60 -33.85 -24.90
N ASP E 423 27.65 -33.95 -24.08
CA ASP E 423 28.48 -32.78 -23.77
C ASP E 423 29.25 -32.32 -25.00
N LEU E 424 29.59 -31.03 -25.04
CA LEU E 424 30.44 -30.50 -26.09
C LEU E 424 31.83 -30.33 -25.48
N VAL E 425 32.85 -30.69 -26.22
CA VAL E 425 34.22 -30.50 -25.80
C VAL E 425 34.99 -29.77 -26.91
N ILE E 426 36.01 -29.04 -26.52
CA ILE E 426 36.91 -28.39 -27.47
C ILE E 426 38.18 -29.25 -27.49
N VAL E 427 38.68 -29.62 -28.66
CA VAL E 427 39.87 -30.45 -28.78
C VAL E 427 40.98 -29.63 -29.41
N VAL E 428 42.11 -29.53 -28.73
CA VAL E 428 43.24 -28.75 -29.19
C VAL E 428 44.41 -29.67 -29.53
N THR E 429 44.82 -29.66 -30.81
CA THR E 429 45.91 -30.50 -31.33
C THR E 429 46.81 -29.64 -32.27
N GLY E 430 47.89 -30.23 -32.80
CA GLY E 430 48.81 -29.56 -33.70
C GLY E 430 48.88 -30.24 -35.05
N TRP E 431 49.60 -29.62 -36.00
CA TRP E 431 49.63 -30.12 -37.37
C TRP E 431 50.76 -31.14 -37.66
N ARG E 432 51.73 -31.25 -36.76
CA ARG E 432 52.84 -32.20 -36.94
C ARG E 432 53.37 -32.66 -35.57
N PRO E 433 54.13 -33.78 -35.50
CA PRO E 433 54.65 -34.23 -34.20
C PRO E 433 55.66 -33.26 -33.58
N GLY E 434 55.89 -33.40 -32.29
CA GLY E 434 56.85 -32.57 -31.57
C GLY E 434 56.19 -31.36 -30.94
N SER E 435 56.87 -30.79 -29.97
CA SER E 435 56.41 -29.63 -29.22
CA SER E 435 56.38 -29.63 -29.22
C SER E 435 56.43 -28.37 -30.08
N GLY E 436 55.49 -27.46 -29.84
CA GLY E 436 55.46 -26.17 -30.52
C GLY E 436 54.59 -25.99 -31.73
N TYR E 437 53.85 -27.00 -32.13
CA TYR E 437 53.05 -26.93 -33.36
C TYR E 437 51.53 -26.97 -33.15
N THR E 438 51.05 -26.69 -31.92
CA THR E 438 49.59 -26.64 -31.69
C THR E 438 49.00 -25.48 -32.55
N ASN E 439 47.98 -25.76 -33.34
CA ASN E 439 47.36 -24.75 -34.20
C ASN E 439 45.92 -25.12 -34.58
N ILE E 440 45.33 -26.16 -33.96
CA ILE E 440 44.02 -26.63 -34.37
C ILE E 440 43.05 -26.73 -33.19
N MET E 441 41.83 -26.23 -33.39
CA MET E 441 40.78 -26.33 -32.38
CA MET E 441 40.77 -26.27 -32.39
C MET E 441 39.53 -26.92 -33.05
N ARG E 442 38.95 -27.92 -32.41
CA ARG E 442 37.77 -28.60 -32.94
C ARG E 442 36.67 -28.64 -31.93
N VAL E 443 35.41 -28.50 -32.37
CA VAL E 443 34.29 -28.63 -31.43
C VAL E 443 33.66 -30.00 -31.65
N LEU E 444 33.71 -30.83 -30.63
CA LEU E 444 33.29 -32.23 -30.70
C LEU E 444 32.16 -32.57 -29.73
N SER E 445 31.15 -33.31 -30.20
CA SER E 445 30.05 -33.72 -29.33
CA SER E 445 30.04 -33.72 -29.35
C SER E 445 30.38 -35.11 -28.81
N ILE E 446 30.27 -35.30 -27.50
CA ILE E 446 30.58 -36.58 -26.88
C ILE E 446 29.54 -37.64 -27.20
N SER E 447 29.98 -38.77 -27.77
CA SER E 447 29.09 -39.88 -28.11
C SER E 447 29.40 -41.14 -27.28
N ALA F 13 52.27 -2.37 -23.88
CA ALA F 13 52.74 -3.72 -23.52
C ALA F 13 51.98 -4.82 -24.26
N ASP F 14 50.66 -4.62 -24.47
CA ASP F 14 49.79 -5.57 -25.17
C ASP F 14 50.10 -5.62 -26.68
N VAL F 15 50.83 -4.64 -27.23
CA VAL F 15 51.17 -4.61 -28.65
C VAL F 15 52.67 -4.45 -28.89
N ALA F 16 53.51 -4.39 -27.84
CA ALA F 16 54.95 -4.17 -28.02
C ALA F 16 55.67 -5.24 -28.84
N GLN F 17 55.43 -6.54 -28.58
CA GLN F 17 56.09 -7.60 -29.35
C GLN F 17 55.65 -7.58 -30.79
N LEU F 18 54.34 -7.41 -31.05
CA LEU F 18 53.85 -7.36 -32.42
C LEU F 18 54.30 -6.11 -33.14
N THR F 19 54.49 -4.99 -32.42
CA THR F 19 54.99 -3.76 -33.00
C THR F 19 56.44 -3.97 -33.43
N GLN F 20 57.25 -4.69 -32.65
CA GLN F 20 58.62 -4.99 -33.02
C GLN F 20 58.63 -5.89 -34.27
N GLU F 21 57.73 -6.89 -34.31
CA GLU F 21 57.68 -7.82 -35.42
C GLU F 21 57.13 -7.25 -36.72
N LEU F 22 55.99 -6.53 -36.64
CA LEU F 22 55.32 -5.98 -37.83
C LEU F 22 55.73 -4.57 -38.18
N GLY F 23 56.37 -3.87 -37.25
CA GLY F 23 56.84 -2.52 -37.50
C GLY F 23 55.88 -1.44 -37.05
N THR F 24 56.40 -0.25 -36.78
CA THR F 24 55.57 0.87 -36.38
C THR F 24 54.69 1.33 -37.53
N ALA F 25 55.14 1.18 -38.80
CA ALA F 25 54.30 1.61 -39.93
C ALA F 25 53.01 0.81 -40.01
N PHE F 26 53.05 -0.50 -39.73
CA PHE F 26 51.86 -1.35 -39.72
C PHE F 26 50.81 -0.80 -38.72
N PHE F 27 51.26 -0.45 -37.52
CA PHE F 27 50.40 0.04 -36.46
C PHE F 27 49.96 1.48 -36.62
N GLN F 28 50.43 2.21 -37.64
CA GLN F 28 49.95 3.55 -37.93
C GLN F 28 48.81 3.54 -38.95
N GLN F 29 48.73 2.49 -39.79
CA GLN F 29 47.71 2.34 -40.82
C GLN F 29 46.39 1.81 -40.26
N GLN F 30 45.33 1.82 -41.10
CA GLN F 30 43.98 1.34 -40.86
C GLN F 30 43.42 1.73 -39.49
N GLN F 31 43.70 2.97 -39.05
CA GLN F 31 43.25 3.50 -37.78
C GLN F 31 43.56 2.59 -36.59
N LEU F 32 44.67 1.85 -36.65
CA LEU F 32 45.07 0.98 -35.54
C LEU F 32 45.35 1.74 -34.23
N PRO F 33 45.90 2.98 -34.22
CA PRO F 33 46.03 3.68 -32.94
C PRO F 33 44.64 3.94 -32.33
N ALA F 34 43.63 4.31 -33.15
CA ALA F 34 42.27 4.53 -32.63
C ALA F 34 41.64 3.18 -32.19
N ALA F 35 41.99 2.07 -32.86
CA ALA F 35 41.48 0.75 -32.54
C ALA F 35 41.93 0.28 -31.15
N MET F 36 43.13 0.66 -30.73
CA MET F 36 43.65 0.24 -29.42
C MET F 36 43.18 1.12 -28.25
N ALA F 37 42.40 2.18 -28.51
CA ALA F 37 41.95 3.06 -27.45
C ALA F 37 41.09 2.36 -26.40
N ASP F 38 41.15 2.84 -25.18
CA ASP F 38 40.42 2.23 -24.07
C ASP F 38 38.98 2.70 -23.92
N THR F 39 38.63 3.84 -24.53
CA THR F 39 37.25 4.35 -24.52
C THR F 39 36.87 4.78 -25.94
N PHE F 40 35.58 4.87 -26.21
CA PHE F 40 35.06 5.34 -27.49
C PHE F 40 35.50 6.80 -27.73
N LEU F 41 35.48 7.63 -26.68
CA LEU F 41 35.91 9.02 -26.78
C LEU F 41 37.39 9.11 -27.21
N GLU F 42 38.29 8.32 -26.57
CA GLU F 42 39.71 8.29 -26.92
CA GLU F 42 39.69 8.34 -26.94
C GLU F 42 39.89 7.79 -28.35
N HIS F 43 39.04 6.82 -28.77
CA HIS F 43 39.06 6.24 -30.11
C HIS F 43 38.79 7.35 -31.13
N LEU F 44 37.79 8.21 -30.88
CA LEU F 44 37.50 9.33 -31.80
C LEU F 44 38.66 10.30 -31.86
N CYS F 45 39.27 10.64 -30.70
CA CYS F 45 40.41 11.55 -30.60
C CYS F 45 41.62 11.05 -31.38
N LEU F 46 41.76 9.73 -31.52
CA LEU F 46 42.91 9.15 -32.23
C LEU F 46 42.69 8.88 -33.71
N LEU F 47 41.49 9.16 -34.26
CA LEU F 47 41.22 8.98 -35.69
C LEU F 47 42.13 9.92 -36.47
N ASP F 48 42.76 9.41 -37.53
CA ASP F 48 43.79 10.16 -38.23
C ASP F 48 43.56 10.16 -39.72
N ILE F 49 43.46 11.34 -40.35
CA ILE F 49 43.30 11.43 -41.79
C ILE F 49 44.51 10.86 -42.57
N ASP F 50 45.69 10.76 -41.93
CA ASP F 50 46.89 10.21 -42.56
C ASP F 50 47.06 8.70 -42.34
N SER F 51 46.13 8.05 -41.62
CA SER F 51 46.18 6.64 -41.40
C SER F 51 45.42 5.99 -42.57
N GLU F 52 46.14 5.42 -43.52
CA GLU F 52 45.54 4.87 -44.72
C GLU F 52 44.85 3.53 -44.53
N PRO F 53 43.71 3.33 -45.19
CA PRO F 53 43.05 2.02 -45.12
C PRO F 53 43.88 0.98 -45.87
N VAL F 54 43.90 -0.25 -45.35
CA VAL F 54 44.67 -1.31 -45.99
C VAL F 54 43.73 -2.43 -46.40
N ALA F 55 42.78 -2.78 -45.53
CA ALA F 55 41.87 -3.89 -45.81
C ALA F 55 41.01 -3.66 -47.03
N ALA F 56 40.56 -4.76 -47.66
CA ALA F 56 39.65 -4.70 -48.79
C ALA F 56 38.30 -4.18 -48.26
N ARG F 57 37.58 -3.43 -49.10
CA ARG F 57 36.31 -2.86 -48.72
C ARG F 57 35.29 -3.96 -48.43
N SER F 58 34.75 -3.96 -47.24
CA SER F 58 33.85 -4.99 -46.79
C SER F 58 32.34 -4.71 -46.94
N THR F 59 31.90 -3.43 -47.01
CA THR F 59 30.47 -3.11 -47.18
C THR F 59 30.12 -3.22 -48.66
N SER F 60 29.14 -4.05 -49.02
CA SER F 60 28.78 -4.21 -50.44
C SER F 60 28.05 -3.00 -51.00
N ILE F 61 28.26 -2.76 -52.28
CA ILE F 61 27.61 -1.67 -52.96
C ILE F 61 26.55 -2.25 -53.88
N ILE F 62 25.31 -1.76 -53.71
CA ILE F 62 24.19 -2.14 -54.54
C ILE F 62 23.98 -0.98 -55.52
N ALA F 63 23.95 -1.27 -56.83
CA ALA F 63 23.77 -0.22 -57.82
C ALA F 63 22.51 -0.49 -58.59
N THR F 64 21.68 0.53 -58.78
CA THR F 64 20.44 0.39 -59.51
C THR F 64 20.76 0.50 -60.97
N ILE F 65 20.39 -0.51 -61.73
CA ILE F 65 20.69 -0.54 -63.16
C ILE F 65 19.54 0.12 -63.97
N GLY F 66 19.85 1.13 -64.75
CA GLY F 66 18.87 1.85 -65.56
C GLY F 66 19.49 2.42 -66.82
N PRO F 67 18.87 3.45 -67.43
CA PRO F 67 19.42 4.00 -68.68
C PRO F 67 20.89 4.43 -68.66
N ALA F 68 21.37 4.96 -67.53
CA ALA F 68 22.75 5.41 -67.45
C ALA F 68 23.76 4.29 -67.20
N SER F 69 23.29 3.09 -66.86
CA SER F 69 24.19 2.01 -66.47
C SER F 69 23.83 0.66 -67.08
N ARG F 70 23.22 0.66 -68.23
CA ARG F 70 22.70 -0.55 -68.85
C ARG F 70 23.63 -1.23 -69.84
N SER F 71 24.48 -0.46 -70.52
CA SER F 71 25.37 -1.02 -71.53
C SER F 71 26.39 -1.95 -70.92
N VAL F 72 26.78 -2.99 -71.68
CA VAL F 72 27.77 -3.99 -71.24
C VAL F 72 29.09 -3.30 -70.88
N GLU F 73 29.53 -2.34 -71.71
CA GLU F 73 30.78 -1.64 -71.45
C GLU F 73 30.72 -0.83 -70.16
N ARG F 74 29.60 -0.17 -69.90
CA ARG F 74 29.39 0.63 -68.70
C ARG F 74 29.33 -0.29 -67.48
N LEU F 75 28.65 -1.43 -67.58
CA LEU F 75 28.55 -2.41 -66.51
C LEU F 75 29.91 -3.01 -66.15
N LYS F 76 30.81 -3.20 -67.13
CA LYS F 76 32.16 -3.71 -66.85
C LYS F 76 32.90 -2.68 -65.99
N GLU F 77 32.74 -1.39 -66.30
CA GLU F 77 33.37 -0.32 -65.52
CA GLU F 77 33.39 -0.35 -65.51
C GLU F 77 32.80 -0.27 -64.10
N MET F 78 31.49 -0.52 -63.94
CA MET F 78 30.87 -0.50 -62.63
CA MET F 78 30.87 -0.50 -62.63
C MET F 78 31.30 -1.69 -61.78
N ILE F 79 31.52 -2.85 -62.42
CA ILE F 79 32.02 -4.04 -61.71
C ILE F 79 33.45 -3.75 -61.22
N LYS F 80 34.28 -3.15 -62.08
CA LYS F 80 35.65 -2.80 -61.71
C LYS F 80 35.71 -1.70 -60.65
N ALA F 81 34.75 -0.76 -60.66
CA ALA F 81 34.67 0.29 -59.64
C ALA F 81 34.22 -0.24 -58.25
N GLY F 82 33.58 -1.42 -58.22
CA GLY F 82 33.18 -2.03 -56.96
C GLY F 82 31.75 -2.50 -56.78
N MET F 83 30.90 -2.40 -57.83
CA MET F 83 29.53 -2.87 -57.71
C MET F 83 29.46 -4.37 -57.40
N ASN F 84 28.72 -4.75 -56.33
CA ASN F 84 28.59 -6.16 -55.94
C ASN F 84 27.22 -6.73 -56.24
N ILE F 85 26.17 -5.87 -56.18
CA ILE F 85 24.79 -6.27 -56.39
C ILE F 85 24.14 -5.31 -57.38
N ALA F 86 23.49 -5.85 -58.41
CA ALA F 86 22.78 -5.05 -59.42
C ALA F 86 21.30 -5.08 -59.05
N ARG F 87 20.69 -3.92 -58.87
CA ARG F 87 19.30 -3.83 -58.48
C ARG F 87 18.44 -3.44 -59.67
N LEU F 88 17.35 -4.16 -59.88
CA LEU F 88 16.40 -3.84 -60.95
C LEU F 88 15.15 -3.33 -60.29
N ASN F 89 14.80 -2.07 -60.53
CA ASN F 89 13.63 -1.49 -59.89
C ASN F 89 12.40 -1.74 -60.76
N PHE F 90 11.53 -2.66 -60.32
CA PHE F 90 10.33 -2.98 -61.06
C PHE F 90 9.21 -1.92 -60.93
N SER F 91 9.49 -0.77 -60.25
CA SER F 91 8.56 0.34 -60.26
C SER F 91 8.61 1.05 -61.65
N HIS F 92 9.71 0.85 -62.42
CA HIS F 92 9.89 1.45 -63.73
C HIS F 92 10.18 0.35 -64.78
N GLY F 93 10.17 0.71 -66.06
CA GLY F 93 10.44 -0.21 -67.15
C GLY F 93 9.45 -1.33 -67.30
N SER F 94 9.78 -2.30 -68.12
CA SER F 94 8.92 -3.46 -68.38
C SER F 94 9.72 -4.75 -68.17
N HIS F 95 9.07 -5.92 -68.27
CA HIS F 95 9.76 -7.20 -68.15
C HIS F 95 10.82 -7.33 -69.23
N GLU F 96 10.54 -6.88 -70.43
CA GLU F 96 11.49 -6.94 -71.54
C GLU F 96 12.70 -6.08 -71.26
N TYR F 97 12.46 -4.88 -70.74
CA TYR F 97 13.53 -3.95 -70.42
C TYR F 97 14.46 -4.54 -69.33
N HIS F 98 13.88 -5.06 -68.25
CA HIS F 98 14.65 -5.65 -67.17
C HIS F 98 15.36 -6.93 -67.58
N ALA F 99 14.76 -7.73 -68.48
CA ALA F 99 15.42 -8.95 -68.96
C ALA F 99 16.67 -8.59 -69.75
N GLU F 100 16.63 -7.50 -70.52
CA GLU F 100 17.79 -7.05 -71.28
C GLU F 100 18.88 -6.53 -70.31
N SER F 101 18.46 -5.84 -69.23
CA SER F 101 19.41 -5.34 -68.24
C SER F 101 20.11 -6.51 -67.56
N ILE F 102 19.36 -7.54 -67.15
CA ILE F 102 19.90 -8.74 -66.53
C ILE F 102 20.91 -9.42 -67.48
N ALA F 103 20.55 -9.58 -68.77
CA ALA F 103 21.46 -10.21 -69.74
C ALA F 103 22.75 -9.41 -69.89
N ASN F 104 22.66 -8.06 -69.91
CA ASN F 104 23.87 -7.24 -70.01
C ASN F 104 24.74 -7.36 -68.75
N VAL F 105 24.10 -7.46 -67.57
CA VAL F 105 24.85 -7.63 -66.31
C VAL F 105 25.59 -8.96 -66.36
N ARG F 106 24.90 -10.05 -66.71
CA ARG F 106 25.52 -11.37 -66.83
C ARG F 106 26.62 -11.42 -67.89
N GLU F 107 26.45 -10.72 -69.00
CA GLU F 107 27.49 -10.67 -70.03
C GLU F 107 28.71 -9.94 -69.49
N ALA F 108 28.50 -8.79 -68.81
CA ALA F 108 29.62 -8.03 -68.23
C ALA F 108 30.33 -8.85 -67.13
N VAL F 109 29.59 -9.57 -66.29
CA VAL F 109 30.16 -10.39 -65.21
C VAL F 109 30.96 -11.53 -65.79
N GLU F 110 30.43 -12.24 -66.80
CA GLU F 110 31.12 -13.37 -67.37
C GLU F 110 32.32 -12.99 -68.22
N SER F 111 32.46 -11.73 -68.63
CA SER F 111 33.65 -11.30 -69.37
C SER F 111 34.96 -11.39 -68.53
N PHE F 112 34.85 -11.51 -67.19
CA PHE F 112 35.99 -11.65 -66.30
C PHE F 112 36.17 -13.12 -65.80
N ALA F 113 35.33 -14.06 -66.28
CA ALA F 113 35.38 -15.47 -65.85
C ALA F 113 36.61 -16.26 -66.29
N GLY F 114 37.50 -15.64 -67.06
CA GLY F 114 38.73 -16.30 -67.46
C GLY F 114 39.64 -16.66 -66.27
N SER F 115 39.49 -16.01 -65.10
CA SER F 115 40.39 -16.25 -63.97
C SER F 115 39.78 -15.93 -62.59
N PRO F 116 40.23 -16.59 -61.48
CA PRO F 116 39.75 -16.20 -60.15
C PRO F 116 40.41 -14.92 -59.60
N LEU F 117 41.31 -14.29 -60.37
CA LEU F 117 41.96 -13.03 -60.03
C LEU F 117 41.11 -11.85 -60.57
N SER F 118 40.38 -12.06 -61.66
CA SER F 118 39.54 -11.06 -62.29
C SER F 118 38.05 -11.31 -62.02
N TYR F 119 37.62 -12.55 -61.73
CA TYR F 119 36.20 -12.85 -61.59
C TYR F 119 35.54 -12.28 -60.35
N ARG F 120 34.51 -11.45 -60.55
CA ARG F 120 33.78 -10.90 -59.42
C ARG F 120 32.31 -11.35 -59.52
N PRO F 121 31.87 -12.25 -58.63
CA PRO F 121 30.45 -12.64 -58.63
C PRO F 121 29.57 -11.42 -58.34
N VAL F 122 28.49 -11.22 -59.12
CA VAL F 122 27.61 -10.06 -58.91
C VAL F 122 26.19 -10.58 -58.72
N ALA F 123 25.54 -10.24 -57.60
CA ALA F 123 24.17 -10.70 -57.38
C ALA F 123 23.17 -9.85 -58.16
N ILE F 124 22.02 -10.43 -58.48
CA ILE F 124 20.95 -9.71 -59.18
C ILE F 124 19.78 -9.66 -58.24
N ALA F 125 19.34 -8.44 -57.92
CA ALA F 125 18.25 -8.24 -56.99
C ALA F 125 17.06 -7.59 -57.69
N LEU F 126 15.86 -8.07 -57.40
CA LEU F 126 14.64 -7.53 -57.98
C LEU F 126 13.93 -6.71 -56.92
N ASP F 127 13.67 -5.43 -57.19
CA ASP F 127 12.99 -4.56 -56.23
C ASP F 127 11.53 -4.41 -56.69
N THR F 128 10.57 -4.92 -55.92
CA THR F 128 9.17 -4.89 -56.32
C THR F 128 8.53 -3.49 -56.30
N LYS F 129 7.44 -3.33 -57.07
CA LYS F 129 6.68 -2.08 -57.13
C LYS F 129 5.98 -1.81 -55.80
N GLY F 130 5.43 -2.85 -55.19
CA GLY F 130 4.77 -2.72 -53.91
C GLY F 130 3.26 -2.89 -53.97
N PRO F 131 2.59 -2.81 -52.82
CA PRO F 131 1.14 -3.02 -52.80
C PRO F 131 0.35 -1.77 -53.18
N PRO F 135 -2.96 -3.23 -49.99
CA PRO F 135 -4.08 -4.07 -49.50
C PRO F 135 -3.81 -5.59 -49.61
N GLY F 136 -2.54 -5.97 -49.63
CA GLY F 136 -2.09 -7.34 -49.82
C GLY F 136 -1.08 -7.42 -50.97
N LEU F 137 -0.65 -8.64 -51.37
CA LEU F 137 0.31 -8.76 -52.49
C LEU F 137 -0.38 -8.40 -53.80
N SER F 138 0.07 -7.35 -54.47
CA SER F 138 -0.54 -6.90 -55.72
C SER F 138 -0.37 -7.90 -56.86
N GLU F 139 -1.22 -7.81 -57.89
CA GLU F 139 -1.14 -8.71 -59.05
C GLU F 139 0.13 -8.46 -59.86
N GLN F 140 0.59 -7.19 -59.93
CA GLN F 140 1.82 -6.88 -60.63
C GLN F 140 3.02 -7.50 -59.90
N ASP F 141 3.01 -7.48 -58.56
CA ASP F 141 4.07 -8.11 -57.78
C ASP F 141 4.11 -9.60 -58.00
N VAL F 142 2.93 -10.27 -58.10
CA VAL F 142 2.90 -11.71 -58.38
C VAL F 142 3.59 -12.03 -59.73
N ARG F 143 3.31 -11.22 -60.76
CA ARG F 143 3.92 -11.42 -62.06
C ARG F 143 5.43 -11.11 -62.06
N ASP F 144 5.84 -10.03 -61.36
CA ASP F 144 7.23 -9.64 -61.26
C ASP F 144 8.04 -10.66 -60.48
N LEU F 145 7.46 -11.23 -59.43
CA LEU F 145 8.13 -12.27 -58.64
C LEU F 145 8.31 -13.53 -59.47
N ARG F 146 7.31 -13.88 -60.31
CA ARG F 146 7.42 -15.01 -61.21
C ARG F 146 8.53 -14.78 -62.22
N PHE F 147 8.64 -13.54 -62.75
CA PHE F 147 9.69 -13.15 -63.69
C PHE F 147 11.06 -13.34 -63.03
N GLY F 148 11.18 -12.95 -61.76
CA GLY F 148 12.41 -13.08 -61.00
C GLY F 148 12.89 -14.52 -60.89
N VAL F 149 11.97 -15.43 -60.54
CA VAL F 149 12.29 -16.84 -60.43
C VAL F 149 12.71 -17.40 -61.79
N GLU F 150 11.97 -17.05 -62.84
CA GLU F 150 12.29 -17.53 -64.19
C GLU F 150 13.63 -17.01 -64.71
N HIS F 151 14.03 -15.80 -64.28
CA HIS F 151 15.30 -15.24 -64.70
C HIS F 151 16.45 -15.49 -63.70
N GLY F 152 16.21 -16.32 -62.68
CA GLY F 152 17.23 -16.70 -61.71
C GLY F 152 17.80 -15.59 -60.85
N VAL F 153 16.93 -14.65 -60.39
CA VAL F 153 17.42 -13.58 -59.50
C VAL F 153 17.86 -14.18 -58.17
N ASP F 154 18.82 -13.54 -57.52
CA ASP F 154 19.35 -14.03 -56.25
C ASP F 154 18.61 -13.48 -55.05
N ILE F 155 18.10 -12.26 -55.16
CA ILE F 155 17.51 -11.54 -54.05
C ILE F 155 16.25 -10.79 -54.48
N VAL F 156 15.31 -10.65 -53.57
CA VAL F 156 14.14 -9.84 -53.78
C VAL F 156 14.14 -8.74 -52.69
N PHE F 157 14.01 -7.48 -53.08
CA PHE F 157 13.84 -6.39 -52.13
C PHE F 157 12.33 -6.17 -52.15
N ALA F 158 11.61 -6.67 -51.13
CA ALA F 158 10.15 -6.58 -51.11
C ALA F 158 9.69 -5.21 -50.58
N SER F 159 9.06 -4.41 -51.43
CA SER F 159 8.61 -3.07 -51.05
C SER F 159 7.46 -3.04 -50.06
N PHE F 160 7.44 -2.01 -49.19
CA PHE F 160 6.41 -1.76 -48.22
C PHE F 160 5.99 -2.97 -47.40
N VAL F 161 6.96 -3.66 -46.76
CA VAL F 161 6.63 -4.79 -45.90
C VAL F 161 6.12 -4.19 -44.59
N ARG F 162 4.90 -4.56 -44.18
CA ARG F 162 4.25 -4.02 -42.99
C ARG F 162 4.04 -5.02 -41.87
N LYS F 163 4.14 -6.32 -42.17
CA LYS F 163 3.91 -7.37 -41.20
C LYS F 163 4.49 -8.70 -41.71
N ALA F 164 4.62 -9.70 -40.83
CA ALA F 164 5.18 -11.00 -41.20
C ALA F 164 4.43 -11.69 -42.35
N SER F 165 3.09 -11.54 -42.42
CA SER F 165 2.31 -12.17 -43.50
C SER F 165 2.63 -11.60 -44.88
N ASP F 166 3.14 -10.35 -44.95
CA ASP F 166 3.56 -9.77 -46.22
C ASP F 166 4.77 -10.55 -46.75
N VAL F 167 5.69 -10.97 -45.87
CA VAL F 167 6.87 -11.75 -46.26
C VAL F 167 6.45 -13.15 -46.69
N ALA F 168 5.50 -13.76 -45.96
CA ALA F 168 5.00 -15.09 -46.31
C ALA F 168 4.32 -15.08 -47.70
N ALA F 169 3.63 -13.98 -48.03
CA ALA F 169 2.99 -13.85 -49.34
C ALA F 169 4.03 -13.74 -50.45
N VAL F 170 5.13 -12.99 -50.22
CA VAL F 170 6.20 -12.89 -51.21
C VAL F 170 6.86 -14.28 -51.40
N ARG F 171 7.09 -14.99 -50.29
CA ARG F 171 7.69 -16.32 -50.28
CA ARG F 171 7.69 -16.32 -50.31
C ARG F 171 6.81 -17.29 -51.09
N ALA F 172 5.48 -17.24 -50.90
CA ALA F 172 4.55 -18.11 -51.62
C ALA F 172 4.56 -17.80 -53.10
N ALA F 173 4.59 -16.51 -53.47
CA ALA F 173 4.61 -16.12 -54.88
C ALA F 173 5.90 -16.53 -55.60
N LEU F 174 6.99 -16.76 -54.85
CA LEU F 174 8.24 -17.24 -55.47
C LEU F 174 8.15 -18.75 -55.86
N GLY F 175 7.16 -19.46 -55.32
CA GLY F 175 6.91 -20.86 -55.62
C GLY F 175 7.97 -21.83 -55.13
N PRO F 176 7.86 -23.10 -55.57
CA PRO F 176 8.84 -24.10 -55.12
C PRO F 176 10.22 -23.91 -55.71
N GLU F 177 10.34 -23.29 -56.91
CA GLU F 177 11.65 -23.09 -57.53
C GLU F 177 12.42 -21.86 -57.02
N GLY F 178 11.78 -21.04 -56.20
CA GLY F 178 12.42 -19.84 -55.65
C GLY F 178 12.71 -19.93 -54.17
N HIS F 179 12.87 -21.15 -53.64
CA HIS F 179 13.16 -21.36 -52.22
C HIS F 179 14.52 -20.81 -51.79
N GLY F 180 15.47 -20.78 -52.72
CA GLY F 180 16.81 -20.28 -52.43
C GLY F 180 16.97 -18.77 -52.53
N ILE F 181 15.98 -18.06 -53.05
CA ILE F 181 16.05 -16.61 -53.19
C ILE F 181 15.97 -15.92 -51.83
N LYS F 182 16.86 -14.94 -51.56
CA LYS F 182 16.82 -14.21 -50.28
C LYS F 182 15.77 -13.13 -50.34
N ILE F 183 14.94 -13.01 -49.30
CA ILE F 183 13.98 -11.94 -49.24
C ILE F 183 14.45 -10.85 -48.25
N ILE F 184 14.69 -9.65 -48.77
CA ILE F 184 15.10 -8.52 -47.96
C ILE F 184 13.87 -7.64 -47.86
N SER F 185 13.30 -7.48 -46.67
CA SER F 185 12.11 -6.67 -46.48
C SER F 185 12.43 -5.19 -46.40
N LYS F 186 11.78 -4.38 -47.22
CA LYS F 186 11.98 -2.94 -47.17
C LYS F 186 11.02 -2.33 -46.14
N ILE F 187 11.57 -1.63 -45.13
CA ILE F 187 10.78 -0.98 -44.09
C ILE F 187 10.63 0.45 -44.56
N GLU F 188 9.41 0.84 -44.93
CA GLU F 188 9.14 2.12 -45.57
C GLU F 188 8.06 2.96 -44.88
N ASN F 189 7.46 2.47 -43.79
CA ASN F 189 6.42 3.26 -43.13
C ASN F 189 6.36 3.00 -41.61
N HIS F 190 5.46 3.70 -40.90
CA HIS F 190 5.33 3.56 -39.46
C HIS F 190 5.02 2.14 -39.02
N GLU F 191 4.10 1.46 -39.71
CA GLU F 191 3.75 0.10 -39.34
C GLU F 191 4.92 -0.89 -39.45
N GLY F 192 5.70 -0.80 -40.51
CA GLY F 192 6.88 -1.66 -40.67
C GLY F 192 7.90 -1.43 -39.55
N VAL F 193 8.05 -0.16 -39.12
CA VAL F 193 8.97 0.15 -38.01
C VAL F 193 8.44 -0.46 -36.73
N LYS F 194 7.14 -0.29 -36.45
CA LYS F 194 6.53 -0.85 -35.23
C LYS F 194 6.48 -2.38 -35.19
N ARG F 195 6.29 -3.00 -36.35
CA ARG F 195 6.24 -4.47 -36.43
C ARG F 195 7.59 -5.07 -36.85
N PHE F 196 8.68 -4.29 -36.73
CA PHE F 196 10.01 -4.69 -37.13
C PHE F 196 10.44 -6.07 -36.66
N ASP F 197 10.29 -6.40 -35.36
CA ASP F 197 10.75 -7.66 -34.82
C ASP F 197 10.13 -8.88 -35.51
N GLU F 198 8.80 -8.82 -35.76
CA GLU F 198 8.14 -9.92 -36.44
C GLU F 198 8.54 -10.02 -37.91
N ILE F 199 8.81 -8.87 -38.56
CA ILE F 199 9.24 -8.86 -39.96
C ILE F 199 10.65 -9.42 -40.07
N LEU F 200 11.57 -8.99 -39.20
CA LEU F 200 12.95 -9.46 -39.22
C LEU F 200 13.03 -10.96 -38.98
N GLU F 201 12.22 -11.47 -38.06
CA GLU F 201 12.20 -12.89 -37.75
C GLU F 201 11.98 -13.79 -38.97
N VAL F 202 11.11 -13.38 -39.90
CA VAL F 202 10.82 -14.19 -41.10
C VAL F 202 11.55 -13.74 -42.37
N SER F 203 12.30 -12.63 -42.33
CA SER F 203 13.02 -12.16 -43.51
C SER F 203 14.47 -12.63 -43.47
N ASP F 204 15.12 -12.65 -44.62
CA ASP F 204 16.56 -12.93 -44.66
C ASP F 204 17.38 -11.67 -44.27
N GLY F 205 16.79 -10.49 -44.42
CA GLY F 205 17.42 -9.22 -44.12
C GLY F 205 16.45 -8.06 -44.27
N ILE F 206 16.96 -6.85 -44.07
CA ILE F 206 16.14 -5.64 -44.08
C ILE F 206 16.77 -4.55 -44.93
N MET F 207 15.94 -3.74 -45.56
CA MET F 207 16.39 -2.56 -46.23
C MET F 207 15.71 -1.36 -45.53
N VAL F 208 16.51 -0.38 -45.10
CA VAL F 208 15.99 0.85 -44.50
C VAL F 208 15.75 1.75 -45.72
N ALA F 209 14.51 1.79 -46.20
CA ALA F 209 14.15 2.53 -47.41
C ALA F 209 13.79 3.93 -46.98
N ARG F 210 14.80 4.78 -46.88
CA ARG F 210 14.64 6.12 -46.32
C ARG F 210 13.81 7.07 -47.14
N GLY F 211 13.69 6.85 -48.44
CA GLY F 211 12.88 7.70 -49.33
C GLY F 211 11.43 7.73 -48.87
N ASP F 212 10.75 6.58 -48.90
CA ASP F 212 9.37 6.50 -48.44
C ASP F 212 9.27 6.72 -46.93
N LEU F 213 10.22 6.17 -46.15
CA LEU F 213 10.19 6.34 -44.70
C LEU F 213 10.17 7.83 -44.30
N GLY F 214 10.95 8.65 -44.99
CA GLY F 214 11.02 10.09 -44.76
C GLY F 214 9.79 10.89 -45.14
N ILE F 215 8.84 10.26 -45.85
CA ILE F 215 7.55 10.84 -46.24
C ILE F 215 6.44 10.29 -45.34
N GLU F 216 6.55 9.02 -44.90
CA GLU F 216 5.59 8.35 -44.05
C GLU F 216 5.70 8.78 -42.57
N ILE F 217 6.92 9.06 -42.11
CA ILE F 217 7.17 9.51 -40.73
C ILE F 217 7.89 10.86 -40.82
N PRO F 218 7.91 11.70 -39.75
CA PRO F 218 8.64 12.98 -39.85
C PRO F 218 10.09 12.78 -40.28
N ALA F 219 10.56 13.60 -41.21
CA ALA F 219 11.91 13.46 -41.76
C ALA F 219 13.01 13.49 -40.68
N GLU F 220 12.80 14.25 -39.62
CA GLU F 220 13.78 14.34 -38.54
C GLU F 220 13.86 13.06 -37.66
N LYS F 221 12.99 12.09 -37.89
CA LYS F 221 12.98 10.83 -37.12
C LYS F 221 13.61 9.65 -37.90
N VAL F 222 13.86 9.82 -39.21
CA VAL F 222 14.41 8.72 -40.01
C VAL F 222 15.73 8.17 -39.46
N PHE F 223 16.64 9.03 -38.97
CA PHE F 223 17.90 8.53 -38.42
C PHE F 223 17.67 7.60 -37.21
N LEU F 224 16.61 7.82 -36.42
CA LEU F 224 16.32 6.95 -35.27
C LEU F 224 15.90 5.58 -35.76
N ALA F 225 15.03 5.54 -36.77
CA ALA F 225 14.58 4.28 -37.36
C ALA F 225 15.77 3.54 -38.00
N GLN F 226 16.64 4.26 -38.72
CA GLN F 226 17.81 3.67 -39.35
C GLN F 226 18.77 3.05 -38.29
N LYS F 227 19.09 3.82 -37.23
CA LYS F 227 20.00 3.30 -36.20
C LYS F 227 19.43 2.11 -35.45
N MET F 228 18.13 2.17 -35.13
CA MET F 228 17.46 1.07 -34.45
C MET F 228 17.45 -0.20 -35.30
N MET F 229 17.10 -0.09 -36.58
CA MET F 229 17.01 -1.26 -37.45
C MET F 229 18.37 -1.86 -37.73
N ILE F 230 19.39 -1.03 -37.87
CA ILE F 230 20.74 -1.52 -38.08
C ILE F 230 21.22 -2.26 -36.83
N GLY F 231 20.99 -1.68 -35.65
CA GLY F 231 21.37 -2.31 -34.40
C GLY F 231 20.71 -3.65 -34.19
N ARG F 232 19.38 -3.73 -34.45
CA ARG F 232 18.64 -5.00 -34.31
C ARG F 232 19.07 -6.05 -35.32
N CYS F 233 19.41 -5.64 -36.58
CA CYS F 233 19.91 -6.59 -37.58
C CYS F 233 21.28 -7.09 -37.18
N ASN F 234 22.14 -6.22 -36.65
CA ASN F 234 23.46 -6.63 -36.19
C ASN F 234 23.33 -7.64 -35.04
N LEU F 235 22.40 -7.37 -34.13
CA LEU F 235 22.14 -8.27 -33.00
C LEU F 235 21.62 -9.63 -33.50
N ALA F 236 20.73 -9.63 -34.50
CA ALA F 236 20.19 -10.86 -35.07
C ALA F 236 21.17 -11.59 -36.03
N GLY F 237 22.24 -10.93 -36.45
CA GLY F 237 23.18 -11.51 -37.40
C GLY F 237 22.59 -11.60 -38.80
N LYS F 238 21.68 -10.66 -39.17
CA LYS F 238 21.05 -10.63 -40.48
C LYS F 238 21.44 -9.37 -41.25
N PRO F 239 21.60 -9.48 -42.58
CA PRO F 239 22.03 -8.30 -43.37
C PRO F 239 21.06 -7.12 -43.31
N VAL F 240 21.62 -5.92 -43.37
CA VAL F 240 20.81 -4.70 -43.38
C VAL F 240 21.40 -3.78 -44.43
N VAL F 241 20.54 -3.22 -45.28
CA VAL F 241 20.94 -2.31 -46.35
C VAL F 241 20.50 -0.90 -46.01
N CYS F 242 21.40 0.09 -46.15
CA CYS F 242 21.01 1.48 -46.00
C CYS F 242 20.80 2.01 -47.42
N ALA F 243 19.64 2.63 -47.68
CA ALA F 243 19.32 3.06 -49.04
C ALA F 243 18.75 4.47 -49.13
N THR F 244 18.87 5.09 -50.33
CA THR F 244 18.23 6.30 -50.85
C THR F 244 18.87 7.60 -50.49
N GLN F 245 19.23 8.36 -51.56
CA GLN F 245 19.81 9.70 -51.52
C GLN F 245 21.14 9.79 -50.80
N MET F 246 21.89 8.69 -50.77
CA MET F 246 23.18 8.69 -50.12
C MET F 246 24.15 9.63 -50.80
N LEU F 247 24.17 9.66 -52.15
CA LEU F 247 25.07 10.55 -52.90
C LEU F 247 24.25 11.29 -53.99
N GLU F 248 23.03 11.68 -53.66
CA GLU F 248 22.06 12.31 -54.55
C GLU F 248 22.63 13.38 -55.49
N SER F 249 23.41 14.35 -54.99
CA SER F 249 23.97 15.41 -55.84
C SER F 249 24.90 14.88 -56.96
N MET F 250 25.44 13.66 -56.81
CA MET F 250 26.26 13.06 -57.85
C MET F 250 25.44 12.60 -59.10
N ILE F 251 24.12 12.78 -59.09
CA ILE F 251 23.29 12.56 -60.27
C ILE F 251 23.72 13.60 -61.34
N THR F 252 24.06 14.85 -60.94
CA THR F 252 24.49 15.87 -61.90
C THR F 252 25.90 16.39 -61.67
N LYS F 253 26.45 16.23 -60.47
CA LYS F 253 27.78 16.75 -60.16
C LYS F 253 28.83 15.65 -60.00
N PRO F 254 30.08 15.91 -60.40
CA PRO F 254 31.11 14.87 -60.30
C PRO F 254 31.60 14.57 -58.87
N ARG F 255 31.32 15.48 -57.92
CA ARG F 255 31.73 15.34 -56.52
C ARG F 255 30.52 15.51 -55.60
N PRO F 256 30.43 14.75 -54.51
CA PRO F 256 29.26 14.86 -53.63
C PRO F 256 29.37 16.01 -52.64
N THR F 257 28.27 16.31 -51.92
CA THR F 257 28.31 17.34 -50.89
C THR F 257 28.96 16.74 -49.61
N ARG F 258 29.29 17.61 -48.65
CA ARG F 258 29.87 17.17 -47.38
C ARG F 258 28.89 16.32 -46.59
N ALA F 259 27.58 16.60 -46.71
CA ALA F 259 26.56 15.83 -46.01
C ALA F 259 26.44 14.43 -46.58
N GLU F 260 26.60 14.27 -47.87
CA GLU F 260 26.52 12.97 -48.54
C GLU F 260 27.67 12.04 -48.18
N THR F 261 28.92 12.54 -48.15
CA THR F 261 30.03 11.67 -47.75
C THR F 261 29.87 11.26 -46.29
N SER F 262 29.42 12.17 -45.45
CA SER F 262 29.19 11.90 -44.03
C SER F 262 28.06 10.86 -43.86
N ASP F 263 27.01 10.94 -44.65
CA ASP F 263 25.89 9.98 -44.60
C ASP F 263 26.36 8.56 -44.95
N VAL F 264 27.21 8.41 -45.98
CA VAL F 264 27.72 7.10 -46.35
C VAL F 264 28.61 6.55 -45.23
N ALA F 265 29.50 7.39 -44.71
CA ALA F 265 30.40 6.97 -43.66
C ALA F 265 29.64 6.55 -42.41
N ASN F 266 28.59 7.32 -42.05
CA ASN F 266 27.81 7.03 -40.86
C ASN F 266 26.94 5.80 -41.02
N ALA F 267 26.49 5.45 -42.25
CA ALA F 267 25.74 4.20 -42.45
C ALA F 267 26.67 3.00 -42.18
N VAL F 268 27.92 3.08 -42.65
CA VAL F 268 28.92 2.03 -42.42
C VAL F 268 29.28 1.95 -40.93
N LEU F 269 29.49 3.12 -40.28
CA LEU F 269 29.79 3.12 -38.84
C LEU F 269 28.59 2.64 -38.01
N ASP F 270 27.36 2.86 -38.48
CA ASP F 270 26.16 2.38 -37.78
C ASP F 270 26.14 0.83 -37.76
N GLY F 271 26.70 0.18 -38.77
CA GLY F 271 26.75 -1.27 -38.89
C GLY F 271 26.06 -1.83 -40.13
N ALA F 272 25.80 -0.99 -41.14
CA ALA F 272 25.10 -1.48 -42.35
C ALA F 272 25.97 -2.50 -43.08
N ASP F 273 25.36 -3.57 -43.58
CA ASP F 273 26.09 -4.57 -44.35
C ASP F 273 26.28 -4.09 -45.79
N CYS F 274 25.26 -3.37 -46.35
CA CYS F 274 25.28 -2.86 -47.72
C CYS F 274 24.87 -1.41 -47.77
N ILE F 275 25.32 -0.70 -48.78
CA ILE F 275 24.92 0.65 -49.07
C ILE F 275 24.43 0.66 -50.53
N MET F 276 23.48 1.55 -50.83
CA MET F 276 22.84 1.53 -52.12
C MET F 276 22.89 2.83 -52.87
N LEU F 277 22.88 2.73 -54.19
CA LEU F 277 22.83 3.85 -55.13
C LEU F 277 21.58 3.64 -55.97
N SER F 278 20.77 4.69 -56.12
CA SER F 278 19.53 4.61 -56.88
C SER F 278 19.67 5.46 -58.13
N GLY F 279 19.19 6.72 -58.13
CA GLY F 279 19.31 7.60 -59.29
C GLY F 279 20.74 7.88 -59.72
N GLU F 280 21.66 7.89 -58.74
CA GLU F 280 23.10 8.12 -58.97
C GLU F 280 23.66 7.18 -60.06
N THR F 281 23.16 5.92 -60.13
CA THR F 281 23.64 4.97 -61.16
C THR F 281 22.54 4.64 -62.21
N ALA F 282 21.25 4.71 -61.83
CA ALA F 282 20.16 4.43 -62.76
C ALA F 282 20.03 5.50 -63.84
N LYS F 283 20.20 6.78 -63.50
CA LYS F 283 19.94 7.86 -64.44
C LYS F 283 20.93 9.00 -64.47
N GLY F 284 21.86 9.05 -63.52
CA GLY F 284 22.78 10.18 -63.43
C GLY F 284 23.89 10.20 -64.45
N ASN F 285 24.62 11.32 -64.50
CA ASN F 285 25.72 11.52 -65.44
C ASN F 285 27.04 10.91 -64.97
N PHE F 286 27.15 10.47 -63.70
CA PHE F 286 28.38 9.92 -63.18
C PHE F 286 28.14 8.56 -62.45
N PRO F 287 27.55 7.54 -63.10
CA PRO F 287 27.32 6.27 -62.40
C PRO F 287 28.55 5.57 -61.88
N VAL F 288 29.63 5.53 -62.67
CA VAL F 288 30.87 4.87 -62.26
C VAL F 288 31.54 5.66 -61.13
N GLU F 289 31.53 6.98 -61.22
CA GLU F 289 32.13 7.83 -60.19
C GLU F 289 31.39 7.70 -58.85
N ALA F 290 30.06 7.50 -58.88
CA ALA F 290 29.27 7.33 -57.66
C ALA F 290 29.65 6.02 -56.98
N VAL F 291 29.87 4.94 -57.76
CA VAL F 291 30.30 3.66 -57.22
C VAL F 291 31.70 3.83 -56.60
N LYS F 292 32.60 4.52 -57.30
CA LYS F 292 33.95 4.75 -56.80
C LYS F 292 33.95 5.53 -55.50
N MET F 293 33.05 6.53 -55.39
CA MET F 293 32.94 7.35 -54.19
C MET F 293 32.43 6.54 -53.01
N GLN F 294 31.40 5.69 -53.22
CA GLN F 294 30.92 4.83 -52.12
C GLN F 294 32.01 3.85 -51.71
N HIS F 295 32.78 3.31 -52.69
CA HIS F 295 33.87 2.41 -52.38
C HIS F 295 34.93 3.11 -51.50
N ALA F 296 35.34 4.33 -51.89
CA ALA F 296 36.36 5.08 -51.17
C ALA F 296 35.91 5.45 -49.75
N ILE F 297 34.64 5.82 -49.57
CA ILE F 297 34.16 6.21 -48.24
C ILE F 297 34.01 4.99 -47.35
N ALA F 298 33.45 3.89 -47.88
CA ALA F 298 33.25 2.68 -47.09
C ALA F 298 34.56 2.13 -46.56
N ARG F 299 35.61 2.16 -47.36
CA ARG F 299 36.93 1.69 -46.96
C ARG F 299 37.48 2.54 -45.78
N GLU F 300 37.34 3.87 -45.84
CA GLU F 300 37.77 4.73 -44.74
C GLU F 300 36.93 4.49 -43.49
N ALA F 301 35.61 4.35 -43.65
CA ALA F 301 34.72 4.17 -42.51
C ALA F 301 34.88 2.81 -41.84
N GLU F 302 35.11 1.75 -42.58
CA GLU F 302 35.32 0.43 -42.00
C GLU F 302 36.54 0.39 -41.05
N ALA F 303 37.63 1.08 -41.43
CA ALA F 303 38.80 1.12 -40.57
C ALA F 303 38.52 1.92 -39.29
N ALA F 304 37.56 2.88 -39.32
CA ALA F 304 37.21 3.73 -38.19
C ALA F 304 36.23 3.08 -37.21
N VAL F 305 35.76 1.86 -37.48
CA VAL F 305 34.85 1.16 -36.57
C VAL F 305 35.63 0.83 -35.27
N TYR F 306 35.05 1.06 -34.10
CA TYR F 306 35.70 0.78 -32.82
C TYR F 306 35.43 -0.70 -32.49
N HIS F 307 36.20 -1.60 -33.09
CA HIS F 307 36.01 -3.06 -32.92
C HIS F 307 36.07 -3.54 -31.51
N ARG F 308 36.89 -2.92 -30.65
CA ARG F 308 37.01 -3.33 -29.27
C ARG F 308 35.65 -3.30 -28.55
N GLN F 309 34.87 -2.24 -28.75
CA GLN F 309 33.56 -2.17 -28.11
C GLN F 309 32.57 -3.03 -28.88
N LEU F 310 32.59 -2.97 -30.20
CA LEU F 310 31.64 -3.72 -31.03
C LEU F 310 31.71 -5.24 -30.75
N PHE F 311 32.90 -5.81 -30.77
CA PHE F 311 33.06 -7.25 -30.54
C PHE F 311 32.62 -7.63 -29.14
N GLU F 312 32.99 -6.83 -28.12
CA GLU F 312 32.59 -7.05 -26.75
C GLU F 312 31.06 -7.02 -26.61
N GLU F 313 30.38 -6.05 -27.23
CA GLU F 313 28.93 -5.95 -27.15
C GLU F 313 28.22 -7.06 -27.91
N LEU F 314 28.73 -7.45 -29.09
CA LEU F 314 28.13 -8.54 -29.88
C LEU F 314 28.25 -9.84 -29.09
N ARG F 315 29.39 -10.05 -28.42
CA ARG F 315 29.65 -11.22 -27.59
C ARG F 315 28.70 -11.28 -26.37
N ARG F 316 28.57 -10.18 -25.61
CA ARG F 316 27.69 -10.10 -24.44
C ARG F 316 26.22 -10.29 -24.80
N ALA F 317 25.78 -9.70 -25.91
CA ALA F 317 24.38 -9.80 -26.32
C ALA F 317 24.02 -11.14 -26.97
N ALA F 318 25.00 -11.82 -27.57
CA ALA F 318 24.74 -13.09 -28.24
C ALA F 318 24.53 -14.17 -27.21
N PRO F 319 23.45 -14.96 -27.35
CA PRO F 319 23.21 -16.02 -26.38
C PRO F 319 24.21 -17.16 -26.52
N LEU F 320 24.35 -17.99 -25.46
CA LEU F 320 25.18 -19.19 -25.51
C LEU F 320 24.65 -20.10 -26.61
N SER F 321 25.53 -20.88 -27.22
CA SER F 321 25.11 -21.71 -28.33
C SER F 321 25.72 -23.06 -28.28
N ARG F 322 24.97 -24.06 -28.69
CA ARG F 322 25.48 -25.41 -28.80
C ARG F 322 25.66 -25.83 -30.27
N ASP F 323 25.48 -24.89 -31.23
CA ASP F 323 25.67 -25.13 -32.64
C ASP F 323 27.17 -25.02 -32.89
N PRO F 324 27.82 -26.10 -33.36
CA PRO F 324 29.27 -26.04 -33.59
C PRO F 324 29.71 -24.98 -34.61
N THR F 325 28.88 -24.63 -35.61
CA THR F 325 29.26 -23.60 -36.57
C THR F 325 29.38 -22.25 -35.87
N GLU F 326 28.44 -21.96 -34.96
CA GLU F 326 28.43 -20.69 -34.23
C GLU F 326 29.60 -20.65 -33.24
N VAL F 327 29.88 -21.77 -32.56
CA VAL F 327 30.97 -21.88 -31.60
C VAL F 327 32.32 -21.70 -32.33
N THR F 328 32.47 -22.34 -33.50
CA THR F 328 33.69 -22.23 -34.30
C THR F 328 33.86 -20.80 -34.79
N ALA F 329 32.78 -20.15 -35.24
CA ALA F 329 32.82 -18.78 -35.74
C ALA F 329 33.36 -17.78 -34.71
N ILE F 330 32.89 -17.84 -33.46
CA ILE F 330 33.38 -16.90 -32.44
C ILE F 330 34.84 -17.22 -32.07
N GLY F 331 35.22 -18.49 -32.06
CA GLY F 331 36.61 -18.86 -31.80
C GLY F 331 37.53 -18.36 -32.89
N ALA F 332 37.09 -18.46 -34.15
CA ALA F 332 37.88 -18.01 -35.29
C ALA F 332 38.05 -16.50 -35.31
N VAL F 333 36.99 -15.75 -34.97
CA VAL F 333 37.05 -14.29 -34.94
C VAL F 333 37.95 -13.83 -33.81
N GLU F 334 37.86 -14.48 -32.65
CA GLU F 334 38.72 -14.17 -31.50
CA GLU F 334 38.72 -14.17 -31.50
C GLU F 334 40.19 -14.42 -31.87
N ALA F 335 40.47 -15.58 -32.52
CA ALA F 335 41.82 -15.92 -32.95
C ALA F 335 42.35 -14.89 -33.98
N ALA F 336 41.50 -14.45 -34.92
CA ALA F 336 41.89 -13.46 -35.93
C ALA F 336 42.30 -12.13 -35.29
N PHE F 337 41.55 -11.66 -34.29
CA PHE F 337 41.90 -10.40 -33.61
C PHE F 337 43.23 -10.55 -32.82
N LYS F 338 43.46 -11.72 -32.21
CA LYS F 338 44.64 -11.97 -31.41
C LYS F 338 45.95 -11.87 -32.21
N CYS F 339 45.92 -12.27 -33.50
CA CYS F 339 47.12 -12.21 -34.33
C CYS F 339 47.07 -11.20 -35.44
N CYS F 340 46.04 -10.34 -35.51
CA CYS F 340 45.84 -9.37 -36.61
C CYS F 340 45.80 -10.15 -37.94
N ALA F 341 45.10 -11.30 -37.98
CA ALA F 341 45.04 -12.17 -39.18
C ALA F 341 44.60 -11.39 -40.40
N ALA F 342 45.25 -11.64 -41.52
CA ALA F 342 44.92 -10.96 -42.76
C ALA F 342 43.54 -11.43 -43.27
N ALA F 343 43.19 -12.71 -43.03
CA ALA F 343 41.94 -13.25 -43.52
C ALA F 343 41.49 -14.50 -42.73
N ILE F 344 40.19 -14.82 -42.83
CA ILE F 344 39.62 -16.02 -42.32
C ILE F 344 39.10 -16.72 -43.59
N ILE F 345 39.64 -17.90 -43.92
CA ILE F 345 39.21 -18.64 -45.10
C ILE F 345 38.19 -19.67 -44.65
N VAL F 346 37.00 -19.64 -45.20
CA VAL F 346 35.96 -20.56 -44.79
C VAL F 346 35.38 -21.32 -45.99
N LEU F 347 35.17 -22.62 -45.82
CA LEU F 347 34.53 -23.46 -46.82
C LEU F 347 33.04 -23.40 -46.48
N THR F 348 32.18 -23.08 -47.49
CA THR F 348 30.76 -22.98 -47.24
C THR F 348 29.94 -23.43 -48.45
N THR F 349 28.84 -24.13 -48.21
CA THR F 349 27.97 -24.60 -49.30
C THR F 349 26.86 -23.57 -49.52
N THR F 350 26.19 -23.13 -48.43
CA THR F 350 25.06 -22.19 -48.50
C THR F 350 25.43 -20.74 -48.17
N GLY F 351 26.61 -20.53 -47.61
CA GLY F 351 27.02 -19.20 -47.15
C GLY F 351 26.86 -19.05 -45.65
N ARG F 352 26.16 -19.98 -44.96
CA ARG F 352 25.88 -19.85 -43.53
C ARG F 352 27.14 -19.75 -42.63
N SER F 353 28.19 -20.56 -42.85
CA SER F 353 29.39 -20.47 -42.04
C SER F 353 30.07 -19.10 -42.20
N ALA F 354 30.03 -18.52 -43.42
CA ALA F 354 30.61 -17.20 -43.65
C ALA F 354 29.75 -16.12 -42.95
N GLN F 355 28.41 -16.27 -42.99
CA GLN F 355 27.49 -15.33 -42.35
C GLN F 355 27.70 -15.31 -40.84
N LEU F 356 27.93 -16.47 -40.21
CA LEU F 356 28.17 -16.54 -38.77
C LEU F 356 29.52 -15.92 -38.37
N LEU F 357 30.51 -15.91 -39.26
CA LEU F 357 31.78 -15.24 -38.99
C LEU F 357 31.55 -13.72 -39.11
N SER F 358 30.86 -13.30 -40.18
CA SER F 358 30.53 -11.90 -40.49
C SER F 358 29.76 -11.21 -39.36
N ARG F 359 28.87 -11.92 -38.66
CA ARG F 359 28.07 -11.33 -37.58
C ARG F 359 28.93 -10.81 -36.40
N TYR F 360 30.16 -11.35 -36.24
CA TYR F 360 31.09 -10.88 -35.19
C TYR F 360 31.95 -9.72 -35.64
N ARG F 361 31.75 -9.22 -36.87
CA ARG F 361 32.44 -8.10 -37.44
C ARG F 361 33.97 -8.19 -37.30
N PRO F 362 34.61 -9.25 -37.82
CA PRO F 362 36.07 -9.30 -37.76
C PRO F 362 36.67 -8.20 -38.63
N ARG F 363 37.85 -7.74 -38.25
CA ARG F 363 38.61 -6.82 -39.08
C ARG F 363 39.23 -7.64 -40.28
N ALA F 364 39.56 -8.93 -40.06
CA ALA F 364 40.07 -9.80 -41.11
C ALA F 364 38.98 -10.07 -42.17
N ALA F 365 39.36 -10.08 -43.45
CA ALA F 365 38.44 -10.40 -44.54
C ALA F 365 37.96 -11.87 -44.39
N VAL F 366 36.70 -12.16 -44.70
CA VAL F 366 36.21 -13.52 -44.66
C VAL F 366 36.18 -13.98 -46.11
N ILE F 367 37.12 -14.85 -46.49
CA ILE F 367 37.19 -15.37 -47.85
C ILE F 367 36.37 -16.67 -47.89
N ALA F 368 35.21 -16.64 -48.56
CA ALA F 368 34.33 -17.79 -48.59
C ALA F 368 34.50 -18.59 -49.89
N VAL F 369 34.94 -19.85 -49.74
CA VAL F 369 35.19 -20.73 -50.88
C VAL F 369 34.00 -21.62 -51.06
N THR F 370 33.33 -21.50 -52.21
CA THR F 370 32.10 -22.23 -52.45
C THR F 370 32.02 -22.73 -53.87
N ARG F 371 31.29 -23.83 -54.06
CA ARG F 371 30.98 -24.36 -55.39
C ARG F 371 29.64 -23.78 -55.89
N SER F 372 28.79 -23.26 -54.99
CA SER F 372 27.49 -22.73 -55.35
C SER F 372 27.61 -21.33 -55.93
N ALA F 373 27.30 -21.16 -57.22
CA ALA F 373 27.34 -19.86 -57.86
C ALA F 373 26.32 -18.89 -57.20
N GLN F 374 25.16 -19.41 -56.82
CA GLN F 374 24.14 -18.59 -56.16
C GLN F 374 24.59 -18.14 -54.76
N ALA F 375 25.17 -19.05 -53.94
CA ALA F 375 25.66 -18.68 -52.61
C ALA F 375 26.77 -17.62 -52.74
N ALA F 376 27.64 -17.76 -53.76
CA ALA F 376 28.70 -16.80 -53.98
C ALA F 376 28.14 -15.39 -54.25
N ARG F 377 27.04 -15.31 -55.00
CA ARG F 377 26.41 -14.02 -55.29
C ARG F 377 25.69 -13.50 -54.04
N GLN F 378 24.96 -14.37 -53.32
CA GLN F 378 24.19 -13.95 -52.16
C GLN F 378 25.00 -13.54 -50.95
N VAL F 379 26.23 -14.08 -50.76
CA VAL F 379 27.03 -13.69 -49.59
C VAL F 379 27.49 -12.24 -49.64
N HIS F 380 27.33 -11.54 -50.77
CA HIS F 380 27.61 -10.11 -50.82
C HIS F 380 26.70 -9.34 -49.84
N LEU F 381 25.58 -9.93 -49.39
CA LEU F 381 24.70 -9.28 -48.44
C LEU F 381 25.38 -9.19 -47.05
N CYS F 382 26.40 -10.00 -46.76
CA CYS F 382 27.07 -10.04 -45.46
C CYS F 382 28.34 -9.27 -45.48
N ARG F 383 28.47 -8.31 -44.54
CA ARG F 383 29.65 -7.48 -44.49
C ARG F 383 30.93 -8.28 -44.33
N GLY F 384 31.90 -7.96 -45.16
CA GLY F 384 33.22 -8.54 -45.04
C GLY F 384 33.39 -9.93 -45.60
N VAL F 385 32.41 -10.42 -46.38
CA VAL F 385 32.52 -11.73 -47.01
C VAL F 385 32.90 -11.55 -48.48
N PHE F 386 34.02 -12.15 -48.89
CA PHE F 386 34.57 -12.12 -50.23
C PHE F 386 34.42 -13.50 -50.85
N PRO F 387 33.44 -13.65 -51.73
CA PRO F 387 33.17 -14.97 -52.30
C PRO F 387 34.15 -15.39 -53.40
N LEU F 388 34.63 -16.64 -53.34
CA LEU F 388 35.48 -17.21 -54.38
C LEU F 388 34.74 -18.43 -54.90
N LEU F 389 34.43 -18.44 -56.19
CA LEU F 389 33.71 -19.55 -56.79
C LEU F 389 34.71 -20.62 -57.28
N TYR F 390 34.64 -21.79 -56.66
CA TYR F 390 35.53 -22.91 -56.97
C TYR F 390 34.85 -23.73 -58.06
N ARG F 391 35.51 -23.93 -59.21
CA ARG F 391 34.87 -24.65 -60.31
C ARG F 391 35.40 -26.08 -60.57
N GLU F 392 36.49 -26.48 -59.88
CA GLU F 392 37.08 -27.80 -60.10
C GLU F 392 36.19 -28.96 -59.66
N PRO F 393 36.25 -30.08 -60.41
CA PRO F 393 35.46 -31.26 -59.99
C PRO F 393 36.01 -31.87 -58.70
N PRO F 394 35.15 -32.54 -57.93
CA PRO F 394 35.60 -33.13 -56.66
C PRO F 394 36.69 -34.18 -56.75
N GLU F 395 37.61 -34.15 -55.79
CA GLU F 395 38.68 -35.14 -55.66
C GLU F 395 38.07 -36.44 -55.14
N ALA F 396 38.73 -37.58 -55.39
CA ALA F 396 38.26 -38.89 -54.94
C ALA F 396 38.24 -38.95 -53.41
N ILE F 397 39.28 -38.42 -52.77
CA ILE F 397 39.35 -38.41 -51.32
C ILE F 397 38.83 -37.04 -50.83
N TRP F 398 37.76 -37.05 -50.03
CA TRP F 398 37.13 -35.83 -49.54
C TRP F 398 38.11 -34.89 -48.81
N ALA F 399 38.99 -35.43 -47.94
CA ALA F 399 39.98 -34.60 -47.24
C ALA F 399 40.91 -33.88 -48.22
N ASP F 400 41.25 -34.51 -49.36
CA ASP F 400 42.07 -33.89 -50.39
C ASP F 400 41.30 -32.78 -51.10
N ASP F 401 40.00 -32.98 -51.31
CA ASP F 401 39.16 -31.99 -51.96
C ASP F 401 39.07 -30.73 -51.06
N VAL F 402 38.89 -30.94 -49.73
CA VAL F 402 38.87 -29.86 -48.73
C VAL F 402 40.19 -29.10 -48.77
N ASP F 403 41.33 -29.83 -48.75
CA ASP F 403 42.66 -29.22 -48.82
C ASP F 403 42.87 -28.40 -50.06
N ARG F 404 42.39 -28.89 -51.22
CA ARG F 404 42.50 -28.14 -52.49
C ARG F 404 41.71 -26.85 -52.43
N ARG F 405 40.52 -26.86 -51.80
CA ARG F 405 39.72 -25.65 -51.71
C ARG F 405 40.38 -24.63 -50.78
N VAL F 406 41.04 -25.09 -49.69
CA VAL F 406 41.75 -24.18 -48.79
C VAL F 406 42.93 -23.56 -49.54
N GLN F 407 43.68 -24.39 -50.31
CA GLN F 407 44.80 -23.88 -51.11
C GLN F 407 44.34 -22.92 -52.20
N PHE F 408 43.14 -23.14 -52.79
CA PHE F 408 42.58 -22.23 -53.79
C PHE F 408 42.32 -20.87 -53.15
N GLY F 409 41.76 -20.88 -51.93
CA GLY F 409 41.49 -19.67 -51.16
C GLY F 409 42.78 -18.94 -50.80
N ILE F 410 43.82 -19.68 -50.39
CA ILE F 410 45.10 -19.08 -50.02
C ILE F 410 45.78 -18.49 -51.21
N GLU F 411 45.81 -19.25 -52.33
CA GLU F 411 46.50 -18.76 -53.53
C GLU F 411 45.73 -17.64 -54.23
N SER F 412 44.39 -17.67 -54.27
CA SER F 412 43.65 -16.54 -54.85
C SER F 412 43.82 -15.27 -53.99
N GLY F 413 43.87 -15.44 -52.67
CA GLY F 413 44.08 -14.34 -51.74
C GLY F 413 45.44 -13.71 -51.89
N LYS F 414 46.48 -14.53 -52.10
CA LYS F 414 47.82 -14.01 -52.32
C LYS F 414 47.89 -13.24 -53.64
N LEU F 415 47.22 -13.77 -54.67
CA LEU F 415 47.16 -13.19 -55.99
C LEU F 415 46.43 -11.86 -56.03
N ARG F 416 45.35 -11.73 -55.25
CA ARG F 416 44.60 -10.48 -55.20
C ARG F 416 45.13 -9.46 -54.15
N GLY F 417 46.18 -9.81 -53.41
CA GLY F 417 46.73 -8.90 -52.40
C GLY F 417 46.07 -8.96 -51.03
N PHE F 418 45.12 -9.89 -50.82
CA PHE F 418 44.50 -10.08 -49.52
C PHE F 418 45.54 -10.68 -48.58
N LEU F 419 46.36 -11.61 -49.08
CA LEU F 419 47.36 -12.30 -48.27
C LEU F 419 48.75 -12.00 -48.78
N ARG F 420 49.66 -11.90 -47.85
CA ARG F 420 51.07 -11.63 -48.08
C ARG F 420 51.85 -12.76 -47.38
N VAL F 421 53.07 -13.03 -47.86
CA VAL F 421 53.94 -14.05 -47.28
C VAL F 421 54.26 -13.67 -45.83
N GLY F 422 54.10 -14.59 -44.90
CA GLY F 422 54.32 -14.30 -43.49
C GLY F 422 53.04 -13.97 -42.72
N ASP F 423 51.93 -13.71 -43.42
CA ASP F 423 50.66 -13.44 -42.75
C ASP F 423 50.11 -14.68 -42.07
N LEU F 424 49.29 -14.47 -41.06
CA LEU F 424 48.59 -15.56 -40.42
C LEU F 424 47.16 -15.52 -40.97
N VAL F 425 46.61 -16.70 -41.21
CA VAL F 425 45.27 -16.90 -41.71
C VAL F 425 44.55 -17.89 -40.80
N ILE F 426 43.26 -17.68 -40.60
CA ILE F 426 42.46 -18.60 -39.82
C ILE F 426 41.67 -19.40 -40.86
N VAL F 427 41.65 -20.73 -40.76
CA VAL F 427 40.95 -21.58 -41.74
C VAL F 427 39.81 -22.29 -41.05
N VAL F 428 38.60 -22.15 -41.57
CA VAL F 428 37.40 -22.74 -40.98
C VAL F 428 36.80 -23.80 -41.94
N THR F 429 36.74 -25.04 -41.47
CA THR F 429 36.25 -26.20 -42.23
C THR F 429 35.36 -27.07 -41.30
N GLY F 430 34.77 -28.14 -41.85
CA GLY F 430 33.92 -29.07 -41.11
C GLY F 430 34.46 -30.49 -41.13
N TRP F 431 33.86 -31.39 -40.37
CA TRP F 431 34.37 -32.76 -40.22
C TRP F 431 33.81 -33.79 -41.23
N ARG F 432 32.75 -33.45 -41.97
CA ARG F 432 32.14 -34.34 -42.96
C ARG F 432 31.50 -33.49 -44.09
N PRO F 433 31.26 -34.06 -45.30
CA PRO F 433 30.64 -33.27 -46.39
C PRO F 433 29.24 -32.79 -46.10
N GLY F 434 28.78 -31.81 -46.85
CA GLY F 434 27.42 -31.29 -46.68
C GLY F 434 27.36 -30.10 -45.75
N SER F 435 26.29 -29.32 -45.88
CA SER F 435 26.03 -28.16 -45.03
C SER F 435 25.78 -28.50 -43.59
N GLY F 436 26.22 -27.63 -42.69
CA GLY F 436 25.90 -27.75 -41.27
C GLY F 436 26.89 -28.44 -40.37
N TYR F 437 28.05 -28.81 -40.89
CA TYR F 437 29.04 -29.54 -40.09
C TYR F 437 30.34 -28.80 -39.83
N THR F 438 30.37 -27.46 -40.01
CA THR F 438 31.56 -26.66 -39.71
C THR F 438 31.87 -26.78 -38.22
N ASN F 439 33.08 -27.22 -37.85
CA ASN F 439 33.46 -27.39 -36.45
C ASN F 439 34.96 -27.27 -36.20
N ILE F 440 35.74 -26.85 -37.21
CA ILE F 440 37.18 -26.80 -37.10
C ILE F 440 37.78 -25.43 -37.43
N MET F 441 38.70 -24.98 -36.58
CA MET F 441 39.41 -23.74 -36.83
CA MET F 441 39.41 -23.73 -36.78
C MET F 441 40.92 -24.03 -36.75
N ARG F 442 41.67 -23.57 -37.75
CA ARG F 442 43.11 -23.80 -37.80
C ARG F 442 43.86 -22.49 -38.02
N VAL F 443 45.03 -22.36 -37.43
CA VAL F 443 45.86 -21.18 -37.60
C VAL F 443 46.99 -21.57 -38.54
N LEU F 444 47.07 -20.92 -39.70
CA LEU F 444 48.08 -21.22 -40.71
CA LEU F 444 48.05 -21.23 -40.71
C LEU F 444 48.94 -20.03 -41.05
N SER F 445 50.24 -20.28 -41.23
CA SER F 445 51.18 -19.23 -41.60
C SER F 445 51.35 -19.31 -43.13
N ILE F 446 51.20 -18.18 -43.82
CA ILE F 446 51.28 -18.11 -45.27
C ILE F 446 52.73 -18.18 -45.76
N SER F 447 53.02 -19.16 -46.62
CA SER F 447 54.34 -19.37 -47.18
C SER F 447 54.38 -19.06 -48.69
N LEU G 22 50.17 20.53 -5.13
CA LEU G 22 49.85 19.11 -5.18
C LEU G 22 50.96 18.23 -4.65
N GLY G 23 51.84 17.80 -5.55
CA GLY G 23 53.00 17.01 -5.18
C GLY G 23 53.12 15.64 -5.80
N THR G 24 54.37 15.28 -6.12
CA THR G 24 54.77 13.99 -6.66
C THR G 24 54.45 12.89 -5.64
N ALA G 25 54.79 13.15 -4.37
CA ALA G 25 54.60 12.23 -3.25
C ALA G 25 53.14 11.89 -3.00
N PHE G 26 52.23 12.88 -3.12
CA PHE G 26 50.80 12.69 -2.91
C PHE G 26 50.24 11.53 -3.73
N PHE G 27 50.63 11.46 -5.00
CA PHE G 27 50.14 10.43 -5.91
C PHE G 27 50.77 9.05 -5.72
N GLN G 28 51.75 8.91 -4.82
CA GLN G 28 52.35 7.62 -4.53
C GLN G 28 51.69 6.96 -3.31
N GLN G 29 51.12 7.78 -2.38
CA GLN G 29 50.47 7.31 -1.17
C GLN G 29 49.05 6.78 -1.43
N GLN G 30 48.45 6.14 -0.38
CA GLN G 30 47.10 5.59 -0.32
C GLN G 30 46.69 4.80 -1.56
N GLN G 31 47.63 4.02 -2.13
CA GLN G 31 47.43 3.20 -3.31
C GLN G 31 46.85 3.97 -4.50
N LEU G 32 47.18 5.28 -4.63
CA LEU G 32 46.67 6.08 -5.75
C LEU G 32 47.12 5.55 -7.13
N PRO G 33 48.33 5.00 -7.34
CA PRO G 33 48.63 4.37 -8.66
C PRO G 33 47.65 3.22 -8.96
N ALA G 34 47.32 2.37 -7.96
CA ALA G 34 46.36 1.26 -8.17
C ALA G 34 44.92 1.80 -8.37
N ALA G 35 44.60 2.95 -7.74
CA ALA G 35 43.29 3.57 -7.86
C ALA G 35 43.02 4.06 -9.27
N MET G 36 44.06 4.52 -9.99
CA MET G 36 43.89 5.03 -11.35
C MET G 36 43.87 3.95 -12.43
N ALA G 37 44.04 2.67 -12.08
CA ALA G 37 44.05 1.59 -13.06
C ALA G 37 42.76 1.46 -13.83
N ASP G 38 42.85 1.00 -15.08
CA ASP G 38 41.68 0.88 -15.95
C ASP G 38 40.93 -0.43 -15.80
N THR G 39 41.54 -1.44 -15.19
CA THR G 39 40.87 -2.72 -14.92
C THR G 39 41.17 -3.16 -13.48
N PHE G 40 40.36 -4.05 -12.94
CA PHE G 40 40.57 -4.60 -11.62
C PHE G 40 41.89 -5.39 -11.57
N LEU G 41 42.20 -6.13 -12.64
CA LEU G 41 43.45 -6.89 -12.71
C LEU G 41 44.67 -5.98 -12.65
N GLU G 42 44.67 -4.86 -13.42
CA GLU G 42 45.75 -3.88 -13.39
CA GLU G 42 45.77 -3.92 -13.37
C GLU G 42 45.84 -3.23 -12.01
N HIS G 43 44.69 -3.00 -11.35
CA HIS G 43 44.62 -2.41 -10.03
C HIS G 43 45.37 -3.31 -9.03
N LEU G 44 45.14 -4.64 -9.10
CA LEU G 44 45.84 -5.58 -8.21
C LEU G 44 47.35 -5.55 -8.46
N CYS G 45 47.76 -5.54 -9.73
CA CYS G 45 49.17 -5.48 -10.14
C CYS G 45 49.87 -4.23 -9.64
N LEU G 46 49.14 -3.11 -9.44
CA LEU G 46 49.74 -1.86 -8.98
C LEU G 46 49.72 -1.63 -7.48
N LEU G 47 49.15 -2.58 -6.70
CA LEU G 47 49.14 -2.46 -5.23
C LEU G 47 50.59 -2.47 -4.74
N ASP G 48 50.92 -1.57 -3.83
CA ASP G 48 52.29 -1.41 -3.37
C ASP G 48 52.38 -1.43 -1.86
N ILE G 49 53.20 -2.32 -1.30
CA ILE G 49 53.40 -2.39 0.16
C ILE G 49 54.07 -1.11 0.71
N ASP G 50 54.74 -0.32 -0.13
CA ASP G 50 55.38 0.93 0.31
C ASP G 50 54.45 2.15 0.16
N SER G 51 53.24 1.98 -0.36
CA SER G 51 52.30 3.09 -0.51
C SER G 51 51.56 3.21 0.80
N GLU G 52 51.92 4.20 1.62
CA GLU G 52 51.37 4.32 2.95
C GLU G 52 49.95 4.87 3.00
N PRO G 53 49.10 4.29 3.86
CA PRO G 53 47.74 4.82 4.00
C PRO G 53 47.80 6.20 4.65
N VAL G 54 46.96 7.11 4.17
CA VAL G 54 46.92 8.47 4.73
C VAL G 54 45.57 8.71 5.37
N ALA G 55 44.51 8.27 4.72
CA ALA G 55 43.14 8.40 5.20
C ALA G 55 42.95 7.72 6.54
N ALA G 56 42.04 8.28 7.33
CA ALA G 56 41.70 7.69 8.62
C ALA G 56 40.98 6.37 8.37
N ARG G 57 41.11 5.44 9.32
CA ARG G 57 40.49 4.12 9.20
C ARG G 57 38.97 4.25 9.20
N SER G 58 38.32 3.79 8.15
CA SER G 58 36.88 3.97 7.97
C SER G 58 35.97 2.78 8.42
N THR G 59 36.48 1.56 8.52
CA THR G 59 35.67 0.42 8.96
C THR G 59 35.63 0.42 10.48
N SER G 60 34.43 0.45 11.10
CA SER G 60 34.36 0.47 12.56
C SER G 60 34.74 -0.85 13.18
N ILE G 61 35.28 -0.80 14.38
CA ILE G 61 35.66 -1.98 15.10
C ILE G 61 34.68 -2.16 16.25
N ILE G 62 34.07 -3.33 16.31
CA ILE G 62 33.19 -3.68 17.41
C ILE G 62 33.99 -4.59 18.32
N ALA G 63 34.13 -4.25 19.60
CA ALA G 63 34.86 -5.12 20.53
C ALA G 63 33.88 -5.63 21.59
N THR G 64 33.95 -6.91 21.89
CA THR G 64 33.09 -7.50 22.88
C THR G 64 33.69 -7.25 24.24
N ILE G 65 32.87 -6.73 25.16
CA ILE G 65 33.30 -6.41 26.52
C ILE G 65 33.03 -7.59 27.44
N GLY G 66 34.07 -8.04 28.11
CA GLY G 66 33.98 -9.18 29.02
C GLY G 66 35.04 -9.08 30.09
N PRO G 67 35.36 -10.22 30.74
CA PRO G 67 36.37 -10.18 31.82
C PRO G 67 37.73 -9.61 31.46
N ALA G 68 38.20 -9.82 30.22
CA ALA G 68 39.49 -9.28 29.78
C ALA G 68 39.48 -7.78 29.41
N SER G 69 38.30 -7.17 29.30
CA SER G 69 38.21 -5.79 28.79
C SER G 69 37.21 -4.93 29.53
N ARG G 70 36.95 -5.22 30.76
CA ARG G 70 35.92 -4.55 31.55
C ARG G 70 36.36 -3.35 32.36
N SER G 71 37.62 -3.34 32.79
CA SER G 71 38.10 -2.25 33.65
C SER G 71 38.16 -0.92 32.90
N VAL G 72 37.93 0.18 33.62
CA VAL G 72 37.95 1.52 33.05
C VAL G 72 39.30 1.82 32.39
N GLU G 73 40.40 1.42 33.04
CA GLU G 73 41.73 1.67 32.49
C GLU G 73 41.97 0.90 31.19
N ARG G 74 41.52 -0.35 31.15
CA ARG G 74 41.64 -1.19 29.97
C ARG G 74 40.74 -0.62 28.82
N LEU G 75 39.53 -0.18 29.15
CA LEU G 75 38.62 0.41 28.18
C LEU G 75 39.16 1.71 27.58
N LYS G 76 39.91 2.50 28.36
CA LYS G 76 40.52 3.72 27.82
C LYS G 76 41.56 3.36 26.78
N GLU G 77 42.33 2.28 27.01
CA GLU G 77 43.33 1.82 26.04
C GLU G 77 42.65 1.29 24.78
N MET G 78 41.50 0.60 24.93
CA MET G 78 40.78 0.08 23.78
CA MET G 78 40.78 0.08 23.78
C MET G 78 40.16 1.20 22.94
N ILE G 79 39.71 2.29 23.58
CA ILE G 79 39.17 3.44 22.85
C ILE G 79 40.30 4.09 22.06
N LYS G 80 41.48 4.25 22.68
CA LYS G 80 42.65 4.82 21.99
C LYS G 80 43.15 3.93 20.87
N ALA G 81 43.05 2.60 21.04
CA ALA G 81 43.47 1.65 20.01
C ALA G 81 42.51 1.64 18.78
N GLY G 82 41.27 2.09 18.95
CA GLY G 82 40.35 2.18 17.83
C GLY G 82 38.95 1.62 18.00
N MET G 83 38.61 1.10 19.20
CA MET G 83 37.27 0.55 19.42
C MET G 83 36.19 1.64 19.22
N ASN G 84 35.20 1.36 18.36
CA ASN G 84 34.13 2.31 18.11
C ASN G 84 32.79 1.87 18.72
N ILE G 85 32.57 0.57 18.84
CA ILE G 85 31.34 0.01 19.37
C ILE G 85 31.69 -1.05 20.42
N ALA G 86 31.09 -0.98 21.58
CA ALA G 86 31.28 -1.95 22.66
C ALA G 86 30.09 -2.90 22.61
N ARG G 87 30.36 -4.18 22.46
CA ARG G 87 29.32 -5.20 22.38
C ARG G 87 29.18 -5.93 23.71
N LEU G 88 27.95 -6.07 24.20
CA LEU G 88 27.66 -6.81 25.42
C LEU G 88 26.95 -8.08 25.00
N ASN G 89 27.54 -9.23 25.25
CA ASN G 89 26.94 -10.49 24.86
C ASN G 89 26.05 -11.01 25.97
N PHE G 90 24.73 -10.92 25.77
CA PHE G 90 23.78 -11.36 26.77
C PHE G 90 23.61 -12.89 26.81
N SER G 91 24.40 -13.65 26.04
CA SER G 91 24.45 -15.11 26.20
C SER G 91 25.16 -15.44 27.52
N HIS G 92 25.98 -14.53 28.08
CA HIS G 92 26.71 -14.76 29.33
C HIS G 92 26.46 -13.60 30.30
N GLY G 93 26.78 -13.81 31.58
CA GLY G 93 26.65 -12.77 32.59
C GLY G 93 25.23 -12.50 33.01
N SER G 94 25.05 -11.51 33.84
CA SER G 94 23.74 -11.13 34.34
C SER G 94 23.47 -9.64 34.01
N HIS G 95 22.27 -9.15 34.31
CA HIS G 95 21.93 -7.74 34.10
C HIS G 95 22.83 -6.83 34.93
N GLU G 96 23.14 -7.23 36.17
CA GLU G 96 24.02 -6.45 37.03
C GLU G 96 25.43 -6.42 36.45
N TYR G 97 25.92 -7.55 35.95
CA TYR G 97 27.25 -7.63 35.36
C TYR G 97 27.34 -6.69 34.12
N HIS G 98 26.38 -6.78 33.19
CA HIS G 98 26.37 -5.95 32.00
C HIS G 98 26.15 -4.46 32.31
N ALA G 99 25.35 -4.14 33.35
CA ALA G 99 25.17 -2.74 33.75
C ALA G 99 26.49 -2.15 34.22
N GLU G 100 27.32 -2.96 34.92
CA GLU G 100 28.63 -2.51 35.39
CA GLU G 100 28.61 -2.47 35.38
C GLU G 100 29.54 -2.27 34.19
N SER G 101 29.51 -3.17 33.21
CA SER G 101 30.34 -3.02 32.00
C SER G 101 29.95 -1.72 31.25
N ILE G 102 28.64 -1.46 31.10
CA ILE G 102 28.13 -0.24 30.45
C ILE G 102 28.63 1.01 31.20
N ALA G 103 28.51 1.02 32.53
CA ALA G 103 28.99 2.14 33.34
C ALA G 103 30.49 2.36 33.17
N ASN G 104 31.29 1.28 33.09
CA ASN G 104 32.74 1.43 32.89
C ASN G 104 33.04 1.94 31.50
N VAL G 105 32.29 1.49 30.47
CA VAL G 105 32.48 2.00 29.10
C VAL G 105 32.19 3.50 29.07
N ARG G 106 31.05 3.92 29.65
CA ARG G 106 30.71 5.33 29.67
C ARG G 106 31.69 6.17 30.44
N GLU G 107 32.21 5.65 31.58
CA GLU G 107 33.21 6.38 32.35
C GLU G 107 34.50 6.53 31.50
N ALA G 108 34.95 5.45 30.83
CA ALA G 108 36.13 5.54 30.00
C ALA G 108 35.93 6.52 28.83
N VAL G 109 34.76 6.48 28.15
CA VAL G 109 34.48 7.36 27.02
C VAL G 109 34.45 8.83 27.46
N GLU G 110 33.76 9.10 28.58
CA GLU G 110 33.63 10.47 29.06
C GLU G 110 34.90 11.05 29.65
N SER G 111 35.92 10.22 29.94
CA SER G 111 37.19 10.74 30.44
C SER G 111 37.93 11.57 29.36
N PHE G 112 37.53 11.47 28.07
CA PHE G 112 38.13 12.23 26.97
C PHE G 112 37.27 13.44 26.54
N ALA G 113 36.09 13.67 27.17
CA ALA G 113 35.18 14.75 26.79
C ALA G 113 35.72 16.18 27.05
N GLY G 114 36.76 16.29 27.88
CA GLY G 114 37.39 17.57 28.19
C GLY G 114 38.11 18.19 27.01
N SER G 115 38.34 17.41 25.93
CA SER G 115 38.94 17.96 24.71
C SER G 115 37.92 17.68 23.58
N PRO G 116 36.97 18.60 23.37
CA PRO G 116 35.91 18.35 22.38
C PRO G 116 36.36 18.15 20.93
N LEU G 117 37.52 18.69 20.53
CA LEU G 117 38.01 18.52 19.15
C LEU G 117 38.57 17.13 18.88
N SER G 118 38.86 16.33 19.93
CA SER G 118 39.39 14.99 19.76
C SER G 118 38.47 13.90 20.39
N TYR G 119 37.37 14.28 21.08
CA TYR G 119 36.45 13.33 21.72
C TYR G 119 35.92 12.30 20.70
N ARG G 120 35.99 11.00 21.08
CA ARG G 120 35.48 9.95 20.22
C ARG G 120 34.24 9.30 20.84
N PRO G 121 33.07 9.49 20.20
CA PRO G 121 31.85 8.79 20.68
C PRO G 121 32.02 7.26 20.56
N VAL G 122 31.41 6.45 21.47
CA VAL G 122 31.52 4.98 21.40
C VAL G 122 30.11 4.42 21.60
N ALA G 123 29.60 3.64 20.65
CA ALA G 123 28.27 3.07 20.74
C ALA G 123 28.24 1.87 21.67
N ILE G 124 27.05 1.56 22.22
CA ILE G 124 26.87 0.40 23.07
C ILE G 124 25.85 -0.49 22.40
N ALA G 125 26.25 -1.70 22.09
CA ALA G 125 25.41 -2.64 21.39
C ALA G 125 25.11 -3.85 22.29
N LEU G 126 23.85 -4.28 22.28
CA LEU G 126 23.43 -5.42 23.07
C LEU G 126 23.24 -6.60 22.13
N ASP G 127 23.92 -7.73 22.38
CA ASP G 127 23.78 -8.91 21.54
C ASP G 127 22.90 -9.91 22.32
N THR G 128 21.73 -10.25 21.76
CA THR G 128 20.80 -11.11 22.46
C THR G 128 21.22 -12.59 22.51
N LYS G 129 20.67 -13.33 23.50
CA LYS G 129 20.95 -14.76 23.65
C LYS G 129 20.38 -15.55 22.48
N GLY G 130 19.19 -15.18 22.04
CA GLY G 130 18.56 -15.87 20.91
C GLY G 130 17.36 -16.70 21.32
N PRO G 131 16.72 -17.32 20.33
CA PRO G 131 15.53 -18.12 20.63
C PRO G 131 15.87 -19.47 21.23
N PRO G 135 11.94 -20.75 18.42
CA PRO G 135 10.48 -20.61 18.65
C PRO G 135 10.02 -19.15 18.78
N GLY G 136 10.56 -18.26 17.94
CA GLY G 136 10.22 -16.84 18.05
C GLY G 136 10.98 -16.15 19.18
N LEU G 137 10.59 -14.93 19.54
CA LEU G 137 11.28 -14.17 20.59
C LEU G 137 11.19 -14.83 21.99
N SER G 138 12.31 -15.24 22.54
CA SER G 138 12.35 -15.88 23.86
C SER G 138 12.03 -14.91 25.00
N GLU G 139 11.67 -15.46 26.17
CA GLU G 139 11.35 -14.64 27.34
C GLU G 139 12.56 -13.89 27.85
N GLN G 140 13.72 -14.52 27.81
CA GLN G 140 14.96 -13.89 28.24
C GLN G 140 15.30 -12.72 27.31
N ASP G 141 15.10 -12.88 25.99
CA ASP G 141 15.34 -11.80 25.04
C ASP G 141 14.43 -10.61 25.31
N VAL G 142 13.15 -10.84 25.67
CA VAL G 142 12.25 -9.74 25.99
C VAL G 142 12.79 -8.95 27.19
N ARG G 143 13.29 -9.67 28.22
CA ARG G 143 13.83 -8.98 29.40
C ARG G 143 15.15 -8.25 29.11
N ASP G 144 16.02 -8.85 28.29
CA ASP G 144 17.30 -8.26 27.92
C ASP G 144 17.08 -7.03 27.02
N LEU G 145 16.12 -7.07 26.11
CA LEU G 145 15.79 -5.93 25.27
C LEU G 145 15.28 -4.79 26.13
N ARG G 146 14.43 -5.10 27.17
CA ARG G 146 13.91 -4.08 28.10
C ARG G 146 15.08 -3.45 28.88
N PHE G 147 16.04 -4.28 29.30
CA PHE G 147 17.25 -3.81 29.99
C PHE G 147 18.02 -2.82 29.05
N GLY G 148 18.14 -3.17 27.78
CA GLY G 148 18.81 -2.33 26.80
C GLY G 148 18.19 -0.97 26.65
N VAL G 149 16.87 -0.91 26.56
CA VAL G 149 16.15 0.36 26.47
C VAL G 149 16.35 1.18 27.74
N GLU G 150 16.25 0.53 28.91
CA GLU G 150 16.41 1.22 30.19
C GLU G 150 17.81 1.76 30.39
N HIS G 151 18.82 1.08 29.82
CA HIS G 151 20.21 1.53 29.93
C HIS G 151 20.68 2.38 28.73
N GLY G 152 19.77 2.73 27.82
CA GLY G 152 20.07 3.58 26.69
C GLY G 152 21.05 3.02 25.68
N VAL G 153 20.97 1.70 25.36
CA VAL G 153 21.85 1.14 24.35
C VAL G 153 21.50 1.75 22.97
N ASP G 154 22.49 1.78 22.10
CA ASP G 154 22.30 2.37 20.77
C ASP G 154 21.86 1.36 19.73
N ILE G 155 22.31 0.10 19.89
CA ILE G 155 22.14 -0.92 18.89
C ILE G 155 21.80 -2.24 19.50
N VAL G 156 21.03 -3.04 18.77
CA VAL G 156 20.73 -4.41 19.19
C VAL G 156 21.20 -5.33 18.07
N PHE G 157 22.01 -6.35 18.42
CA PHE G 157 22.39 -7.38 17.46
C PHE G 157 21.43 -8.54 17.79
N ALA G 158 20.38 -8.73 16.98
CA ALA G 158 19.37 -9.75 17.26
C ALA G 158 19.82 -11.12 16.77
N SER G 159 20.02 -12.09 17.69
CA SER G 159 20.52 -13.42 17.33
C SER G 159 19.51 -14.26 16.61
N PHE G 160 19.99 -15.15 15.71
CA PHE G 160 19.20 -16.10 14.97
C PHE G 160 17.93 -15.53 14.32
N VAL G 161 18.06 -14.45 13.55
CA VAL G 161 16.91 -13.91 12.84
C VAL G 161 16.69 -14.82 11.65
N ARG G 162 15.49 -15.40 11.55
CA ARG G 162 15.17 -16.31 10.45
C ARG G 162 14.14 -15.77 9.46
N LYS G 163 13.38 -14.76 9.83
CA LYS G 163 12.30 -14.23 8.99
C LYS G 163 11.95 -12.82 9.43
N ALA G 164 11.22 -12.07 8.60
CA ALA G 164 10.84 -10.69 8.90
C ALA G 164 10.06 -10.55 10.19
N SER G 165 9.19 -11.53 10.53
CA SER G 165 8.41 -11.44 11.79
C SER G 165 9.29 -11.52 13.04
N ASP G 166 10.49 -12.11 12.94
CA ASP G 166 11.43 -12.12 14.06
C ASP G 166 11.89 -10.66 14.34
N VAL G 167 12.12 -9.87 13.29
CA VAL G 167 12.55 -8.47 13.44
C VAL G 167 11.39 -7.63 13.98
N ALA G 168 10.15 -7.89 13.52
CA ALA G 168 8.97 -7.17 14.01
C ALA G 168 8.78 -7.43 15.51
N ALA G 169 9.05 -8.65 15.96
CA ALA G 169 8.95 -8.99 17.38
C ALA G 169 10.03 -8.22 18.18
N VAL G 170 11.24 -8.10 17.62
CA VAL G 170 12.29 -7.31 18.29
C VAL G 170 11.90 -5.84 18.34
N ARG G 171 11.41 -5.25 17.23
CA ARG G 171 10.97 -3.85 17.22
C ARG G 171 9.90 -3.59 18.26
N ALA G 172 8.89 -4.49 18.32
CA ALA G 172 7.78 -4.37 19.27
C ALA G 172 8.29 -4.40 20.70
N ALA G 173 9.31 -5.22 20.98
CA ALA G 173 9.88 -5.32 22.34
C ALA G 173 10.76 -4.12 22.75
N LEU G 174 11.09 -3.22 21.81
CA LEU G 174 11.87 -2.05 22.18
C LEU G 174 10.94 -0.93 22.78
N GLY G 175 9.77 -1.34 23.29
CA GLY G 175 8.81 -0.61 24.14
C GLY G 175 8.49 0.73 23.59
N PRO G 176 7.95 1.64 24.41
CA PRO G 176 7.66 2.98 23.87
C PRO G 176 8.91 3.85 23.73
N GLU G 177 10.01 3.56 24.49
CA GLU G 177 11.13 4.45 24.45
C GLU G 177 12.34 4.00 23.60
N GLY G 178 12.29 2.84 22.95
CA GLY G 178 13.45 2.34 22.18
C GLY G 178 13.32 2.23 20.68
N HIS G 179 12.42 3.03 20.08
CA HIS G 179 12.20 3.00 18.64
C HIS G 179 13.38 3.54 17.81
N GLY G 180 14.23 4.36 18.41
CA GLY G 180 15.42 4.88 17.74
C GLY G 180 16.61 3.93 17.80
N ILE G 181 16.49 2.80 18.49
CA ILE G 181 17.59 1.83 18.60
C ILE G 181 17.74 1.10 17.26
N LYS G 182 18.98 0.95 16.75
CA LYS G 182 19.17 0.28 15.47
C LYS G 182 19.11 -1.22 15.67
N ILE G 183 18.38 -1.93 14.82
CA ILE G 183 18.33 -3.39 14.91
C ILE G 183 19.16 -3.99 13.81
N ILE G 184 20.23 -4.68 14.18
CA ILE G 184 21.10 -5.36 13.25
C ILE G 184 20.74 -6.83 13.38
N SER G 185 20.20 -7.45 12.32
CA SER G 185 19.81 -8.85 12.36
C SER G 185 20.99 -9.75 12.13
N LYS G 186 21.20 -10.73 13.02
CA LYS G 186 22.27 -11.70 12.82
C LYS G 186 21.77 -12.87 11.99
N ILE G 187 22.44 -13.15 10.87
CA ILE G 187 22.06 -14.26 9.98
C ILE G 187 22.97 -15.41 10.37
N GLU G 188 22.38 -16.45 10.97
CA GLU G 188 23.16 -17.53 11.57
C GLU G 188 22.81 -18.93 11.08
N ASN G 189 21.85 -19.07 10.16
CA ASN G 189 21.44 -20.39 9.70
C ASN G 189 20.94 -20.36 8.26
N HIS G 190 20.61 -21.53 7.70
CA HIS G 190 20.13 -21.66 6.35
C HIS G 190 18.89 -20.84 6.07
N GLU G 191 17.90 -20.87 6.97
CA GLU G 191 16.68 -20.11 6.76
C GLU G 191 16.90 -18.59 6.70
N GLY G 192 17.73 -18.04 7.57
CA GLY G 192 18.06 -16.62 7.52
C GLY G 192 18.73 -16.25 6.20
N VAL G 193 19.60 -17.12 5.68
CA VAL G 193 20.26 -16.87 4.40
C VAL G 193 19.22 -16.89 3.26
N LYS G 194 18.31 -17.88 3.27
CA LYS G 194 17.28 -17.99 2.23
C LYS G 194 16.24 -16.89 2.29
N ARG G 195 15.90 -16.42 3.49
CA ARG G 195 14.93 -15.34 3.65
C ARG G 195 15.61 -13.98 3.84
N PHE G 196 16.89 -13.86 3.43
CA PHE G 196 17.68 -12.64 3.59
C PHE G 196 16.99 -11.38 3.10
N ASP G 197 16.42 -11.39 1.89
CA ASP G 197 15.79 -10.17 1.35
C ASP G 197 14.70 -9.61 2.23
N GLU G 198 13.82 -10.49 2.75
CA GLU G 198 12.74 -10.02 3.60
C GLU G 198 13.26 -9.53 4.95
N ILE G 199 14.33 -10.14 5.46
CA ILE G 199 14.93 -9.72 6.73
C ILE G 199 15.60 -8.34 6.56
N LEU G 200 16.40 -8.18 5.50
CA LEU G 200 17.10 -6.92 5.26
C LEU G 200 16.12 -5.76 5.09
N GLU G 201 15.01 -6.00 4.39
CA GLU G 201 14.00 -4.97 4.16
C GLU G 201 13.50 -4.33 5.44
N VAL G 202 13.31 -5.12 6.53
CA VAL G 202 12.80 -4.58 7.77
C VAL G 202 13.88 -4.30 8.84
N SER G 203 15.15 -4.65 8.59
CA SER G 203 16.21 -4.41 9.57
C SER G 203 16.95 -3.11 9.26
N ASP G 204 17.68 -2.59 10.23
CA ASP G 204 18.56 -1.43 9.98
C ASP G 204 19.91 -1.88 9.38
N GLY G 205 20.28 -3.13 9.57
CA GLY G 205 21.50 -3.72 9.05
C GLY G 205 21.58 -5.19 9.34
N ILE G 206 22.70 -5.81 8.97
CA ILE G 206 22.89 -7.25 9.08
C ILE G 206 24.23 -7.58 9.72
N MET G 207 24.29 -8.68 10.45
CA MET G 207 25.55 -9.21 10.94
C MET G 207 25.69 -10.61 10.33
N VAL G 208 26.81 -10.87 9.66
CA VAL G 208 27.13 -12.20 9.14
C VAL G 208 27.76 -12.93 10.32
N ALA G 209 26.97 -13.72 11.03
CA ALA G 209 27.42 -14.40 12.25
C ALA G 209 28.00 -15.73 11.85
N ARG G 210 29.28 -15.73 11.48
CA ARG G 210 29.93 -16.89 10.90
C ARG G 210 30.11 -18.07 11.85
N GLY G 211 30.10 -17.86 13.14
CA GLY G 211 30.25 -18.93 14.13
C GLY G 211 29.15 -19.95 14.00
N ASP G 212 27.90 -19.53 14.25
CA ASP G 212 26.76 -20.41 14.08
C ASP G 212 26.53 -20.79 12.63
N LEU G 213 26.72 -19.83 11.70
CA LEU G 213 26.54 -20.12 10.28
C LEU G 213 27.43 -21.30 9.79
N GLY G 214 28.67 -21.35 10.25
CA GLY G 214 29.61 -22.41 9.93
C GLY G 214 29.31 -23.78 10.53
N ILE G 215 28.33 -23.85 11.46
CA ILE G 215 27.85 -25.09 12.07
C ILE G 215 26.48 -25.47 11.44
N GLU G 216 25.66 -24.47 11.07
CA GLU G 216 24.34 -24.66 10.47
C GLU G 216 24.41 -25.04 9.00
N ILE G 217 25.39 -24.51 8.27
CA ILE G 217 25.60 -24.82 6.86
C ILE G 217 27.03 -25.36 6.70
N PRO G 218 27.38 -26.07 5.61
CA PRO G 218 28.77 -26.55 5.45
C PRO G 218 29.79 -25.41 5.59
N ALA G 219 30.88 -25.63 6.36
CA ALA G 219 31.88 -24.61 6.61
C ALA G 219 32.46 -24.01 5.33
N GLU G 220 32.62 -24.81 4.28
CA GLU G 220 33.14 -24.35 3.01
C GLU G 220 32.20 -23.43 2.22
N LYS G 221 30.97 -23.23 2.68
CA LYS G 221 30.00 -22.36 2.00
C LYS G 221 29.83 -21.00 2.71
N VAL G 222 30.41 -20.82 3.92
CA VAL G 222 30.26 -19.58 4.66
C VAL G 222 30.73 -18.35 3.88
N PHE G 223 31.84 -18.47 3.16
CA PHE G 223 32.33 -17.33 2.37
C PHE G 223 31.30 -16.87 1.30
N LEU G 224 30.49 -17.80 0.74
CA LEU G 224 29.49 -17.44 -0.25
C LEU G 224 28.41 -16.64 0.41
N ALA G 225 27.93 -17.09 1.59
CA ALA G 225 26.90 -16.37 2.33
C ALA G 225 27.43 -14.98 2.75
N GLN G 226 28.69 -14.90 3.19
CA GLN G 226 29.27 -13.61 3.61
C GLN G 226 29.34 -12.63 2.43
N LYS G 227 29.87 -13.10 1.29
CA LYS G 227 29.99 -12.22 0.11
C LYS G 227 28.64 -11.78 -0.43
N MET G 228 27.68 -12.68 -0.46
CA MET G 228 26.32 -12.36 -0.92
C MET G 228 25.65 -11.31 -0.02
N MET G 229 25.71 -11.51 1.30
CA MET G 229 25.07 -10.59 2.24
C MET G 229 25.71 -9.24 2.23
N ILE G 230 27.04 -9.19 2.12
CA ILE G 230 27.75 -7.92 2.05
C ILE G 230 27.36 -7.18 0.77
N GLY G 231 27.35 -7.87 -0.36
CA GLY G 231 26.95 -7.26 -1.63
C GLY G 231 25.54 -6.71 -1.60
N ARG G 232 24.57 -7.48 -1.05
CA ARG G 232 23.18 -7.02 -0.97
C ARG G 232 22.99 -5.86 -0.02
N CYS G 233 23.75 -5.82 1.10
CA CYS G 233 23.68 -4.69 2.03
C CYS G 233 24.28 -3.46 1.40
N ASN G 234 25.37 -3.61 0.65
CA ASN G 234 25.99 -2.46 -0.04
C ASN G 234 25.00 -1.89 -1.06
N LEU G 235 24.28 -2.77 -1.77
CA LEU G 235 23.29 -2.37 -2.75
C LEU G 235 22.13 -1.60 -2.07
N ALA G 236 21.68 -2.11 -0.91
CA ALA G 236 20.60 -1.49 -0.16
C ALA G 236 21.03 -0.23 0.63
N GLY G 237 22.33 0.02 0.76
CA GLY G 237 22.82 1.14 1.55
C GLY G 237 22.59 0.94 3.05
N LYS G 238 22.70 -0.33 3.50
CA LYS G 238 22.50 -0.64 4.91
C LYS G 238 23.76 -1.26 5.48
N PRO G 239 24.11 -0.92 6.73
CA PRO G 239 25.33 -1.48 7.33
C PRO G 239 25.39 -3.01 7.43
N VAL G 240 26.57 -3.56 7.22
CA VAL G 240 26.80 -4.98 7.34
C VAL G 240 28.03 -5.20 8.18
N VAL G 241 27.93 -6.09 9.18
CA VAL G 241 29.03 -6.42 10.06
C VAL G 241 29.57 -7.80 9.74
N CYS G 242 30.90 -7.94 9.64
CA CYS G 242 31.50 -9.25 9.50
C CYS G 242 31.97 -9.65 10.90
N ALA G 243 31.57 -10.84 11.37
CA ALA G 243 31.87 -11.24 12.73
C ALA G 243 32.39 -12.68 12.86
N THR G 244 33.07 -12.95 13.98
CA THR G 244 33.49 -14.25 14.53
C THR G 244 34.72 -14.87 13.93
N GLN G 245 35.68 -15.16 14.83
CA GLN G 245 36.95 -15.82 14.57
C GLN G 245 37.85 -15.06 13.61
N MET G 246 37.68 -13.74 13.50
CA MET G 246 38.53 -12.94 12.62
C MET G 246 39.99 -12.98 13.04
N LEU G 247 40.27 -12.90 14.34
CA LEU G 247 41.63 -12.95 14.88
C LEU G 247 41.70 -13.99 16.02
N GLU G 248 40.99 -15.10 15.89
CA GLU G 248 40.84 -16.14 16.90
C GLU G 248 42.11 -16.56 17.65
N SER G 249 43.22 -16.77 16.95
CA SER G 249 44.48 -17.17 17.60
C SER G 249 44.97 -16.11 18.59
N MET G 250 44.56 -14.83 18.42
CA MET G 250 44.96 -13.77 19.34
C MET G 250 44.28 -13.86 20.71
N ILE G 251 43.43 -14.85 20.94
CA ILE G 251 42.87 -15.11 22.27
C ILE G 251 44.05 -15.56 23.19
N THR G 252 45.01 -16.33 22.65
CA THR G 252 46.16 -16.79 23.45
C THR G 252 47.49 -16.27 22.93
N LYS G 253 47.58 -15.88 21.66
CA LYS G 253 48.86 -15.42 21.08
C LYS G 253 48.90 -13.93 20.79
N PRO G 254 50.06 -13.28 20.97
CA PRO G 254 50.12 -11.81 20.76
C PRO G 254 50.11 -11.37 19.29
N ARG G 255 50.28 -12.32 18.34
CA ARG G 255 50.26 -12.01 16.90
C ARG G 255 49.31 -12.98 16.21
N PRO G 256 48.58 -12.50 15.18
CA PRO G 256 47.63 -13.40 14.49
C PRO G 256 48.30 -14.26 13.41
N THR G 257 47.56 -15.24 12.89
CA THR G 257 48.08 -16.07 11.81
C THR G 257 47.93 -15.29 10.48
N ARG G 258 48.56 -15.81 9.41
CA ARG G 258 48.45 -15.23 8.08
C ARG G 258 47.04 -15.30 7.55
N ALA G 259 46.29 -16.35 7.90
CA ALA G 259 44.90 -16.48 7.46
C ALA G 259 44.01 -15.44 8.13
N GLU G 260 44.28 -15.11 9.38
CA GLU G 260 43.49 -14.14 10.11
C GLU G 260 43.68 -12.71 9.61
N THR G 261 44.91 -12.28 9.28
CA THR G 261 45.11 -10.93 8.74
C THR G 261 44.45 -10.83 7.36
N SER G 262 44.55 -11.89 6.56
CA SER G 262 43.93 -11.94 5.26
C SER G 262 42.39 -11.89 5.38
N ASP G 263 41.81 -12.56 6.38
CA ASP G 263 40.36 -12.56 6.60
C ASP G 263 39.85 -11.15 6.94
N VAL G 264 40.58 -10.42 7.79
CA VAL G 264 40.18 -9.06 8.13
C VAL G 264 40.25 -8.16 6.88
N ALA G 265 41.36 -8.27 6.12
CA ALA G 265 41.52 -7.46 4.92
C ALA G 265 40.46 -7.77 3.89
N ASN G 266 40.13 -9.06 3.70
CA ASN G 266 39.12 -9.46 2.74
C ASN G 266 37.69 -9.07 3.14
N ALA G 267 37.39 -8.99 4.44
CA ALA G 267 36.06 -8.55 4.86
C ALA G 267 35.90 -7.04 4.47
N VAL G 268 36.94 -6.24 4.69
CA VAL G 268 36.96 -4.83 4.30
C VAL G 268 36.87 -4.69 2.78
N LEU G 269 37.67 -5.48 2.04
CA LEU G 269 37.59 -5.45 0.57
C LEU G 269 36.24 -5.94 0.03
N ASP G 270 35.56 -6.87 0.72
CA ASP G 270 34.24 -7.34 0.34
C ASP G 270 33.21 -6.22 0.41
N GLY G 271 33.39 -5.27 1.34
CA GLY G 271 32.48 -4.14 1.53
C GLY G 271 31.87 -4.04 2.90
N ALA G 272 32.43 -4.78 3.91
CA ALA G 272 31.85 -4.73 5.26
C ALA G 272 31.95 -3.35 5.85
N ASP G 273 30.89 -2.89 6.52
CA ASP G 273 30.93 -1.59 7.20
C ASP G 273 31.66 -1.69 8.52
N CYS G 274 31.51 -2.82 9.23
CA CYS G 274 32.13 -3.05 10.55
C CYS G 274 32.79 -4.41 10.59
N ILE G 275 33.80 -4.55 11.43
CA ILE G 275 34.44 -5.81 11.72
C ILE G 275 34.38 -6.01 13.24
N MET G 276 34.30 -7.24 13.69
CA MET G 276 34.08 -7.53 15.09
C MET G 276 35.12 -8.43 15.72
N LEU G 277 35.30 -8.25 17.03
CA LEU G 277 36.15 -9.06 17.87
C LEU G 277 35.23 -9.64 18.95
N SER G 278 35.29 -10.95 19.17
CA SER G 278 34.47 -11.60 20.16
CA SER G 278 34.46 -11.59 20.17
C SER G 278 35.32 -12.08 21.35
N GLY G 279 35.75 -13.34 21.36
CA GLY G 279 36.60 -13.87 22.41
C GLY G 279 37.92 -13.16 22.49
N GLU G 280 38.42 -12.62 21.33
CA GLU G 280 39.68 -11.89 21.29
C GLU G 280 39.69 -10.73 22.29
N THR G 281 38.54 -10.05 22.50
CA THR G 281 38.49 -8.97 23.49
C THR G 281 37.72 -9.32 24.74
N ALA G 282 36.75 -10.22 24.67
CA ALA G 282 35.94 -10.56 25.85
C ALA G 282 36.75 -11.39 26.86
N LYS G 283 37.55 -12.33 26.40
CA LYS G 283 38.28 -13.23 27.29
C LYS G 283 39.73 -13.50 26.90
N GLY G 284 40.25 -12.81 25.89
CA GLY G 284 41.61 -13.03 25.44
C GLY G 284 42.71 -12.44 26.28
N ASN G 285 43.94 -12.91 26.05
CA ASN G 285 45.13 -12.42 26.73
C ASN G 285 45.63 -11.11 26.12
N PHE G 286 45.22 -10.76 24.88
CA PHE G 286 45.71 -9.54 24.23
C PHE G 286 44.55 -8.69 23.65
N PRO G 287 43.59 -8.20 24.47
CA PRO G 287 42.46 -7.44 23.90
C PRO G 287 42.85 -6.16 23.17
N VAL G 288 43.75 -5.35 23.75
CA VAL G 288 44.17 -4.09 23.14
C VAL G 288 44.93 -4.33 21.84
N GLU G 289 45.81 -5.32 21.85
CA GLU G 289 46.59 -5.69 20.65
C GLU G 289 45.68 -6.18 19.51
N ALA G 290 44.58 -6.87 19.83
CA ALA G 290 43.65 -7.36 18.81
C ALA G 290 42.94 -6.16 18.15
N VAL G 291 42.57 -5.15 18.95
CA VAL G 291 41.93 -3.95 18.40
C VAL G 291 42.93 -3.21 17.49
N LYS G 292 44.18 -3.10 17.94
CA LYS G 292 45.24 -2.43 17.16
C LYS G 292 45.50 -3.14 15.86
N MET G 293 45.45 -4.47 15.86
CA MET G 293 45.66 -5.29 14.67
C MET G 293 44.51 -5.08 13.66
N GLN G 294 43.24 -5.11 14.13
CA GLN G 294 42.13 -4.82 13.22
C GLN G 294 42.23 -3.40 12.66
N HIS G 295 42.63 -2.44 13.48
CA HIS G 295 42.81 -1.07 13.02
C HIS G 295 43.87 -0.99 11.91
N ALA G 296 45.05 -1.59 12.14
CA ALA G 296 46.14 -1.58 11.17
C ALA G 296 45.79 -2.25 9.85
N ILE G 297 45.10 -3.40 9.90
CA ILE G 297 44.73 -4.10 8.67
C ILE G 297 43.65 -3.33 7.89
N ALA G 298 42.61 -2.82 8.59
CA ALA G 298 41.52 -2.12 7.93
C ALA G 298 42.03 -0.87 7.20
N ARG G 299 42.96 -0.14 7.80
CA ARG G 299 43.53 1.04 7.15
C ARG G 299 44.23 0.69 5.83
N GLU G 300 45.01 -0.39 5.82
CA GLU G 300 45.68 -0.81 4.60
C GLU G 300 44.67 -1.30 3.56
N ALA G 301 43.65 -2.06 4.00
CA ALA G 301 42.67 -2.62 3.08
C ALA G 301 41.78 -1.56 2.46
N GLU G 302 41.41 -0.54 3.21
CA GLU G 302 40.55 0.53 2.68
C GLU G 302 41.20 1.29 1.54
N ALA G 303 42.54 1.53 1.62
CA ALA G 303 43.23 2.19 0.53
C ALA G 303 43.29 1.29 -0.72
N ALA G 304 43.23 -0.05 -0.56
CA ALA G 304 43.28 -1.03 -1.64
C ALA G 304 41.93 -1.30 -2.31
N VAL G 305 40.85 -0.64 -1.88
CA VAL G 305 39.55 -0.78 -2.52
C VAL G 305 39.63 -0.14 -3.94
N TYR G 306 39.09 -0.79 -4.95
CA TYR G 306 39.10 -0.28 -6.32
C TYR G 306 37.86 0.61 -6.48
N HIS G 307 37.93 1.84 -5.98
CA HIS G 307 36.80 2.77 -6.03
C HIS G 307 36.24 3.07 -7.40
N ARG G 308 37.06 3.05 -8.43
CA ARG G 308 36.61 3.33 -9.78
C ARG G 308 35.50 2.39 -10.21
N GLN G 309 35.66 1.10 -9.92
CA GLN G 309 34.62 0.13 -10.27
C GLN G 309 33.48 0.18 -9.25
N LEU G 310 33.82 0.24 -7.97
CA LEU G 310 32.80 0.25 -6.91
C LEU G 310 31.80 1.40 -7.06
N PHE G 311 32.30 2.64 -7.25
CA PHE G 311 31.42 3.79 -7.41
C PHE G 311 30.57 3.66 -8.66
N GLU G 312 31.16 3.22 -9.78
CA GLU G 312 30.44 3.01 -11.03
C GLU G 312 29.29 2.00 -10.84
N GLU G 313 29.56 0.88 -10.16
CA GLU G 313 28.54 -0.14 -9.94
C GLU G 313 27.46 0.29 -8.95
N LEU G 314 27.85 1.02 -7.88
CA LEU G 314 26.86 1.51 -6.90
C LEU G 314 25.94 2.53 -7.57
N ARG G 315 26.50 3.39 -8.43
CA ARG G 315 25.76 4.38 -9.21
C ARG G 315 24.74 3.71 -10.13
N ARG G 316 25.18 2.73 -10.95
CA ARG G 316 24.32 2.00 -11.90
C ARG G 316 23.19 1.25 -11.21
N ALA G 317 23.49 0.62 -10.07
CA ALA G 317 22.48 -0.16 -9.35
C ALA G 317 21.49 0.70 -8.57
N ALA G 318 21.90 1.90 -8.15
CA ALA G 318 21.01 2.77 -7.38
C ALA G 318 19.96 3.38 -8.28
N PRO G 319 18.68 3.30 -7.88
CA PRO G 319 17.63 3.87 -8.73
C PRO G 319 17.62 5.40 -8.69
N LEU G 320 16.91 6.01 -9.65
CA LEU G 320 16.71 7.45 -9.66
C LEU G 320 15.97 7.86 -8.39
N SER G 321 16.20 9.06 -7.92
CA SER G 321 15.58 9.51 -6.69
C SER G 321 15.20 10.94 -6.77
N ARG G 322 14.09 11.29 -6.17
CA ARG G 322 13.65 12.65 -6.05
C ARG G 322 13.87 13.20 -4.60
N ASP G 323 14.52 12.43 -3.72
CA ASP G 323 14.79 12.85 -2.36
C ASP G 323 16.03 13.75 -2.43
N PRO G 324 15.90 15.04 -2.05
CA PRO G 324 17.07 15.94 -2.14
C PRO G 324 18.28 15.48 -1.35
N THR G 325 18.10 14.76 -0.24
CA THR G 325 19.27 14.28 0.53
C THR G 325 20.07 13.26 -0.28
N GLU G 326 19.36 12.34 -0.95
CA GLU G 326 20.01 11.32 -1.77
CA GLU G 326 20.00 11.32 -1.77
C GLU G 326 20.67 11.96 -3.00
N VAL G 327 20.01 12.95 -3.61
CA VAL G 327 20.55 13.63 -4.80
C VAL G 327 21.81 14.42 -4.41
N THR G 328 21.78 15.09 -3.25
CA THR G 328 22.93 15.86 -2.75
C THR G 328 24.07 14.93 -2.44
N ALA G 329 23.78 13.76 -1.84
CA ALA G 329 24.81 12.79 -1.47
C ALA G 329 25.60 12.29 -2.64
N ILE G 330 24.94 11.96 -3.76
CA ILE G 330 25.68 11.45 -4.93
C ILE G 330 26.49 12.57 -5.60
N GLY G 331 25.95 13.80 -5.61
CA GLY G 331 26.66 14.94 -6.14
C GLY G 331 27.90 15.25 -5.32
N ALA G 332 27.79 15.15 -3.98
CA ALA G 332 28.91 15.42 -3.09
C ALA G 332 30.00 14.36 -3.23
N VAL G 333 29.63 13.09 -3.37
CA VAL G 333 30.60 12.01 -3.52
C VAL G 333 31.31 12.13 -4.88
N GLU G 334 30.57 12.47 -5.94
CA GLU G 334 31.17 12.70 -7.26
CA GLU G 334 31.16 12.70 -7.26
C GLU G 334 32.15 13.87 -7.19
N ALA G 335 31.76 14.96 -6.52
CA ALA G 335 32.64 16.12 -6.35
C ALA G 335 33.91 15.75 -5.57
N ALA G 336 33.77 14.95 -4.49
CA ALA G 336 34.90 14.53 -3.67
C ALA G 336 35.93 13.72 -4.50
N PHE G 337 35.46 12.81 -5.37
CA PHE G 337 36.36 12.02 -6.21
C PHE G 337 37.08 12.93 -7.25
N LYS G 338 36.39 13.93 -7.78
CA LYS G 338 36.95 14.85 -8.77
C LYS G 338 38.14 15.64 -8.26
N CYS G 339 38.10 16.05 -6.98
CA CYS G 339 39.20 16.84 -6.44
C CYS G 339 40.08 16.12 -5.44
N CYS G 340 39.85 14.80 -5.21
CA CYS G 340 40.55 14.04 -4.18
C CYS G 340 40.35 14.72 -2.83
N ALA G 341 39.10 15.15 -2.53
CA ALA G 341 38.78 15.88 -1.31
C ALA G 341 39.24 15.12 -0.09
N ALA G 342 39.84 15.83 0.86
CA ALA G 342 40.30 15.21 2.07
C ALA G 342 39.12 14.69 2.92
N ALA G 343 37.97 15.38 2.85
CA ALA G 343 36.81 15.01 3.64
C ALA G 343 35.53 15.63 3.07
N ILE G 344 34.39 15.05 3.46
CA ILE G 344 33.05 15.55 3.21
C ILE G 344 32.52 15.85 4.61
N ILE G 345 32.30 17.12 4.94
CA ILE G 345 31.74 17.49 6.24
C ILE G 345 30.24 17.60 6.10
N VAL G 346 29.49 16.85 6.92
CA VAL G 346 28.04 16.86 6.84
C VAL G 346 27.40 17.16 8.18
N LEU G 347 26.39 18.02 8.19
CA LEU G 347 25.62 18.30 9.39
C LEU G 347 24.46 17.31 9.35
N THR G 348 24.18 16.67 10.50
CA THR G 348 23.13 15.68 10.55
C THR G 348 22.55 15.59 11.97
N THR G 349 21.24 15.43 12.08
CA THR G 349 20.61 15.30 13.39
C THR G 349 20.38 13.84 13.68
N THR G 350 19.96 13.05 12.69
CA THR G 350 19.66 11.63 12.89
C THR G 350 20.75 10.70 12.38
N GLY G 351 21.68 11.20 11.57
CA GLY G 351 22.70 10.38 10.94
C GLY G 351 22.37 10.04 9.50
N ARG G 352 21.10 10.25 9.07
CA ARG G 352 20.68 9.88 7.72
C ARG G 352 21.49 10.51 6.57
N SER G 353 21.81 11.81 6.65
CA SER G 353 22.58 12.46 5.57
C SER G 353 23.98 11.84 5.46
N ALA G 354 24.59 11.47 6.61
CA ALA G 354 25.90 10.82 6.60
C ALA G 354 25.79 9.40 6.02
N GLN G 355 24.72 8.67 6.37
CA GLN G 355 24.50 7.31 5.86
C GLN G 355 24.33 7.31 4.32
N LEU G 356 23.61 8.28 3.78
CA LEU G 356 23.42 8.39 2.33
C LEU G 356 24.72 8.73 1.60
N LEU G 357 25.66 9.43 2.26
CA LEU G 357 26.98 9.68 1.65
C LEU G 357 27.79 8.38 1.68
N SER G 358 27.79 7.70 2.81
CA SER G 358 28.51 6.45 3.07
C SER G 358 28.15 5.34 2.07
N ARG G 359 26.89 5.25 1.65
CA ARG G 359 26.43 4.22 0.73
C ARG G 359 27.13 4.28 -0.64
N TYR G 360 27.65 5.47 -1.03
CA TYR G 360 28.40 5.63 -2.28
C TYR G 360 29.88 5.38 -2.14
N ARG G 361 30.34 4.96 -0.96
CA ARG G 361 31.70 4.60 -0.68
C ARG G 361 32.73 5.63 -1.12
N PRO G 362 32.63 6.88 -0.65
CA PRO G 362 33.66 7.86 -1.01
C PRO G 362 35.00 7.47 -0.40
N ARG G 363 36.09 7.87 -1.05
CA ARG G 363 37.42 7.70 -0.47
C ARG G 363 37.60 8.74 0.63
N ALA G 364 37.03 9.96 0.44
CA ALA G 364 37.09 11.04 1.41
C ALA G 364 36.35 10.63 2.67
N ALA G 365 36.89 10.95 3.83
CA ALA G 365 36.27 10.70 5.13
C ALA G 365 34.97 11.50 5.22
N VAL G 366 33.92 10.93 5.78
CA VAL G 366 32.66 11.66 5.98
C VAL G 366 32.68 12.10 7.44
N ILE G 367 32.91 13.39 7.69
CA ILE G 367 32.95 13.92 9.03
C ILE G 367 31.54 14.39 9.37
N ALA G 368 30.86 13.70 10.28
CA ALA G 368 29.47 14.03 10.59
C ALA G 368 29.38 14.84 11.87
N VAL G 369 28.96 16.09 11.76
CA VAL G 369 28.82 16.96 12.92
C VAL G 369 27.36 16.94 13.39
N THR G 370 27.16 16.56 14.63
CA THR G 370 25.82 16.43 15.17
C THR G 370 25.76 16.87 16.61
N ARG G 371 24.57 17.31 17.03
CA ARG G 371 24.27 17.64 18.44
C ARG G 371 23.66 16.40 19.18
N SER G 372 23.22 15.38 18.43
CA SER G 372 22.64 14.18 19.02
C SER G 372 23.73 13.20 19.44
N ALA G 373 23.88 12.98 20.74
CA ALA G 373 24.85 12.01 21.26
C ALA G 373 24.54 10.59 20.74
N GLN G 374 23.24 10.27 20.59
CA GLN G 374 22.82 8.97 20.09
C GLN G 374 23.18 8.78 18.63
N ALA G 375 22.89 9.79 17.79
CA ALA G 375 23.22 9.68 16.37
C ALA G 375 24.73 9.56 16.18
N ALA G 376 25.52 10.30 17.01
CA ALA G 376 26.98 10.24 16.94
C ALA G 376 27.47 8.82 17.21
N ARG G 377 26.82 8.10 18.14
CA ARG G 377 27.23 6.74 18.43
C ARG G 377 26.78 5.79 17.32
N GLN G 378 25.55 5.96 16.85
CA GLN G 378 24.98 5.05 15.85
C GLN G 378 25.60 5.12 14.47
N VAL G 379 26.10 6.28 14.10
CA VAL G 379 26.69 6.48 12.78
C VAL G 379 28.03 5.71 12.60
N HIS G 380 28.60 5.11 13.69
CA HIS G 380 29.75 4.20 13.57
C HIS G 380 29.37 2.93 12.77
N LEU G 381 28.08 2.62 12.64
CA LEU G 381 27.67 1.47 11.82
C LEU G 381 27.96 1.70 10.31
N CYS G 382 28.10 2.96 9.86
CA CYS G 382 28.29 3.27 8.45
C CYS G 382 29.74 3.49 8.14
N ARG G 383 30.26 2.76 7.15
CA ARG G 383 31.67 2.89 6.78
C ARG G 383 32.05 4.30 6.37
N GLY G 384 33.17 4.76 6.92
CA GLY G 384 33.74 6.04 6.56
C GLY G 384 33.09 7.22 7.22
N VAL G 385 32.21 7.01 8.22
CA VAL G 385 31.59 8.14 8.92
C VAL G 385 32.31 8.34 10.24
N PHE G 386 32.84 9.56 10.47
CA PHE G 386 33.57 9.97 11.66
C PHE G 386 32.68 10.96 12.38
N PRO G 387 32.01 10.49 13.44
CA PRO G 387 31.10 11.38 14.17
C PRO G 387 31.81 12.34 15.12
N LEU G 388 31.35 13.60 15.14
CA LEU G 388 31.85 14.63 16.03
C LEU G 388 30.63 15.15 16.75
N LEU G 389 30.68 15.11 18.07
CA LEU G 389 29.56 15.56 18.88
C LEU G 389 29.77 17.03 19.23
N TYR G 390 28.88 17.90 18.77
CA TYR G 390 28.95 19.34 18.98
C TYR G 390 28.18 19.68 20.26
N ARG G 391 28.85 20.28 21.25
CA ARG G 391 28.26 20.62 22.55
C ARG G 391 28.20 22.12 22.83
N GLU G 392 28.59 22.99 21.89
CA GLU G 392 28.59 24.41 22.14
C GLU G 392 27.16 24.97 22.25
N PRO G 393 26.98 26.09 22.98
CA PRO G 393 25.67 26.76 23.01
C PRO G 393 25.27 27.32 21.64
N PRO G 394 23.96 27.38 21.38
CA PRO G 394 23.51 27.78 20.04
C PRO G 394 23.72 29.25 19.73
N GLU G 395 23.97 29.57 18.44
CA GLU G 395 24.05 30.96 18.01
C GLU G 395 22.62 31.44 17.75
N ALA G 396 22.36 32.74 17.90
CA ALA G 396 21.03 33.32 17.67
C ALA G 396 20.63 33.19 16.19
N ILE G 397 21.60 33.39 15.28
CA ILE G 397 21.36 33.30 13.86
C ILE G 397 21.70 31.91 13.35
N TRP G 398 20.74 31.26 12.69
CA TRP G 398 20.90 29.89 12.22
C TRP G 398 22.09 29.73 11.27
N ALA G 399 22.24 30.59 10.25
CA ALA G 399 23.39 30.52 9.34
C ALA G 399 24.73 30.61 10.07
N ASP G 400 24.80 31.39 11.15
CA ASP G 400 26.02 31.50 11.96
C ASP G 400 26.26 30.21 12.75
N ASP G 401 25.19 29.58 13.21
CA ASP G 401 25.25 28.33 13.97
C ASP G 401 25.70 27.17 13.07
N VAL G 402 25.25 27.18 11.80
CA VAL G 402 25.65 26.22 10.81
C VAL G 402 27.14 26.39 10.53
N ASP G 403 27.60 27.64 10.31
CA ASP G 403 29.00 27.93 10.04
C ASP G 403 29.89 27.53 11.18
N ARG G 404 29.45 27.73 12.44
CA ARG G 404 30.24 27.29 13.58
C ARG G 404 30.42 25.79 13.60
N ARG G 405 29.37 25.04 13.21
CA ARG G 405 29.44 23.59 13.22
C ARG G 405 30.32 23.07 12.12
N VAL G 406 30.24 23.69 10.93
CA VAL G 406 31.13 23.34 9.82
C VAL G 406 32.59 23.60 10.24
N GLN G 407 32.87 24.75 10.85
CA GLN G 407 34.23 25.06 11.28
C GLN G 407 34.70 24.11 12.35
N PHE G 408 33.79 23.64 13.24
CA PHE G 408 34.11 22.63 14.26
C PHE G 408 34.54 21.33 13.59
N GLY G 409 33.92 20.97 12.47
CA GLY G 409 34.34 19.79 11.73
C GLY G 409 35.72 19.99 11.13
N ILE G 410 35.97 21.18 10.58
CA ILE G 410 37.27 21.49 9.99
C ILE G 410 38.39 21.47 11.05
N GLU G 411 38.17 22.16 12.19
CA GLU G 411 39.12 22.24 13.28
C GLU G 411 39.38 20.88 13.90
N SER G 412 38.32 20.04 14.07
CA SER G 412 38.53 18.70 14.62
C SER G 412 39.36 17.87 13.61
N GLY G 413 39.04 18.01 12.32
CA GLY G 413 39.76 17.36 11.23
C GLY G 413 41.23 17.74 11.17
N LYS G 414 41.56 19.03 11.37
CA LYS G 414 42.94 19.48 11.40
C LYS G 414 43.66 18.89 12.60
N LEU G 415 43.03 18.92 13.79
CA LEU G 415 43.67 18.38 14.99
C LEU G 415 43.94 16.88 14.84
N ARG G 416 43.00 16.12 14.25
CA ARG G 416 43.14 14.67 14.10
C ARG G 416 43.95 14.20 12.89
N GLY G 417 44.41 15.13 12.06
CA GLY G 417 45.20 14.77 10.90
C GLY G 417 44.43 14.47 9.61
N PHE G 418 43.11 14.61 9.61
CA PHE G 418 42.31 14.41 8.40
C PHE G 418 42.57 15.55 7.39
N LEU G 419 42.79 16.78 7.88
CA LEU G 419 42.84 17.96 7.04
C LEU G 419 44.03 18.80 7.29
N ARG G 420 44.43 19.54 6.26
CA ARG G 420 45.51 20.52 6.32
C ARG G 420 45.04 21.74 5.51
N VAL G 421 45.66 22.90 5.76
CA VAL G 421 45.43 24.13 5.00
C VAL G 421 45.79 23.87 3.54
N GLY G 422 44.93 24.27 2.60
CA GLY G 422 45.16 23.96 1.20
C GLY G 422 44.34 22.79 0.70
N ASP G 423 43.84 21.92 1.60
CA ASP G 423 42.96 20.83 1.18
C ASP G 423 41.63 21.35 0.66
N LEU G 424 40.96 20.56 -0.18
CA LEU G 424 39.61 20.86 -0.58
C LEU G 424 38.70 19.91 0.22
N VAL G 425 37.57 20.42 0.70
CA VAL G 425 36.57 19.65 1.38
C VAL G 425 35.22 19.94 0.76
N ILE G 426 34.32 18.98 0.84
CA ILE G 426 32.97 19.15 0.39
C ILE G 426 32.13 19.32 1.65
N VAL G 427 31.23 20.30 1.71
CA VAL G 427 30.40 20.55 2.86
C VAL G 427 28.95 20.31 2.48
N VAL G 428 28.24 19.48 3.25
CA VAL G 428 26.87 19.11 2.98
C VAL G 428 25.97 19.58 4.13
N THR G 429 25.01 20.42 3.80
CA THR G 429 24.08 21.06 4.74
C THR G 429 22.67 21.11 4.09
N GLY G 430 21.69 21.64 4.82
CA GLY G 430 20.35 21.84 4.28
C GLY G 430 19.96 23.30 4.26
N TRP G 431 18.80 23.60 3.67
CA TRP G 431 18.34 24.98 3.48
C TRP G 431 17.59 25.61 4.66
N ARG G 432 17.19 24.80 5.63
CA ARG G 432 16.49 25.24 6.81
C ARG G 432 16.79 24.31 8.00
N PRO G 433 16.54 24.74 9.24
CA PRO G 433 16.82 23.85 10.40
C PRO G 433 15.90 22.64 10.46
N GLY G 434 16.32 21.59 11.16
CA GLY G 434 15.57 20.36 11.26
C GLY G 434 16.07 19.28 10.32
N SER G 435 15.93 18.04 10.74
CA SER G 435 16.26 16.86 9.99
C SER G 435 15.39 16.77 8.73
N GLY G 436 15.90 16.14 7.67
CA GLY G 436 15.17 15.89 6.43
C GLY G 436 15.29 16.89 5.30
N TYR G 437 16.05 17.98 5.50
CA TYR G 437 16.15 19.02 4.49
C TYR G 437 17.51 19.19 3.82
N THR G 438 18.43 18.22 3.94
CA THR G 438 19.74 18.32 3.28
C THR G 438 19.55 18.46 1.76
N ASN G 439 20.11 19.51 1.17
CA ASN G 439 19.96 19.77 -0.27
C ASN G 439 21.11 20.67 -0.80
N ILE G 440 22.16 20.92 -0.01
CA ILE G 440 23.24 21.79 -0.42
C ILE G 440 24.57 21.11 -0.35
N MET G 441 25.41 21.32 -1.39
CA MET G 441 26.77 20.82 -1.40
C MET G 441 27.67 22.02 -1.74
N ARG G 442 28.74 22.23 -0.99
CA ARG G 442 29.68 23.33 -1.24
C ARG G 442 31.08 22.84 -1.31
N VAL G 443 31.93 23.48 -2.15
CA VAL G 443 33.35 23.12 -2.25
C VAL G 443 34.11 24.18 -1.51
N LEU G 444 34.82 23.80 -0.46
CA LEU G 444 35.58 24.73 0.36
CA LEU G 444 35.55 24.74 0.38
C LEU G 444 37.05 24.45 0.38
N SER G 445 37.85 25.49 0.27
CA SER G 445 39.30 25.37 0.34
C SER G 445 39.66 25.64 1.83
N ILE G 446 40.38 24.74 2.47
CA ILE G 446 40.72 24.89 3.87
C ILE G 446 41.74 26.02 4.07
N SER G 447 41.39 26.99 4.92
CA SER G 447 42.26 28.11 5.28
C SER G 447 42.62 28.06 6.76
N GLY H 23 5.30 9.05 -13.20
CA GLY H 23 4.41 8.35 -14.12
C GLY H 23 5.13 7.51 -15.17
N THR H 24 4.43 6.51 -15.71
CA THR H 24 5.03 5.66 -16.75
C THR H 24 5.22 6.41 -18.09
N ALA H 25 4.37 7.43 -18.35
CA ALA H 25 4.48 8.21 -19.57
C ALA H 25 5.81 8.96 -19.60
N PHE H 26 6.27 9.47 -18.45
CA PHE H 26 7.54 10.18 -18.33
C PHE H 26 8.71 9.30 -18.82
N PHE H 27 8.70 8.02 -18.41
CA PHE H 27 9.77 7.10 -18.76
C PHE H 27 9.70 6.54 -20.19
N GLN H 28 8.67 6.91 -20.96
CA GLN H 28 8.56 6.51 -22.36
C GLN H 28 9.11 7.62 -23.30
N GLN H 29 9.07 8.90 -22.86
CA GLN H 29 9.54 10.05 -23.60
C GLN H 29 11.07 10.18 -23.59
N GLN H 30 11.60 11.11 -24.41
CA GLN H 30 13.00 11.50 -24.56
C GLN H 30 13.99 10.32 -24.61
N GLN H 31 13.58 9.23 -25.29
CA GLN H 31 14.39 8.02 -25.45
C GLN H 31 14.88 7.46 -24.11
N LEU H 32 14.09 7.62 -23.02
CA LEU H 32 14.50 7.10 -21.70
C LEU H 32 14.67 5.55 -21.69
N PRO H 33 13.86 4.74 -22.39
CA PRO H 33 14.17 3.29 -22.46
C PRO H 33 15.56 3.02 -23.07
N ALA H 34 15.95 3.75 -24.15
CA ALA H 34 17.28 3.59 -24.74
C ALA H 34 18.39 4.12 -23.80
N ALA H 35 18.07 5.15 -23.01
CA ALA H 35 19.01 5.76 -22.07
C ALA H 35 19.43 4.79 -20.98
N MET H 36 18.53 3.91 -20.55
CA MET H 36 18.82 2.96 -19.48
C MET H 36 19.56 1.69 -19.94
N ALA H 37 19.80 1.52 -21.25
CA ALA H 37 20.46 0.33 -21.75
C ALA H 37 21.87 0.12 -21.20
N ASP H 38 22.29 -1.13 -21.08
CA ASP H 38 23.60 -1.47 -20.52
C ASP H 38 24.75 -1.47 -21.52
N THR H 39 24.44 -1.49 -22.82
CA THR H 39 25.46 -1.40 -23.85
C THR H 39 25.00 -0.38 -24.92
N PHE H 40 25.94 0.13 -25.71
CA PHE H 40 25.64 1.03 -26.80
C PHE H 40 24.77 0.31 -27.85
N LEU H 41 25.05 -0.97 -28.13
CA LEU H 41 24.27 -1.75 -29.07
C LEU H 41 22.81 -1.89 -28.61
N GLU H 42 22.57 -2.21 -27.32
CA GLU H 42 21.20 -2.32 -26.82
C GLU H 42 20.52 -0.95 -26.81
N HIS H 43 21.30 0.14 -26.59
CA HIS H 43 20.79 1.50 -26.64
C HIS H 43 20.22 1.78 -28.05
N LEU H 44 20.97 1.41 -29.10
CA LEU H 44 20.50 1.62 -30.48
C LEU H 44 19.23 0.83 -30.74
N CYS H 45 19.20 -0.45 -30.29
CA CYS H 45 18.03 -1.33 -30.47
C CYS H 45 16.77 -0.79 -29.80
N LEU H 46 16.91 0.03 -28.76
CA LEU H 46 15.78 0.58 -28.02
C LEU H 46 15.32 1.97 -28.47
N LEU H 47 16.00 2.59 -29.46
CA LEU H 47 15.60 3.90 -29.98
C LEU H 47 14.22 3.78 -30.60
N ASP H 48 13.33 4.73 -30.29
CA ASP H 48 11.94 4.64 -30.68
C ASP H 48 11.47 5.93 -31.36
N ILE H 49 10.95 5.82 -32.58
CA ILE H 49 10.43 6.98 -33.31
C ILE H 49 9.20 7.59 -32.61
N ASP H 50 8.51 6.85 -31.72
CA ASP H 50 7.35 7.36 -30.99
C ASP H 50 7.72 8.00 -29.65
N SER H 51 9.00 7.97 -29.25
CA SER H 51 9.43 8.56 -28.00
C SER H 51 9.73 10.03 -28.29
N GLU H 52 8.84 10.92 -27.87
CA GLU H 52 8.94 12.32 -28.17
C GLU H 52 9.97 13.08 -27.34
N PRO H 53 10.70 14.00 -27.98
CA PRO H 53 11.66 14.81 -27.21
C PRO H 53 10.90 15.77 -26.28
N VAL H 54 11.41 15.99 -25.08
CA VAL H 54 10.79 16.87 -24.11
C VAL H 54 11.72 18.04 -23.81
N ALA H 55 12.99 17.75 -23.64
CA ALA H 55 14.01 18.74 -23.36
C ALA H 55 14.09 19.81 -24.44
N ALA H 56 14.53 21.01 -24.05
CA ALA H 56 14.72 22.08 -25.01
C ALA H 56 15.96 21.71 -25.86
N ARG H 57 15.95 22.16 -27.11
CA ARG H 57 17.03 21.91 -28.06
C ARG H 57 18.28 22.58 -27.58
N SER H 58 19.33 21.82 -27.38
CA SER H 58 20.57 22.29 -26.79
C SER H 58 21.70 22.65 -27.77
N THR H 59 21.69 22.15 -29.01
CA THR H 59 22.76 22.49 -29.98
C THR H 59 22.44 23.83 -30.60
N SER H 60 23.35 24.81 -30.54
CA SER H 60 23.07 26.15 -31.10
CA SER H 60 23.08 26.14 -31.10
C SER H 60 23.06 26.15 -32.63
N ILE H 61 22.27 27.02 -33.21
CA ILE H 61 22.20 27.16 -34.65
C ILE H 61 22.85 28.48 -35.04
N ILE H 62 23.85 28.40 -35.90
CA ILE H 62 24.50 29.60 -36.45
C ILE H 62 23.91 29.81 -37.87
N ALA H 63 23.33 30.97 -38.15
CA ALA H 63 22.77 31.24 -39.46
C ALA H 63 23.57 32.37 -40.10
N THR H 64 23.98 32.19 -41.36
CA THR H 64 24.73 33.22 -42.06
C THR H 64 23.72 34.22 -42.60
N ILE H 65 24.00 35.49 -42.37
CA ILE H 65 23.18 36.61 -42.77
C ILE H 65 23.58 37.00 -44.20
N GLY H 66 22.60 37.19 -45.02
CA GLY H 66 22.80 37.63 -46.39
C GLY H 66 21.55 38.25 -46.95
N PRO H 67 21.48 38.38 -48.28
CA PRO H 67 20.28 38.95 -48.91
C PRO H 67 18.95 38.27 -48.55
N ALA H 68 18.95 36.96 -48.33
CA ALA H 68 17.71 36.24 -47.96
C ALA H 68 17.30 36.43 -46.49
N SER H 69 18.19 36.92 -45.63
CA SER H 69 17.92 36.97 -44.20
C SER H 69 18.28 38.28 -43.56
N ARG H 70 18.28 39.36 -44.30
CA ARG H 70 18.73 40.64 -43.79
C ARG H 70 17.64 41.52 -43.24
N SER H 71 16.41 41.36 -43.70
CA SER H 71 15.35 42.24 -43.26
C SER H 71 15.02 42.01 -41.78
N VAL H 72 14.71 43.10 -41.07
CA VAL H 72 14.37 43.05 -39.65
C VAL H 72 13.20 42.08 -39.40
N GLU H 73 12.18 42.12 -40.24
CA GLU H 73 11.02 41.23 -40.05
CA GLU H 73 11.01 41.26 -40.07
C GLU H 73 11.35 39.78 -40.27
N ARG H 74 12.21 39.45 -41.26
CA ARG H 74 12.59 38.04 -41.44
C ARG H 74 13.54 37.61 -40.28
N LEU H 75 14.42 38.50 -39.83
CA LEU H 75 15.32 38.18 -38.70
C LEU H 75 14.51 37.86 -37.44
N LYS H 76 13.35 38.52 -37.25
CA LYS H 76 12.49 38.21 -36.09
C LYS H 76 11.95 36.79 -36.21
N GLU H 77 11.58 36.36 -37.45
CA GLU H 77 11.11 35.01 -37.66
C GLU H 77 12.24 33.98 -37.45
N MET H 78 13.47 34.32 -37.84
CA MET H 78 14.60 33.42 -37.66
CA MET H 78 14.61 33.43 -37.66
C MET H 78 14.97 33.27 -36.19
N ILE H 79 14.82 34.33 -35.39
CA ILE H 79 15.09 34.28 -33.94
C ILE H 79 14.03 33.38 -33.30
N LYS H 80 12.75 33.52 -33.71
CA LYS H 80 11.67 32.66 -33.20
C LYS H 80 11.83 31.19 -33.63
N ALA H 81 12.38 30.94 -34.83
CA ALA H 81 12.59 29.59 -35.35
C ALA H 81 13.77 28.87 -34.65
N GLY H 82 14.64 29.63 -33.99
CA GLY H 82 15.74 29.04 -33.27
C GLY H 82 17.16 29.54 -33.53
N MET H 83 17.35 30.57 -34.36
CA MET H 83 18.69 31.11 -34.63
C MET H 83 19.32 31.67 -33.34
N ASN H 84 20.53 31.24 -33.01
CA ASN H 84 21.20 31.71 -31.80
C ASN H 84 22.38 32.61 -32.11
N ILE H 85 23.05 32.38 -33.24
CA ILE H 85 24.23 33.15 -33.64
C ILE H 85 24.07 33.59 -35.08
N ALA H 86 24.28 34.87 -35.37
CA ALA H 86 24.21 35.45 -36.71
C ALA H 86 25.65 35.57 -37.21
N ARG H 87 25.96 34.90 -38.31
CA ARG H 87 27.30 34.93 -38.88
C ARG H 87 27.39 35.91 -40.04
N LEU H 88 28.38 36.79 -40.01
CA LEU H 88 28.66 37.76 -41.08
C LEU H 88 29.87 37.27 -41.81
N ASN H 89 29.71 36.87 -43.07
CA ASN H 89 30.81 36.34 -43.85
C ASN H 89 31.54 37.49 -44.54
N PHE H 90 32.73 37.85 -44.04
CA PHE H 90 33.52 38.95 -44.62
C PHE H 90 34.20 38.56 -45.95
N SER H 91 33.98 37.34 -46.48
CA SER H 91 34.42 37.00 -47.82
C SER H 91 33.54 37.72 -48.87
N HIS H 92 32.33 38.17 -48.50
CA HIS H 92 31.41 38.86 -49.39
C HIS H 92 31.01 40.21 -48.76
N GLY H 93 30.54 41.13 -49.59
CA GLY H 93 30.06 42.41 -49.12
C GLY H 93 31.13 43.35 -48.68
N SER H 94 30.73 44.51 -48.22
CA SER H 94 31.64 45.55 -47.76
C SER H 94 31.42 45.84 -46.27
N HIS H 95 32.22 46.74 -45.68
CA HIS H 95 32.03 47.14 -44.28
C HIS H 95 30.66 47.80 -44.10
N GLU H 96 30.22 48.60 -45.07
CA GLU H 96 28.92 49.25 -45.00
C GLU H 96 27.81 48.20 -45.03
N TYR H 97 27.95 47.18 -45.87
CA TYR H 97 26.95 46.13 -45.98
C TYR H 97 26.85 45.39 -44.62
N HIS H 98 27.97 44.96 -44.06
CA HIS H 98 27.99 44.23 -42.79
C HIS H 98 27.54 45.08 -41.59
N ALA H 99 27.82 46.40 -41.62
CA ALA H 99 27.34 47.30 -40.56
C ALA H 99 25.81 47.35 -40.57
N GLU H 100 25.20 47.32 -41.77
CA GLU H 100 23.73 47.31 -41.90
C GLU H 100 23.19 45.97 -41.40
N SER H 101 23.91 44.85 -41.71
CA SER H 101 23.49 43.52 -41.25
C SER H 101 23.46 43.49 -39.70
N ILE H 102 24.51 44.02 -39.08
CA ILE H 102 24.60 44.07 -37.63
C ILE H 102 23.46 44.92 -37.03
N ALA H 103 23.20 46.09 -37.60
CA ALA H 103 22.11 46.95 -37.13
C ALA H 103 20.76 46.28 -37.25
N ASN H 104 20.50 45.53 -38.35
CA ASN H 104 19.20 44.86 -38.48
C ASN H 104 19.07 43.72 -37.50
N VAL H 105 20.17 42.97 -37.27
CA VAL H 105 20.14 41.88 -36.30
C VAL H 105 19.85 42.44 -34.90
N ARG H 106 20.57 43.49 -34.50
CA ARG H 106 20.31 44.11 -33.20
C ARG H 106 18.92 44.69 -33.07
N GLU H 107 18.38 45.29 -34.14
CA GLU H 107 17.02 45.81 -34.10
C GLU H 107 16.01 44.64 -33.93
N ALA H 108 16.20 43.54 -34.65
CA ALA H 108 15.28 42.40 -34.52
C ALA H 108 15.39 41.77 -33.12
N VAL H 109 16.62 41.59 -32.62
CA VAL H 109 16.82 41.03 -31.28
C VAL H 109 16.20 41.91 -30.18
N GLU H 110 16.45 43.22 -30.26
CA GLU H 110 15.93 44.14 -29.26
C GLU H 110 14.44 44.35 -29.33
N SER H 111 13.77 43.95 -30.43
CA SER H 111 12.30 44.10 -30.49
C SER H 111 11.58 43.19 -29.48
N PHE H 112 12.26 42.19 -28.93
CA PHE H 112 11.68 41.29 -27.93
C PHE H 112 12.12 41.69 -26.50
N ALA H 113 12.93 42.72 -26.31
CA ALA H 113 13.42 43.10 -24.98
C ALA H 113 12.33 43.60 -24.01
N GLY H 114 11.18 44.05 -24.51
CA GLY H 114 10.12 44.50 -23.61
C GLY H 114 9.43 43.37 -22.83
N SER H 115 9.74 42.08 -23.15
CA SER H 115 9.29 40.94 -22.36
C SER H 115 10.55 40.20 -21.91
N PRO H 116 11.13 40.65 -20.78
CA PRO H 116 12.40 40.06 -20.33
C PRO H 116 12.38 38.57 -20.04
N LEU H 117 11.21 37.98 -19.72
CA LEU H 117 11.15 36.55 -19.42
C LEU H 117 11.27 35.65 -20.63
N SER H 118 11.07 36.21 -21.84
CA SER H 118 11.13 35.43 -23.06
C SER H 118 12.23 35.97 -24.05
N TYR H 119 12.90 37.10 -23.72
CA TYR H 119 13.97 37.68 -24.55
C TYR H 119 15.07 36.66 -24.83
N ARG H 120 15.44 36.52 -26.11
CA ARG H 120 16.54 35.61 -26.47
C ARG H 120 17.74 36.36 -26.96
N PRO H 121 18.86 36.30 -26.23
CA PRO H 121 20.10 36.89 -26.76
C PRO H 121 20.52 36.22 -28.09
N VAL H 122 21.17 36.97 -28.99
CA VAL H 122 21.68 36.42 -30.26
C VAL H 122 23.08 36.95 -30.47
N ALA H 123 24.07 36.08 -30.62
CA ALA H 123 25.45 36.50 -30.81
C ALA H 123 25.69 36.96 -32.25
N ILE H 124 26.71 37.80 -32.44
CA ILE H 124 27.12 38.26 -33.76
C ILE H 124 28.54 37.78 -33.93
N ALA H 125 28.76 36.96 -34.95
CA ALA H 125 30.05 36.40 -35.23
C ALA H 125 30.57 36.92 -36.57
N LEU H 126 31.85 37.28 -36.62
CA LEU H 126 32.50 37.78 -37.83
C LEU H 126 33.34 36.66 -38.38
N ASP H 127 33.10 36.26 -39.63
CA ASP H 127 33.86 35.22 -40.26
C ASP H 127 34.85 35.90 -41.24
N THR H 128 36.16 35.78 -40.99
CA THR H 128 37.15 36.47 -41.82
C THR H 128 37.32 35.88 -43.23
N LYS H 129 37.84 36.71 -44.15
CA LYS H 129 38.11 36.30 -45.52
C LYS H 129 39.24 35.27 -45.56
N GLY H 130 40.26 35.46 -44.74
CA GLY H 130 41.36 34.52 -44.69
C GLY H 130 42.66 35.05 -45.26
N PRO H 131 43.73 34.24 -45.15
CA PRO H 131 45.04 34.69 -45.61
C PRO H 131 45.25 34.69 -47.12
N GLY H 132 44.51 33.84 -47.83
CA GLY H 132 44.69 33.70 -49.27
C GLY H 132 46.04 33.06 -49.55
N SER H 133 46.75 33.64 -50.52
CA SER H 133 48.08 33.13 -50.94
C SER H 133 49.15 33.54 -49.93
N GLY H 134 48.80 34.38 -48.97
CA GLY H 134 49.77 34.87 -47.98
C GLY H 134 50.06 33.86 -46.89
N PRO H 135 51.13 34.05 -46.10
CA PRO H 135 51.52 33.06 -45.10
C PRO H 135 50.85 33.29 -43.73
N GLY H 136 50.01 34.30 -43.63
CA GLY H 136 49.90 35.15 -42.43
C GLY H 136 48.66 36.00 -42.42
N LEU H 137 48.61 37.01 -41.55
CA LEU H 137 47.35 37.79 -41.42
C LEU H 137 47.28 38.82 -42.54
N SER H 138 46.25 38.72 -43.35
CA SER H 138 46.08 39.64 -44.49
C SER H 138 45.81 41.05 -43.99
N GLU H 139 46.13 42.03 -44.81
CA GLU H 139 45.79 43.40 -44.47
C GLU H 139 44.27 43.62 -44.45
N GLN H 140 43.52 42.90 -45.29
CA GLN H 140 42.07 43.00 -45.28
C GLN H 140 41.53 42.41 -43.96
N ASP H 141 42.11 41.29 -43.47
CA ASP H 141 41.70 40.70 -42.18
C ASP H 141 41.99 41.66 -41.04
N VAL H 142 43.12 42.39 -41.06
CA VAL H 142 43.42 43.38 -40.02
C VAL H 142 42.33 44.47 -39.98
N ARG H 143 41.88 44.95 -41.14
CA ARG H 143 40.85 45.98 -41.20
C ARG H 143 39.49 45.42 -40.76
N ASP H 144 39.16 44.19 -41.18
CA ASP H 144 37.89 43.53 -40.82
C ASP H 144 37.82 43.24 -39.33
N LEU H 145 38.95 42.84 -38.73
CA LEU H 145 39.01 42.59 -37.30
C LEU H 145 38.83 43.88 -36.52
N ARG H 146 39.43 45.00 -37.00
CA ARG H 146 39.24 46.27 -36.31
CA ARG H 146 39.26 46.30 -36.34
C ARG H 146 37.79 46.72 -36.44
N PHE H 147 37.14 46.45 -37.60
CA PHE H 147 35.72 46.77 -37.81
C PHE H 147 34.87 45.97 -36.76
N GLY H 148 35.22 44.70 -36.55
CA GLY H 148 34.51 43.85 -35.61
C GLY H 148 34.56 44.38 -34.20
N VAL H 149 35.73 44.81 -33.74
CA VAL H 149 35.88 45.38 -32.40
C VAL H 149 35.08 46.68 -32.30
N GLU H 150 35.17 47.56 -33.30
CA GLU H 150 34.43 48.82 -33.29
C GLU H 150 32.94 48.64 -33.31
N HIS H 151 32.44 47.55 -33.92
CA HIS H 151 31.01 47.27 -33.94
C HIS H 151 30.55 46.29 -32.86
N GLY H 152 31.43 45.90 -31.95
CA GLY H 152 31.10 45.05 -30.81
C GLY H 152 30.70 43.63 -31.13
N VAL H 153 31.36 42.98 -32.11
CA VAL H 153 31.04 41.58 -32.40
C VAL H 153 31.43 40.71 -31.18
N ASP H 154 30.76 39.58 -31.03
CA ASP H 154 30.99 38.70 -29.89
C ASP H 154 32.03 37.64 -30.17
N ILE H 155 32.09 37.19 -31.43
CA ILE H 155 32.90 36.05 -31.81
C ILE H 155 33.56 36.31 -33.15
N VAL H 156 34.76 35.74 -33.33
CA VAL H 156 35.43 35.77 -34.59
C VAL H 156 35.64 34.32 -35.02
N PHE H 157 35.25 33.97 -36.25
CA PHE H 157 35.53 32.67 -36.82
C PHE H 157 36.73 32.99 -37.72
N ALA H 158 37.94 32.61 -37.27
CA ALA H 158 39.15 32.93 -38.02
C ALA H 158 39.41 31.89 -39.11
N SER H 159 39.33 32.29 -40.38
CA SER H 159 39.53 31.40 -41.51
C SER H 159 40.96 30.89 -41.67
N PHE H 160 41.07 29.65 -42.16
CA PHE H 160 42.34 28.98 -42.47
C PHE H 160 43.40 29.08 -41.38
N VAL H 161 43.05 28.69 -40.13
CA VAL H 161 44.04 28.72 -39.06
C VAL H 161 44.90 27.50 -39.26
N ARG H 162 46.22 27.71 -39.41
CA ARG H 162 47.19 26.64 -39.68
C ARG H 162 48.16 26.33 -38.52
N LYS H 163 48.25 27.23 -37.52
CA LYS H 163 49.19 27.10 -36.42
C LYS H 163 48.82 28.06 -35.31
N ALA H 164 49.39 27.89 -34.10
CA ALA H 164 49.08 28.73 -32.96
C ALA H 164 49.38 30.21 -33.19
N SER H 165 50.44 30.54 -33.94
CA SER H 165 50.79 31.93 -34.22
C SER H 165 49.74 32.65 -35.07
N ASP H 166 48.94 31.88 -35.86
CA ASP H 166 47.84 32.49 -36.62
C ASP H 166 46.79 33.04 -35.64
N VAL H 167 46.54 32.32 -34.52
CA VAL H 167 45.56 32.73 -33.52
C VAL H 167 46.09 33.95 -32.77
N ALA H 168 47.41 33.95 -32.43
CA ALA H 168 48.03 35.09 -31.74
C ALA H 168 47.95 36.34 -32.60
N ALA H 169 48.10 36.21 -33.93
CA ALA H 169 47.99 37.35 -34.85
C ALA H 169 46.56 37.91 -34.86
N VAL H 170 45.53 37.01 -34.85
CA VAL H 170 44.14 37.47 -34.80
C VAL H 170 43.90 38.18 -33.49
N ARG H 171 44.40 37.62 -32.38
N ARG H 171 44.40 37.62 -32.38
CA ARG H 171 44.25 38.19 -31.04
CA ARG H 171 44.22 38.23 -31.06
C ARG H 171 44.89 39.59 -30.95
C ARG H 171 44.87 39.62 -31.01
N ALA H 172 46.09 39.77 -31.54
CA ALA H 172 46.79 41.05 -31.56
C ALA H 172 46.03 42.08 -32.40
N ALA H 173 45.47 41.65 -33.56
CA ALA H 173 44.70 42.56 -34.41
C ALA H 173 43.39 43.01 -33.76
N LEU H 174 42.86 42.24 -32.79
CA LEU H 174 41.66 42.67 -32.06
C LEU H 174 41.96 43.81 -31.05
N GLY H 175 43.24 44.02 -30.72
CA GLY H 175 43.70 45.08 -29.85
C GLY H 175 43.32 44.94 -28.39
N PRO H 176 43.58 45.99 -27.61
CA PRO H 176 43.21 45.94 -26.18
C PRO H 176 41.71 46.00 -25.91
N GLU H 177 40.93 46.59 -26.83
CA GLU H 177 39.48 46.66 -26.65
C GLU H 177 38.70 45.35 -27.05
N GLY H 178 39.38 44.41 -27.69
CA GLY H 178 38.76 43.17 -28.12
C GLY H 178 39.20 41.94 -27.35
N HIS H 179 39.68 42.12 -26.10
CA HIS H 179 40.15 41.00 -25.27
CA HIS H 179 40.15 41.00 -25.27
C HIS H 179 39.00 40.02 -24.93
N GLY H 180 37.78 40.52 -24.85
CA GLY H 180 36.62 39.68 -24.52
C GLY H 180 36.01 38.89 -25.67
N ILE H 181 36.43 39.15 -26.91
CA ILE H 181 35.89 38.48 -28.10
C ILE H 181 36.39 37.04 -28.16
N LYS H 182 35.50 36.08 -28.44
CA LYS H 182 35.91 34.68 -28.53
C LYS H 182 36.49 34.40 -29.89
N ILE H 183 37.61 33.69 -29.96
CA ILE H 183 38.19 33.32 -31.24
C ILE H 183 37.97 31.84 -31.50
N ILE H 184 37.20 31.53 -32.53
CA ILE H 184 36.93 30.16 -32.95
C ILE H 184 37.79 29.95 -34.19
N SER H 185 38.76 29.04 -34.12
CA SER H 185 39.63 28.78 -35.24
C SER H 185 39.01 27.84 -36.23
N LYS H 186 38.95 28.24 -37.52
CA LYS H 186 38.41 27.35 -38.55
C LYS H 186 39.53 26.46 -39.06
N ILE H 187 39.33 25.14 -39.01
CA ILE H 187 40.30 24.17 -39.50
C ILE H 187 39.83 23.82 -40.88
N GLU H 188 40.60 24.23 -41.90
CA GLU H 188 40.20 24.10 -43.29
C GLU H 188 41.17 23.38 -44.19
N ASN H 189 42.31 22.94 -43.67
CA ASN H 189 43.30 22.26 -44.51
C ASN H 189 44.11 21.21 -43.73
N HIS H 190 45.02 20.51 -44.42
CA HIS H 190 45.81 19.46 -43.82
C HIS H 190 46.66 19.96 -42.66
N GLU H 191 47.31 21.12 -42.82
CA GLU H 191 48.17 21.65 -41.76
C GLU H 191 47.40 21.96 -40.47
N GLY H 192 46.22 22.57 -40.58
CA GLY H 192 45.38 22.84 -39.41
C GLY H 192 44.97 21.56 -38.71
N VAL H 193 44.70 20.48 -39.48
CA VAL H 193 44.34 19.19 -38.88
C VAL H 193 45.55 18.61 -38.15
N LYS H 194 46.74 18.67 -38.77
CA LYS H 194 47.96 18.14 -38.13
C LYS H 194 48.44 18.95 -36.94
N ARG H 195 48.26 20.25 -36.96
CA ARG H 195 48.64 21.11 -35.83
C ARG H 195 47.43 21.44 -34.93
N PHE H 196 46.37 20.62 -34.98
CA PHE H 196 45.15 20.80 -34.22
C PHE H 196 45.38 21.05 -32.73
N ASP H 197 46.19 20.21 -32.07
CA ASP H 197 46.39 20.36 -30.63
C ASP H 197 46.92 21.72 -30.21
N GLU H 198 47.91 22.24 -30.94
CA GLU H 198 48.47 23.54 -30.62
C GLU H 198 47.46 24.66 -30.92
N ILE H 199 46.64 24.50 -31.95
CA ILE H 199 45.64 25.50 -32.31
C ILE H 199 44.53 25.52 -31.24
N LEU H 200 44.04 24.33 -30.84
CA LEU H 200 42.97 24.23 -29.84
C LEU H 200 43.40 24.83 -28.52
N GLU H 201 44.65 24.59 -28.11
CA GLU H 201 45.18 25.11 -26.87
C GLU H 201 45.06 26.63 -26.72
N VAL H 202 45.27 27.38 -27.80
CA VAL H 202 45.20 28.85 -27.75
C VAL H 202 43.89 29.45 -28.25
N SER H 203 42.97 28.63 -28.78
CA SER H 203 41.70 29.14 -29.29
C SER H 203 40.62 28.97 -28.24
N ASP H 204 39.52 29.70 -28.37
CA ASP H 204 38.36 29.50 -27.53
C ASP H 204 37.53 28.29 -28.01
N GLY H 205 37.66 27.93 -29.27
CA GLY H 205 36.92 26.84 -29.86
C GLY H 205 37.35 26.58 -31.29
N ILE H 206 36.66 25.65 -31.96
CA ILE H 206 37.05 25.23 -33.29
C ILE H 206 35.83 25.15 -34.21
N MET H 207 36.03 25.46 -35.48
CA MET H 207 35.03 25.22 -36.48
C MET H 207 35.59 24.20 -37.47
N VAL H 208 34.87 23.10 -37.69
CA VAL H 208 35.23 22.11 -38.71
C VAL H 208 34.65 22.69 -40.01
N ALA H 209 35.48 23.37 -40.80
CA ALA H 209 35.03 24.03 -42.01
C ALA H 209 35.14 23.04 -43.16
N ARG H 210 34.10 22.22 -43.33
CA ARG H 210 34.11 21.11 -44.26
C ARG H 210 34.18 21.48 -45.73
N GLY H 211 33.76 22.68 -46.10
CA GLY H 211 33.81 23.13 -47.48
C GLY H 211 35.23 23.12 -48.03
N ASP H 212 36.11 23.95 -47.43
CA ASP H 212 37.50 23.97 -47.81
C ASP H 212 38.23 22.68 -47.45
N LEU H 213 37.92 22.10 -46.28
CA LEU H 213 38.56 20.85 -45.86
C LEU H 213 38.37 19.74 -46.91
N GLY H 214 37.17 19.64 -47.48
CA GLY H 214 36.82 18.67 -48.51
C GLY H 214 37.49 18.88 -49.86
N ILE H 215 38.14 20.03 -50.06
CA ILE H 215 38.92 20.30 -51.25
C ILE H 215 40.44 20.23 -50.96
N GLU H 216 40.85 20.50 -49.73
CA GLU H 216 42.25 20.47 -49.30
C GLU H 216 42.71 19.05 -49.03
N ILE H 217 41.83 18.21 -48.49
CA ILE H 217 42.14 16.81 -48.22
C ILE H 217 41.11 15.94 -49.01
N PRO H 218 41.35 14.65 -49.25
CA PRO H 218 40.35 13.84 -49.96
C PRO H 218 38.97 13.90 -49.30
N ALA H 219 37.92 14.07 -50.09
CA ALA H 219 36.56 14.22 -49.59
C ALA H 219 36.13 13.07 -48.67
N GLU H 220 36.57 11.85 -48.95
CA GLU H 220 36.23 10.68 -48.16
C GLU H 220 36.90 10.63 -46.79
N LYS H 221 37.81 11.57 -46.48
CA LYS H 221 38.50 11.64 -45.19
C LYS H 221 37.92 12.73 -44.27
N VAL H 222 37.05 13.61 -44.77
CA VAL H 222 36.51 14.70 -43.97
C VAL H 222 35.79 14.21 -42.72
N PHE H 223 35.02 13.12 -42.81
CA PHE H 223 34.33 12.60 -41.62
C PHE H 223 35.33 12.20 -40.50
N LEU H 224 36.55 11.72 -40.85
CA LEU H 224 37.54 11.35 -39.85
C LEU H 224 38.04 12.60 -39.14
N ALA H 225 38.32 13.68 -39.89
CA ALA H 225 38.78 14.94 -39.33
C ALA H 225 37.66 15.53 -38.44
N GLN H 226 36.41 15.47 -38.88
CA GLN H 226 35.28 15.99 -38.13
C GLN H 226 35.14 15.24 -36.80
N LYS H 227 35.11 13.89 -36.85
CA LYS H 227 34.96 13.09 -35.63
C LYS H 227 36.12 13.28 -34.66
N MET H 228 37.35 13.35 -35.17
CA MET H 228 38.53 13.57 -34.34
C MET H 228 38.46 14.94 -33.65
N MET H 229 38.16 16.02 -34.41
CA MET H 229 38.14 17.36 -33.83
C MET H 229 37.02 17.53 -32.84
N ILE H 230 35.85 16.94 -33.11
CA ILE H 230 34.74 17.02 -32.17
C ILE H 230 35.12 16.29 -30.86
N GLY H 231 35.69 15.07 -30.98
CA GLY H 231 36.13 14.32 -29.80
C GLY H 231 37.15 15.06 -28.97
N ARG H 232 38.17 15.67 -29.63
CA ARG H 232 39.19 16.42 -28.89
C ARG H 232 38.66 17.71 -28.24
N CYS H 233 37.69 18.39 -28.89
CA CYS H 233 37.07 19.56 -28.29
C CYS H 233 36.20 19.16 -27.12
N ASN H 234 35.50 18.03 -27.21
CA ASN H 234 34.67 17.56 -26.09
C ASN H 234 35.59 17.21 -24.91
N LEU H 235 36.73 16.58 -25.18
CA LEU H 235 37.71 16.25 -24.14
C LEU H 235 38.26 17.52 -23.48
N ALA H 236 38.61 18.53 -24.29
CA ALA H 236 39.11 19.80 -23.79
C ALA H 236 38.03 20.70 -23.14
N GLY H 237 36.74 20.39 -23.32
CA GLY H 237 35.65 21.23 -22.82
C GLY H 237 35.56 22.55 -23.56
N LYS H 238 35.93 22.55 -24.86
CA LYS H 238 35.87 23.76 -25.68
C LYS H 238 34.87 23.59 -26.81
N PRO H 239 34.11 24.66 -27.16
CA PRO H 239 33.09 24.53 -28.21
C PRO H 239 33.60 24.11 -29.59
N VAL H 240 32.81 23.30 -30.29
CA VAL H 240 33.16 22.88 -31.63
C VAL H 240 31.92 23.08 -32.52
N VAL H 241 32.12 23.71 -33.67
CA VAL H 241 31.06 23.97 -34.63
C VAL H 241 31.20 23.06 -35.83
N CYS H 242 30.13 22.40 -36.24
CA CYS H 242 30.13 21.63 -37.48
C CYS H 242 29.51 22.54 -38.56
N ALA H 243 30.22 22.74 -39.68
CA ALA H 243 29.77 23.69 -40.69
C ALA H 243 29.82 23.17 -42.12
N THR H 244 29.01 23.79 -43.00
CA THR H 244 28.98 23.71 -44.48
C THR H 244 28.25 22.53 -45.05
N GLN H 245 27.27 22.86 -45.93
CA GLN H 245 26.45 21.95 -46.72
C GLN H 245 25.64 20.97 -45.90
N MET H 246 25.31 21.33 -44.65
CA MET H 246 24.49 20.46 -43.81
C MET H 246 23.10 20.27 -44.36
N LEU H 247 22.48 21.33 -44.91
CA LEU H 247 21.14 21.25 -45.50
C LEU H 247 21.16 21.93 -46.89
N GLU H 248 22.23 21.74 -47.65
CA GLU H 248 22.48 22.36 -48.95
C GLU H 248 21.30 22.39 -49.92
N SER H 249 20.58 21.28 -50.08
CA SER H 249 19.45 21.23 -51.01
C SER H 249 18.32 22.19 -50.60
N MET H 250 18.25 22.61 -49.31
CA MET H 250 17.22 23.56 -48.88
C MET H 250 17.47 24.99 -49.36
N ILE H 251 18.57 25.24 -50.09
CA ILE H 251 18.76 26.54 -50.73
C ILE H 251 17.63 26.73 -51.81
N THR H 252 17.23 25.64 -52.50
CA THR H 252 16.23 25.72 -53.55
C THR H 252 14.98 24.89 -53.28
N LYS H 253 15.08 23.87 -52.42
CA LYS H 253 13.95 22.99 -52.13
C LYS H 253 13.41 23.15 -50.72
N PRO H 254 12.08 22.94 -50.54
CA PRO H 254 11.48 23.13 -49.21
C PRO H 254 11.85 22.07 -48.18
N ARG H 255 12.28 20.89 -48.62
CA ARG H 255 12.61 19.78 -47.71
C ARG H 255 14.00 19.27 -48.04
N PRO H 256 14.77 18.87 -47.02
CA PRO H 256 16.13 18.37 -47.28
C PRO H 256 16.18 16.91 -47.72
N THR H 257 17.34 16.46 -48.18
CA THR H 257 17.50 15.06 -48.59
C THR H 257 17.71 14.18 -47.37
N ARG H 258 17.62 12.85 -47.53
CA ARG H 258 17.83 11.92 -46.42
C ARG H 258 19.26 12.01 -45.89
N ALA H 259 20.23 12.28 -46.76
CA ALA H 259 21.63 12.40 -46.33
C ALA H 259 21.85 13.65 -45.49
N GLU H 260 21.15 14.73 -45.80
CA GLU H 260 21.27 15.98 -45.06
C GLU H 260 20.69 15.90 -43.64
N THR H 261 19.52 15.27 -43.46
CA THR H 261 18.97 15.13 -42.11
C THR H 261 19.87 14.21 -41.28
N SER H 262 20.39 13.16 -41.89
CA SER H 262 21.29 12.25 -41.24
C SER H 262 22.60 12.97 -40.84
N ASP H 263 23.13 13.85 -41.68
CA ASP H 263 24.35 14.60 -41.41
C ASP H 263 24.17 15.52 -40.20
N VAL H 264 23.03 16.20 -40.09
CA VAL H 264 22.75 17.08 -38.97
C VAL H 264 22.65 16.22 -37.69
N ALA H 265 21.91 15.10 -37.74
CA ALA H 265 21.74 14.25 -36.58
C ALA H 265 23.07 13.67 -36.13
N ASN H 266 23.90 13.22 -37.08
CA ASN H 266 25.20 12.66 -36.75
C ASN H 266 26.19 13.70 -36.23
N ALA H 267 26.11 14.97 -36.65
CA ALA H 267 26.99 16.01 -36.08
C ALA H 267 26.64 16.20 -34.59
N VAL H 268 25.34 16.19 -34.25
CA VAL H 268 24.88 16.32 -32.87
C VAL H 268 25.29 15.07 -32.07
N LEU H 269 25.10 13.86 -32.64
CA LEU H 269 25.51 12.64 -31.96
C LEU H 269 27.03 12.56 -31.80
N ASP H 270 27.81 13.14 -32.72
CA ASP H 270 29.28 13.17 -32.62
C ASP H 270 29.70 14.00 -31.39
N GLY H 271 28.93 15.04 -31.03
CA GLY H 271 29.21 15.90 -29.90
C GLY H 271 29.39 17.37 -30.26
N ALA H 272 28.93 17.80 -31.46
CA ALA H 272 29.09 19.20 -31.86
C ALA H 272 28.30 20.11 -30.93
N ASP H 273 28.91 21.23 -30.55
CA ASP H 273 28.20 22.22 -29.73
C ASP H 273 27.25 23.04 -30.57
N CYS H 274 27.65 23.37 -31.82
CA CYS H 274 26.86 24.20 -32.74
C CYS H 274 26.82 23.56 -34.11
N ILE H 275 25.78 23.87 -34.84
CA ILE H 275 25.65 23.49 -36.25
C ILE H 275 25.40 24.78 -37.02
N MET H 276 25.83 24.82 -38.27
CA MET H 276 25.77 26.03 -39.06
C MET H 276 25.01 25.91 -40.38
N LEU H 277 24.46 27.02 -40.80
CA LEU H 277 23.79 27.17 -42.07
C LEU H 277 24.54 28.31 -42.80
N SER H 278 24.86 28.12 -44.06
CA SER H 278 25.57 29.11 -44.86
C SER H 278 24.64 29.62 -45.95
N GLY H 279 24.67 29.07 -47.16
CA GLY H 279 23.78 29.49 -48.23
C GLY H 279 22.33 29.25 -47.90
N GLU H 280 22.03 28.22 -47.06
CA GLU H 280 20.66 27.91 -46.65
C GLU H 280 19.98 29.13 -46.02
N THR H 281 20.73 30.01 -45.31
CA THR H 281 20.12 31.20 -44.74
C THR H 281 20.57 32.49 -45.38
N ALA H 282 21.76 32.51 -45.98
CA ALA H 282 22.29 33.73 -46.56
C ALA H 282 21.63 34.07 -47.89
N LYS H 283 21.34 33.08 -48.73
CA LYS H 283 20.85 33.36 -50.07
C LYS H 283 19.73 32.50 -50.57
N GLY H 284 19.37 31.45 -49.86
CA GLY H 284 18.37 30.51 -50.36
C GLY H 284 16.95 31.00 -50.27
N ASN H 285 16.03 30.20 -50.75
CA ASN H 285 14.61 30.55 -50.71
C ASN H 285 13.93 30.10 -49.44
N PHE H 286 14.60 29.28 -48.59
CA PHE H 286 13.96 28.78 -47.35
C PHE H 286 14.76 29.10 -46.05
N PRO H 287 15.17 30.35 -45.80
CA PRO H 287 15.98 30.61 -44.58
C PRO H 287 15.34 30.20 -43.24
N VAL H 288 14.07 30.51 -43.06
CA VAL H 288 13.37 30.20 -41.81
C VAL H 288 13.12 28.70 -41.70
N GLU H 289 12.74 28.05 -42.81
CA GLU H 289 12.49 26.62 -42.79
C GLU H 289 13.79 25.83 -42.55
N ALA H 290 14.94 26.34 -43.02
CA ALA H 290 16.20 25.63 -42.81
C ALA H 290 16.55 25.70 -41.29
N VAL H 291 16.29 26.83 -40.63
CA VAL H 291 16.52 26.99 -39.19
C VAL H 291 15.59 26.03 -38.42
N LYS H 292 14.30 25.98 -38.84
CA LYS H 292 13.33 25.07 -38.22
C LYS H 292 13.72 23.60 -38.39
N MET H 293 14.29 23.24 -39.54
CA MET H 293 14.70 21.85 -39.80
C MET H 293 15.89 21.48 -38.92
N GLN H 294 16.90 22.36 -38.81
CA GLN H 294 18.03 22.09 -37.90
C GLN H 294 17.54 21.98 -36.47
N HIS H 295 16.60 22.83 -36.07
CA HIS H 295 16.03 22.78 -34.72
C HIS H 295 15.36 21.43 -34.48
N ALA H 296 14.47 20.99 -35.39
CA ALA H 296 13.74 19.74 -35.26
C ALA H 296 14.66 18.51 -35.21
N ILE H 297 15.71 18.47 -36.05
CA ILE H 297 16.63 17.34 -36.05
C ILE H 297 17.49 17.31 -34.78
N ALA H 298 18.04 18.46 -34.38
CA ALA H 298 18.90 18.53 -33.20
C ALA H 298 18.17 18.09 -31.94
N ARG H 299 16.89 18.45 -31.80
CA ARG H 299 16.11 18.04 -30.64
C ARG H 299 15.96 16.52 -30.58
N GLU H 300 15.72 15.87 -31.73
CA GLU H 300 15.58 14.42 -31.76
C GLU H 300 16.90 13.76 -31.47
N ALA H 301 18.00 14.28 -32.08
CA ALA H 301 19.33 13.69 -31.91
C ALA H 301 19.86 13.82 -30.49
N GLU H 302 19.58 14.94 -29.82
CA GLU H 302 20.05 15.12 -28.44
C GLU H 302 19.45 14.10 -27.49
N ALA H 303 18.17 13.75 -27.67
CA ALA H 303 17.55 12.70 -26.83
C ALA H 303 18.15 11.30 -27.11
N ALA H 304 18.70 11.09 -28.32
CA ALA H 304 19.29 9.81 -28.70
C ALA H 304 20.75 9.65 -28.26
N VAL H 305 21.35 10.64 -27.59
CA VAL H 305 22.73 10.55 -27.12
C VAL H 305 22.77 9.48 -25.98
N TYR H 306 23.76 8.59 -25.99
CA TYR H 306 23.86 7.56 -24.96
C TYR H 306 24.62 8.17 -23.76
N HIS H 307 23.92 8.96 -22.92
CA HIS H 307 24.56 9.67 -21.81
C HIS H 307 25.31 8.78 -20.84
N ARG H 308 24.85 7.55 -20.64
CA ARG H 308 25.49 6.63 -19.70
C ARG H 308 26.97 6.41 -20.05
N GLN H 309 27.28 6.17 -21.33
CA GLN H 309 28.65 5.99 -21.77
C GLN H 309 29.36 7.33 -21.86
N LEU H 310 28.71 8.34 -22.46
CA LEU H 310 29.33 9.65 -22.61
C LEU H 310 29.79 10.26 -21.27
N PHE H 311 28.94 10.29 -20.26
CA PHE H 311 29.31 10.85 -18.95
C PHE H 311 30.42 10.05 -18.30
N GLU H 312 30.34 8.71 -18.36
CA GLU H 312 31.40 7.83 -17.84
C GLU H 312 32.74 8.11 -18.52
N GLU H 313 32.76 8.26 -19.85
CA GLU H 313 33.99 8.52 -20.58
C GLU H 313 34.53 9.92 -20.39
N LEU H 314 33.66 10.95 -20.26
CA LEU H 314 34.10 12.32 -20.00
C LEU H 314 34.75 12.37 -18.62
N ARG H 315 34.21 11.63 -17.61
CA ARG H 315 34.79 11.68 -16.28
C ARG H 315 36.10 10.88 -16.21
N ARG H 316 36.19 9.72 -16.88
CA ARG H 316 37.43 8.95 -16.92
C ARG H 316 38.56 9.71 -17.62
N ALA H 317 38.25 10.40 -18.71
CA ALA H 317 39.26 11.13 -19.46
C ALA H 317 39.69 12.43 -18.82
N ALA H 318 38.77 13.08 -18.08
CA ALA H 318 39.08 14.35 -17.46
C ALA H 318 39.99 14.14 -16.26
N PRO H 319 41.09 14.90 -16.20
CA PRO H 319 41.99 14.76 -15.03
C PRO H 319 41.35 15.31 -13.75
N LEU H 320 41.91 14.96 -12.59
CA LEU H 320 41.45 15.51 -11.30
C LEU H 320 41.56 17.03 -11.34
N SER H 321 40.68 17.72 -10.62
CA SER H 321 40.73 19.17 -10.60
C SER H 321 40.63 19.73 -9.22
N ARG H 322 41.35 20.79 -8.97
CA ARG H 322 41.29 21.51 -7.73
C ARG H 322 40.53 22.87 -7.89
N ASP H 323 39.96 23.13 -9.09
CA ASP H 323 39.22 24.36 -9.30
C ASP H 323 37.80 24.13 -8.75
N PRO H 324 37.35 24.93 -7.78
CA PRO H 324 36.01 24.72 -7.21
C PRO H 324 34.86 24.83 -8.23
N THR H 325 35.00 25.65 -9.28
CA THR H 325 33.94 25.78 -10.28
C THR H 325 33.79 24.45 -11.02
N GLU H 326 34.90 23.81 -11.36
CA GLU H 326 34.90 22.54 -12.08
C GLU H 326 34.39 21.40 -11.16
N VAL H 327 34.77 21.43 -9.88
CA VAL H 327 34.31 20.43 -8.91
C VAL H 327 32.81 20.56 -8.69
N THR H 328 32.30 21.80 -8.57
CA THR H 328 30.87 22.03 -8.38
C THR H 328 30.10 21.58 -9.62
N ALA H 329 30.64 21.88 -10.82
CA ALA H 329 30.00 21.49 -12.08
C ALA H 329 29.79 19.98 -12.22
N ILE H 330 30.79 19.15 -11.88
CA ILE H 330 30.60 17.71 -12.00
C ILE H 330 29.61 17.20 -10.93
N GLY H 331 29.60 17.80 -9.74
CA GLY H 331 28.65 17.42 -8.71
C GLY H 331 27.25 17.77 -9.12
N ALA H 332 27.06 18.95 -9.76
CA ALA H 332 25.75 19.40 -10.18
C ALA H 332 25.22 18.52 -11.30
N VAL H 333 26.08 18.12 -12.25
CA VAL H 333 25.66 17.28 -13.38
C VAL H 333 25.29 15.88 -12.87
N GLU H 334 26.07 15.33 -11.92
CA GLU H 334 25.76 14.03 -11.31
CA GLU H 334 25.77 14.04 -11.31
C GLU H 334 24.42 14.11 -10.58
N ALA H 335 24.18 15.21 -9.84
CA ALA H 335 22.92 15.39 -9.13
C ALA H 335 21.74 15.51 -10.10
N ALA H 336 21.93 16.23 -11.21
CA ALA H 336 20.88 16.40 -12.22
C ALA H 336 20.46 15.04 -12.84
N PHE H 337 21.42 14.16 -13.12
CA PHE H 337 21.12 12.84 -13.67
C PHE H 337 20.38 11.97 -12.65
N LYS H 338 20.75 12.06 -11.36
CA LYS H 338 20.16 11.29 -10.28
C LYS H 338 18.67 11.54 -10.12
N CYS H 339 18.23 12.79 -10.27
CA CYS H 339 16.84 13.14 -10.07
C CYS H 339 16.09 13.47 -11.33
N CYS H 340 16.70 13.31 -12.55
CA CYS H 340 16.10 13.73 -13.82
C CYS H 340 15.70 15.20 -13.74
N ALA H 341 16.62 16.05 -13.22
CA ALA H 341 16.32 17.48 -13.04
C ALA H 341 15.88 18.11 -14.35
N ALA H 342 14.84 18.97 -14.31
CA ALA H 342 14.37 19.65 -15.50
C ALA H 342 15.45 20.65 -15.99
N ALA H 343 16.24 21.23 -15.05
CA ALA H 343 17.23 22.24 -15.39
C ALA H 343 18.31 22.37 -14.30
N ILE H 344 19.45 22.95 -14.69
CA ILE H 344 20.52 23.39 -13.81
C ILE H 344 20.53 24.92 -14.01
N ILE H 345 20.15 25.71 -13.00
CA ILE H 345 20.17 27.16 -13.11
C ILE H 345 21.50 27.64 -12.55
N VAL H 346 22.29 28.36 -13.35
CA VAL H 346 23.60 28.83 -12.91
C VAL H 346 23.73 30.35 -13.07
N LEU H 347 24.36 31.00 -12.08
CA LEU H 347 24.61 32.42 -12.17
C LEU H 347 26.02 32.51 -12.73
N THR H 348 26.23 33.40 -13.71
CA THR H 348 27.52 33.51 -14.33
C THR H 348 27.78 34.93 -14.83
N THR H 349 29.01 35.42 -14.65
CA THR H 349 29.37 36.75 -15.07
C THR H 349 30.01 36.67 -16.45
N THR H 350 30.92 35.73 -16.66
CA THR H 350 31.64 35.58 -17.92
C THR H 350 31.13 34.42 -18.81
N GLY H 351 30.31 33.54 -18.25
CA GLY H 351 29.86 32.34 -18.97
C GLY H 351 30.63 31.09 -18.54
N ARG H 352 31.80 31.25 -17.87
CA ARG H 352 32.64 30.12 -17.52
C ARG H 352 31.95 29.04 -16.68
N SER H 353 31.14 29.40 -15.67
CA SER H 353 30.48 28.36 -14.84
C SER H 353 29.49 27.53 -15.69
N ALA H 354 28.81 28.18 -16.64
CA ALA H 354 27.88 27.49 -17.52
C ALA H 354 28.68 26.56 -18.46
N GLN H 355 29.82 27.02 -18.98
CA GLN H 355 30.67 26.22 -19.87
C GLN H 355 31.18 24.95 -19.19
N LEU H 356 31.56 25.05 -17.89
CA LEU H 356 32.04 23.89 -17.16
C LEU H 356 30.93 22.87 -16.87
N LEU H 357 29.68 23.32 -16.79
CA LEU H 357 28.55 22.41 -16.64
C LEU H 357 28.31 21.70 -18.00
N SER H 358 28.30 22.48 -19.07
CA SER H 358 28.08 22.04 -20.44
C SER H 358 29.08 20.92 -20.87
N ARG H 359 30.35 21.02 -20.43
CA ARG H 359 31.37 20.03 -20.82
C ARG H 359 31.04 18.61 -20.34
N TYR H 360 30.19 18.46 -19.31
CA TYR H 360 29.79 17.12 -18.84
C TYR H 360 28.54 16.60 -19.51
N ARG H 361 27.99 17.34 -20.47
CA ARG H 361 26.86 16.98 -21.27
C ARG H 361 25.65 16.52 -20.46
N PRO H 362 25.14 17.37 -19.54
CA PRO H 362 23.94 16.97 -18.81
C PRO H 362 22.75 16.88 -19.77
N ARG H 363 21.78 16.04 -19.42
CA ARG H 363 20.54 15.99 -20.15
C ARG H 363 19.70 17.23 -19.73
N ALA H 364 19.81 17.70 -18.46
CA ALA H 364 19.06 18.87 -17.99
C ALA H 364 19.61 20.12 -18.70
N ALA H 365 18.72 21.03 -19.08
CA ALA H 365 19.07 22.31 -19.67
C ALA H 365 19.90 23.15 -18.66
N VAL H 366 20.93 23.85 -19.12
CA VAL H 366 21.71 24.72 -18.24
C VAL H 366 21.18 26.14 -18.49
N ILE H 367 20.40 26.67 -17.59
CA ILE H 367 19.83 28.01 -17.71
C ILE H 367 20.81 28.98 -17.07
N ALA H 368 21.50 29.78 -17.88
CA ALA H 368 22.53 30.68 -17.38
C ALA H 368 21.99 32.09 -17.20
N VAL H 369 21.96 32.58 -15.97
CA VAL H 369 21.45 33.92 -15.70
C VAL H 369 22.64 34.85 -15.54
N THR H 370 22.67 35.90 -16.37
CA THR H 370 23.79 36.82 -16.35
C THR H 370 23.32 38.24 -16.56
N ARG H 371 24.11 39.20 -16.10
CA ARG H 371 23.89 40.62 -16.36
C ARG H 371 24.72 41.08 -17.56
N SER H 372 25.74 40.32 -17.97
CA SER H 372 26.59 40.68 -19.07
C SER H 372 25.86 40.33 -20.40
N ALA H 373 25.52 41.35 -21.18
CA ALA H 373 24.88 41.13 -22.48
C ALA H 373 25.85 40.35 -23.41
N GLN H 374 27.15 40.62 -23.33
CA GLN H 374 28.13 39.91 -24.16
C GLN H 374 28.27 38.45 -23.77
N ALA H 375 28.38 38.16 -22.46
CA ALA H 375 28.45 36.76 -22.02
C ALA H 375 27.20 35.98 -22.41
N ALA H 376 26.02 36.61 -22.31
CA ALA H 376 24.73 36.01 -22.65
C ALA H 376 24.74 35.59 -24.14
N ARG H 377 25.32 36.42 -25.02
CA ARG H 377 25.45 36.09 -26.41
C ARG H 377 26.50 34.97 -26.64
N GLN H 378 27.66 35.08 -26.00
CA GLN H 378 28.75 34.12 -26.19
C GLN H 378 28.49 32.70 -25.68
N VAL H 379 27.66 32.51 -24.62
CA VAL H 379 27.42 31.16 -24.11
C VAL H 379 26.65 30.26 -25.07
N HIS H 380 26.07 30.83 -26.15
CA HIS H 380 25.44 30.02 -27.19
C HIS H 380 26.46 29.08 -27.85
N LEU H 381 27.78 29.34 -27.70
CA LEU H 381 28.79 28.45 -28.23
C LEU H 381 28.81 27.11 -27.47
N CYS H 382 28.26 27.05 -26.24
CA CYS H 382 28.29 25.83 -25.41
C CYS H 382 27.01 25.10 -25.47
N ARG H 383 27.08 23.81 -25.80
CA ARG H 383 25.88 22.99 -25.90
C ARG H 383 25.06 22.97 -24.62
N GLY H 384 23.76 23.15 -24.77
CA GLY H 384 22.84 23.02 -23.66
C GLY H 384 22.78 24.20 -22.72
N VAL H 385 23.38 25.33 -23.11
CA VAL H 385 23.32 26.53 -22.28
C VAL H 385 22.27 27.48 -22.87
N PHE H 386 21.27 27.86 -22.08
CA PHE H 386 20.21 28.77 -22.41
C PHE H 386 20.43 30.06 -21.64
N PRO H 387 20.94 31.10 -22.31
CA PRO H 387 21.25 32.35 -21.61
C PRO H 387 20.04 33.24 -21.37
N LEU H 388 19.97 33.81 -20.16
CA LEU H 388 18.93 34.74 -19.78
C LEU H 388 19.62 36.02 -19.36
N LEU H 389 19.25 37.14 -19.97
CA LEU H 389 19.85 38.40 -19.62
C LEU H 389 19.03 39.08 -18.54
N TYR H 390 19.60 39.25 -17.35
CA TYR H 390 18.96 39.87 -16.21
C TYR H 390 19.24 41.38 -16.27
N ARG H 391 18.20 42.21 -16.25
CA ARG H 391 18.36 43.64 -16.42
C ARG H 391 18.19 44.49 -15.18
N GLU H 392 17.65 43.93 -14.11
CA GLU H 392 17.43 44.68 -12.87
C GLU H 392 18.74 45.15 -12.21
N PRO H 393 18.73 46.35 -11.62
CA PRO H 393 19.92 46.81 -10.89
C PRO H 393 20.14 45.93 -9.62
N PRO H 394 21.41 45.78 -9.15
CA PRO H 394 21.66 44.93 -7.98
C PRO H 394 20.91 45.32 -6.72
N GLU H 395 20.40 44.32 -5.97
CA GLU H 395 19.76 44.50 -4.66
C GLU H 395 20.87 44.90 -3.66
N ALA H 396 20.47 45.56 -2.58
CA ALA H 396 21.42 46.01 -1.56
C ALA H 396 22.03 44.79 -0.85
N ILE H 397 21.21 43.78 -0.56
CA ILE H 397 21.71 42.58 0.10
C ILE H 397 22.10 41.57 -1.01
N TRP H 398 23.37 41.19 -1.06
CA TRP H 398 23.86 40.29 -2.12
C TRP H 398 23.12 38.95 -2.19
N ALA H 399 22.82 38.33 -1.05
CA ALA H 399 22.03 37.08 -1.05
C ALA H 399 20.64 37.25 -1.69
N ASP H 400 20.02 38.42 -1.52
CA ASP H 400 18.73 38.74 -2.14
C ASP H 400 18.91 38.91 -3.65
N ASP H 401 19.99 39.58 -4.08
CA ASP H 401 20.25 39.77 -5.51
C ASP H 401 20.48 38.40 -6.18
N VAL H 402 21.20 37.49 -5.49
CA VAL H 402 21.40 36.14 -5.99
C VAL H 402 20.03 35.44 -6.12
N ASP H 403 19.19 35.48 -5.04
CA ASP H 403 17.85 34.85 -5.04
C ASP H 403 16.94 35.40 -6.12
N ARG H 404 16.94 36.72 -6.37
CA ARG H 404 16.11 37.28 -7.43
C ARG H 404 16.50 36.78 -8.79
N ARG H 405 17.81 36.60 -9.04
CA ARG H 405 18.27 36.09 -10.32
C ARG H 405 17.89 34.62 -10.48
N VAL H 406 17.92 33.84 -9.38
CA VAL H 406 17.50 32.44 -9.43
C VAL H 406 16.00 32.39 -9.74
N GLN H 407 15.18 33.28 -9.12
CA GLN H 407 13.76 33.34 -9.40
C GLN H 407 13.48 33.78 -10.83
N PHE H 408 14.30 34.67 -11.37
CA PHE H 408 14.18 35.09 -12.76
C PHE H 408 14.42 33.91 -13.70
N GLY H 409 15.40 33.06 -13.38
CA GLY H 409 15.69 31.84 -14.14
C GLY H 409 14.50 30.90 -14.10
N ILE H 410 13.88 30.75 -12.92
CA ILE H 410 12.70 29.89 -12.74
C ILE H 410 11.47 30.39 -13.49
N GLU H 411 11.18 31.69 -13.39
CA GLU H 411 10.03 32.27 -14.05
C GLU H 411 10.18 32.26 -15.57
N SER H 412 11.44 32.47 -16.07
CA SER H 412 11.71 32.38 -17.50
C SER H 412 11.48 30.93 -17.95
N GLY H 413 11.98 29.98 -17.17
CA GLY H 413 11.84 28.55 -17.44
C GLY H 413 10.39 28.13 -17.49
N LYS H 414 9.55 28.63 -16.57
CA LYS H 414 8.13 28.30 -16.55
C LYS H 414 7.43 28.85 -17.79
N LEU H 415 7.68 30.12 -18.12
CA LEU H 415 7.08 30.76 -19.28
C LEU H 415 7.48 30.04 -20.58
N ARG H 416 8.74 29.64 -20.70
CA ARG H 416 9.25 28.99 -21.92
C ARG H 416 8.99 27.48 -22.01
N GLY H 417 8.40 26.88 -20.99
CA GLY H 417 8.10 25.44 -21.01
C GLY H 417 9.19 24.54 -20.48
N PHE H 418 10.32 25.09 -20.01
CA PHE H 418 11.40 24.26 -19.45
C PHE H 418 10.96 23.66 -18.09
N LEU H 419 10.17 24.41 -17.31
CA LEU H 419 9.86 24.03 -15.95
C LEU H 419 8.39 24.09 -15.64
N ARG H 420 7.99 23.27 -14.69
CA ARG H 420 6.61 23.20 -14.19
C ARG H 420 6.71 22.98 -12.66
N VAL H 421 5.67 23.36 -11.91
CA VAL H 421 5.58 23.13 -10.46
C VAL H 421 5.76 21.63 -10.16
N GLY H 422 6.61 21.29 -9.20
CA GLY H 422 6.90 19.90 -8.89
C GLY H 422 8.23 19.42 -9.46
N ASP H 423 8.77 20.13 -10.48
CA ASP H 423 10.05 19.75 -11.03
C ASP H 423 11.18 19.97 -10.00
N LEU H 424 12.27 19.25 -10.15
CA LEU H 424 13.48 19.47 -9.35
C LEU H 424 14.47 20.19 -10.27
N VAL H 425 15.17 21.19 -9.74
CA VAL H 425 16.23 21.86 -10.45
C VAL H 425 17.47 21.87 -9.55
N ILE H 426 18.64 21.97 -10.18
CA ILE H 426 19.89 22.11 -9.47
C ILE H 426 20.25 23.61 -9.64
N VAL H 427 20.59 24.30 -8.56
CA VAL H 427 20.98 25.72 -8.62
C VAL H 427 22.46 25.85 -8.28
N VAL H 428 23.21 26.49 -9.17
CA VAL H 428 24.65 26.63 -9.04
C VAL H 428 25.01 28.10 -8.85
N THR H 429 25.63 28.41 -7.69
CA THR H 429 25.99 29.79 -7.38
C THR H 429 27.42 29.77 -6.75
N GLY H 430 27.88 30.93 -6.30
CA GLY H 430 29.17 31.09 -5.65
C GLY H 430 29.04 31.67 -4.24
N TRP H 431 30.18 31.88 -3.54
CA TRP H 431 30.18 32.35 -2.14
C TRP H 431 30.39 33.85 -1.96
N ARG H 432 30.76 34.56 -3.02
CA ARG H 432 30.95 36.00 -2.99
C ARG H 432 30.66 36.59 -4.40
N PRO H 433 30.43 37.91 -4.48
CA PRO H 433 30.25 38.56 -5.78
C PRO H 433 31.51 38.48 -6.65
N GLY H 434 31.35 38.66 -7.94
CA GLY H 434 32.45 38.64 -8.88
C GLY H 434 32.66 37.26 -9.49
N SER H 435 33.30 37.24 -10.65
CA SER H 435 33.60 36.05 -11.42
CA SER H 435 33.59 36.02 -11.40
C SER H 435 34.62 35.15 -10.73
N GLY H 436 34.50 33.84 -10.92
CA GLY H 436 35.50 32.89 -10.43
C GLY H 436 35.31 32.25 -9.09
N TYR H 437 34.19 32.49 -8.44
CA TYR H 437 33.92 31.96 -7.10
C TYR H 437 32.74 30.99 -6.99
N THR H 438 32.33 30.35 -8.10
CA THR H 438 31.26 29.34 -8.04
C THR H 438 31.74 28.16 -7.21
N ASN H 439 30.95 27.75 -6.22
CA ASN H 439 31.35 26.63 -5.37
C ASN H 439 30.15 25.98 -4.69
N ILE H 440 28.91 26.28 -5.10
CA ILE H 440 27.74 25.76 -4.40
C ILE H 440 26.74 25.19 -5.34
N MET H 441 26.21 24.00 -5.00
CA MET H 441 25.12 23.40 -5.73
C MET H 441 23.97 23.07 -4.74
N ARG H 442 22.74 23.44 -5.10
CA ARG H 442 21.55 23.24 -4.27
CA ARG H 442 21.60 23.13 -4.26
C ARG H 442 20.48 22.48 -5.05
N VAL H 443 19.75 21.56 -4.41
CA VAL H 443 18.62 20.86 -5.04
C VAL H 443 17.35 21.58 -4.62
N LEU H 444 16.61 22.14 -5.58
CA LEU H 444 15.44 22.95 -5.31
C LEU H 444 14.18 22.37 -6.01
N SER H 445 13.07 22.35 -5.29
CA SER H 445 11.80 21.89 -5.82
C SER H 445 11.02 23.11 -6.31
N ILE H 446 10.52 23.08 -7.54
CA ILE H 446 9.79 24.22 -8.11
C ILE H 446 8.40 24.34 -7.50
N SER H 447 8.07 25.53 -7.00
CA SER H 447 6.76 25.85 -6.42
C SER H 447 6.05 26.96 -7.24
#